data_5A5T
#
_entry.id   5A5T
#
_cell.length_a   1.000
_cell.length_b   1.000
_cell.length_c   1.000
_cell.angle_alpha   90.00
_cell.angle_beta   90.00
_cell.angle_gamma   90.00
#
_symmetry.space_group_name_H-M   'P 1'
#
loop_
_entity.id
_entity.type
_entity.pdbx_description
1 polymer 'EUKARYOTIC TRANSLATION INITIATION FACTOR 3 SUBUNIT A'
2 polymer 'EUKARYOTIC TRANSLATION INITIATION FACTOR 3 SUBUNIT C'
3 polymer 'EUKARYOTIC TRANSLATION INITIATION FACTOR 3 SUBUNIT E'
4 polymer 'EUKARYOTIC TRANSLATION INITIATION FACTOR 3 SUBUNIT F'
5 polymer 'EUKARYOTIC TRANSLATION INITIATION FACTOR 3 SUBUNIT H'
6 polymer 'EUKARYOTIC TRANSLATION INITIATION FACTOR 3 SUBUNIT K'
7 polymer 'UNCHARACTERIZED PROTEIN'
8 polymer 'EUKARYOTIC TRANSLATION INITIATION FACTOR 3 SUBUNIT M'
#
loop_
_entity_poly.entity_id
_entity_poly.type
_entity_poly.pdbx_seq_one_letter_code
_entity_poly.pdbx_strand_id
1 'polypeptide(L)'
;MPAYFQRPENALKRANEFLEVGKKQPALDVLYDVMKSKKHRTWQKIHEPIMLKYLELCVDLRKSHLAKEGLYQYKNICQQ
VNIKSLEDVVRAYLKLAEEKTEAAKEESQQMVLDIEDLDNIQTPESVLLSAVSGEDTQDRTDRLLLTPWVKFLWESYRQC
LDLLRNNSRVERLYHDIAQQAFKFCLQYTRKAEFRKLCDNLRMHLSQIQRHHNQSTAINLNNPESQSMHLETRLVQLDSA
ISMELWQEAFKAVEDIHGLFSLSKKPPKPQLMANYYNKVSTVFWKSGNALFHASTLHRLYHLSREMRKNLTQDEMQRMST
RVLLATLSIPITPERTDIARLLDMDGIIVEKQRRLATLLGLQAPPTRIGLINDMVRFNVLQYVVPEVKDLYNWLEVEFNP
LKLCERVTKVLNWVREQPEKEPELQQYVPQLQSNTILRLLQQVAQIYQSIEFSRLTSLVPFVDAFQLERAIVDAARHCDL
QVRIDHTSRTLSFGSDLNYATREDAPIGPHLQSMPSEQIRNQLTAMSSVLAKALEVIKPAHILQEKEEQHQLAVTAYLKN
SRKEHQRILARRQTIEERKERLESLNIQREKEELEQREAELQKVRKAEEERLRQEAKEREKERILQEHEQIKKKTVRERL
EQIKKTELGAKAFKDIDIEDLEELDPDFIMAKQVEQLEKEKKELQERLKNQEKKIDYFERAKRLEEIPLIKSAYEEQRIK
DMDLWEQQEEERITTMQLEREKALEHKNRMSRMLEDRDLFVMRLKAARQSVYEEKLKQFEERLAEERHNRLEERKRQRKE
ERRITYYREKEEEEQRRAEEQMLKEREERERAERAKREEELREYQERVKKLEEVERKKRQRELEIEERERRREEERRLGE
DPLSRRDSRWGDRDSEGTWRKGPEADSEWRRGPPEKEWRRGEGRDDERSHRRDEERPRRVGDDEDRESSLRPDDDRTLRR
GMEDDRGPRRGPDEERFSRRGLEDERPSWRSTDDDRPPRRIGEEDRGSWRHAEDDRPPRRGLDDDRGSWRTADEDRGPRR
MMDEDRGPRRGGADDERPSWRSADDDRGPRRGIDDDRGPRRGLDDDRGPWRNADDDRIPRRGADDDRGPWRNMDDDRMSR
RADDDRISRRGEDSRPGPWRPFVKPGGWREKEKAREESWGPPRESRPPEEREWERERDRDNPDREENDKDPERERDRERD
GDREERFRRPRDEGGWRRGPAEEASSWRDSSRRDDRDRDDRRRERDDRRDLRDRRDLRDDRDRRGPPLRSERDEVSSWRR
ADDRKDDRAEERDPPRRVPPPVLSRDRDRDRDRDRDRDREREREREREGEKEKTSWRAEKDRESLRRTKNETDEDGWTTV
RR
;
A
2 'polypeptide(L)'
;MKIRDVTKCLEEFELLGKAYGKAKSIVDKEGVPRFYIRILADLEDYLNELWEDKEGKKKMNKNNAKALSTLRQKIRKYNR
DFESHITNYKQNPEQSADEDAEKNEEDSEGSSDEDEDEDGVSAAAFLKKKAEAPSGESRKFLKKMEDEDEDSEDSEDDEE
WDTGSTSSDSDSEEEEGKQTALASRFLKKAPTTEEDKKAAEKKREDKAKKKHDRKSKRLDEEEEDNEGGEWERVRGGVPL
VKEKPKMFAKGTEITHAVVIKKLNEILQARGKKGTDRAAQIELLQLLVQIASENNLGEGVIVKIKFNIIASLYDYNPNLA
TYMKPEMWQKCLDCINELMDILFANPNIFVGENILEESENLQNVDQPLRVRGCILTLVERMDEEFTKIMQNTDPHSQEYV
EHLKDEAQVCAIIERVQRYLEEKGTTEEICRVYLRRILHTYYKFDYKAHQRQLTPPEGSSKSEQDQAENEGEDSAVLMER
LCKYIYAKDRTDRIRTCAILCHIYHHYLHSRWYQARDLMLMSHLQDNIQHADPPVQILYNRTMVQLGICAFRQGLTKDAH
NALLDIQSSGRAKELLGQGLLLRSLQERNQEQEKVERRRQVPFHLHINLELLECVYLVSAMLLEIPYMAAHESDARRRMI
SKQFHHQLRVGERQPLLGPPESMREHVVAASKAMKMGDWKTCHSFIINEKMNGKVWDLFPEADKVRTMLVRKIQEESLRT
YLFTYSSVYDSISMETLSDMFELDLPTVHSIISKMIINEELMASLDQPTQTVVMHRTEPTAQQNLALQLAEKLGSLVENN
ERVFDHKQGTYGGYFRDQKDGYRKNEGYMRRGGYRQQQSQTAY
;
C
3 'polypeptide(L)'
;MAEYDLTTRIAHFLDRHLVFPLLEFLSVKEIYNEKELLQGKLDLLSDTNMVDFAMDVYKNLYSDDIPHALREKRTTVVAQ
LKQLQAETEPIVKMFEDPETTRQMQSTRDGRMLFDYLADKHGFRQEYLDTLYRYAKFQYECGNYSGAAEYLYFFRVLVPA
TDRNALSSLWGKLASEILMQNWDAAMEDLTRLKETIDNNSVSSPLQSLQQRTWLIHWSLFVFFNHPKGRDNIIDLFLYQP
QYLNAIQTMCPHILRYLTTAVITNKDVRKRRQVLKDLVKVIQQESYTYKDPITEFVECLYVNFDFDGAQKKLRECESVLV
NDFFLVACLEDFIENARLFIFETFCRIHQCISINMLADKLNMTPEEAERWIVNLIRNARLDAKIDSKLGHVVMGNNAVSP
YQQVIEKTKSLSFRSQMLAMNIEKKLNQNSRSEAPNWATQDSGFY
;
E
4 'polypeptide(L)'
;MATPAVSASAPPATPAATPAAAAAPASAPAAAPAPTPAPAPAAAPAAGAAPAAAADPAAAAAAAGTGQTPASAQAPAQTS
APSLPGPALPGPFPGGRVVRLHPVILASIVDSYERRNEGAARVIGTLLGTVDKHSVEVTNCFSVPHNESEDEVAVDMEFA
KNMYELHKKVSPNELILGWYATGHDITEHSVLIHEYYSREAPNPIHLTVDTSLQNGRMSIKAYVSTSMGVPGRTMGVMFT
PLTVKYAYYDTERIGVDLIMKTCFSPNRVIGLSSDLQQVGGASARIQDALSTVLQYAEDVLSGKVSADNTVGRFLMSLVN
QVPKIVPDDFETMLNSNINDLLMVTYLANLTQSQIALNEKLVNL
;
F
5 'polypeptide(L)'
;MASRKEGTGSGGTSSSSATGVVGKGKGKGGSGDSAVKQVQIDGLVVLKIIKHYQEEGQGTEVVQGVLLGLVVEDRLEITN
CFPFPQHTEDDADFDEVQYQMEMMRSLRHVNIDHLHVGWYQSTYYGSFVTRALLDSQFSYQHAIEESVVLIYDPIKTAQG
SLSLKAYRLTPKLMEVCKEKDFSPEALKKANITFEHMFEEVPIVIKNSHLINVLMWELEKKSAVADKHELLSLASSNHLG
KNLQLLMDRVDEMSQDIVKYNTYMRNTSKQQQQKHQYQQRRQQENMQRQSRGEPPLPEEDLSKLFKPPQPPARMDSLLIA
GQINTYCQNIKEFTAQNLGKLFMAQALQEYNN
;
H
6 'polypeptide(L)'
;MAMFEQMRANVGKLLKGIDRYNPENLATLERYVETQAKENAYDLEANLAVLKLYQFNPAFFQTTVTAQILLKALTNLPHT
DFTLCKCMIDQAHQEERPIRQILYLGDLLETCHFQAFWQALDENMDLLEGITGFEDSVRKFICHVVGITYQHIDRWLLAE
MLGDLTDSQLKMWMSKYGWSADESGQIFICSQEESIKPKNIVEKIDFDSVSSIMASSQ
;
K
7 'polypeptide(L)'
;MSYPADDYESEAVYDPYAYPSDYDMHTGDPKQDLAYERQYEQQTYQVIPEVIRNFIQYFHKTVSDLIDQKVYELQASRVS
SDVIDQKVYEIQDIYENSWTKLTERFFKNTPWPEAETIAPQVGNDAVFLILYKELYYRHIYAKVSGGPSLAQRFESYYNY
CNLFNYILNADGPAPLELPNQWLWDIIDEFIYQFQSFSQYRCKTAKKSEEEIDFLRSNPKIWNVHSVLNVLHSLVDKSNI
NRQLEVYTSGGDPESVAGEYGRHSLYKMLGYFSLVGLLRLHSLLGDYYQAIKVLENIELNKKSMYSRVPECQVTTYYYVG
FAYLMMRRYQDAIRVFANILLYIQRTKSMFQRTTYKYEMINKQNEQMHALLAIALTMYPMRIDESIHLQLREKYGDKMLR
MQKGDPQVYEELFSYSCPKFLSPVVPNYDSVHPNYHKEPFLQQLKVFSDEVQQQAQLSTIRSFLKLYTTMPVAKLAGFLD
LTEQEFRIQLLVFKHKMKNLVWTSGISALDGEFQSASEVDFYIDKDMIHIADTKVARRYGDFFIRQIHKFEELNRTLKKM
GQRP
;
L
8 'polypeptide(L)'
;MSVPAFIDISEEDQAAELRAYLKSKGAEISEENSEGGLHVDLAQIIEACDVCLKEDDKDVESVMNSVVSLLLILEPDKQE
ALIESLCEKLVKFREGERPSLRLQLLSNLFHGMDKNTPVRYTVYCSLIKVAASCGAIQYIPTELDQVRKWISDWNLTTEK
KHTLLRLLYEALVDCKKSDAASKVMVELLGSYTEDNASQARVDAHRCIVRALKDPNAFLFDHLLTLKPVKFLEGELIHDL
LTIFVSAKLASYVKFYQNNKDFIDSLGLLHEQNMAKMRLLTFMGMAVENKEISFDTMQQELQIGADDVEAFVIDAVRTKM
VYCKIDQTQRKVVVSHSTHRTFGKQQWQQLYDTLNAWKQNLNKVKNSLLSLSDT
;
M
#
# COMPACT_ATOMS: atom_id res chain seq x y z
N ARG A 7 -61.47 52.88 -31.34
CA ARG A 7 -62.35 51.88 -30.66
C ARG A 7 -62.90 50.77 -31.55
N PRO A 8 -64.05 50.74 -32.27
CA PRO A 8 -64.44 49.58 -33.08
C PRO A 8 -63.49 49.38 -34.25
N GLU A 9 -62.84 50.47 -34.66
CA GLU A 9 -61.76 50.57 -35.61
C GLU A 9 -60.59 49.59 -35.39
N ASN A 10 -60.30 49.18 -34.13
CA ASN A 10 -59.39 48.07 -33.86
C ASN A 10 -59.88 46.74 -34.42
N ALA A 11 -61.17 46.42 -34.21
CA ALA A 11 -61.83 45.22 -34.67
C ALA A 11 -61.97 45.15 -36.18
N LEU A 12 -62.28 46.30 -36.84
CA LEU A 12 -62.28 46.42 -38.29
C LEU A 12 -60.90 46.17 -38.91
N LYS A 13 -59.82 46.73 -38.34
CA LYS A 13 -58.46 46.43 -38.80
C LYS A 13 -58.11 44.97 -38.63
N ARG A 14 -58.39 44.39 -37.44
CA ARG A 14 -58.17 42.99 -37.14
C ARG A 14 -58.99 42.05 -38.04
N ALA A 15 -60.19 42.47 -38.49
CA ALA A 15 -60.90 41.80 -39.56
C ALA A 15 -60.24 41.92 -40.93
N ASN A 16 -59.83 43.14 -41.34
CA ASN A 16 -59.23 43.41 -42.64
C ASN A 16 -57.91 42.70 -42.86
N GLU A 17 -56.97 42.76 -41.89
CA GLU A 17 -55.63 42.18 -41.99
C GLU A 17 -55.67 40.66 -42.23
N PHE A 18 -56.57 39.99 -41.48
CA PHE A 18 -56.86 38.58 -41.52
C PHE A 18 -57.41 38.11 -42.87
N LEU A 19 -58.26 38.93 -43.52
CA LEU A 19 -58.77 38.64 -44.85
C LEU A 19 -57.79 38.96 -45.98
N GLU A 20 -57.09 40.10 -45.90
CA GLU A 20 -56.20 40.61 -46.94
C GLU A 20 -54.98 39.73 -47.22
N VAL A 21 -54.26 39.32 -46.16
CA VAL A 21 -53.07 38.48 -46.15
C VAL A 21 -52.07 38.58 -47.31
N GLY A 22 -51.44 37.46 -47.73
CA GLY A 22 -50.33 37.45 -48.68
C GLY A 22 -49.03 37.89 -48.04
N LYS A 23 -47.93 37.13 -48.18
CA LYS A 23 -46.77 37.17 -47.27
C LYS A 23 -46.15 38.53 -46.91
N LYS A 24 -46.21 39.53 -47.82
CA LYS A 24 -45.82 40.90 -47.51
C LYS A 24 -46.65 41.59 -46.41
N GLN A 25 -47.98 41.40 -46.39
CA GLN A 25 -48.85 42.04 -45.41
C GLN A 25 -48.70 41.51 -43.98
N PRO A 26 -48.58 40.22 -43.64
CA PRO A 26 -48.27 39.79 -42.28
C PRO A 26 -46.97 40.35 -41.70
N ALA A 27 -45.96 40.68 -42.54
CA ALA A 27 -44.80 41.42 -42.08
C ALA A 27 -45.14 42.84 -41.60
N LEU A 28 -46.07 43.53 -42.30
CA LEU A 28 -46.67 44.77 -41.84
C LEU A 28 -47.54 44.60 -40.60
N ASP A 29 -48.35 43.51 -40.52
CA ASP A 29 -49.16 43.17 -39.36
C ASP A 29 -48.32 43.03 -38.08
N VAL A 30 -47.15 42.38 -38.17
CA VAL A 30 -46.22 42.24 -37.05
C VAL A 30 -45.76 43.59 -36.51
N LEU A 31 -45.44 44.56 -37.39
CA LEU A 31 -45.14 45.93 -36.99
C LEU A 31 -46.35 46.63 -36.35
N TYR A 32 -47.53 46.50 -36.96
CA TYR A 32 -48.77 47.04 -36.43
C TYR A 32 -49.21 46.45 -35.08
N ASP A 33 -49.11 45.14 -34.86
CA ASP A 33 -49.42 44.46 -33.61
C ASP A 33 -48.55 44.91 -32.44
N VAL A 34 -47.24 45.14 -32.68
CA VAL A 34 -46.33 45.74 -31.71
C VAL A 34 -46.77 47.15 -31.30
N MET A 35 -47.25 47.97 -32.26
CA MET A 35 -47.88 49.26 -31.99
C MET A 35 -49.24 49.18 -31.26
N LYS A 36 -50.13 48.25 -31.65
CA LYS A 36 -51.46 48.06 -31.04
C LYS A 36 -51.41 47.71 -29.56
N SER A 37 -50.35 47.00 -29.14
CA SER A 37 -50.11 46.49 -27.80
C SER A 37 -50.16 47.47 -26.63
N LYS A 38 -50.22 48.79 -26.87
CA LYS A 38 -50.50 49.76 -25.83
C LYS A 38 -51.60 50.75 -26.23
N LYS A 39 -52.39 50.46 -27.26
CA LYS A 39 -53.35 51.39 -27.82
C LYS A 39 -54.70 51.38 -27.11
N HIS A 40 -54.79 52.25 -26.08
CA HIS A 40 -55.96 52.61 -25.26
C HIS A 40 -55.70 52.30 -23.80
N ARG A 41 -55.53 53.34 -22.97
CA ARG A 41 -55.33 53.21 -21.54
C ARG A 41 -56.64 52.97 -20.78
N THR A 42 -57.23 51.77 -20.92
CA THR A 42 -58.47 51.38 -20.27
C THR A 42 -58.26 50.16 -19.39
N TRP A 43 -59.31 49.74 -18.66
CA TRP A 43 -59.24 48.64 -17.73
C TRP A 43 -60.31 47.63 -18.14
N GLN A 44 -59.92 46.37 -18.43
CA GLN A 44 -60.76 45.31 -18.95
C GLN A 44 -62.13 45.08 -18.27
N LYS A 45 -63.22 45.15 -19.04
CA LYS A 45 -64.56 44.86 -18.54
C LYS A 45 -65.27 43.94 -19.51
N ILE A 46 -66.03 44.49 -20.48
CA ILE A 46 -66.79 43.69 -21.45
C ILE A 46 -66.14 43.74 -22.83
N HIS A 47 -66.14 44.92 -23.48
CA HIS A 47 -65.66 45.08 -24.86
C HIS A 47 -64.20 44.76 -25.06
N GLU A 48 -63.30 45.26 -24.19
CA GLU A 48 -61.89 45.00 -24.22
C GLU A 48 -61.48 43.52 -24.16
N PRO A 49 -61.92 42.61 -23.28
CA PRO A 49 -61.63 41.19 -23.41
C PRO A 49 -62.05 40.57 -24.73
N ILE A 50 -63.25 40.88 -25.24
CA ILE A 50 -63.72 40.37 -26.53
C ILE A 50 -62.84 40.86 -27.69
N MET A 51 -62.54 42.17 -27.70
CA MET A 51 -61.70 42.81 -28.70
C MET A 51 -60.25 42.33 -28.70
N LEU A 52 -59.63 42.26 -27.50
CA LEU A 52 -58.27 41.80 -27.32
C LEU A 52 -58.06 40.33 -27.64
N LYS A 53 -58.96 39.43 -27.20
CA LYS A 53 -58.77 38.01 -27.45
C LYS A 53 -58.77 37.60 -28.91
N TYR A 54 -59.64 38.21 -29.75
CA TYR A 54 -59.58 38.03 -31.18
C TYR A 54 -58.30 38.56 -31.81
N LEU A 55 -57.75 39.69 -31.30
CA LEU A 55 -56.43 40.15 -31.70
C LEU A 55 -55.30 39.21 -31.27
N GLU A 56 -55.32 38.68 -30.03
CA GLU A 56 -54.36 37.70 -29.54
C GLU A 56 -54.32 36.41 -30.36
N LEU A 57 -55.49 35.92 -30.81
CA LEU A 57 -55.59 34.78 -31.70
C LEU A 57 -54.90 35.01 -33.05
N CYS A 58 -55.06 36.21 -33.66
CA CYS A 58 -54.28 36.60 -34.82
C CYS A 58 -52.78 36.70 -34.55
N VAL A 59 -52.38 37.26 -33.40
CA VAL A 59 -50.99 37.34 -32.96
C VAL A 59 -50.32 35.97 -32.78
N ASP A 60 -50.99 34.99 -32.15
CA ASP A 60 -50.51 33.61 -32.06
C ASP A 60 -50.34 32.94 -33.43
N LEU A 61 -51.28 33.16 -34.37
CA LEU A 61 -51.19 32.70 -35.74
C LEU A 61 -50.03 33.34 -36.54
N ARG A 62 -49.86 34.67 -36.42
CA ARG A 62 -48.76 35.43 -37.00
C ARG A 62 -47.41 35.04 -36.44
N LYS A 63 -47.34 34.83 -35.11
CA LYS A 63 -46.17 34.35 -34.39
C LYS A 63 -45.05 35.38 -34.36
N SER A 64 -45.48 36.63 -34.04
CA SER A 64 -44.88 37.89 -34.44
C SER A 64 -43.43 38.18 -34.06
N HIS A 65 -43.02 37.90 -32.81
CA HIS A 65 -41.69 38.28 -32.34
C HIS A 65 -41.27 37.51 -31.09
N LEU A 66 -42.18 36.67 -30.55
CA LEU A 66 -42.02 35.67 -29.51
C LEU A 66 -42.03 36.27 -28.11
N ALA A 67 -41.00 37.08 -27.80
CA ALA A 67 -40.81 37.68 -26.50
C ALA A 67 -41.73 38.86 -26.21
N LYS A 68 -41.95 39.75 -27.20
CA LYS A 68 -42.63 41.02 -27.00
C LYS A 68 -44.10 40.87 -26.67
N GLU A 69 -44.80 39.99 -27.40
CA GLU A 69 -46.19 39.63 -27.19
C GLU A 69 -46.40 39.05 -25.81
N GLY A 70 -45.52 38.12 -25.41
CA GLY A 70 -45.40 37.60 -24.05
C GLY A 70 -45.26 38.65 -22.99
N LEU A 71 -44.29 39.59 -23.12
CA LEU A 71 -44.09 40.68 -22.18
C LEU A 71 -45.29 41.61 -22.05
N TYR A 72 -45.98 41.92 -23.15
CA TYR A 72 -47.25 42.62 -23.12
C TYR A 72 -48.37 41.82 -22.44
N GLN A 73 -48.51 40.51 -22.74
CA GLN A 73 -49.42 39.60 -22.05
C GLN A 73 -49.13 39.45 -20.55
N TYR A 74 -47.85 39.42 -20.14
CA TYR A 74 -47.37 39.41 -18.76
C TYR A 74 -47.95 40.55 -17.93
N LYS A 75 -48.26 41.71 -18.54
CA LYS A 75 -48.89 42.81 -17.82
C LYS A 75 -50.35 43.03 -18.17
N ASN A 76 -50.82 42.64 -19.37
CA ASN A 76 -52.23 42.69 -19.76
C ASN A 76 -53.13 41.79 -18.90
N ILE A 77 -52.64 40.61 -18.50
CA ILE A 77 -53.42 39.66 -17.71
C ILE A 77 -53.65 40.09 -16.26
N CYS A 78 -52.88 41.07 -15.76
CA CYS A 78 -52.96 41.49 -14.36
C CYS A 78 -54.24 42.22 -13.95
N GLN A 79 -55.09 42.67 -14.89
CA GLN A 79 -56.36 43.34 -14.58
C GLN A 79 -57.48 42.36 -14.22
N GLN A 80 -57.17 41.36 -13.38
CA GLN A 80 -58.09 40.38 -12.79
C GLN A 80 -58.80 39.45 -13.77
N VAL A 81 -58.34 39.37 -15.02
CA VAL A 81 -58.96 38.60 -16.09
C VAL A 81 -58.66 37.10 -16.01
N ASN A 82 -59.23 36.41 -14.99
CA ASN A 82 -58.94 35.03 -14.65
C ASN A 82 -59.17 34.03 -15.79
N ILE A 83 -60.31 34.15 -16.53
CA ILE A 83 -60.64 33.30 -17.67
C ILE A 83 -59.63 33.46 -18.80
N LYS A 84 -59.24 34.71 -19.10
CA LYS A 84 -58.26 35.05 -20.12
C LYS A 84 -56.88 34.48 -19.84
N SER A 85 -56.43 34.47 -18.56
CA SER A 85 -55.21 33.75 -18.16
C SER A 85 -55.28 32.25 -18.42
N LEU A 86 -56.39 31.59 -18.04
CA LEU A 86 -56.60 30.17 -18.29
C LEU A 86 -56.64 29.82 -19.77
N GLU A 87 -57.37 30.62 -20.56
CA GLU A 87 -57.46 30.53 -22.00
C GLU A 87 -56.11 30.69 -22.70
N ASP A 88 -55.26 31.64 -22.28
CA ASP A 88 -53.91 31.79 -22.77
C ASP A 88 -53.00 30.60 -22.45
N VAL A 89 -53.14 29.96 -21.27
CA VAL A 89 -52.51 28.67 -20.97
C VAL A 89 -53.00 27.54 -21.90
N VAL A 90 -54.31 27.47 -22.21
CA VAL A 90 -54.83 26.55 -23.24
C VAL A 90 -54.26 26.84 -24.63
N ARG A 91 -54.10 28.14 -25.01
CA ARG A 91 -53.36 28.52 -26.20
C ARG A 91 -51.91 28.06 -26.14
N ALA A 92 -51.23 28.13 -24.98
CA ALA A 92 -49.82 27.79 -24.82
C ALA A 92 -49.48 26.36 -25.23
N TYR A 93 -50.34 25.37 -24.94
CA TYR A 93 -50.19 24.03 -25.51
C TYR A 93 -50.29 24.04 -27.03
N LEU A 94 -51.30 24.72 -27.60
CA LEU A 94 -51.50 24.85 -29.04
C LEU A 94 -50.38 25.60 -29.77
N LYS A 95 -49.80 26.65 -29.16
CA LYS A 95 -48.67 27.41 -29.65
C LYS A 95 -47.45 26.52 -29.93
N LEU A 96 -47.18 25.54 -29.06
CA LEU A 96 -46.11 24.57 -29.19
C LEU A 96 -46.50 23.31 -29.95
N ALA A 97 -47.72 22.79 -29.76
CA ALA A 97 -48.17 21.51 -30.30
C ALA A 97 -48.17 21.43 -31.80
N GLU A 98 -48.69 22.47 -32.49
CA GLU A 98 -48.70 22.51 -33.94
C GLU A 98 -47.30 22.83 -34.49
N GLU A 99 -46.38 23.38 -33.66
CA GLU A 99 -44.97 23.43 -34.02
C GLU A 99 -44.29 22.08 -33.99
N LYS A 100 -44.60 21.20 -33.01
CA LYS A 100 -44.19 19.81 -33.10
C LYS A 100 -44.82 19.06 -34.26
N THR A 101 -46.11 19.25 -34.59
CA THR A 101 -46.68 18.67 -35.81
C THR A 101 -46.02 19.22 -37.08
N GLU A 102 -45.76 20.54 -37.19
CA GLU A 102 -45.05 21.15 -38.30
C GLU A 102 -43.62 20.62 -38.45
N ALA A 103 -42.91 20.46 -37.32
CA ALA A 103 -41.65 19.75 -37.28
C ALA A 103 -41.80 18.30 -37.75
N ALA A 104 -42.83 17.57 -37.28
CA ALA A 104 -43.16 16.21 -37.69
C ALA A 104 -43.47 16.06 -39.18
N LYS A 105 -44.15 17.05 -39.80
CA LYS A 105 -44.37 17.11 -41.24
C LYS A 105 -43.05 17.15 -42.01
N GLU A 106 -42.08 18.01 -41.63
CA GLU A 106 -40.74 18.04 -42.21
C GLU A 106 -39.85 16.84 -41.85
N GLU A 107 -39.92 16.38 -40.60
CA GLU A 107 -39.22 15.23 -40.03
C GLU A 107 -39.57 13.94 -40.76
N SER A 108 -40.87 13.73 -41.05
CA SER A 108 -41.33 12.68 -41.96
C SER A 108 -41.01 12.93 -43.44
N GLN A 109 -41.23 14.16 -43.97
CA GLN A 109 -41.01 14.49 -45.37
C GLN A 109 -39.58 14.28 -45.86
N GLN A 110 -38.57 14.73 -45.08
CA GLN A 110 -37.18 14.60 -45.45
C GLN A 110 -36.74 13.14 -45.57
N MET A 111 -37.18 12.30 -44.62
CA MET A 111 -36.95 10.86 -44.61
C MET A 111 -37.57 10.12 -45.80
N VAL A 112 -38.75 10.54 -46.29
CA VAL A 112 -39.31 10.01 -47.53
C VAL A 112 -38.40 10.27 -48.73
N LEU A 113 -37.87 11.50 -48.86
CA LEU A 113 -36.92 11.85 -49.90
C LEU A 113 -35.58 11.09 -49.81
N ASP A 114 -35.08 10.87 -48.58
CA ASP A 114 -33.89 10.08 -48.28
C ASP A 114 -34.00 8.63 -48.78
N ILE A 115 -35.18 8.00 -48.56
CA ILE A 115 -35.55 6.70 -49.10
C ILE A 115 -35.67 6.68 -50.64
N GLU A 116 -36.24 7.74 -51.24
CA GLU A 116 -36.44 7.86 -52.69
C GLU A 116 -35.15 8.09 -53.50
N ASP A 117 -34.22 8.95 -53.01
CA ASP A 117 -32.89 9.15 -53.59
C ASP A 117 -31.99 7.88 -53.61
N LEU A 118 -30.74 8.02 -54.07
CA LEU A 118 -29.87 6.90 -54.30
C LEU A 118 -28.53 7.10 -53.61
N ASP A 119 -28.18 6.25 -52.61
CA ASP A 119 -26.89 6.30 -51.92
C ASP A 119 -25.73 6.23 -52.91
N ASN A 120 -25.81 5.38 -53.94
CA ASN A 120 -24.68 5.03 -54.78
C ASN A 120 -24.17 6.15 -55.69
N ILE A 121 -24.85 7.33 -55.73
CA ILE A 121 -24.34 8.53 -56.37
C ILE A 121 -24.03 9.64 -55.35
N GLN A 122 -24.17 9.34 -54.03
CA GLN A 122 -23.90 10.22 -52.91
C GLN A 122 -22.91 9.59 -51.92
N THR A 123 -22.39 8.38 -52.20
CA THR A 123 -21.55 7.60 -51.29
C THR A 123 -20.21 8.26 -50.91
N PRO A 124 -19.38 8.88 -51.76
CA PRO A 124 -18.18 9.60 -51.34
C PRO A 124 -18.42 10.64 -50.26
N GLU A 125 -19.44 11.49 -50.44
CA GLU A 125 -19.92 12.47 -49.49
C GLU A 125 -20.45 11.86 -48.21
N SER A 126 -21.19 10.74 -48.31
CA SER A 126 -21.68 9.96 -47.17
C SER A 126 -20.54 9.44 -46.29
N VAL A 127 -19.48 8.87 -46.91
CA VAL A 127 -18.27 8.43 -46.22
C VAL A 127 -17.53 9.59 -45.55
N LEU A 128 -17.35 10.73 -46.25
CA LEU A 128 -16.76 11.94 -45.68
C LEU A 128 -17.57 12.54 -44.53
N LEU A 129 -18.90 12.60 -44.65
CA LEU A 129 -19.80 13.07 -43.61
C LEU A 129 -19.74 12.22 -42.34
N SER A 130 -19.64 10.89 -42.48
CA SER A 130 -19.36 9.98 -41.37
C SER A 130 -17.98 10.20 -40.75
N ALA A 131 -16.91 10.27 -41.57
CA ALA A 131 -15.53 10.46 -41.14
C ALA A 131 -15.24 11.78 -40.41
N VAL A 132 -15.85 12.89 -40.87
CA VAL A 132 -15.80 14.21 -40.24
C VAL A 132 -16.72 14.29 -39.03
N SER A 133 -17.63 13.31 -38.86
CA SER A 133 -18.64 13.21 -37.83
C SER A 133 -19.62 14.38 -37.77
N GLY A 134 -20.21 14.76 -38.92
CA GLY A 134 -21.26 15.79 -38.98
C GLY A 134 -22.64 15.26 -38.69
N GLU A 135 -22.74 13.93 -38.59
CA GLU A 135 -23.93 13.12 -38.38
C GLU A 135 -25.11 13.29 -39.34
N ASP A 136 -26.09 12.40 -39.18
CA ASP A 136 -27.44 12.32 -39.70
C ASP A 136 -28.28 13.56 -39.34
N THR A 137 -27.94 14.71 -39.94
CA THR A 137 -28.44 16.03 -39.57
C THR A 137 -29.17 16.73 -40.70
N GLN A 138 -30.20 17.53 -40.36
CA GLN A 138 -30.96 18.29 -41.34
C GLN A 138 -31.48 19.59 -40.74
N ASP A 139 -31.42 20.69 -41.50
CA ASP A 139 -31.78 22.02 -41.04
C ASP A 139 -33.23 22.26 -40.65
N ARG A 140 -34.18 21.74 -41.44
CA ARG A 140 -35.58 22.09 -41.28
C ARG A 140 -36.20 21.74 -39.94
N THR A 141 -35.88 20.55 -39.38
CA THR A 141 -36.31 20.17 -38.04
C THR A 141 -35.66 21.01 -36.95
N ASP A 142 -34.35 21.31 -37.05
CA ASP A 142 -33.60 22.16 -36.14
C ASP A 142 -34.17 23.58 -36.00
N ARG A 143 -34.39 24.29 -37.13
CA ARG A 143 -34.92 25.64 -37.09
C ARG A 143 -36.36 25.70 -36.55
N LEU A 144 -37.19 24.70 -36.88
CA LEU A 144 -38.50 24.49 -36.26
C LEU A 144 -38.46 24.12 -34.79
N LEU A 145 -37.46 23.34 -34.31
CA LEU A 145 -37.28 22.94 -32.92
C LEU A 145 -36.95 24.08 -31.96
N LEU A 146 -36.14 25.06 -32.39
CA LEU A 146 -35.77 26.22 -31.57
C LEU A 146 -36.95 27.11 -31.18
N THR A 147 -37.86 27.43 -32.11
CA THR A 147 -39.00 28.33 -31.88
C THR A 147 -40.02 27.91 -30.81
N PRO A 148 -40.50 26.67 -30.57
CA PRO A 148 -41.32 26.34 -29.41
C PRO A 148 -40.54 26.41 -28.11
N TRP A 149 -39.23 26.09 -28.11
CA TRP A 149 -38.39 26.13 -26.92
C TRP A 149 -38.27 27.51 -26.29
N VAL A 150 -38.18 28.58 -27.12
CA VAL A 150 -38.25 29.96 -26.65
C VAL A 150 -39.57 30.26 -25.94
N LYS A 151 -40.71 29.83 -26.50
CA LYS A 151 -42.03 29.98 -25.90
C LYS A 151 -42.19 29.19 -24.60
N PHE A 152 -41.65 27.96 -24.56
CA PHE A 152 -41.68 27.03 -23.44
C PHE A 152 -41.01 27.60 -22.18
N LEU A 153 -39.81 28.19 -22.34
CA LEU A 153 -39.12 28.93 -21.31
C LEU A 153 -39.86 30.19 -20.89
N TRP A 154 -40.43 30.94 -21.86
CA TRP A 154 -41.16 32.17 -21.58
C TRP A 154 -42.38 31.98 -20.68
N GLU A 155 -43.15 30.89 -20.87
CA GLU A 155 -44.22 30.48 -19.98
C GLU A 155 -43.76 29.99 -18.60
N SER A 156 -42.63 29.26 -18.47
CA SER A 156 -42.08 28.95 -17.14
C SER A 156 -41.58 30.18 -16.39
N TYR A 157 -40.90 31.12 -17.08
CA TYR A 157 -40.52 32.43 -16.54
C TYR A 157 -41.74 33.24 -16.09
N ARG A 158 -42.83 33.20 -16.87
CA ARG A 158 -44.10 33.81 -16.57
C ARG A 158 -44.75 33.32 -15.29
N GLN A 159 -44.66 32.02 -14.94
CA GLN A 159 -45.13 31.48 -13.67
C GLN A 159 -44.48 32.13 -12.45
N CYS A 160 -43.18 32.42 -12.54
CA CYS A 160 -42.42 33.10 -11.50
C CYS A 160 -42.77 34.60 -11.39
N LEU A 161 -43.52 35.15 -12.36
CA LEU A 161 -43.93 36.54 -12.39
C LEU A 161 -45.44 36.77 -12.30
N ASP A 162 -46.27 35.73 -12.55
CA ASP A 162 -47.72 35.68 -12.31
C ASP A 162 -47.99 35.80 -10.80
N LEU A 163 -47.24 34.99 -10.00
CA LEU A 163 -47.32 34.85 -8.55
C LEU A 163 -48.73 34.82 -7.93
N LEU A 164 -48.85 35.18 -6.63
CA LEU A 164 -50.08 35.19 -5.86
C LEU A 164 -50.94 33.93 -6.03
N ARG A 165 -52.13 34.07 -6.64
CA ARG A 165 -53.03 32.95 -6.89
C ARG A 165 -52.53 31.88 -7.85
N ASN A 166 -51.89 32.27 -8.99
CA ASN A 166 -51.43 31.50 -10.16
C ASN A 166 -52.08 30.15 -10.54
N ASN A 167 -53.37 29.93 -10.22
CA ASN A 167 -54.00 28.62 -10.31
C ASN A 167 -54.07 28.03 -11.71
N SER A 168 -54.31 28.83 -12.77
CA SER A 168 -54.34 28.32 -14.16
C SER A 168 -53.03 27.64 -14.56
N ARG A 169 -51.91 28.25 -14.14
CA ARG A 169 -50.59 27.68 -14.28
C ARG A 169 -50.33 26.47 -13.39
N VAL A 170 -50.75 26.54 -12.12
CA VAL A 170 -50.67 25.42 -11.17
C VAL A 170 -51.50 24.19 -11.58
N GLU A 171 -52.75 24.38 -12.03
CA GLU A 171 -53.64 23.35 -12.51
C GLU A 171 -53.20 22.68 -13.80
N ARG A 172 -52.87 23.50 -14.82
CA ARG A 172 -52.71 22.99 -16.18
C ARG A 172 -51.26 23.05 -16.62
N LEU A 173 -50.63 24.24 -16.55
CA LEU A 173 -49.35 24.53 -17.18
C LEU A 173 -48.22 23.61 -16.74
N TYR A 174 -48.10 23.25 -15.44
CA TYR A 174 -47.13 22.25 -15.04
C TYR A 174 -47.33 20.87 -15.63
N HIS A 175 -48.58 20.35 -15.61
CA HIS A 175 -48.90 19.08 -16.24
C HIS A 175 -48.68 19.11 -17.74
N ASP A 176 -49.10 20.19 -18.43
CA ASP A 176 -48.80 20.43 -19.82
C ASP A 176 -47.32 20.64 -20.12
N ILE A 177 -46.53 21.34 -19.29
CA ILE A 177 -45.08 21.44 -19.41
C ILE A 177 -44.41 20.08 -19.31
N ALA A 178 -44.75 19.25 -18.31
CA ALA A 178 -44.23 17.90 -18.20
C ALA A 178 -44.62 17.01 -19.39
N GLN A 179 -45.91 17.06 -19.78
CA GLN A 179 -46.47 16.34 -20.91
C GLN A 179 -45.85 16.72 -22.25
N GLN A 180 -45.48 18.01 -22.45
CA GLN A 180 -44.65 18.50 -23.55
C GLN A 180 -43.16 18.17 -23.43
N ALA A 181 -42.55 18.27 -22.23
CA ALA A 181 -41.16 18.01 -21.94
C ALA A 181 -40.72 16.61 -22.32
N PHE A 182 -41.58 15.61 -22.04
CA PHE A 182 -41.36 14.22 -22.44
C PHE A 182 -41.17 14.08 -23.96
N LYS A 183 -41.97 14.81 -24.77
CA LYS A 183 -41.87 14.81 -26.22
C LYS A 183 -40.55 15.38 -26.72
N PHE A 184 -40.11 16.51 -26.13
CA PHE A 184 -38.84 17.16 -26.40
C PHE A 184 -37.64 16.31 -26.03
N CYS A 185 -37.67 15.69 -24.83
CA CYS A 185 -36.66 14.77 -24.34
C CYS A 185 -36.50 13.53 -25.23
N LEU A 186 -37.62 12.90 -25.63
CA LEU A 186 -37.61 11.80 -26.59
C LEU A 186 -37.11 12.20 -27.97
N GLN A 187 -37.50 13.37 -28.51
CA GLN A 187 -37.01 13.82 -29.80
C GLN A 187 -35.52 14.18 -29.84
N TYR A 188 -35.00 14.96 -28.88
CA TYR A 188 -33.63 15.44 -28.98
C TYR A 188 -33.12 16.21 -27.76
N THR A 189 -33.90 17.18 -27.24
CA THR A 189 -33.34 18.30 -26.47
C THR A 189 -33.13 18.04 -24.99
N ARG A 190 -32.58 16.85 -24.64
CA ARG A 190 -32.30 16.43 -23.27
C ARG A 190 -31.39 17.38 -22.51
N LYS A 191 -30.33 17.89 -23.17
CA LYS A 191 -29.42 18.87 -22.60
C LYS A 191 -30.10 20.21 -22.23
N ALA A 192 -31.08 20.67 -23.03
CA ALA A 192 -31.92 21.81 -22.70
C ALA A 192 -32.87 21.51 -21.53
N GLU A 193 -33.49 20.31 -21.53
CA GLU A 193 -34.31 19.80 -20.43
C GLU A 193 -33.56 19.72 -19.11
N PHE A 194 -32.30 19.25 -19.09
CA PHE A 194 -31.46 19.23 -17.90
C PHE A 194 -31.29 20.63 -17.32
N ARG A 195 -30.96 21.64 -18.15
CA ARG A 195 -30.91 23.02 -17.71
C ARG A 195 -32.26 23.57 -17.24
N LYS A 196 -33.35 23.28 -17.99
CA LYS A 196 -34.70 23.72 -17.66
C LYS A 196 -35.16 23.24 -16.31
N LEU A 197 -34.91 21.97 -15.94
CA LEU A 197 -35.17 21.46 -14.61
C LEU A 197 -34.39 22.17 -13.51
N CYS A 198 -33.07 22.43 -13.73
CA CYS A 198 -32.24 23.17 -12.80
C CYS A 198 -32.67 24.63 -12.60
N ASP A 199 -32.96 25.38 -13.68
CA ASP A 199 -33.49 26.73 -13.58
C ASP A 199 -34.93 26.81 -13.06
N ASN A 200 -35.83 25.87 -13.43
CA ASN A 200 -37.15 25.77 -12.80
C ASN A 200 -37.06 25.56 -11.29
N LEU A 201 -36.15 24.68 -10.79
CA LEU A 201 -35.92 24.54 -9.36
C LEU A 201 -35.46 25.82 -8.67
N ARG A 202 -34.56 26.58 -9.30
CA ARG A 202 -34.19 27.91 -8.82
C ARG A 202 -35.37 28.88 -8.77
N MET A 203 -36.24 28.90 -9.79
CA MET A 203 -37.48 29.65 -9.75
C MET A 203 -38.46 29.20 -8.67
N HIS A 204 -38.71 27.88 -8.52
CA HIS A 204 -39.59 27.32 -7.49
C HIS A 204 -39.18 27.68 -6.08
N LEU A 205 -37.90 27.46 -5.73
CA LEU A 205 -37.34 27.82 -4.42
C LEU A 205 -37.42 29.33 -4.18
N SER A 206 -37.16 30.13 -5.24
CA SER A 206 -37.35 31.57 -5.15
C SER A 206 -38.78 32.02 -4.88
N GLN A 207 -39.80 31.39 -5.52
CA GLN A 207 -41.22 31.60 -5.25
C GLN A 207 -41.62 31.24 -3.83
N ILE A 208 -41.17 30.09 -3.30
CA ILE A 208 -41.40 29.68 -1.91
C ILE A 208 -40.84 30.70 -0.93
N GLN A 209 -39.64 31.23 -1.25
CA GLN A 209 -38.99 32.28 -0.49
C GLN A 209 -39.64 33.68 -0.62
N ARG A 210 -40.56 33.91 -1.58
CA ARG A 210 -41.29 35.17 -1.64
C ARG A 210 -42.31 35.36 -0.52
N HIS A 211 -43.14 34.32 -0.27
CA HIS A 211 -44.33 34.40 0.59
C HIS A 211 -45.32 35.52 0.22
N HIS A 212 -45.45 35.86 -1.08
CA HIS A 212 -46.28 36.97 -1.51
C HIS A 212 -47.71 36.53 -1.70
N ASN A 213 -48.46 36.46 -0.57
CA ASN A 213 -49.84 36.00 -0.51
C ASN A 213 -49.97 34.51 -0.84
N GLN A 214 -48.97 33.70 -0.43
CA GLN A 214 -48.84 32.31 -0.81
C GLN A 214 -48.34 31.51 0.39
N SER A 215 -48.84 30.29 0.60
CA SER A 215 -48.46 29.48 1.75
C SER A 215 -48.67 28.02 1.45
N THR A 216 -48.26 27.12 2.36
CA THR A 216 -48.43 25.68 2.20
C THR A 216 -49.86 25.22 2.43
N ALA A 217 -50.70 26.03 3.08
CA ALA A 217 -52.05 25.67 3.45
C ALA A 217 -53.01 25.54 2.27
N ILE A 218 -52.67 26.16 1.12
CA ILE A 218 -53.41 26.01 -0.12
C ILE A 218 -52.74 24.96 -1.02
N ASN A 219 -51.65 24.33 -0.54
CA ASN A 219 -50.89 23.28 -1.21
C ASN A 219 -50.30 23.69 -2.57
N LEU A 220 -49.82 24.95 -2.69
CA LEU A 220 -49.24 25.51 -3.90
C LEU A 220 -47.95 24.80 -4.33
N ASN A 221 -47.11 24.42 -3.36
CA ASN A 221 -45.87 23.69 -3.56
C ASN A 221 -46.05 22.33 -4.24
N ASN A 222 -47.13 21.62 -3.86
CA ASN A 222 -47.43 20.26 -4.25
C ASN A 222 -47.60 19.99 -5.76
N PRO A 223 -48.30 20.73 -6.61
CA PRO A 223 -48.28 20.51 -8.05
C PRO A 223 -46.93 20.84 -8.67
N GLU A 224 -46.23 21.90 -8.20
CA GLU A 224 -44.91 22.23 -8.70
C GLU A 224 -43.88 21.14 -8.40
N SER A 225 -43.85 20.64 -7.14
CA SER A 225 -43.00 19.50 -6.77
C SER A 225 -43.39 18.22 -7.46
N GLN A 226 -44.70 17.92 -7.61
CA GLN A 226 -45.19 16.78 -8.37
C GLN A 226 -44.74 16.79 -9.83
N SER A 227 -44.79 17.95 -10.51
CA SER A 227 -44.23 18.09 -11.86
C SER A 227 -42.73 17.86 -11.91
N MET A 228 -41.97 18.52 -11.01
CA MET A 228 -40.53 18.40 -10.93
C MET A 228 -40.07 16.97 -10.64
N HIS A 229 -40.75 16.26 -9.73
CA HIS A 229 -40.55 14.85 -9.49
C HIS A 229 -40.87 13.97 -10.69
N LEU A 230 -42.00 14.18 -11.40
CA LEU A 230 -42.34 13.41 -12.58
C LEU A 230 -41.38 13.62 -13.76
N GLU A 231 -41.02 14.88 -14.05
CA GLU A 231 -40.06 15.23 -15.08
C GLU A 231 -38.66 14.68 -14.80
N THR A 232 -38.12 14.87 -13.57
CA THR A 232 -36.82 14.31 -13.19
C THR A 232 -36.81 12.79 -13.21
N ARG A 233 -37.86 12.14 -12.68
CA ARG A 233 -38.02 10.69 -12.69
C ARG A 233 -38.06 10.08 -14.08
N LEU A 234 -38.79 10.68 -15.06
CA LEU A 234 -38.79 10.16 -16.41
C LEU A 234 -37.46 10.34 -17.13
N VAL A 235 -36.83 11.52 -17.03
CA VAL A 235 -35.52 11.81 -17.61
C VAL A 235 -34.43 10.89 -17.05
N GLN A 236 -34.46 10.64 -15.73
CA GLN A 236 -33.57 9.69 -15.05
C GLN A 236 -33.67 8.24 -15.54
N LEU A 237 -34.90 7.76 -15.82
CA LEU A 237 -35.10 6.44 -16.40
C LEU A 237 -34.71 6.30 -17.87
N ASP A 238 -35.07 7.28 -18.73
CA ASP A 238 -34.88 7.21 -20.17
C ASP A 238 -33.42 7.33 -20.63
N SER A 239 -32.70 8.37 -20.13
CA SER A 239 -31.26 8.60 -20.31
C SER A 239 -30.92 9.98 -19.81
N ALA A 240 -29.91 10.05 -18.94
CA ALA A 240 -29.27 11.29 -18.60
C ALA A 240 -27.97 10.97 -17.90
N ILE A 241 -27.07 11.97 -17.83
CA ILE A 241 -25.92 11.97 -16.94
C ILE A 241 -26.29 11.77 -15.47
N SER A 242 -25.52 10.95 -14.72
CA SER A 242 -25.95 10.52 -13.39
C SER A 242 -25.98 11.61 -12.34
N MET A 243 -24.92 12.43 -12.26
CA MET A 243 -24.67 13.31 -11.14
C MET A 243 -25.69 14.42 -10.91
N GLU A 244 -25.95 15.24 -11.96
CA GLU A 244 -26.69 16.48 -11.86
C GLU A 244 -28.17 16.34 -11.54
N LEU A 245 -28.84 15.30 -12.06
CA LEU A 245 -30.22 15.00 -11.71
C LEU A 245 -30.39 14.72 -10.24
N TRP A 246 -29.47 13.94 -9.64
CA TRP A 246 -29.45 13.73 -8.21
C TRP A 246 -29.12 14.98 -7.41
N GLN A 247 -28.15 15.82 -7.84
CA GLN A 247 -27.83 17.05 -7.13
C GLN A 247 -29.01 18.02 -6.99
N GLU A 248 -29.75 18.30 -8.08
CA GLU A 248 -30.97 19.08 -7.99
C GLU A 248 -32.11 18.39 -7.25
N ALA A 249 -32.32 17.07 -7.46
CA ALA A 249 -33.35 16.30 -6.78
C ALA A 249 -33.19 16.25 -5.26
N PHE A 250 -31.96 16.06 -4.73
CA PHE A 250 -31.69 16.10 -3.30
C PHE A 250 -32.02 17.44 -2.64
N LYS A 251 -31.66 18.57 -3.28
CA LYS A 251 -32.07 19.90 -2.81
C LYS A 251 -33.58 20.11 -2.79
N ALA A 252 -34.31 19.62 -3.80
CA ALA A 252 -35.76 19.62 -3.79
C ALA A 252 -36.36 18.78 -2.66
N VAL A 253 -35.80 17.59 -2.39
CA VAL A 253 -36.21 16.73 -1.28
C VAL A 253 -36.01 17.37 0.09
N GLU A 254 -34.91 18.10 0.33
CA GLU A 254 -34.65 18.82 1.57
C GLU A 254 -35.71 19.89 1.89
N ASP A 255 -36.11 20.71 0.88
CA ASP A 255 -37.21 21.66 0.97
C ASP A 255 -38.54 20.98 1.31
N ILE A 256 -38.91 19.94 0.56
CA ILE A 256 -40.15 19.19 0.71
C ILE A 256 -40.25 18.48 2.06
N HIS A 257 -39.14 17.89 2.55
CA HIS A 257 -39.05 17.35 3.90
C HIS A 257 -39.28 18.41 4.98
N GLY A 258 -38.68 19.61 4.84
CA GLY A 258 -38.97 20.79 5.65
C GLY A 258 -40.44 21.19 5.67
N LEU A 259 -41.02 21.41 4.48
CA LEU A 259 -42.40 21.81 4.29
C LEU A 259 -43.42 20.80 4.82
N PHE A 260 -43.20 19.49 4.59
CA PHE A 260 -43.98 18.41 5.16
C PHE A 260 -43.88 18.34 6.67
N SER A 261 -42.71 18.59 7.27
CA SER A 261 -42.59 18.63 8.71
C SER A 261 -43.26 19.83 9.37
N LEU A 262 -43.11 21.03 8.77
CA LEU A 262 -43.77 22.26 9.20
C LEU A 262 -45.29 22.21 9.09
N SER A 263 -45.82 21.70 7.96
CA SER A 263 -47.24 21.80 7.64
C SER A 263 -48.02 20.61 8.15
N LYS A 264 -47.31 19.65 8.78
CA LYS A 264 -47.77 18.34 9.20
C LYS A 264 -47.80 17.34 8.06
N LYS A 265 -47.50 16.07 8.38
CA LYS A 265 -47.13 15.06 7.43
C LYS A 265 -48.27 14.59 6.50
N PRO A 266 -48.29 14.83 5.19
CA PRO A 266 -49.52 14.72 4.42
C PRO A 266 -49.64 13.34 3.76
N PRO A 267 -50.68 12.53 3.92
CA PRO A 267 -50.63 11.10 3.58
C PRO A 267 -50.50 10.81 2.10
N LYS A 268 -51.33 11.39 1.20
CA LYS A 268 -51.15 11.16 -0.22
C LYS A 268 -49.84 11.68 -0.84
N PRO A 269 -49.27 12.87 -0.57
CA PRO A 269 -47.95 13.22 -1.07
C PRO A 269 -46.82 12.35 -0.53
N GLN A 270 -46.91 11.85 0.73
CA GLN A 270 -45.98 10.85 1.24
C GLN A 270 -46.09 9.50 0.54
N LEU A 271 -47.31 9.05 0.18
CA LEU A 271 -47.52 7.89 -0.67
C LEU A 271 -46.90 8.04 -2.06
N MET A 272 -47.05 9.21 -2.71
CA MET A 272 -46.34 9.53 -3.96
C MET A 272 -44.82 9.53 -3.79
N ALA A 273 -44.31 10.07 -2.67
CA ALA A 273 -42.91 9.98 -2.29
C ALA A 273 -42.42 8.54 -2.11
N ASN A 274 -43.25 7.64 -1.55
CA ASN A 274 -43.00 6.21 -1.50
C ASN A 274 -42.87 5.57 -2.90
N TYR A 275 -43.77 5.92 -3.84
CA TYR A 275 -43.68 5.50 -5.24
C TYR A 275 -42.42 6.00 -5.94
N TYR A 276 -42.04 7.28 -5.74
CA TYR A 276 -40.78 7.84 -6.20
C TYR A 276 -39.57 7.15 -5.57
N ASN A 277 -39.63 6.81 -4.27
CA ASN A 277 -38.61 6.03 -3.58
C ASN A 277 -38.42 4.61 -4.15
N LYS A 278 -39.46 3.92 -4.65
CA LYS A 278 -39.28 2.67 -5.37
C LYS A 278 -38.50 2.81 -6.68
N VAL A 279 -38.69 3.90 -7.44
CA VAL A 279 -37.83 4.20 -8.58
C VAL A 279 -36.38 4.45 -8.16
N SER A 280 -36.21 5.18 -7.03
CA SER A 280 -34.93 5.47 -6.42
C SER A 280 -34.15 4.24 -5.98
N THR A 281 -34.79 3.21 -5.38
CA THR A 281 -34.11 1.98 -4.94
C THR A 281 -33.49 1.21 -6.08
N VAL A 282 -34.18 1.07 -7.22
CA VAL A 282 -33.66 0.42 -8.42
C VAL A 282 -32.46 1.16 -9.00
N PHE A 283 -32.54 2.51 -9.10
CA PHE A 283 -31.43 3.33 -9.55
C PHE A 283 -30.24 3.23 -8.60
N TRP A 284 -30.47 3.25 -7.28
CA TRP A 284 -29.44 3.02 -6.30
C TRP A 284 -28.83 1.62 -6.29
N LYS A 285 -29.58 0.55 -6.61
CA LYS A 285 -28.93 -0.75 -6.81
C LYS A 285 -27.94 -0.78 -7.96
N SER A 286 -28.21 -0.04 -9.05
CA SER A 286 -27.21 0.25 -10.08
C SER A 286 -26.04 1.14 -9.64
N GLY A 287 -26.28 2.17 -8.80
CA GLY A 287 -25.27 3.21 -8.53
C GLY A 287 -24.66 3.32 -7.15
N ASN A 288 -25.29 2.78 -6.10
CA ASN A 288 -24.85 2.96 -4.72
C ASN A 288 -25.71 2.12 -3.76
N ALA A 289 -25.19 0.95 -3.36
CA ALA A 289 -25.85 0.00 -2.48
C ALA A 289 -26.24 0.53 -1.10
N LEU A 290 -25.41 1.40 -0.50
CA LEU A 290 -25.70 2.05 0.78
C LEU A 290 -26.94 2.94 0.73
N PHE A 291 -27.08 3.74 -0.35
CA PHE A 291 -28.28 4.52 -0.62
C PHE A 291 -29.49 3.67 -0.92
N HIS A 292 -29.33 2.52 -1.60
CA HIS A 292 -30.40 1.53 -1.72
C HIS A 292 -30.86 0.99 -0.37
N ALA A 293 -29.93 0.64 0.53
CA ALA A 293 -30.27 0.13 1.84
C ALA A 293 -31.04 1.11 2.71
N SER A 294 -30.61 2.39 2.77
CA SER A 294 -31.35 3.44 3.46
C SER A 294 -32.70 3.77 2.82
N THR A 295 -32.75 3.93 1.47
CA THR A 295 -34.01 4.17 0.76
C THR A 295 -35.02 3.03 0.84
N LEU A 296 -34.60 1.76 0.71
CA LEU A 296 -35.47 0.60 0.88
C LEU A 296 -36.00 0.42 2.29
N HIS A 297 -35.17 0.62 3.32
CA HIS A 297 -35.61 0.64 4.71
C HIS A 297 -36.61 1.76 5.00
N ARG A 298 -36.35 2.98 4.47
CA ARG A 298 -37.29 4.09 4.48
C ARG A 298 -38.59 3.78 3.74
N LEU A 299 -38.52 3.15 2.55
CA LEU A 299 -39.69 2.72 1.79
C LEU A 299 -40.56 1.73 2.53
N TYR A 300 -39.96 0.70 3.15
CA TYR A 300 -40.70 -0.24 3.97
C TYR A 300 -41.27 0.37 5.24
N HIS A 301 -40.53 1.27 5.92
CA HIS A 301 -41.08 2.05 7.02
C HIS A 301 -42.24 2.95 6.62
N LEU A 302 -42.09 3.79 5.58
CA LEU A 302 -43.14 4.69 5.15
C LEU A 302 -44.37 3.98 4.61
N SER A 303 -44.19 2.93 3.79
CA SER A 303 -45.31 2.11 3.34
C SER A 303 -46.02 1.36 4.44
N ARG A 304 -45.30 0.89 5.50
CA ARG A 304 -45.91 0.33 6.70
C ARG A 304 -46.81 1.33 7.42
N GLU A 305 -46.35 2.58 7.60
CA GLU A 305 -47.15 3.65 8.16
C GLU A 305 -48.35 4.03 7.30
N MET A 306 -48.20 4.09 5.96
CA MET A 306 -49.33 4.27 5.05
C MET A 306 -50.38 3.15 5.12
N ARG A 307 -49.98 1.88 5.26
CA ARG A 307 -50.91 0.77 5.50
C ARG A 307 -51.68 0.92 6.80
N LYS A 308 -51.02 1.33 7.90
CA LYS A 308 -51.67 1.62 9.17
C LYS A 308 -52.64 2.81 9.09
N ASN A 309 -52.22 3.92 8.46
CA ASN A 309 -53.00 5.12 8.34
C ASN A 309 -54.18 5.02 7.38
N LEU A 310 -54.02 4.36 6.22
CA LEU A 310 -55.00 4.45 5.14
C LEU A 310 -55.69 3.14 4.80
N THR A 311 -55.26 1.99 5.38
CA THR A 311 -55.71 0.63 5.00
C THR A 311 -55.37 0.21 3.58
N GLN A 312 -54.67 -0.93 3.40
CA GLN A 312 -54.33 -1.41 2.07
C GLN A 312 -54.44 -2.93 2.00
N ASP A 313 -55.48 -3.43 1.31
CA ASP A 313 -55.84 -4.84 1.29
C ASP A 313 -55.19 -5.61 0.13
N GLU A 314 -54.20 -5.03 -0.56
CA GLU A 314 -53.55 -5.65 -1.70
C GLU A 314 -52.56 -6.76 -1.34
N MET A 315 -53.04 -7.85 -0.70
CA MET A 315 -52.25 -8.86 -0.02
C MET A 315 -51.14 -9.50 -0.84
N GLN A 316 -51.45 -9.92 -2.08
CA GLN A 316 -50.48 -10.53 -2.99
C GLN A 316 -49.33 -9.60 -3.35
N ARG A 317 -49.65 -8.33 -3.67
CA ARG A 317 -48.66 -7.32 -3.98
C ARG A 317 -47.78 -6.97 -2.79
N MET A 318 -48.35 -6.88 -1.58
CA MET A 318 -47.60 -6.69 -0.35
C MET A 318 -46.63 -7.85 -0.09
N SER A 319 -47.05 -9.10 -0.34
CA SER A 319 -46.22 -10.28 -0.23
C SER A 319 -45.03 -10.31 -1.18
N THR A 320 -45.23 -9.97 -2.47
CA THR A 320 -44.12 -9.81 -3.42
C THR A 320 -43.20 -8.67 -3.05
N ARG A 321 -43.75 -7.51 -2.63
CA ARG A 321 -42.94 -6.41 -2.16
C ARG A 321 -42.15 -6.67 -0.87
N VAL A 322 -42.68 -7.43 0.12
CA VAL A 322 -41.87 -7.83 1.28
C VAL A 322 -40.75 -8.82 0.93
N LEU A 323 -41.00 -9.82 0.07
CA LEU A 323 -39.95 -10.75 -0.37
C LEU A 323 -38.86 -10.07 -1.19
N LEU A 324 -39.24 -9.13 -2.06
CA LEU A 324 -38.33 -8.26 -2.79
C LEU A 324 -37.47 -7.43 -1.86
N ALA A 325 -38.07 -6.85 -0.80
CA ALA A 325 -37.34 -6.11 0.20
C ALA A 325 -36.34 -6.93 1.01
N THR A 326 -36.73 -8.11 1.54
CA THR A 326 -35.82 -8.95 2.33
C THR A 326 -34.66 -9.50 1.54
N LEU A 327 -34.90 -10.01 0.31
CA LEU A 327 -33.86 -10.47 -0.57
C LEU A 327 -32.94 -9.37 -1.09
N SER A 328 -33.48 -8.20 -1.49
CA SER A 328 -32.67 -7.10 -1.99
C SER A 328 -31.80 -6.40 -0.95
N ILE A 329 -32.31 -6.20 0.28
CA ILE A 329 -31.71 -5.30 1.26
C ILE A 329 -30.26 -5.54 1.73
N PRO A 330 -29.70 -6.72 2.05
CA PRO A 330 -28.39 -6.79 2.69
C PRO A 330 -27.23 -6.74 1.70
N ILE A 331 -27.52 -6.79 0.39
CA ILE A 331 -26.56 -6.96 -0.69
C ILE A 331 -25.72 -5.70 -0.95
N THR A 332 -24.73 -5.44 -0.08
CA THR A 332 -23.80 -4.32 -0.19
C THR A 332 -22.36 -4.82 -0.25
N PRO A 333 -21.73 -4.90 -1.43
CA PRO A 333 -20.28 -5.14 -1.63
C PRO A 333 -19.32 -4.22 -0.89
N GLU A 334 -18.01 -4.51 -0.96
CA GLU A 334 -16.95 -3.71 -0.35
C GLU A 334 -16.30 -2.74 -1.35
N ARG A 335 -15.57 -1.71 -0.86
CA ARG A 335 -15.01 -0.68 -1.73
C ARG A 335 -13.72 -1.07 -2.46
N THR A 336 -13.74 -1.10 -3.80
CA THR A 336 -12.60 -1.44 -4.65
C THR A 336 -11.94 -0.23 -5.30
N ASP A 337 -12.45 0.99 -5.03
CA ASP A 337 -11.92 2.22 -5.59
C ASP A 337 -10.58 2.67 -4.97
N ILE A 338 -9.44 2.08 -5.40
CA ILE A 338 -8.12 2.34 -4.83
C ILE A 338 -7.63 3.80 -4.90
N ALA A 339 -7.86 4.53 -6.00
CA ALA A 339 -7.52 5.94 -6.10
C ALA A 339 -8.33 6.82 -5.16
N ARG A 340 -9.64 6.53 -5.02
CA ARG A 340 -10.52 7.14 -4.04
C ARG A 340 -10.08 6.94 -2.58
N LEU A 341 -9.58 5.74 -2.23
CA LEU A 341 -9.00 5.49 -0.91
C LEU A 341 -7.78 6.36 -0.62
N LEU A 342 -6.85 6.49 -1.60
CA LEU A 342 -5.65 7.32 -1.56
C LEU A 342 -5.96 8.81 -1.42
N ASP A 343 -6.98 9.30 -2.15
CA ASP A 343 -7.41 10.68 -2.21
C ASP A 343 -8.46 10.99 -1.13
N MET A 344 -8.62 10.04 -0.19
CA MET A 344 -9.39 10.09 1.03
C MET A 344 -10.88 9.80 0.85
N ASP A 345 -11.25 8.54 1.17
CA ASP A 345 -12.59 7.99 1.16
C ASP A 345 -13.56 8.77 2.06
N GLY A 346 -13.03 9.39 3.14
CA GLY A 346 -13.80 10.17 4.11
C GLY A 346 -14.65 11.30 3.56
N ILE A 347 -14.25 11.93 2.45
CA ILE A 347 -15.06 12.95 1.77
C ILE A 347 -16.27 12.33 1.08
N ILE A 348 -16.11 11.15 0.47
CA ILE A 348 -17.21 10.37 -0.11
C ILE A 348 -18.16 9.92 0.99
N VAL A 349 -17.61 9.47 2.13
CA VAL A 349 -18.33 9.13 3.34
C VAL A 349 -19.10 10.32 3.95
N GLU A 350 -18.51 11.54 3.99
CA GLU A 350 -19.17 12.77 4.41
C GLU A 350 -20.44 13.06 3.62
N LYS A 351 -20.37 12.98 2.28
CA LYS A 351 -21.53 13.11 1.42
C LYS A 351 -22.54 11.99 1.57
N GLN A 352 -22.08 10.73 1.70
CA GLN A 352 -22.96 9.62 2.01
C GLN A 352 -23.69 9.73 3.34
N ARG A 353 -23.02 10.18 4.42
CA ARG A 353 -23.70 10.46 5.67
C ARG A 353 -24.70 11.60 5.60
N ARG A 354 -24.33 12.78 5.03
CA ARG A 354 -25.27 13.88 4.89
C ARG A 354 -26.44 13.60 3.95
N LEU A 355 -26.23 12.91 2.82
CA LEU A 355 -27.32 12.48 1.96
C LEU A 355 -28.25 11.47 2.64
N ALA A 356 -27.71 10.53 3.43
CA ALA A 356 -28.51 9.65 4.27
C ALA A 356 -29.31 10.34 5.39
N THR A 357 -28.73 11.36 6.07
CA THR A 357 -29.48 12.21 7.02
C THR A 357 -30.57 13.02 6.35
N LEU A 358 -30.31 13.58 5.14
CA LEU A 358 -31.30 14.22 4.27
C LEU A 358 -32.44 13.28 3.86
N LEU A 359 -32.11 12.02 3.50
CA LEU A 359 -33.10 10.97 3.27
C LEU A 359 -33.92 10.63 4.51
N GLY A 360 -33.35 10.82 5.72
CA GLY A 360 -34.08 10.72 6.97
C GLY A 360 -33.92 9.41 7.68
N LEU A 361 -32.71 8.83 7.66
CA LEU A 361 -32.48 7.54 8.30
C LEU A 361 -31.09 7.49 8.93
N GLN A 362 -30.54 8.66 9.32
CA GLN A 362 -29.18 8.86 9.79
C GLN A 362 -28.07 8.20 8.95
N ALA A 363 -26.99 7.71 9.58
CA ALA A 363 -25.87 7.11 8.89
C ALA A 363 -26.20 5.82 8.10
N PRO A 364 -25.57 5.53 6.95
CA PRO A 364 -25.81 4.30 6.19
C PRO A 364 -25.76 2.97 6.97
N PRO A 365 -26.71 2.04 6.85
CA PRO A 365 -26.77 0.86 7.72
C PRO A 365 -25.73 -0.21 7.35
N THR A 366 -25.12 -0.86 8.35
CA THR A 366 -24.07 -1.85 8.14
C THR A 366 -24.60 -3.26 7.97
N ARG A 367 -23.86 -4.13 7.24
CA ARG A 367 -24.34 -5.40 6.72
C ARG A 367 -25.04 -6.34 7.72
N ILE A 368 -24.42 -6.64 8.88
CA ILE A 368 -25.02 -7.50 9.90
C ILE A 368 -26.21 -6.86 10.62
N GLY A 369 -26.15 -5.56 10.96
CA GLY A 369 -27.25 -4.88 11.66
C GLY A 369 -28.48 -4.72 10.81
N LEU A 370 -28.27 -4.48 9.50
CA LEU A 370 -29.32 -4.41 8.51
C LEU A 370 -30.13 -5.69 8.36
N ILE A 371 -29.46 -6.87 8.38
CA ILE A 371 -30.14 -8.16 8.49
C ILE A 371 -30.85 -8.31 9.83
N ASN A 372 -30.15 -7.98 10.94
CA ASN A 372 -30.63 -8.21 12.28
C ASN A 372 -31.93 -7.50 12.67
N ASP A 373 -32.06 -6.20 12.38
CA ASP A 373 -33.25 -5.45 12.70
C ASP A 373 -34.40 -5.68 11.72
N MET A 374 -34.11 -6.01 10.45
CA MET A 374 -35.11 -6.45 9.48
C MET A 374 -35.82 -7.74 9.91
N VAL A 375 -35.05 -8.68 10.50
CA VAL A 375 -35.54 -9.90 11.16
C VAL A 375 -36.44 -9.61 12.38
N ARG A 376 -36.12 -8.58 13.18
CA ARG A 376 -36.93 -8.20 14.33
C ARG A 376 -38.25 -7.52 13.95
N PHE A 377 -38.34 -6.93 12.75
CA PHE A 377 -39.57 -6.36 12.25
C PHE A 377 -40.63 -7.41 11.93
N ASN A 378 -41.86 -7.26 12.47
CA ASN A 378 -42.99 -8.15 12.22
C ASN A 378 -43.44 -8.35 10.76
N VAL A 379 -42.80 -7.68 9.78
CA VAL A 379 -42.98 -7.98 8.37
C VAL A 379 -42.32 -9.29 7.97
N LEU A 380 -41.34 -9.80 8.77
CA LEU A 380 -40.76 -11.12 8.61
C LEU A 380 -41.79 -12.24 8.73
N GLN A 381 -42.78 -12.08 9.63
CA GLN A 381 -43.88 -13.02 9.78
C GLN A 381 -44.69 -13.17 8.50
N TYR A 382 -44.93 -12.04 7.80
CA TYR A 382 -45.70 -11.96 6.57
C TYR A 382 -44.96 -12.48 5.33
N VAL A 383 -43.62 -12.66 5.39
CA VAL A 383 -42.83 -13.18 4.26
C VAL A 383 -43.30 -14.55 3.74
N VAL A 384 -43.36 -14.67 2.40
CA VAL A 384 -43.77 -15.83 1.60
C VAL A 384 -43.03 -17.11 1.98
N PRO A 385 -43.66 -18.30 2.13
CA PRO A 385 -43.00 -19.54 2.56
C PRO A 385 -41.68 -19.90 1.91
N GLU A 386 -41.58 -19.96 0.57
CA GLU A 386 -40.37 -20.36 -0.13
C GLU A 386 -39.20 -19.44 0.19
N VAL A 387 -39.45 -18.13 0.25
CA VAL A 387 -38.52 -17.10 0.64
C VAL A 387 -38.16 -17.13 2.12
N LYS A 388 -39.14 -17.40 3.01
CA LYS A 388 -38.93 -17.57 4.43
C LYS A 388 -38.05 -18.76 4.77
N ASP A 389 -38.30 -19.93 4.16
CA ASP A 389 -37.45 -21.08 4.33
C ASP A 389 -36.12 -20.97 3.57
N LEU A 390 -36.07 -20.20 2.47
CA LEU A 390 -34.80 -19.76 1.87
C LEU A 390 -33.95 -18.95 2.85
N TYR A 391 -34.57 -18.02 3.60
CA TYR A 391 -33.94 -17.34 4.73
C TYR A 391 -33.49 -18.33 5.82
N ASN A 392 -34.31 -19.33 6.20
CA ASN A 392 -33.92 -20.35 7.17
C ASN A 392 -32.69 -21.16 6.71
N TRP A 393 -32.64 -21.56 5.43
CA TRP A 393 -31.46 -22.15 4.81
C TRP A 393 -30.24 -21.22 4.71
N LEU A 394 -30.42 -19.94 4.36
CA LEU A 394 -29.34 -18.96 4.22
C LEU A 394 -28.79 -18.41 5.52
N GLU A 395 -29.54 -18.50 6.64
CA GLU A 395 -29.15 -17.82 7.88
C GLU A 395 -28.90 -18.77 9.03
N VAL A 396 -29.76 -19.78 9.29
CA VAL A 396 -29.64 -20.60 10.50
C VAL A 396 -29.29 -22.05 10.22
N GLU A 397 -29.84 -22.69 9.18
CA GLU A 397 -29.46 -24.05 8.82
C GLU A 397 -28.48 -23.99 7.66
N PHE A 398 -27.35 -23.32 7.92
CA PHE A 398 -26.33 -22.97 6.96
C PHE A 398 -25.29 -24.08 6.82
N ASN A 399 -25.71 -25.35 6.60
CA ASN A 399 -24.81 -26.45 6.32
C ASN A 399 -24.10 -26.24 4.97
N PRO A 400 -22.78 -26.09 4.86
CA PRO A 400 -22.15 -25.61 3.63
C PRO A 400 -22.09 -26.69 2.57
N LEU A 401 -22.34 -27.97 2.92
CA LEU A 401 -22.33 -29.05 1.96
C LEU A 401 -23.74 -29.35 1.49
N LYS A 402 -24.75 -28.61 2.00
CA LYS A 402 -26.12 -28.75 1.54
C LYS A 402 -26.76 -27.44 1.12
N LEU A 403 -26.07 -26.30 1.15
CA LEU A 403 -26.69 -25.03 0.78
C LEU A 403 -27.19 -24.98 -0.68
N CYS A 404 -26.35 -25.47 -1.61
CA CYS A 404 -26.57 -25.54 -3.04
C CYS A 404 -27.78 -26.38 -3.47
N GLU A 405 -28.06 -27.48 -2.74
CA GLU A 405 -29.24 -28.36 -2.83
C GLU A 405 -30.52 -27.57 -2.65
N ARG A 406 -30.51 -26.61 -1.73
CA ARG A 406 -31.68 -25.90 -1.28
C ARG A 406 -31.93 -24.65 -2.12
N VAL A 407 -30.91 -23.76 -2.21
CA VAL A 407 -31.06 -22.43 -2.77
C VAL A 407 -31.42 -22.41 -4.25
N THR A 408 -30.80 -23.28 -5.07
CA THR A 408 -30.81 -23.24 -6.53
C THR A 408 -32.20 -23.28 -7.14
N LYS A 409 -33.09 -24.11 -6.60
CA LYS A 409 -34.48 -24.19 -7.03
C LYS A 409 -35.28 -22.92 -6.75
N VAL A 410 -35.11 -22.32 -5.55
CA VAL A 410 -35.76 -21.07 -5.18
C VAL A 410 -35.20 -19.89 -5.98
N LEU A 411 -33.87 -19.85 -6.19
CA LEU A 411 -33.20 -18.85 -7.00
C LEU A 411 -33.67 -18.83 -8.45
N ASN A 412 -33.89 -20.00 -9.07
CA ASN A 412 -34.52 -20.08 -10.38
C ASN A 412 -35.98 -19.64 -10.40
N TRP A 413 -36.79 -19.98 -9.38
CA TRP A 413 -38.18 -19.55 -9.24
C TRP A 413 -38.35 -18.04 -9.16
N VAL A 414 -37.51 -17.33 -8.38
CA VAL A 414 -37.57 -15.87 -8.32
C VAL A 414 -37.02 -15.17 -9.58
N ARG A 415 -36.39 -15.94 -10.49
CA ARG A 415 -35.82 -15.45 -11.72
C ARG A 415 -36.79 -15.58 -12.88
N GLU A 416 -37.97 -16.16 -12.63
CA GLU A 416 -39.05 -16.28 -13.61
C GLU A 416 -39.97 -15.07 -13.52
N GLN A 417 -40.20 -14.38 -14.65
CA GLN A 417 -40.64 -12.99 -14.67
C GLN A 417 -42.12 -12.58 -14.90
N PRO A 418 -43.19 -13.34 -15.13
CA PRO A 418 -44.43 -12.78 -15.67
C PRO A 418 -45.24 -11.90 -14.70
N GLU A 419 -45.24 -12.19 -13.40
CA GLU A 419 -45.94 -11.43 -12.37
C GLU A 419 -44.99 -10.97 -11.26
N LYS A 420 -43.71 -11.35 -11.32
CA LYS A 420 -42.89 -11.52 -10.13
C LYS A 420 -41.97 -10.36 -9.78
N GLU A 421 -42.30 -9.13 -10.23
CA GLU A 421 -41.53 -7.89 -10.08
C GLU A 421 -40.23 -7.88 -10.91
N PRO A 422 -40.04 -7.06 -11.96
CA PRO A 422 -38.86 -7.14 -12.84
C PRO A 422 -37.55 -6.88 -12.10
N GLU A 423 -37.63 -6.08 -11.03
CA GLU A 423 -36.59 -5.79 -10.07
C GLU A 423 -36.02 -7.04 -9.41
N LEU A 424 -36.89 -8.00 -9.06
CA LEU A 424 -36.48 -9.24 -8.42
C LEU A 424 -35.57 -10.07 -9.30
N GLN A 425 -35.91 -10.20 -10.61
CA GLN A 425 -35.14 -10.96 -11.59
C GLN A 425 -33.72 -10.45 -11.79
N GLN A 426 -33.51 -9.12 -11.85
CA GLN A 426 -32.19 -8.53 -11.93
C GLN A 426 -31.43 -8.59 -10.59
N TYR A 427 -32.13 -8.77 -9.45
CA TYR A 427 -31.48 -8.99 -8.17
C TYR A 427 -31.04 -10.44 -7.94
N VAL A 428 -31.55 -11.42 -8.71
CA VAL A 428 -31.11 -12.81 -8.59
C VAL A 428 -29.61 -13.06 -8.85
N PRO A 429 -28.88 -12.56 -9.85
CA PRO A 429 -27.44 -12.83 -9.97
C PRO A 429 -26.62 -12.26 -8.82
N GLN A 430 -26.93 -11.06 -8.32
CA GLN A 430 -26.27 -10.52 -7.15
C GLN A 430 -26.58 -11.29 -5.87
N LEU A 431 -27.84 -11.74 -5.66
CA LEU A 431 -28.23 -12.63 -4.58
C LEU A 431 -27.54 -13.99 -4.63
N GLN A 432 -27.43 -14.58 -5.84
CA GLN A 432 -26.69 -15.80 -6.11
C GLN A 432 -25.20 -15.68 -5.78
N SER A 433 -24.54 -14.59 -6.21
CA SER A 433 -23.16 -14.28 -5.82
C SER A 433 -22.97 -14.01 -4.34
N ASN A 434 -23.87 -13.25 -3.69
CA ASN A 434 -23.84 -13.00 -2.25
C ASN A 434 -24.00 -14.29 -1.44
N THR A 435 -24.85 -15.23 -1.92
CA THR A 435 -25.00 -16.58 -1.37
C THR A 435 -23.70 -17.37 -1.42
N ILE A 436 -23.01 -17.35 -2.57
CA ILE A 436 -21.69 -17.97 -2.74
C ILE A 436 -20.63 -17.32 -1.85
N LEU A 437 -20.60 -15.98 -1.73
CA LEU A 437 -19.68 -15.27 -0.85
C LEU A 437 -19.83 -15.63 0.63
N ARG A 438 -21.08 -15.70 1.12
CA ARG A 438 -21.38 -16.15 2.48
C ARG A 438 -20.97 -17.61 2.72
N LEU A 439 -21.23 -18.49 1.74
CA LEU A 439 -20.80 -19.87 1.72
C LEU A 439 -19.28 -20.04 1.74
N LEU A 440 -18.54 -19.30 0.90
CA LEU A 440 -17.09 -19.34 0.84
C LEU A 440 -16.41 -18.94 2.14
N GLN A 441 -16.89 -17.87 2.82
CA GLN A 441 -16.38 -17.52 4.13
C GLN A 441 -16.64 -18.59 5.20
N GLN A 442 -17.83 -19.24 5.21
CA GLN A 442 -18.08 -20.39 6.07
C GLN A 442 -17.18 -21.59 5.76
N VAL A 443 -16.99 -21.93 4.48
CA VAL A 443 -16.06 -22.97 4.04
C VAL A 443 -14.63 -22.66 4.46
N ALA A 444 -14.17 -21.40 4.35
CA ALA A 444 -12.86 -20.96 4.81
C ALA A 444 -12.62 -21.07 6.31
N GLN A 445 -13.70 -21.11 7.12
CA GLN A 445 -13.63 -21.30 8.55
C GLN A 445 -13.81 -22.75 8.99
N ILE A 446 -14.23 -23.65 8.07
CA ILE A 446 -14.43 -25.06 8.38
C ILE A 446 -13.40 -25.91 7.66
N TYR A 447 -12.94 -25.56 6.45
CA TYR A 447 -11.96 -26.34 5.73
C TYR A 447 -10.59 -25.70 5.81
N GLN A 448 -9.55 -26.53 6.02
CA GLN A 448 -8.18 -26.10 5.92
C GLN A 448 -7.70 -26.16 4.48
N SER A 449 -7.92 -27.29 3.80
CA SER A 449 -7.45 -27.49 2.44
C SER A 449 -8.45 -28.35 1.70
N ILE A 450 -8.61 -28.13 0.38
CA ILE A 450 -9.58 -28.85 -0.42
C ILE A 450 -9.08 -29.03 -1.85
N GLU A 451 -9.34 -30.18 -2.49
CA GLU A 451 -9.11 -30.37 -3.91
C GLU A 451 -10.01 -29.48 -4.77
N PHE A 452 -9.47 -28.85 -5.85
CA PHE A 452 -10.25 -27.94 -6.68
C PHE A 452 -11.34 -28.68 -7.46
N SER A 453 -11.08 -29.94 -7.84
CA SER A 453 -12.04 -30.85 -8.45
C SER A 453 -13.27 -31.08 -7.58
N ARG A 454 -13.07 -31.38 -6.28
CA ARG A 454 -14.14 -31.51 -5.30
C ARG A 454 -14.84 -30.18 -5.01
N LEU A 455 -14.09 -29.06 -4.93
CA LEU A 455 -14.65 -27.74 -4.71
C LEU A 455 -15.66 -27.31 -5.79
N THR A 456 -15.34 -27.56 -7.07
CA THR A 456 -16.27 -27.38 -8.21
C THR A 456 -17.52 -28.23 -8.10
N SER A 457 -17.40 -29.51 -7.69
CA SER A 457 -18.54 -30.41 -7.47
C SER A 457 -19.50 -29.94 -6.40
N LEU A 458 -19.00 -29.33 -5.31
CA LEU A 458 -19.82 -28.83 -4.23
C LEU A 458 -20.66 -27.61 -4.58
N VAL A 459 -20.25 -26.79 -5.58
CA VAL A 459 -20.97 -25.60 -5.99
C VAL A 459 -21.48 -25.72 -7.43
N PRO A 460 -22.54 -26.47 -7.77
CA PRO A 460 -23.21 -26.37 -9.07
C PRO A 460 -23.58 -24.95 -9.47
N PHE A 461 -23.37 -24.60 -10.76
CA PHE A 461 -23.43 -23.24 -11.21
C PHE A 461 -23.73 -23.26 -12.70
N VAL A 462 -23.96 -22.09 -13.31
CA VAL A 462 -24.29 -21.91 -14.72
C VAL A 462 -23.18 -22.39 -15.67
N ASP A 463 -21.93 -22.12 -15.28
CA ASP A 463 -20.75 -22.44 -16.05
C ASP A 463 -19.64 -22.71 -15.04
N ALA A 464 -18.70 -23.61 -15.39
CA ALA A 464 -17.50 -23.90 -14.65
C ALA A 464 -16.51 -22.74 -14.65
N PHE A 465 -16.32 -22.07 -15.80
CA PHE A 465 -15.38 -20.98 -15.92
C PHE A 465 -15.81 -19.75 -15.11
N GLN A 466 -17.08 -19.34 -15.23
CA GLN A 466 -17.66 -18.30 -14.40
C GLN A 466 -17.65 -18.62 -12.91
N LEU A 467 -17.90 -19.89 -12.52
CA LEU A 467 -17.76 -20.33 -11.15
C LEU A 467 -16.35 -20.19 -10.59
N GLU A 468 -15.31 -20.74 -11.27
CA GLU A 468 -13.95 -20.60 -10.77
C GLU A 468 -13.46 -19.17 -10.82
N ARG A 469 -13.81 -18.41 -11.89
CA ARG A 469 -13.52 -16.99 -11.99
C ARG A 469 -14.13 -16.19 -10.83
N ALA A 470 -15.37 -16.50 -10.38
CA ALA A 470 -15.94 -15.91 -9.18
C ALA A 470 -15.18 -16.21 -7.89
N ILE A 471 -14.72 -17.47 -7.68
CA ILE A 471 -13.85 -17.83 -6.55
C ILE A 471 -12.50 -17.12 -6.62
N VAL A 472 -11.89 -17.05 -7.81
CA VAL A 472 -10.66 -16.31 -8.10
C VAL A 472 -10.79 -14.80 -7.85
N ASP A 473 -11.91 -14.17 -8.23
CA ASP A 473 -12.18 -12.76 -8.03
C ASP A 473 -12.28 -12.37 -6.54
N ALA A 474 -12.99 -13.16 -5.74
CA ALA A 474 -13.04 -13.02 -4.29
C ALA A 474 -11.67 -13.23 -3.63
N ALA A 475 -10.88 -14.20 -4.13
CA ALA A 475 -9.50 -14.39 -3.74
C ALA A 475 -8.57 -13.20 -4.08
N ARG A 476 -8.74 -12.61 -5.27
CA ARG A 476 -8.04 -11.42 -5.73
C ARG A 476 -8.33 -10.19 -4.89
N HIS A 477 -9.61 -9.95 -4.56
CA HIS A 477 -10.03 -8.86 -3.69
C HIS A 477 -9.67 -9.06 -2.23
N CYS A 478 -9.79 -10.32 -1.75
CA CYS A 478 -9.39 -10.82 -0.44
C CYS A 478 -10.53 -10.87 0.55
N ASP A 479 -11.74 -11.26 0.11
CA ASP A 479 -12.92 -11.45 0.95
C ASP A 479 -12.92 -12.79 1.73
N LEU A 480 -11.70 -13.35 1.94
CA LEU A 480 -11.38 -14.61 2.57
C LEU A 480 -9.90 -14.89 2.35
N GLN A 481 -9.20 -15.55 3.29
CA GLN A 481 -7.81 -15.95 3.05
C GLN A 481 -7.75 -17.29 2.29
N VAL A 482 -7.10 -17.29 1.12
CA VAL A 482 -6.97 -18.47 0.28
C VAL A 482 -5.66 -18.40 -0.47
N ARG A 483 -5.11 -19.58 -0.80
CA ARG A 483 -4.20 -19.75 -1.90
C ARG A 483 -4.89 -20.72 -2.85
N ILE A 484 -5.28 -20.23 -4.05
CA ILE A 484 -6.11 -21.00 -4.98
C ILE A 484 -5.42 -22.13 -5.75
N ASP A 485 -4.22 -21.89 -6.29
CA ASP A 485 -3.63 -22.76 -7.29
C ASP A 485 -2.39 -23.48 -6.77
N HIS A 486 -2.12 -24.65 -7.37
CA HIS A 486 -1.06 -25.55 -7.02
C HIS A 486 -0.93 -26.48 -8.20
N THR A 487 0.19 -27.23 -8.32
CA THR A 487 0.48 -28.13 -9.45
C THR A 487 -0.51 -29.26 -9.62
N SER A 488 -1.01 -29.85 -8.52
CA SER A 488 -2.08 -30.86 -8.58
C SER A 488 -3.45 -30.22 -8.39
N ARG A 489 -3.53 -28.89 -8.62
CA ARG A 489 -4.65 -27.98 -8.42
C ARG A 489 -5.55 -28.22 -7.21
N THR A 490 -4.99 -27.93 -6.02
CA THR A 490 -5.64 -28.01 -4.72
C THR A 490 -5.57 -26.63 -4.10
N LEU A 491 -6.59 -26.26 -3.31
CA LEU A 491 -6.74 -24.95 -2.74
C LEU A 491 -6.58 -25.07 -1.23
N SER A 492 -5.86 -24.12 -0.59
CA SER A 492 -5.75 -24.11 0.86
C SER A 492 -6.17 -22.78 1.44
N PHE A 493 -7.06 -22.83 2.45
CA PHE A 493 -7.48 -21.71 3.27
C PHE A 493 -6.48 -21.52 4.40
N GLY A 494 -5.90 -22.65 4.89
CA GLY A 494 -4.90 -22.70 5.95
C GLY A 494 -5.36 -22.39 7.35
N SER A 495 -4.47 -22.67 8.32
CA SER A 495 -4.68 -22.41 9.74
C SER A 495 -3.34 -22.02 10.36
N ASP A 496 -3.26 -21.03 11.28
CA ASP A 496 -4.17 -19.93 11.49
C ASP A 496 -3.86 -18.83 10.49
N LEU A 497 -2.62 -18.86 9.95
CA LEU A 497 -2.05 -17.96 8.96
C LEU A 497 -2.43 -16.49 9.10
N ASN A 498 -3.06 -15.90 8.09
CA ASN A 498 -3.32 -14.49 8.01
C ASN A 498 -4.67 -14.12 8.63
N TYR A 499 -4.87 -14.45 9.92
CA TYR A 499 -6.04 -14.09 10.71
C TYR A 499 -6.06 -12.60 11.08
N ALA A 500 -6.31 -11.78 10.06
CA ALA A 500 -6.36 -10.34 10.05
C ALA A 500 -7.27 -10.07 8.86
N THR A 501 -7.51 -8.79 8.51
CA THR A 501 -8.42 -8.28 7.46
C THR A 501 -8.82 -9.21 6.32
N ARG A 502 -7.85 -9.90 5.70
CA ARG A 502 -8.06 -10.89 4.67
C ARG A 502 -8.92 -12.12 5.06
N GLU A 503 -8.83 -12.70 6.28
CA GLU A 503 -9.79 -13.72 6.71
C GLU A 503 -11.15 -13.13 7.16
N ASP A 504 -11.12 -11.99 7.86
CA ASP A 504 -12.28 -11.28 8.38
C ASP A 504 -13.27 -10.74 7.34
N ALA A 505 -12.77 -10.26 6.19
CA ALA A 505 -13.57 -9.80 5.05
C ALA A 505 -14.45 -8.53 5.20
N PRO A 506 -14.00 -7.34 5.57
CA PRO A 506 -12.61 -7.03 5.92
C PRO A 506 -12.55 -6.73 7.41
N ILE A 507 -13.72 -6.54 8.06
CA ILE A 507 -13.83 -6.05 9.43
C ILE A 507 -14.66 -6.98 10.32
N GLY A 508 -15.15 -8.11 9.78
CA GLY A 508 -15.99 -8.98 10.59
C GLY A 508 -16.79 -9.92 9.73
N PRO A 509 -16.84 -11.23 10.01
CA PRO A 509 -17.65 -12.21 9.29
C PRO A 509 -19.09 -11.88 8.92
N HIS A 510 -19.55 -12.40 7.77
CA HIS A 510 -20.87 -12.16 7.22
C HIS A 510 -21.88 -13.23 7.65
N LEU A 511 -21.64 -13.94 8.75
CA LEU A 511 -22.47 -15.06 9.16
C LEU A 511 -22.38 -15.32 10.65
N GLN A 512 -23.31 -16.14 11.17
CA GLN A 512 -23.38 -16.60 12.55
C GLN A 512 -22.14 -17.33 13.09
N SER A 513 -22.00 -17.46 14.42
CA SER A 513 -20.76 -17.74 15.14
C SER A 513 -20.21 -19.17 15.10
N MET A 514 -20.07 -19.71 13.89
CA MET A 514 -19.21 -20.83 13.55
C MET A 514 -17.88 -20.46 12.87
N PRO A 515 -17.38 -19.22 12.69
CA PRO A 515 -15.95 -18.94 12.70
C PRO A 515 -15.15 -19.57 13.84
N SER A 516 -13.99 -20.17 13.51
CA SER A 516 -13.22 -21.00 14.41
C SER A 516 -12.34 -20.22 15.37
N GLU A 517 -11.71 -20.90 16.35
CA GLU A 517 -10.81 -20.27 17.30
C GLU A 517 -9.41 -20.01 16.76
N GLN A 518 -9.23 -18.97 15.93
CA GLN A 518 -7.91 -18.55 15.48
C GLN A 518 -7.25 -17.58 16.45
N ILE A 519 -5.93 -17.68 16.61
CA ILE A 519 -5.15 -16.85 17.52
C ILE A 519 -5.02 -15.39 17.06
N ARG A 520 -5.34 -14.42 17.95
CA ARG A 520 -5.27 -13.01 17.67
C ARG A 520 -4.61 -12.32 18.88
N ASN A 521 -4.15 -11.06 18.73
CA ASN A 521 -3.68 -10.18 19.81
C ASN A 521 -4.34 -10.31 21.19
N GLN A 522 -3.55 -10.55 22.24
CA GLN A 522 -3.98 -10.73 23.63
C GLN A 522 -4.82 -11.97 23.95
N LEU A 523 -5.36 -12.69 22.95
CA LEU A 523 -6.29 -13.80 23.12
C LEU A 523 -5.73 -14.96 23.94
N THR A 524 -4.45 -15.36 23.72
CA THR A 524 -3.79 -16.41 24.49
C THR A 524 -3.68 -16.10 25.98
N ALA A 525 -3.28 -14.87 26.34
CA ALA A 525 -3.26 -14.41 27.71
C ALA A 525 -4.65 -14.32 28.33
N MET A 526 -5.62 -13.73 27.60
CA MET A 526 -7.00 -13.61 28.05
C MET A 526 -7.68 -14.95 28.28
N SER A 527 -7.56 -15.91 27.35
CA SER A 527 -8.08 -17.26 27.53
C SER A 527 -7.40 -18.05 28.61
N SER A 528 -6.06 -17.92 28.76
CA SER A 528 -5.36 -18.55 29.87
C SER A 528 -5.81 -18.02 31.23
N VAL A 529 -5.96 -16.69 31.40
CA VAL A 529 -6.50 -16.13 32.63
C VAL A 529 -7.99 -16.45 32.85
N LEU A 530 -8.86 -16.27 31.84
CA LEU A 530 -10.30 -16.46 31.98
C LEU A 530 -10.72 -17.88 32.31
N ALA A 531 -10.15 -18.90 31.62
CA ALA A 531 -10.48 -20.29 31.91
C ALA A 531 -10.09 -20.72 33.33
N LYS A 532 -8.88 -20.35 33.77
CA LYS A 532 -8.42 -20.60 35.14
C LYS A 532 -9.24 -19.84 36.18
N ALA A 533 -9.60 -18.57 35.92
CA ALA A 533 -10.49 -17.81 36.77
C ALA A 533 -11.89 -18.39 36.87
N LEU A 534 -12.51 -18.81 35.75
CA LEU A 534 -13.82 -19.43 35.73
C LEU A 534 -13.89 -20.74 36.52
N GLU A 535 -12.87 -21.60 36.35
CA GLU A 535 -12.69 -22.85 37.07
C GLU A 535 -12.57 -22.67 38.58
N VAL A 536 -11.78 -21.67 39.04
CA VAL A 536 -11.68 -21.33 40.45
C VAL A 536 -12.90 -20.61 41.02
N ILE A 537 -13.43 -19.56 40.34
CA ILE A 537 -14.56 -18.77 40.81
C ILE A 537 -15.86 -19.55 40.89
N LYS A 538 -16.13 -20.46 39.93
CA LYS A 538 -17.40 -21.16 39.95
C LYS A 538 -17.66 -22.07 41.17
N PRO A 539 -16.72 -22.86 41.75
CA PRO A 539 -17.13 -23.72 42.86
C PRO A 539 -16.02 -23.94 43.89
N ALA A 540 -14.89 -23.19 43.87
CA ALA A 540 -13.73 -23.59 44.66
C ALA A 540 -13.76 -23.12 46.12
N HIS A 541 -13.73 -24.08 47.06
CA HIS A 541 -13.84 -23.84 48.50
C HIS A 541 -12.74 -22.95 49.07
N ILE A 542 -11.49 -23.09 48.59
CA ILE A 542 -10.37 -22.22 48.94
C ILE A 542 -10.63 -20.76 48.58
N LEU A 543 -11.27 -20.49 47.42
CA LEU A 543 -11.70 -19.15 47.06
C LEU A 543 -12.84 -18.62 47.94
N GLN A 544 -13.81 -19.48 48.31
CA GLN A 544 -14.87 -19.14 49.26
C GLN A 544 -14.32 -18.77 50.64
N GLU A 545 -13.36 -19.56 51.15
CA GLU A 545 -12.64 -19.36 52.39
C GLU A 545 -11.87 -18.03 52.42
N LYS A 546 -11.16 -17.72 51.31
CA LYS A 546 -10.54 -16.42 51.05
C LYS A 546 -11.55 -15.30 51.10
N GLU A 547 -12.73 -15.48 50.50
CA GLU A 547 -13.78 -14.48 50.50
C GLU A 547 -14.39 -14.22 51.86
N GLU A 548 -14.64 -15.26 52.66
CA GLU A 548 -15.12 -15.13 54.03
C GLU A 548 -14.12 -14.38 54.93
N GLN A 549 -12.82 -14.69 54.81
CA GLN A 549 -11.74 -13.90 55.40
C GLN A 549 -11.70 -12.45 54.90
N HIS A 550 -11.86 -12.22 53.59
CA HIS A 550 -11.94 -10.89 53.01
C HIS A 550 -13.15 -10.08 53.48
N GLN A 551 -14.34 -10.70 53.54
CA GLN A 551 -15.57 -10.12 54.06
C GLN A 551 -15.45 -9.71 55.53
N LEU A 552 -14.79 -10.53 56.36
CA LEU A 552 -14.41 -10.17 57.72
C LEU A 552 -13.51 -8.94 57.79
N ALA A 553 -12.47 -8.86 56.93
CA ALA A 553 -11.62 -7.69 56.80
C ALA A 553 -12.36 -6.42 56.33
N VAL A 554 -13.29 -6.55 55.35
CA VAL A 554 -14.17 -5.47 54.91
C VAL A 554 -15.07 -4.98 56.05
N THR A 555 -15.70 -5.90 56.81
CA THR A 555 -16.48 -5.57 58.00
C THR A 555 -15.67 -4.92 59.10
N ALA A 556 -14.42 -5.38 59.34
CA ALA A 556 -13.50 -4.72 60.24
C ALA A 556 -13.15 -3.29 59.84
N TYR A 557 -12.90 -3.04 58.54
CA TYR A 557 -12.77 -1.69 57.99
C TYR A 557 -14.06 -0.88 58.14
N LEU A 558 -15.22 -1.43 57.74
CA LEU A 558 -16.52 -0.78 57.74
C LEU A 558 -17.01 -0.38 59.14
N LYS A 559 -16.81 -1.28 60.13
CA LYS A 559 -17.13 -1.04 61.52
C LYS A 559 -16.29 0.07 62.16
N ASN A 560 -15.01 0.20 61.75
CA ASN A 560 -14.23 1.40 62.04
C ASN A 560 -14.65 2.62 61.22
N SER A 561 -14.98 2.44 59.93
CA SER A 561 -15.36 3.48 58.99
C SER A 561 -16.59 4.26 59.42
N ARG A 562 -17.63 3.62 59.99
CA ARG A 562 -18.77 4.34 60.53
C ARG A 562 -18.42 5.33 61.65
N LYS A 563 -17.42 5.01 62.50
CA LYS A 563 -16.89 5.94 63.49
C LYS A 563 -16.25 7.17 62.86
N GLU A 564 -15.41 6.96 61.82
CA GLU A 564 -14.84 8.03 61.04
C GLU A 564 -15.86 8.81 60.23
N HIS A 565 -16.92 8.20 59.66
CA HIS A 565 -17.99 8.92 58.99
C HIS A 565 -18.68 9.95 59.88
N GLN A 566 -18.94 9.62 61.15
CA GLN A 566 -19.46 10.53 62.16
C GLN A 566 -18.53 11.73 62.42
N ARG A 567 -17.22 11.46 62.58
CA ARG A 567 -16.22 12.49 62.74
C ARG A 567 -15.98 13.32 61.49
N ILE A 568 -15.92 12.67 60.31
CA ILE A 568 -15.81 13.28 59.00
C ILE A 568 -17.00 14.14 58.68
N LEU A 569 -18.23 13.82 59.14
CA LEU A 569 -19.36 14.72 59.01
C LEU A 569 -19.12 16.09 59.64
N ALA A 570 -18.64 16.14 60.90
CA ALA A 570 -18.27 17.37 61.56
C ALA A 570 -17.10 18.11 60.91
N ARG A 571 -16.04 17.36 60.50
CA ARG A 571 -14.93 17.93 59.75
C ARG A 571 -15.36 18.49 58.40
N ARG A 572 -16.14 17.72 57.62
CA ARG A 572 -16.59 18.07 56.29
C ARG A 572 -17.63 19.18 56.26
N GLN A 573 -18.59 19.24 57.21
CA GLN A 573 -19.54 20.35 57.35
C GLN A 573 -18.82 21.67 57.63
N THR A 574 -17.82 21.64 58.54
CA THR A 574 -16.93 22.76 58.83
C THR A 574 -16.10 23.18 57.63
N ILE A 575 -15.56 22.20 56.88
CA ILE A 575 -14.87 22.46 55.61
C ILE A 575 -15.80 22.99 54.54
N GLU A 576 -17.00 22.42 54.32
CA GLU A 576 -17.95 22.80 53.27
C GLU A 576 -18.42 24.25 53.37
N GLU A 577 -18.81 24.69 54.58
CA GLU A 577 -19.17 26.06 54.89
C GLU A 577 -18.04 27.07 54.65
N ARG A 578 -16.80 26.71 55.01
CA ARG A 578 -15.70 27.65 54.96
C ARG A 578 -14.92 27.53 53.65
N LYS A 579 -15.08 26.42 52.91
CA LYS A 579 -14.70 26.26 51.52
C LYS A 579 -15.53 27.13 50.61
N GLU A 580 -16.86 27.18 50.82
CA GLU A 580 -17.80 28.09 50.16
C GLU A 580 -17.28 29.53 50.23
N ARG A 581 -17.00 30.01 51.44
CA ARG A 581 -16.52 31.36 51.65
C ARG A 581 -15.07 31.61 51.25
N LEU A 582 -14.10 30.74 51.58
CA LEU A 582 -12.71 30.97 51.19
C LEU A 582 -12.44 30.90 49.69
N GLU A 583 -12.98 29.89 48.97
CA GLU A 583 -12.79 29.80 47.54
C GLU A 583 -13.51 30.93 46.79
N SER A 584 -14.76 31.27 47.18
CA SER A 584 -15.50 32.39 46.59
C SER A 584 -14.84 33.75 46.79
N LEU A 585 -14.29 34.03 47.99
CA LEU A 585 -13.49 35.22 48.27
C LEU A 585 -12.26 35.35 47.38
N ASN A 586 -11.55 34.25 47.10
CA ASN A 586 -10.51 34.24 46.08
C ASN A 586 -11.06 34.40 44.66
N ILE A 587 -12.16 33.73 44.30
CA ILE A 587 -12.79 33.86 42.98
C ILE A 587 -13.24 35.29 42.63
N GLN A 588 -13.52 36.15 43.64
CA GLN A 588 -13.57 37.59 43.47
C GLN A 588 -12.25 38.23 43.05
N ARG A 589 -11.12 37.90 43.71
CA ARG A 589 -9.79 38.47 43.51
C ARG A 589 -9.22 38.24 42.12
N GLU A 590 -9.38 37.01 41.59
CA GLU A 590 -8.97 36.67 40.24
C GLU A 590 -9.76 37.42 39.15
N LYS A 591 -10.80 38.18 39.53
CA LYS A 591 -11.48 39.14 38.66
C LYS A 591 -11.10 40.57 39.00
N GLU A 592 -11.10 40.92 40.31
CA GLU A 592 -10.74 42.21 40.88
C GLU A 592 -9.36 42.68 40.43
N GLU A 593 -8.38 41.75 40.38
CA GLU A 593 -7.04 42.07 39.95
C GLU A 593 -6.94 42.50 38.48
N LEU A 594 -7.87 42.08 37.58
CA LEU A 594 -7.90 42.61 36.22
C LEU A 594 -8.22 44.10 36.18
N GLU A 595 -9.25 44.54 36.93
CA GLU A 595 -9.60 45.93 37.14
C GLU A 595 -8.49 46.69 37.86
N GLN A 596 -7.89 46.08 38.89
CA GLN A 596 -6.74 46.61 39.62
C GLN A 596 -5.50 46.82 38.75
N ARG A 597 -5.16 45.86 37.85
CA ARG A 597 -4.11 45.99 36.85
C ARG A 597 -4.32 47.16 35.90
N GLU A 598 -5.55 47.36 35.37
CA GLU A 598 -5.82 48.52 34.54
C GLU A 598 -5.72 49.84 35.30
N ALA A 599 -6.31 49.91 36.51
CA ALA A 599 -6.26 51.08 37.36
C ALA A 599 -4.84 51.48 37.78
N GLU A 600 -3.98 50.50 38.10
CA GLU A 600 -2.57 50.71 38.32
C GLU A 600 -1.80 51.15 37.06
N LEU A 601 -2.09 50.54 35.90
CA LEU A 601 -1.45 50.87 34.64
C LEU A 601 -1.89 52.23 34.06
N GLN A 602 -3.00 52.77 34.58
CA GLN A 602 -3.55 54.08 34.27
C GLN A 602 -3.01 55.15 35.22
N LYS A 603 -2.15 54.76 36.17
CA LYS A 603 -1.56 55.64 37.17
C LYS A 603 -0.04 55.77 37.00
N VAL A 604 0.52 55.09 35.97
CA VAL A 604 1.96 55.02 35.73
C VAL A 604 2.19 55.19 34.23
N ARG A 605 1.61 56.26 33.66
CA ARG A 605 1.73 56.64 32.26
C ARG A 605 1.49 58.17 32.17
N LYS A 606 1.23 58.80 33.23
N LYS B 250 -25.35 49.66 -79.67
CA LYS B 250 -25.47 49.43 -78.16
C LYS B 250 -24.19 48.89 -77.59
N GLY B 251 -23.47 48.04 -78.35
CA GLY B 251 -22.01 48.17 -78.42
C GLY B 251 -21.66 49.39 -79.24
N THR B 252 -20.57 49.35 -80.00
CA THR B 252 -20.41 50.31 -81.08
C THR B 252 -19.97 49.52 -82.26
N GLU B 253 -20.75 49.64 -83.33
CA GLU B 253 -20.79 48.74 -84.43
C GLU B 253 -19.64 48.95 -85.47
N ILE B 254 -18.37 48.96 -84.98
CA ILE B 254 -17.11 49.08 -85.73
C ILE B 254 -16.08 48.09 -85.17
N THR B 255 -14.98 47.80 -85.91
CA THR B 255 -14.02 46.75 -85.56
C THR B 255 -13.04 47.09 -84.44
N HIS B 256 -12.56 46.05 -83.70
CA HIS B 256 -11.33 46.03 -82.93
C HIS B 256 -11.09 47.11 -81.88
N ALA B 257 -10.64 48.30 -82.32
CA ALA B 257 -10.13 49.39 -81.53
C ALA B 257 -11.14 49.93 -80.52
N VAL B 258 -12.43 49.94 -80.87
CA VAL B 258 -13.50 50.31 -79.95
C VAL B 258 -13.63 49.37 -78.75
N VAL B 259 -13.48 48.04 -78.94
CA VAL B 259 -13.51 47.04 -77.88
C VAL B 259 -12.34 47.21 -76.92
N ILE B 260 -11.14 47.47 -77.46
CA ILE B 260 -9.95 47.80 -76.69
C ILE B 260 -10.11 49.09 -75.89
N LYS B 261 -10.71 50.14 -76.48
CA LYS B 261 -11.08 51.35 -75.76
C LYS B 261 -12.11 51.10 -74.64
N LYS B 262 -13.17 50.31 -74.89
CA LYS B 262 -14.12 49.94 -73.86
C LYS B 262 -13.58 49.06 -72.75
N LEU B 263 -12.62 48.16 -73.03
CA LEU B 263 -11.90 47.46 -71.96
C LEU B 263 -11.12 48.41 -71.06
N ASN B 264 -10.43 49.41 -71.63
CA ASN B 264 -9.81 50.50 -70.87
C ASN B 264 -10.82 51.36 -70.11
N GLU B 265 -11.97 51.68 -70.72
CA GLU B 265 -13.10 52.37 -70.11
C GLU B 265 -13.65 51.64 -68.89
N ILE B 266 -13.86 50.31 -69.00
CA ILE B 266 -14.25 49.44 -67.89
C ILE B 266 -13.21 49.38 -66.78
N LEU B 267 -11.91 49.22 -67.09
CA LEU B 267 -10.85 49.28 -66.09
C LEU B 267 -10.77 50.63 -65.39
N GLN B 268 -10.85 51.73 -66.15
CA GLN B 268 -10.92 53.07 -65.60
C GLN B 268 -12.14 53.35 -64.75
N ALA B 269 -13.34 52.91 -65.18
CA ALA B 269 -14.57 53.01 -64.43
C ALA B 269 -14.57 52.15 -63.16
N ARG B 270 -14.00 50.94 -63.20
CA ARG B 270 -13.92 50.03 -62.06
C ARG B 270 -13.19 50.62 -60.85
N GLY B 271 -12.11 51.38 -61.08
CA GLY B 271 -11.36 52.04 -60.00
C GLY B 271 -12.03 53.26 -59.43
N LYS B 272 -13.20 53.66 -59.96
CA LYS B 272 -14.03 54.69 -59.39
C LYS B 272 -15.04 54.03 -58.46
N LYS B 273 -15.31 54.65 -57.29
CA LYS B 273 -15.94 53.94 -56.17
C LYS B 273 -17.39 53.49 -56.35
N GLY B 274 -18.29 54.35 -56.86
CA GLY B 274 -19.73 54.02 -56.91
C GLY B 274 -20.21 53.26 -58.12
N THR B 275 -19.36 53.16 -59.15
CA THR B 275 -19.56 52.52 -60.46
C THR B 275 -20.44 51.29 -60.55
N ASP B 276 -21.32 51.24 -61.57
CA ASP B 276 -22.22 50.16 -61.93
C ASP B 276 -21.56 48.83 -62.32
N ARG B 277 -20.95 48.11 -61.37
CA ARG B 277 -20.18 46.90 -61.61
C ARG B 277 -20.96 45.79 -62.31
N ALA B 278 -22.26 45.64 -61.99
CA ALA B 278 -23.18 44.76 -62.70
C ALA B 278 -23.35 45.07 -64.18
N ALA B 279 -23.48 46.36 -64.56
CA ALA B 279 -23.53 46.81 -65.94
C ALA B 279 -22.21 46.57 -66.68
N GLN B 280 -21.07 46.76 -66.00
CA GLN B 280 -19.76 46.39 -66.54
C GLN B 280 -19.65 44.91 -66.86
N ILE B 281 -20.17 44.03 -65.98
CA ILE B 281 -20.28 42.59 -66.24
C ILE B 281 -21.20 42.27 -67.42
N GLU B 282 -22.36 42.96 -67.57
CA GLU B 282 -23.21 42.86 -68.75
C GLU B 282 -22.48 43.24 -70.04
N LEU B 283 -21.79 44.39 -70.03
CA LEU B 283 -21.00 44.87 -71.15
C LEU B 283 -19.84 43.95 -71.53
N LEU B 284 -19.08 43.40 -70.55
CA LEU B 284 -18.05 42.40 -70.83
C LEU B 284 -18.60 41.12 -71.48
N GLN B 285 -19.76 40.62 -71.03
CA GLN B 285 -20.45 39.52 -71.67
C GLN B 285 -20.91 39.82 -73.10
N LEU B 286 -21.46 41.02 -73.36
CA LEU B 286 -21.79 41.47 -74.71
C LEU B 286 -20.59 41.70 -75.62
N LEU B 287 -19.45 42.20 -75.09
CA LEU B 287 -18.21 42.27 -75.84
C LEU B 287 -17.65 40.90 -76.23
N VAL B 288 -17.83 39.85 -75.41
CA VAL B 288 -17.62 38.47 -75.82
C VAL B 288 -18.58 38.02 -76.94
N GLN B 289 -19.88 38.38 -76.83
CA GLN B 289 -20.91 38.06 -77.81
C GLN B 289 -20.71 38.65 -79.21
N ILE B 290 -20.22 39.91 -79.31
CA ILE B 290 -20.06 40.59 -80.59
C ILE B 290 -18.76 40.25 -81.34
N ALA B 291 -17.76 39.67 -80.65
CA ALA B 291 -16.50 39.27 -81.23
C ALA B 291 -16.63 38.15 -82.27
N SER B 292 -15.82 38.17 -83.36
CA SER B 292 -16.05 37.21 -84.43
C SER B 292 -14.78 36.75 -85.13
N GLU B 293 -13.71 37.56 -85.07
CA GLU B 293 -12.48 37.31 -85.78
C GLU B 293 -11.52 36.38 -85.01
N ASN B 294 -10.98 35.33 -85.66
CA ASN B 294 -9.97 34.45 -85.06
C ASN B 294 -8.69 35.17 -84.67
N ASN B 295 -7.97 34.66 -83.63
CA ASN B 295 -6.78 35.26 -83.07
C ASN B 295 -7.14 36.50 -82.26
N LEU B 296 -7.50 37.61 -82.93
CA LEU B 296 -7.84 38.87 -82.30
C LEU B 296 -9.10 38.85 -81.44
N GLY B 297 -10.24 38.36 -81.96
CA GLY B 297 -11.52 38.38 -81.26
C GLY B 297 -11.55 37.32 -80.21
N GLU B 298 -10.98 36.16 -80.54
CA GLU B 298 -10.68 35.08 -79.63
C GLU B 298 -9.80 35.50 -78.45
N GLY B 299 -8.70 36.21 -78.73
CA GLY B 299 -7.81 36.75 -77.71
C GLY B 299 -8.36 37.88 -76.92
N VAL B 300 -9.22 38.72 -77.53
CA VAL B 300 -10.06 39.70 -76.86
C VAL B 300 -11.05 39.02 -75.92
N ILE B 301 -11.71 37.91 -76.31
CA ILE B 301 -12.53 37.09 -75.42
C ILE B 301 -11.72 36.55 -74.24
N VAL B 302 -10.50 36.01 -74.44
CA VAL B 302 -9.63 35.60 -73.34
C VAL B 302 -9.24 36.75 -72.41
N LYS B 303 -8.84 37.92 -72.97
CA LYS B 303 -8.50 39.13 -72.23
C LYS B 303 -9.70 39.72 -71.46
N ILE B 304 -10.91 39.66 -72.02
CA ILE B 304 -12.18 39.95 -71.35
C ILE B 304 -12.55 38.93 -70.27
N LYS B 305 -12.48 37.60 -70.54
CA LYS B 305 -12.83 36.54 -69.59
C LYS B 305 -11.96 36.54 -68.35
N PHE B 306 -10.67 36.86 -68.51
CA PHE B 306 -9.71 37.18 -67.46
C PHE B 306 -10.22 38.31 -66.54
N ASN B 307 -10.76 39.39 -67.13
CA ASN B 307 -11.35 40.48 -66.38
C ASN B 307 -12.75 40.20 -65.85
N ILE B 308 -13.54 39.27 -66.43
CA ILE B 308 -14.82 38.84 -65.87
C ILE B 308 -14.67 38.21 -64.50
N ILE B 309 -13.68 37.32 -64.30
CA ILE B 309 -13.36 36.74 -63.00
C ILE B 309 -12.91 37.80 -62.00
N ALA B 310 -12.05 38.74 -62.43
CA ALA B 310 -11.64 39.88 -61.61
C ALA B 310 -12.79 40.80 -61.21
N SER B 311 -13.69 41.15 -62.15
CA SER B 311 -14.91 41.92 -61.91
C SER B 311 -15.90 41.22 -60.99
N LEU B 312 -16.11 39.89 -61.12
CA LEU B 312 -16.93 39.14 -60.18
C LEU B 312 -16.39 39.13 -58.75
N TYR B 313 -15.05 38.99 -58.58
CA TYR B 313 -14.38 39.18 -57.29
C TYR B 313 -14.53 40.61 -56.76
N ASP B 314 -14.39 41.64 -57.61
CA ASP B 314 -14.61 43.04 -57.28
C ASP B 314 -16.04 43.37 -56.84
N TYR B 315 -17.04 42.83 -57.55
CA TYR B 315 -18.45 43.07 -57.36
C TYR B 315 -19.00 42.63 -56.01
N ASN B 316 -18.68 41.42 -55.53
CA ASN B 316 -19.26 40.88 -54.30
C ASN B 316 -18.94 41.68 -53.03
N PRO B 317 -17.73 42.17 -52.71
CA PRO B 317 -17.50 43.01 -51.53
C PRO B 317 -18.23 44.36 -51.52
N ASN B 318 -18.93 44.76 -52.59
CA ASN B 318 -19.77 45.94 -52.58
C ASN B 318 -21.04 45.71 -51.75
N LEU B 319 -21.49 44.44 -51.61
CA LEU B 319 -22.56 44.07 -50.69
C LEU B 319 -22.58 42.57 -50.43
N ALA B 320 -21.58 42.10 -49.64
CA ALA B 320 -21.54 40.78 -49.01
C ALA B 320 -21.16 39.58 -49.90
N THR B 321 -20.57 38.49 -49.32
CA THR B 321 -20.24 38.21 -47.92
C THR B 321 -18.75 38.12 -47.64
N TYR B 322 -17.90 37.14 -48.02
CA TYR B 322 -17.82 36.07 -49.03
C TYR B 322 -18.76 35.93 -50.22
N MET B 323 -18.18 35.76 -51.43
CA MET B 323 -18.85 35.57 -52.69
C MET B 323 -20.13 34.73 -52.67
N LYS B 324 -21.21 35.30 -53.23
CA LYS B 324 -22.52 34.67 -53.28
C LYS B 324 -22.46 33.32 -54.04
N PRO B 325 -23.04 32.20 -53.60
CA PRO B 325 -22.82 30.91 -54.27
C PRO B 325 -23.22 30.85 -55.72
N GLU B 326 -24.26 31.60 -56.13
CA GLU B 326 -24.65 31.80 -57.51
C GLU B 326 -23.55 32.45 -58.37
N MET B 327 -22.88 33.50 -57.84
CA MET B 327 -21.72 34.13 -58.45
C MET B 327 -20.53 33.18 -58.48
N TRP B 328 -20.28 32.43 -57.40
CA TRP B 328 -19.21 31.44 -57.33
C TRP B 328 -19.35 30.30 -58.33
N GLN B 329 -20.56 29.73 -58.49
CA GLN B 329 -20.84 28.73 -59.52
C GLN B 329 -20.68 29.28 -60.94
N LYS B 330 -21.10 30.53 -61.19
CA LYS B 330 -20.80 31.23 -62.44
C LYS B 330 -19.31 31.47 -62.67
N CYS B 331 -18.51 31.80 -61.63
CA CYS B 331 -17.05 31.79 -61.71
C CYS B 331 -16.48 30.41 -62.05
N LEU B 332 -17.00 29.32 -61.45
CA LEU B 332 -16.59 27.95 -61.70
C LEU B 332 -16.80 27.50 -63.15
N ASP B 333 -17.97 27.82 -63.74
CA ASP B 333 -18.27 27.65 -65.14
C ASP B 333 -17.33 28.46 -66.05
N CYS B 334 -17.21 29.78 -65.77
CA CYS B 334 -16.37 30.71 -66.52
C CYS B 334 -14.89 30.37 -66.49
N ILE B 335 -14.34 29.92 -65.34
CA ILE B 335 -13.00 29.39 -65.22
C ILE B 335 -12.79 28.14 -66.06
N ASN B 336 -13.74 27.17 -66.08
CA ASN B 336 -13.62 25.99 -66.93
C ASN B 336 -13.63 26.31 -68.42
N GLU B 337 -14.57 27.15 -68.90
CA GLU B 337 -14.60 27.59 -70.29
C GLU B 337 -13.34 28.36 -70.69
N LEU B 338 -12.84 29.26 -69.82
CA LEU B 338 -11.55 29.92 -70.01
C LEU B 338 -10.38 28.93 -70.10
N MET B 339 -10.33 27.90 -69.23
CA MET B 339 -9.37 26.82 -69.36
C MET B 339 -9.52 25.98 -70.65
N ASP B 340 -10.74 25.66 -71.10
CA ASP B 340 -10.97 25.02 -72.39
C ASP B 340 -10.51 25.85 -73.58
N ILE B 341 -10.78 27.18 -73.59
CA ILE B 341 -10.23 28.09 -74.59
C ILE B 341 -8.70 28.14 -74.54
N LEU B 342 -8.10 28.23 -73.34
CA LEU B 342 -6.66 28.18 -73.17
C LEU B 342 -6.02 26.87 -73.64
N PHE B 343 -6.63 25.70 -73.34
CA PHE B 343 -6.21 24.40 -73.86
C PHE B 343 -6.32 24.26 -75.38
N ALA B 344 -7.37 24.82 -76.01
CA ALA B 344 -7.49 24.89 -77.45
C ALA B 344 -6.45 25.78 -78.15
N ASN B 345 -6.16 26.95 -77.56
CA ASN B 345 -5.26 28.00 -78.05
C ASN B 345 -3.73 27.76 -78.19
N PRO B 346 -2.95 27.14 -77.28
CA PRO B 346 -1.49 27.28 -77.18
C PRO B 346 -0.74 28.49 -77.73
N ASN B 347 -1.07 29.69 -77.25
CA ASN B 347 -0.36 30.95 -77.40
C ASN B 347 -0.71 31.76 -78.64
N ILE B 348 -1.81 31.45 -79.33
CA ILE B 348 -2.44 32.37 -80.28
C ILE B 348 -2.92 33.63 -79.53
N PHE B 349 -2.67 34.83 -80.10
CA PHE B 349 -2.90 36.14 -79.52
C PHE B 349 -1.78 36.57 -78.56
N VAL B 350 -0.83 35.68 -78.21
CA VAL B 350 0.32 36.10 -77.40
C VAL B 350 1.28 36.92 -78.24
N GLY B 351 1.28 36.71 -79.58
CA GLY B 351 2.16 37.35 -80.53
C GLY B 351 3.43 36.58 -80.74
N GLU B 352 4.32 36.60 -79.71
CA GLU B 352 5.67 36.03 -79.66
C GLU B 352 6.47 36.25 -80.96
N ASN B 353 6.27 37.46 -81.55
CA ASN B 353 6.74 37.96 -82.84
C ASN B 353 6.59 37.03 -84.04
N ILE B 354 5.43 36.34 -84.17
CA ILE B 354 5.07 35.63 -85.39
C ILE B 354 3.93 36.36 -86.09
N LEU B 355 3.00 36.96 -85.32
CA LEU B 355 1.95 37.80 -85.84
C LEU B 355 1.79 38.93 -84.85
N GLU B 356 1.58 40.17 -85.34
CA GLU B 356 1.53 41.33 -84.46
C GLU B 356 0.34 42.22 -84.74
N GLU B 357 -0.15 42.27 -86.00
CA GLU B 357 -1.38 42.96 -86.34
C GLU B 357 -2.54 41.97 -86.49
N SER B 358 -3.49 41.85 -85.55
CA SER B 358 -3.51 42.45 -84.21
C SER B 358 -3.44 41.32 -83.21
N GLU B 359 -2.32 41.23 -82.49
CA GLU B 359 -2.06 40.25 -81.46
C GLU B 359 -1.33 40.98 -80.35
N ASN B 360 -0.94 40.25 -79.29
CA ASN B 360 0.04 40.59 -78.27
C ASN B 360 -0.49 40.53 -76.84
N LEU B 361 -0.02 39.51 -76.10
CA LEU B 361 -0.04 39.46 -74.65
C LEU B 361 1.36 39.66 -74.11
N GLN B 362 2.38 39.79 -74.99
CA GLN B 362 3.73 40.15 -74.58
C GLN B 362 3.93 41.66 -74.41
N ASN B 363 3.02 42.49 -74.96
CA ASN B 363 3.06 43.94 -74.85
C ASN B 363 1.84 44.38 -74.06
N VAL B 364 2.05 45.27 -73.08
CA VAL B 364 1.15 45.56 -71.98
C VAL B 364 0.83 44.32 -71.11
N ASP B 365 1.79 43.49 -70.62
CA ASP B 365 3.21 43.28 -70.96
C ASP B 365 3.55 41.92 -70.42
N GLN B 366 4.66 41.35 -70.92
CA GLN B 366 5.41 40.26 -70.32
C GLN B 366 4.64 38.94 -70.37
N PRO B 367 4.77 38.06 -71.37
CA PRO B 367 3.77 37.02 -71.64
C PRO B 367 3.70 35.99 -70.53
N LEU B 368 4.85 35.66 -69.90
CA LEU B 368 4.93 34.81 -68.74
C LEU B 368 4.17 35.35 -67.52
N ARG B 369 4.19 36.68 -67.30
CA ARG B 369 3.40 37.35 -66.27
C ARG B 369 1.91 37.19 -66.52
N VAL B 370 1.47 37.35 -67.78
CA VAL B 370 0.08 37.11 -68.19
C VAL B 370 -0.33 35.65 -68.01
N ARG B 371 0.53 34.69 -68.42
CA ARG B 371 0.32 33.26 -68.17
C ARG B 371 0.24 32.92 -66.68
N GLY B 372 1.11 33.51 -65.83
CA GLY B 372 1.06 33.39 -64.37
C GLY B 372 -0.14 34.03 -63.68
N CYS B 373 -0.69 35.13 -64.22
CA CYS B 373 -1.89 35.77 -63.69
C CYS B 373 -3.13 34.91 -63.76
N ILE B 374 -3.21 33.96 -64.71
CA ILE B 374 -4.32 33.02 -64.85
C ILE B 374 -4.50 32.13 -63.62
N LEU B 375 -3.40 31.64 -63.01
CA LEU B 375 -3.43 30.95 -61.73
C LEU B 375 -3.94 31.83 -60.60
N THR B 376 -3.55 33.10 -60.61
CA THR B 376 -3.95 34.09 -59.62
C THR B 376 -5.43 34.48 -59.73
N LEU B 377 -6.06 34.33 -60.92
CA LEU B 377 -7.52 34.35 -61.05
C LEU B 377 -8.22 33.15 -60.43
N VAL B 378 -7.70 31.92 -60.67
CA VAL B 378 -8.20 30.68 -60.04
C VAL B 378 -8.10 30.75 -58.53
N GLU B 379 -6.99 31.34 -58.03
CA GLU B 379 -6.76 31.65 -56.63
C GLU B 379 -7.85 32.48 -55.95
N ARG B 380 -8.57 33.34 -56.68
CA ARG B 380 -9.70 34.06 -56.10
C ARG B 380 -10.94 33.19 -55.92
N MET B 381 -11.10 32.14 -56.73
CA MET B 381 -12.09 31.12 -56.52
C MET B 381 -11.73 30.18 -55.37
N ASP B 382 -10.42 29.85 -55.25
CA ASP B 382 -9.71 29.11 -54.20
C ASP B 382 -9.94 29.77 -52.82
N GLU B 383 -9.73 31.11 -52.74
CA GLU B 383 -10.10 31.96 -51.63
C GLU B 383 -11.56 31.87 -51.20
N GLU B 384 -12.50 32.19 -52.10
CA GLU B 384 -13.91 32.28 -51.80
C GLU B 384 -14.55 30.97 -51.39
N PHE B 385 -14.14 29.86 -52.02
CA PHE B 385 -14.58 28.53 -51.66
C PHE B 385 -14.22 28.15 -50.22
N THR B 386 -12.97 28.47 -49.82
CA THR B 386 -12.50 28.32 -48.45
C THR B 386 -13.30 29.18 -47.48
N LYS B 387 -13.59 30.44 -47.84
CA LYS B 387 -14.43 31.32 -47.04
C LYS B 387 -15.87 30.82 -46.87
N ILE B 388 -16.52 30.28 -47.92
CA ILE B 388 -17.85 29.66 -47.82
C ILE B 388 -17.86 28.48 -46.85
N MET B 389 -16.91 27.54 -46.98
CA MET B 389 -16.90 26.35 -46.13
C MET B 389 -16.38 26.59 -44.72
N GLN B 390 -15.74 27.74 -44.47
CA GLN B 390 -15.53 28.22 -43.12
C GLN B 390 -16.78 28.78 -42.43
N ASN B 391 -17.68 29.47 -43.16
CA ASN B 391 -18.75 30.25 -42.54
C ASN B 391 -20.14 29.61 -42.63
N THR B 392 -20.40 28.64 -43.53
CA THR B 392 -21.64 27.84 -43.50
C THR B 392 -21.71 26.94 -42.27
N ASP B 393 -22.90 26.74 -41.66
CA ASP B 393 -23.11 25.95 -40.46
C ASP B 393 -22.56 24.50 -40.48
N PRO B 394 -21.99 23.97 -39.39
CA PRO B 394 -21.41 22.61 -39.37
C PRO B 394 -22.33 21.47 -39.72
N HIS B 395 -23.63 21.59 -39.41
CA HIS B 395 -24.60 20.51 -39.51
C HIS B 395 -25.67 20.82 -40.55
N SER B 396 -25.44 21.80 -41.44
CA SER B 396 -26.40 22.11 -42.48
C SER B 396 -26.28 21.21 -43.70
N GLN B 397 -27.39 21.02 -44.42
CA GLN B 397 -27.42 20.26 -45.66
C GLN B 397 -26.64 20.98 -46.78
N GLU B 398 -26.57 22.33 -46.71
CA GLU B 398 -25.72 23.18 -47.54
C GLU B 398 -24.24 22.84 -47.40
N TYR B 399 -23.77 22.54 -46.17
CA TYR B 399 -22.40 22.12 -45.90
C TYR B 399 -22.05 20.81 -46.61
N VAL B 400 -22.96 19.83 -46.59
CA VAL B 400 -22.83 18.58 -47.32
C VAL B 400 -22.79 18.79 -48.84
N GLU B 401 -23.69 19.63 -49.37
CA GLU B 401 -23.77 19.98 -50.78
C GLU B 401 -22.53 20.70 -51.31
N HIS B 402 -22.01 21.70 -50.58
CA HIS B 402 -20.83 22.45 -51.02
C HIS B 402 -19.53 21.67 -50.94
N LEU B 403 -19.50 20.55 -50.20
CA LEU B 403 -18.38 19.64 -50.21
C LEU B 403 -18.18 18.96 -51.57
N LYS B 404 -19.25 18.78 -52.37
CA LYS B 404 -19.25 18.22 -53.72
C LYS B 404 -18.39 19.04 -54.69
N ASP B 405 -18.38 20.39 -54.54
CA ASP B 405 -17.64 21.32 -55.36
C ASP B 405 -16.12 21.21 -55.22
N GLU B 406 -15.59 20.62 -54.12
CA GLU B 406 -14.15 20.48 -53.91
C GLU B 406 -13.45 19.65 -54.99
N ALA B 407 -14.10 18.58 -55.45
CA ALA B 407 -13.66 17.81 -56.61
C ALA B 407 -13.58 18.64 -57.90
N GLN B 408 -14.56 19.54 -58.12
CA GLN B 408 -14.58 20.47 -59.24
C GLN B 408 -13.44 21.48 -59.19
N VAL B 409 -13.13 22.02 -57.99
CA VAL B 409 -11.96 22.88 -57.76
C VAL B 409 -10.64 22.14 -58.00
N CYS B 410 -10.49 20.92 -57.44
CA CYS B 410 -9.30 20.10 -57.60
C CYS B 410 -9.03 19.71 -59.05
N ALA B 411 -10.09 19.41 -59.82
CA ALA B 411 -10.02 19.19 -61.25
C ALA B 411 -9.48 20.39 -62.03
N ILE B 412 -9.87 21.63 -61.66
CA ILE B 412 -9.30 22.85 -62.21
C ILE B 412 -7.82 23.00 -61.89
N ILE B 413 -7.38 22.67 -60.66
CA ILE B 413 -5.96 22.66 -60.30
C ILE B 413 -5.16 21.69 -61.17
N GLU B 414 -5.70 20.47 -61.43
CA GLU B 414 -5.13 19.56 -62.41
C GLU B 414 -5.12 20.09 -63.84
N ARG B 415 -6.16 20.81 -64.30
CA ARG B 415 -6.11 21.50 -65.59
C ARG B 415 -5.00 22.54 -65.66
N VAL B 416 -4.84 23.36 -64.61
CA VAL B 416 -3.79 24.35 -64.48
C VAL B 416 -2.38 23.75 -64.43
N GLN B 417 -2.16 22.66 -63.65
CA GLN B 417 -0.87 21.99 -63.57
C GLN B 417 -0.44 21.31 -64.86
N ARG B 418 -1.41 21.01 -65.75
CA ARG B 418 -1.17 20.45 -67.06
C ARG B 418 -1.12 21.51 -68.15
N TYR B 419 -1.07 22.81 -67.78
CA TYR B 419 -0.97 23.92 -68.73
C TYR B 419 0.35 24.70 -68.54
N LEU B 420 1.24 24.22 -67.64
CA LEU B 420 2.55 24.81 -67.43
C LEU B 420 3.59 23.90 -68.10
N GLU B 421 4.61 24.36 -68.86
CA GLU B 421 5.22 25.67 -69.09
C GLU B 421 6.21 25.95 -67.97
N GLU B 422 7.48 25.55 -68.17
CA GLU B 422 8.51 25.36 -67.17
C GLU B 422 8.82 26.62 -66.38
N LYS B 423 8.78 27.75 -67.09
CA LYS B 423 9.10 29.10 -66.63
C LYS B 423 8.00 29.65 -65.71
N GLY B 424 6.78 29.10 -65.80
CA GLY B 424 5.70 29.35 -64.85
C GLY B 424 5.74 28.36 -63.71
N THR B 425 6.15 27.11 -64.01
CA THR B 425 6.31 26.04 -63.01
C THR B 425 7.32 26.38 -61.94
N THR B 426 8.50 26.92 -62.28
CA THR B 426 9.55 27.18 -61.29
C THR B 426 9.18 28.17 -60.19
N GLU B 427 8.41 29.22 -60.54
CA GLU B 427 8.01 30.25 -59.62
C GLU B 427 6.68 29.95 -58.91
N GLU B 428 5.66 29.39 -59.61
CA GLU B 428 4.39 29.03 -58.96
C GLU B 428 4.49 27.74 -58.15
N ILE B 429 5.55 26.91 -58.28
CA ILE B 429 5.66 25.62 -57.59
C ILE B 429 5.49 25.72 -56.08
N CYS B 430 6.00 26.78 -55.44
CA CYS B 430 5.83 27.02 -54.02
C CYS B 430 4.36 27.18 -53.60
N ARG B 431 3.55 27.91 -54.39
CA ARG B 431 2.10 27.97 -54.19
C ARG B 431 1.37 26.71 -54.65
N VAL B 432 1.72 26.11 -55.81
CA VAL B 432 1.15 24.86 -56.32
C VAL B 432 1.36 23.66 -55.39
N TYR B 433 2.52 23.57 -54.74
CA TYR B 433 2.84 22.64 -53.66
C TYR B 433 1.87 22.78 -52.49
N LEU B 434 1.60 24.02 -52.06
CA LEU B 434 0.58 24.35 -51.07
C LEU B 434 -0.84 24.00 -51.52
N ARG B 435 -1.25 24.30 -52.76
CA ARG B 435 -2.54 23.89 -53.32
C ARG B 435 -2.70 22.36 -53.36
N ARG B 436 -1.63 21.62 -53.73
CA ARG B 436 -1.62 20.17 -53.66
C ARG B 436 -1.80 19.65 -52.23
N ILE B 437 -1.13 20.28 -51.26
CA ILE B 437 -1.30 20.05 -49.83
C ILE B 437 -2.72 20.35 -49.34
N LEU B 438 -3.37 21.45 -49.75
CA LEU B 438 -4.76 21.76 -49.38
C LEU B 438 -5.74 20.66 -49.78
N HIS B 439 -5.54 20.05 -50.96
CA HIS B 439 -6.35 18.94 -51.42
C HIS B 439 -5.85 17.58 -50.94
N THR B 440 -4.85 17.54 -50.02
CA THR B 440 -4.31 16.27 -49.51
C THR B 440 -4.37 16.19 -47.99
N TYR B 441 -4.18 17.30 -47.26
CA TYR B 441 -3.88 17.30 -45.83
C TYR B 441 -5.05 17.07 -44.86
N TYR B 442 -6.14 16.48 -45.38
CA TYR B 442 -7.27 16.03 -44.58
C TYR B 442 -7.85 14.74 -45.17
N LYS B 443 -7.06 14.07 -46.04
CA LYS B 443 -7.42 12.82 -46.69
C LYS B 443 -7.70 11.67 -45.71
N PHE B 444 -8.64 10.76 -46.02
CA PHE B 444 -9.01 9.66 -45.14
C PHE B 444 -8.62 8.32 -45.73
N ASP B 445 -8.43 7.32 -44.85
CA ASP B 445 -8.02 5.94 -45.12
C ASP B 445 -8.52 5.24 -46.37
N TYR B 446 -9.82 5.35 -46.68
CA TYR B 446 -10.53 4.52 -47.64
C TYR B 446 -9.92 4.50 -49.04
N LYS B 447 -9.50 5.67 -49.56
CA LYS B 447 -8.84 5.74 -50.86
C LYS B 447 -7.49 5.03 -50.93
N ALA B 448 -6.64 5.18 -49.89
CA ALA B 448 -5.40 4.45 -49.76
C ALA B 448 -5.61 2.94 -49.64
N HIS B 449 -6.63 2.52 -48.87
CA HIS B 449 -7.06 1.13 -48.77
C HIS B 449 -7.56 0.55 -50.10
N GLN B 450 -8.37 1.30 -50.89
CA GLN B 450 -8.83 0.82 -52.19
C GLN B 450 -7.72 0.49 -53.18
N ARG B 451 -6.73 1.39 -53.35
CA ARG B 451 -5.62 1.14 -54.26
C ARG B 451 -4.66 0.06 -53.76
N GLN B 452 -4.35 0.02 -52.45
CA GLN B 452 -3.37 -0.91 -51.92
C GLN B 452 -3.90 -2.30 -51.60
N LEU B 453 -5.23 -2.51 -51.44
CA LEU B 453 -5.76 -3.78 -50.93
C LEU B 453 -6.77 -4.47 -51.86
N THR B 454 -6.98 -4.00 -53.10
CA THR B 454 -7.97 -4.64 -54.00
C THR B 454 -7.29 -5.64 -54.93
N PRO B 455 -7.57 -6.96 -54.89
CA PRO B 455 -6.76 -8.02 -55.52
C PRO B 455 -6.18 -7.76 -56.92
N PRO B 456 -4.87 -7.75 -57.18
CA PRO B 456 -4.30 -7.29 -58.45
C PRO B 456 -4.62 -8.19 -59.63
N GLU B 457 -4.93 -9.47 -59.39
CA GLU B 457 -5.37 -10.45 -60.37
C GLU B 457 -6.74 -10.06 -60.91
N GLY B 458 -7.65 -9.68 -59.99
CA GLY B 458 -9.00 -9.23 -60.34
C GLY B 458 -9.10 -7.80 -60.81
N SER B 459 -8.44 -6.85 -60.12
CA SER B 459 -8.39 -5.42 -60.40
C SER B 459 -8.05 -4.99 -61.82
N SER B 460 -8.20 -3.69 -62.10
CA SER B 460 -7.79 -2.95 -63.29
C SER B 460 -6.60 -3.46 -64.10
N LYS B 461 -6.73 -3.41 -65.44
CA LYS B 461 -5.78 -3.99 -66.38
C LYS B 461 -5.61 -3.05 -67.56
N SER B 462 -5.92 -1.78 -67.34
CA SER B 462 -6.71 -1.07 -68.35
C SER B 462 -6.27 0.35 -68.52
N GLU B 463 -6.39 0.88 -69.75
CA GLU B 463 -5.83 2.13 -70.18
C GLU B 463 -6.37 3.37 -69.47
N GLN B 464 -7.70 3.52 -69.28
CA GLN B 464 -8.26 4.62 -68.51
C GLN B 464 -7.92 4.53 -67.02
N ASP B 465 -8.06 3.34 -66.43
CA ASP B 465 -7.79 3.07 -65.02
C ASP B 465 -6.37 3.43 -64.62
N GLN B 466 -5.40 3.14 -65.49
CA GLN B 466 -4.00 3.41 -65.28
C GLN B 466 -3.58 4.77 -65.84
N ALA B 467 -4.55 5.65 -66.14
CA ALA B 467 -4.33 7.08 -66.05
C ALA B 467 -4.77 7.55 -64.66
N GLU B 468 -6.02 7.24 -64.26
CA GLU B 468 -6.65 7.72 -63.04
C GLU B 468 -6.03 7.24 -61.72
N ASN B 469 -5.66 5.94 -61.57
CA ASN B 469 -5.03 5.43 -60.36
C ASN B 469 -3.68 6.10 -60.08
N GLU B 470 -2.84 6.19 -61.12
CA GLU B 470 -1.56 6.87 -61.14
C GLU B 470 -1.72 8.36 -60.92
N GLY B 471 -2.79 8.94 -61.48
CA GLY B 471 -3.34 10.26 -61.17
C GLY B 471 -3.49 10.55 -59.70
N GLU B 472 -4.13 9.66 -58.92
CA GLU B 472 -4.26 9.83 -57.49
C GLU B 472 -2.94 9.82 -56.71
N ASP B 473 -2.02 8.89 -57.01
CA ASP B 473 -0.74 8.83 -56.30
C ASP B 473 0.33 9.70 -56.97
N SER B 474 -0.07 10.50 -57.97
CA SER B 474 0.72 11.61 -58.51
C SER B 474 1.06 12.64 -57.45
N ALA B 475 0.12 12.91 -56.51
CA ALA B 475 0.33 13.82 -55.42
C ALA B 475 1.50 13.42 -54.52
N VAL B 476 1.61 12.13 -54.14
CA VAL B 476 2.75 11.64 -53.38
C VAL B 476 3.99 11.43 -54.25
N LEU B 477 3.87 11.26 -55.58
CA LEU B 477 5.00 11.37 -56.50
C LEU B 477 5.61 12.77 -56.54
N MET B 478 4.76 13.83 -56.66
CA MET B 478 5.17 15.22 -56.58
C MET B 478 5.77 15.59 -55.23
N GLU B 479 5.18 15.12 -54.12
CA GLU B 479 5.62 15.38 -52.76
C GLU B 479 7.08 14.99 -52.48
N ARG B 480 7.48 13.81 -52.96
CA ARG B 480 8.84 13.32 -52.93
C ARG B 480 9.82 14.13 -53.79
N LEU B 481 9.40 14.62 -54.97
CA LEU B 481 10.18 15.56 -55.75
C LEU B 481 10.28 16.94 -55.11
N CYS B 482 9.16 17.50 -54.61
CA CYS B 482 9.05 18.82 -54.01
C CYS B 482 9.90 19.03 -52.78
N LYS B 483 10.12 18.00 -51.94
CA LYS B 483 11.07 18.03 -50.84
C LYS B 483 12.49 18.36 -51.26
N TYR B 484 12.95 17.74 -52.37
CA TYR B 484 14.24 18.04 -52.99
C TYR B 484 14.27 19.42 -53.66
N ILE B 485 13.19 19.81 -54.37
CA ILE B 485 13.04 21.13 -55.00
C ILE B 485 13.09 22.26 -53.98
N TYR B 486 12.50 22.07 -52.78
CA TYR B 486 12.52 23.03 -51.70
C TYR B 486 13.86 23.18 -51.00
N ALA B 487 14.88 22.36 -51.35
CA ALA B 487 16.25 22.63 -50.94
C ALA B 487 16.86 23.81 -51.72
N LYS B 488 16.27 24.20 -52.86
CA LYS B 488 16.56 25.46 -53.51
C LYS B 488 16.03 26.69 -52.76
N ASP B 489 14.83 26.59 -52.15
CA ASP B 489 14.12 27.75 -51.65
C ASP B 489 14.32 28.00 -50.16
N ARG B 490 14.06 29.26 -49.78
CA ARG B 490 14.25 29.85 -48.47
C ARG B 490 12.96 30.41 -47.89
N THR B 491 11.77 30.05 -48.44
CA THR B 491 10.49 30.43 -47.82
C THR B 491 10.14 29.49 -46.68
N ASP B 492 10.88 29.51 -45.56
CA ASP B 492 10.79 28.50 -44.53
C ASP B 492 9.49 28.42 -43.73
N ARG B 493 8.61 29.43 -43.81
CA ARG B 493 7.21 29.27 -43.41
C ARG B 493 6.48 28.20 -44.22
N ILE B 494 6.66 28.17 -45.56
CA ILE B 494 6.18 27.13 -46.44
C ILE B 494 6.90 25.81 -46.18
N ARG B 495 8.24 25.80 -46.00
CA ARG B 495 8.96 24.57 -45.69
C ARG B 495 8.50 23.90 -44.39
N THR B 496 8.33 24.69 -43.31
CA THR B 496 7.83 24.20 -42.02
C THR B 496 6.42 23.67 -42.13
N CYS B 497 5.53 24.42 -42.81
CA CYS B 497 4.15 24.02 -43.07
C CYS B 497 4.05 22.73 -43.89
N ALA B 498 4.82 22.64 -44.99
CA ALA B 498 4.85 21.47 -45.84
C ALA B 498 5.36 20.22 -45.14
N ILE B 499 6.46 20.32 -44.35
CA ILE B 499 6.98 19.21 -43.57
C ILE B 499 5.98 18.66 -42.57
N LEU B 500 5.24 19.53 -41.86
CA LEU B 500 4.16 19.12 -40.97
C LEU B 500 3.04 18.38 -41.70
N CYS B 501 2.64 18.86 -42.89
CA CYS B 501 1.70 18.15 -43.77
C CYS B 501 2.23 16.81 -44.26
N HIS B 502 3.52 16.71 -44.65
CA HIS B 502 4.16 15.46 -45.00
C HIS B 502 4.18 14.43 -43.89
N ILE B 503 4.43 14.85 -42.64
CA ILE B 503 4.31 13.99 -41.46
C ILE B 503 2.87 13.48 -41.28
N TYR B 504 1.84 14.34 -41.47
CA TYR B 504 0.43 13.93 -41.52
C TYR B 504 0.15 12.92 -42.65
N HIS B 505 0.64 13.18 -43.88
CA HIS B 505 0.48 12.30 -45.03
C HIS B 505 1.14 10.95 -44.84
N HIS B 506 2.39 10.93 -44.35
CA HIS B 506 3.15 9.73 -44.05
C HIS B 506 2.54 8.91 -42.92
N TYR B 507 2.00 9.54 -41.87
CA TYR B 507 1.30 8.86 -40.81
C TYR B 507 -0.01 8.19 -41.24
N LEU B 508 -0.86 8.91 -42.00
CA LEU B 508 -2.19 8.42 -42.35
C LEU B 508 -2.22 7.51 -43.57
N HIS B 509 -1.46 7.81 -44.64
CA HIS B 509 -1.61 7.07 -45.89
C HIS B 509 -0.43 6.18 -46.22
N SER B 510 0.63 6.20 -45.39
CA SER B 510 1.79 5.33 -45.61
C SER B 510 1.99 4.39 -44.43
N ARG B 511 3.02 4.59 -43.59
CA ARG B 511 3.39 3.65 -42.56
C ARG B 511 3.98 4.42 -41.37
N TRP B 512 3.68 4.01 -40.12
CA TRP B 512 3.97 4.82 -38.94
C TRP B 512 5.45 4.94 -38.55
N TYR B 513 6.35 4.08 -39.10
CA TYR B 513 7.79 4.34 -39.05
C TYR B 513 8.18 5.64 -39.78
N GLN B 514 7.66 5.88 -41.00
CA GLN B 514 8.05 7.02 -41.82
C GLN B 514 7.70 8.37 -41.21
N ALA B 515 6.53 8.46 -40.56
CA ALA B 515 6.13 9.63 -39.80
C ALA B 515 7.03 9.93 -38.60
N ARG B 516 7.41 8.90 -37.82
CA ARG B 516 8.36 9.02 -36.73
C ARG B 516 9.77 9.36 -37.21
N ASP B 517 10.26 8.72 -38.30
CA ASP B 517 11.54 9.02 -38.92
C ASP B 517 11.59 10.48 -39.32
N LEU B 518 10.62 10.96 -40.12
CA LEU B 518 10.55 12.32 -40.61
C LEU B 518 10.45 13.38 -39.52
N MET B 519 9.60 13.18 -38.48
CA MET B 519 9.54 14.07 -37.34
C MET B 519 10.85 14.15 -36.54
N LEU B 520 11.51 13.01 -36.30
CA LEU B 520 12.79 12.93 -35.63
C LEU B 520 13.96 13.44 -36.45
N MET B 521 13.90 13.34 -37.81
CA MET B 521 14.79 14.09 -38.68
C MET B 521 14.58 15.60 -38.55
N SER B 522 13.33 16.06 -38.74
CA SER B 522 13.00 17.45 -39.03
C SER B 522 13.27 18.48 -37.94
N HIS B 523 12.87 18.20 -36.68
CA HIS B 523 13.14 19.07 -35.54
C HIS B 523 12.64 20.51 -35.62
N LEU B 524 11.32 20.71 -35.80
CA LEU B 524 10.78 22.03 -36.14
C LEU B 524 10.39 22.92 -34.95
N GLN B 525 10.90 22.67 -33.73
CA GLN B 525 10.47 23.38 -32.52
C GLN B 525 10.78 24.87 -32.56
N ASP B 526 12.03 25.20 -32.93
CA ASP B 526 12.58 26.52 -33.15
C ASP B 526 11.87 27.23 -34.30
N ASN B 527 11.57 26.49 -35.39
CA ASN B 527 10.80 26.99 -36.51
C ASN B 527 9.38 27.41 -36.16
N ILE B 528 8.61 26.61 -35.39
CA ILE B 528 7.21 26.93 -35.10
C ILE B 528 7.03 28.20 -34.27
N GLN B 529 7.99 28.57 -33.40
CA GLN B 529 7.97 29.83 -32.67
C GLN B 529 7.97 31.04 -33.61
N HIS B 530 8.75 30.94 -34.71
CA HIS B 530 9.04 32.03 -35.61
C HIS B 530 8.30 31.93 -36.94
N ALA B 531 7.32 31.01 -37.07
CA ALA B 531 6.66 30.70 -38.34
C ALA B 531 5.16 30.99 -38.35
N ASP B 532 4.67 31.74 -37.35
CA ASP B 532 3.33 32.32 -37.31
C ASP B 532 2.20 31.35 -36.90
N PRO B 533 1.09 31.85 -36.34
CA PRO B 533 -0.12 31.07 -36.08
C PRO B 533 -0.60 30.06 -37.12
N PRO B 534 -0.72 30.22 -38.44
CA PRO B 534 -1.13 29.13 -39.32
C PRO B 534 -0.21 27.92 -39.29
N VAL B 535 1.12 28.10 -39.23
CA VAL B 535 2.07 26.99 -39.10
C VAL B 535 1.96 26.31 -37.75
N GLN B 536 1.73 27.08 -36.67
CA GLN B 536 1.43 26.56 -35.34
C GLN B 536 0.12 25.73 -35.29
N ILE B 537 -0.94 26.18 -35.98
CA ILE B 537 -2.15 25.40 -36.21
C ILE B 537 -1.89 24.11 -37.00
N LEU B 538 -1.04 24.15 -38.05
CA LEU B 538 -0.58 22.94 -38.73
C LEU B 538 0.20 21.98 -37.82
N TYR B 539 1.06 22.49 -36.92
CA TYR B 539 1.74 21.69 -35.92
C TYR B 539 0.76 20.96 -35.02
N ASN B 540 -0.27 21.67 -34.52
CA ASN B 540 -1.35 21.07 -33.75
C ASN B 540 -2.15 20.03 -34.54
N ARG B 541 -2.47 20.28 -35.82
CA ARG B 541 -3.14 19.31 -36.68
C ARG B 541 -2.38 18.00 -36.84
N THR B 542 -1.08 18.08 -37.12
CA THR B 542 -0.19 16.94 -37.24
C THR B 542 0.07 16.24 -35.93
N MET B 543 0.22 16.97 -34.81
CA MET B 543 0.38 16.41 -33.48
C MET B 543 -0.79 15.55 -33.03
N VAL B 544 -2.05 15.98 -33.29
CA VAL B 544 -3.24 15.18 -33.07
C VAL B 544 -3.22 13.89 -33.89
N GLN B 545 -2.89 14.01 -35.19
CA GLN B 545 -2.82 12.89 -36.11
C GLN B 545 -1.74 11.86 -35.76
N LEU B 546 -0.56 12.31 -35.30
CA LEU B 546 0.49 11.44 -34.78
C LEU B 546 0.07 10.61 -33.57
N GLY B 547 -0.68 11.21 -32.63
CA GLY B 547 -1.24 10.48 -31.49
C GLY B 547 -2.33 9.50 -31.86
N ILE B 548 -3.22 9.88 -32.80
CA ILE B 548 -4.22 8.97 -33.37
C ILE B 548 -3.59 7.80 -34.11
N CYS B 549 -2.58 8.02 -34.97
CA CYS B 549 -1.84 6.93 -35.61
C CYS B 549 -1.06 6.05 -34.66
N ALA B 550 -0.44 6.61 -33.60
CA ALA B 550 0.18 5.81 -32.55
C ALA B 550 -0.79 4.88 -31.83
N PHE B 551 -2.00 5.39 -31.51
CA PHE B 551 -3.12 4.62 -30.99
C PHE B 551 -3.60 3.53 -31.95
N ARG B 552 -3.64 3.82 -33.27
CA ARG B 552 -3.98 2.86 -34.31
C ARG B 552 -2.94 1.75 -34.52
N GLN B 553 -1.72 1.90 -33.97
CA GLN B 553 -0.73 0.84 -33.92
C GLN B 553 -0.65 0.21 -32.52
N GLY B 554 -1.48 0.69 -31.56
CA GLY B 554 -1.58 0.12 -30.23
C GLY B 554 -0.53 0.52 -29.22
N LEU B 555 0.36 1.47 -29.54
CA LEU B 555 1.42 1.88 -28.63
C LEU B 555 0.93 3.00 -27.71
N THR B 556 0.52 2.60 -26.49
CA THR B 556 -0.06 3.47 -25.47
C THR B 556 0.85 4.57 -24.96
N LYS B 557 2.15 4.30 -24.73
CA LYS B 557 3.09 5.33 -24.34
C LYS B 557 3.28 6.41 -25.40
N ASP B 558 3.58 5.98 -26.62
CA ASP B 558 3.81 6.80 -27.79
C ASP B 558 2.57 7.63 -28.13
N ALA B 559 1.36 7.04 -28.05
CA ALA B 559 0.10 7.75 -28.15
C ALA B 559 -0.14 8.76 -27.03
N HIS B 560 0.14 8.41 -25.77
CA HIS B 560 0.05 9.31 -24.62
C HIS B 560 1.02 10.48 -24.70
N ASN B 561 2.30 10.23 -25.01
CA ASN B 561 3.32 11.25 -25.18
C ASN B 561 3.05 12.17 -26.37
N ALA B 562 2.54 11.65 -27.50
CA ALA B 562 2.25 12.45 -28.67
C ALA B 562 1.06 13.42 -28.52
N LEU B 563 0.24 13.28 -27.48
CA LEU B 563 -0.84 14.20 -27.22
C LEU B 563 -0.59 15.04 -25.97
N LEU B 564 0.62 14.97 -25.37
CA LEU B 564 0.94 15.57 -24.08
C LEU B 564 0.85 17.09 -24.05
N ASP B 565 1.40 17.79 -25.07
CA ASP B 565 1.34 19.23 -25.26
C ASP B 565 -0.10 19.75 -25.35
N ILE B 566 -0.94 19.01 -26.10
CA ILE B 566 -2.34 19.29 -26.31
C ILE B 566 -3.17 19.10 -25.04
N GLN B 567 -2.92 17.99 -24.32
CA GLN B 567 -3.74 17.57 -23.19
C GLN B 567 -3.19 18.01 -21.84
N SER B 568 -2.15 18.86 -21.86
CA SER B 568 -1.76 19.67 -20.71
C SER B 568 -2.24 21.11 -20.91
N SER B 569 -2.97 21.37 -22.01
CA SER B 569 -3.47 22.69 -22.34
C SER B 569 -4.98 22.71 -22.34
N GLY B 570 -5.58 23.66 -21.58
CA GLY B 570 -7.03 23.82 -21.52
C GLY B 570 -7.62 24.57 -22.69
N ARG B 571 -6.77 25.00 -23.65
CA ARG B 571 -7.11 25.97 -24.69
C ARG B 571 -7.33 25.34 -26.05
N ALA B 572 -7.52 24.00 -26.10
CA ALA B 572 -7.74 23.26 -27.33
C ALA B 572 -8.99 23.66 -28.12
N LYS B 573 -10.06 24.06 -27.42
CA LYS B 573 -11.31 24.51 -28.00
C LYS B 573 -11.14 25.77 -28.86
N GLU B 574 -10.34 26.76 -28.38
CA GLU B 574 -9.94 27.94 -29.11
C GLU B 574 -9.16 27.66 -30.39
N LEU B 575 -8.30 26.63 -30.42
CA LEU B 575 -7.51 26.27 -31.60
C LEU B 575 -8.36 25.93 -32.83
N LEU B 576 -9.53 25.30 -32.61
CA LEU B 576 -10.49 25.01 -33.67
C LEU B 576 -11.50 26.13 -33.87
N GLY B 577 -11.30 27.32 -33.25
CA GLY B 577 -12.20 28.46 -33.41
C GLY B 577 -13.43 28.42 -32.55
N GLN B 578 -13.53 27.44 -31.62
CA GLN B 578 -14.73 27.18 -30.84
C GLN B 578 -14.65 27.86 -29.47
N GLY B 579 -13.75 28.85 -29.32
CA GLY B 579 -13.61 29.68 -28.13
C GLY B 579 -14.73 30.68 -27.88
N LEU B 580 -15.06 30.89 -26.59
CA LEU B 580 -15.99 31.91 -26.11
C LEU B 580 -15.21 33.05 -25.45
N LEU B 581 -15.85 34.24 -25.32
CA LEU B 581 -15.19 35.47 -24.86
C LEU B 581 -15.17 35.61 -23.34
N LEU B 582 -15.80 34.66 -22.64
CA LEU B 582 -15.60 34.45 -21.22
C LEU B 582 -15.69 32.95 -21.01
N ARG B 583 -14.61 32.33 -20.52
CA ARG B 583 -14.60 30.92 -20.19
C ARG B 583 -13.43 30.54 -19.31
N SER B 584 -12.57 31.50 -18.95
CA SER B 584 -11.81 31.47 -17.71
C SER B 584 -11.90 32.86 -17.10
N LEU B 585 -11.10 33.80 -17.62
CA LEU B 585 -11.21 35.21 -17.33
C LEU B 585 -10.43 36.05 -18.33
N GLN B 586 -9.76 35.45 -19.33
CA GLN B 586 -8.70 36.13 -20.08
C GLN B 586 -9.11 36.53 -21.49
N GLU B 587 -10.19 35.91 -22.00
CA GLU B 587 -10.50 35.76 -23.41
C GLU B 587 -11.03 37.00 -24.13
N ARG B 588 -10.20 38.03 -24.32
CA ARG B 588 -10.64 39.30 -24.86
C ARG B 588 -9.57 39.98 -25.71
N ASN B 589 -9.92 40.87 -26.65
CA ASN B 589 -11.25 41.40 -26.92
C ASN B 589 -11.83 40.85 -28.21
N GLN B 590 -13.15 41.05 -28.39
CA GLN B 590 -13.94 40.55 -29.49
C GLN B 590 -13.43 41.02 -30.85
N GLU B 591 -12.91 42.25 -30.91
CA GLU B 591 -12.35 42.91 -32.06
C GLU B 591 -11.15 42.18 -32.65
N GLN B 592 -10.22 41.68 -31.81
CA GLN B 592 -9.17 40.76 -32.23
C GLN B 592 -9.73 39.39 -32.65
N GLU B 593 -10.68 38.83 -31.88
CA GLU B 593 -11.32 37.54 -32.13
C GLU B 593 -12.02 37.45 -33.48
N LYS B 594 -12.53 38.57 -34.02
CA LYS B 594 -13.05 38.69 -35.37
C LYS B 594 -12.03 38.33 -36.46
N VAL B 595 -10.73 38.66 -36.27
CA VAL B 595 -9.65 38.20 -37.14
C VAL B 595 -9.41 36.70 -36.96
N GLU B 596 -9.31 36.24 -35.71
CA GLU B 596 -9.02 34.86 -35.34
C GLU B 596 -10.06 33.85 -35.83
N ARG B 597 -11.37 34.18 -35.72
CA ARG B 597 -12.45 33.36 -36.24
C ARG B 597 -12.56 33.39 -37.76
N ARG B 598 -11.87 34.33 -38.43
CA ARG B 598 -11.76 34.37 -39.88
C ARG B 598 -10.47 33.69 -40.35
N ARG B 599 -9.74 33.02 -39.44
CA ARG B 599 -8.61 32.18 -39.80
C ARG B 599 -8.79 30.74 -39.33
N GLN B 600 -9.55 30.51 -38.25
CA GLN B 600 -9.75 29.18 -37.69
C GLN B 600 -11.23 28.86 -37.49
N VAL B 601 -11.79 27.76 -38.04
CA VAL B 601 -11.25 26.87 -39.07
C VAL B 601 -12.44 26.20 -39.79
N PRO B 602 -12.45 25.86 -41.08
CA PRO B 602 -13.48 25.03 -41.70
C PRO B 602 -13.85 23.72 -41.00
N PHE B 603 -15.17 23.39 -40.95
CA PHE B 603 -15.67 22.17 -40.33
C PHE B 603 -15.13 20.88 -40.96
N HIS B 604 -15.00 20.81 -42.31
CA HIS B 604 -14.41 19.64 -42.95
C HIS B 604 -12.91 19.44 -42.67
N LEU B 605 -12.23 20.42 -42.06
CA LEU B 605 -10.86 20.31 -41.63
C LEU B 605 -10.76 20.06 -40.12
N HIS B 606 -11.88 19.94 -39.41
CA HIS B 606 -11.89 19.64 -37.98
C HIS B 606 -11.26 18.31 -37.57
N ILE B 607 -10.84 18.24 -36.30
CA ILE B 607 -10.57 16.99 -35.63
C ILE B 607 -11.48 16.99 -34.43
N ASN B 608 -11.90 15.81 -33.94
CA ASN B 608 -12.78 15.73 -32.79
C ASN B 608 -11.95 15.70 -31.51
N LEU B 609 -12.13 16.69 -30.62
CA LEU B 609 -11.39 16.84 -29.37
C LEU B 609 -11.84 15.84 -28.33
N GLU B 610 -13.12 15.55 -28.33
CA GLU B 610 -13.82 14.63 -27.48
C GLU B 610 -13.33 13.17 -27.67
N LEU B 611 -13.10 12.77 -28.93
CA LEU B 611 -12.31 11.59 -29.31
C LEU B 611 -10.85 11.64 -28.87
N LEU B 612 -10.17 12.79 -29.03
CA LEU B 612 -8.78 13.00 -28.63
C LEU B 612 -8.57 12.78 -27.13
N GLU B 613 -9.48 13.31 -26.30
CA GLU B 613 -9.52 13.08 -24.86
C GLU B 613 -9.69 11.61 -24.52
N CYS B 614 -10.60 10.89 -25.21
CA CYS B 614 -10.75 9.44 -25.06
C CYS B 614 -9.49 8.65 -25.40
N VAL B 615 -8.78 8.99 -26.50
CA VAL B 615 -7.50 8.39 -26.88
C VAL B 615 -6.42 8.61 -25.83
N TYR B 616 -6.27 9.85 -25.33
CA TYR B 616 -5.33 10.19 -24.28
C TYR B 616 -5.65 9.53 -22.94
N LEU B 617 -6.91 9.58 -22.48
CA LEU B 617 -7.33 8.97 -21.24
C LEU B 617 -7.24 7.45 -21.24
N VAL B 618 -7.67 6.74 -22.31
CA VAL B 618 -7.50 5.29 -22.41
C VAL B 618 -6.02 4.88 -22.43
N SER B 619 -5.17 5.62 -23.17
CA SER B 619 -3.73 5.38 -23.19
C SER B 619 -3.07 5.56 -21.84
N ALA B 620 -3.40 6.65 -21.12
CA ALA B 620 -2.94 6.92 -19.78
C ALA B 620 -3.46 5.93 -18.73
N MET B 621 -4.75 5.54 -18.81
CA MET B 621 -5.40 4.59 -17.93
C MET B 621 -4.75 3.21 -17.94
N LEU B 622 -4.44 2.70 -19.14
CA LEU B 622 -3.72 1.45 -19.32
C LEU B 622 -2.31 1.46 -18.72
N LEU B 623 -1.57 2.58 -18.84
CA LEU B 623 -0.29 2.73 -18.17
C LEU B 623 -0.39 2.90 -16.65
N GLU B 624 -1.28 3.77 -16.16
CA GLU B 624 -1.23 4.20 -14.77
C GLU B 624 -2.01 3.32 -13.78
N ILE B 625 -3.05 2.56 -14.22
CA ILE B 625 -3.72 1.62 -13.33
C ILE B 625 -2.83 0.47 -12.84
N PRO B 626 -2.00 -0.22 -13.62
CA PRO B 626 -0.97 -1.11 -13.09
C PRO B 626 0.07 -0.40 -12.24
N TYR B 627 0.46 0.82 -12.61
CA TYR B 627 1.44 1.62 -11.89
C TYR B 627 1.02 1.97 -10.46
N MET B 628 -0.23 2.45 -10.26
CA MET B 628 -0.81 2.67 -8.95
C MET B 628 -1.00 1.38 -8.15
N ALA B 629 -1.48 0.30 -8.79
CA ALA B 629 -1.65 -1.00 -8.17
C ALA B 629 -0.36 -1.62 -7.66
N ALA B 630 0.73 -1.55 -8.45
CA ALA B 630 2.06 -1.95 -8.02
C ALA B 630 2.60 -1.10 -6.88
N HIS B 631 2.50 0.24 -6.99
CA HIS B 631 3.01 1.13 -5.98
C HIS B 631 2.30 1.03 -4.65
N GLU B 632 0.96 1.01 -4.61
CA GLU B 632 0.24 1.15 -3.36
C GLU B 632 -0.07 -0.20 -2.71
N SER B 633 0.44 -1.30 -3.32
CA SER B 633 0.59 -2.64 -2.72
C SER B 633 2.05 -2.85 -2.28
N ASP B 634 2.74 -1.72 -2.09
CA ASP B 634 4.02 -1.56 -1.43
C ASP B 634 5.24 -1.82 -2.30
N ALA B 635 5.21 -1.16 -3.47
CA ALA B 635 6.40 -0.85 -4.25
C ALA B 635 6.53 0.66 -4.41
N ARG B 636 5.86 1.47 -3.56
CA ARG B 636 5.76 2.93 -3.66
C ARG B 636 7.09 3.69 -3.70
N ARG B 637 7.44 4.21 -4.89
CA ARG B 637 8.75 4.81 -5.10
C ARG B 637 8.87 5.71 -6.33
N ARG B 638 7.77 6.00 -7.08
CA ARG B 638 7.85 6.76 -8.33
C ARG B 638 6.57 7.56 -8.68
N MET B 639 5.78 8.03 -7.71
CA MET B 639 4.54 8.76 -8.00
C MET B 639 4.71 10.10 -8.73
N ILE B 640 3.88 10.39 -9.77
CA ILE B 640 3.98 11.60 -10.57
C ILE B 640 2.78 12.50 -10.31
N SER B 641 3.02 13.62 -9.57
CA SER B 641 1.97 14.55 -9.20
C SER B 641 1.38 15.38 -10.34
N LYS B 642 0.16 14.96 -10.77
CA LYS B 642 -0.77 15.55 -11.74
C LYS B 642 -0.97 14.67 -12.98
N GLN B 643 -0.62 13.37 -12.95
CA GLN B 643 -0.87 12.48 -14.08
C GLN B 643 -2.33 11.94 -14.10
N PHE B 644 -2.60 10.68 -14.52
CA PHE B 644 -3.95 10.16 -14.78
C PHE B 644 -4.87 10.23 -13.57
N HIS B 645 -4.33 9.97 -12.35
CA HIS B 645 -5.01 10.20 -11.07
C HIS B 645 -5.79 11.51 -10.99
N HIS B 646 -5.25 12.64 -11.48
CA HIS B 646 -5.97 13.92 -11.44
C HIS B 646 -7.19 13.99 -12.34
N GLN B 647 -7.08 13.46 -13.58
CA GLN B 647 -8.17 13.39 -14.54
C GLN B 647 -9.25 12.41 -14.09
N LEU B 648 -8.85 11.27 -13.49
CA LEU B 648 -9.74 10.33 -12.83
C LEU B 648 -10.47 10.93 -11.63
N ARG B 649 -9.78 11.75 -10.82
CA ARG B 649 -10.23 12.30 -9.54
C ARG B 649 -11.59 13.01 -9.56
N VAL B 650 -11.89 13.77 -10.63
CA VAL B 650 -13.14 14.49 -10.76
C VAL B 650 -14.36 13.60 -11.01
N GLY B 651 -14.14 12.31 -11.37
CA GLY B 651 -15.22 11.34 -11.53
C GLY B 651 -15.19 10.25 -10.48
N GLU B 652 -14.01 10.01 -9.90
CA GLU B 652 -13.76 9.08 -8.80
C GLU B 652 -14.50 9.45 -7.52
N ARG B 653 -14.61 10.75 -7.21
CA ARG B 653 -15.17 11.25 -5.96
C ARG B 653 -16.67 11.52 -6.01
N GLN B 654 -17.39 10.99 -7.02
CA GLN B 654 -18.81 11.25 -7.19
C GLN B 654 -19.69 10.16 -6.56
N PRO B 655 -20.37 10.35 -5.42
CA PRO B 655 -21.09 9.29 -4.73
C PRO B 655 -22.42 8.96 -5.41
N LEU B 656 -22.81 9.74 -6.43
CA LEU B 656 -24.06 9.63 -7.14
C LEU B 656 -23.87 8.99 -8.52
N LEU B 657 -22.61 8.69 -8.93
CA LEU B 657 -22.30 8.25 -10.29
C LEU B 657 -22.41 6.74 -10.47
N GLY B 658 -23.53 6.30 -11.10
CA GLY B 658 -23.82 4.91 -11.42
C GLY B 658 -23.76 4.64 -12.92
N PRO B 659 -24.85 4.63 -13.67
CA PRO B 659 -24.82 4.43 -15.11
C PRO B 659 -24.31 5.68 -15.85
N PRO B 660 -23.55 5.56 -16.94
CA PRO B 660 -23.04 6.72 -17.67
C PRO B 660 -23.95 7.11 -18.83
N GLU B 661 -23.99 8.40 -19.20
CA GLU B 661 -24.47 8.84 -20.51
C GLU B 661 -23.33 9.54 -21.25
N SER B 662 -22.44 10.23 -20.52
CA SER B 662 -21.40 11.07 -21.08
C SER B 662 -20.07 10.38 -21.32
N MET B 663 -19.22 10.96 -22.19
CA MET B 663 -17.93 10.42 -22.60
C MET B 663 -16.97 10.23 -21.43
N ARG B 664 -16.86 11.24 -20.55
CA ARG B 664 -16.07 11.17 -19.33
C ARG B 664 -16.59 10.13 -18.35
N GLU B 665 -17.92 10.00 -18.19
CA GLU B 665 -18.54 8.98 -17.35
C GLU B 665 -18.19 7.56 -17.80
N HIS B 666 -18.07 7.31 -19.14
CA HIS B 666 -17.56 6.04 -19.65
C HIS B 666 -16.15 5.70 -19.17
N VAL B 667 -15.23 6.69 -19.17
CA VAL B 667 -13.85 6.52 -18.71
C VAL B 667 -13.79 6.18 -17.23
N VAL B 668 -14.62 6.85 -16.40
CA VAL B 668 -14.78 6.52 -14.99
C VAL B 668 -15.35 5.12 -14.78
N ALA B 669 -16.36 4.70 -15.56
CA ALA B 669 -16.88 3.35 -15.57
C ALA B 669 -15.85 2.28 -15.97
N ALA B 670 -15.05 2.54 -17.02
CA ALA B 670 -13.92 1.72 -17.42
C ALA B 670 -12.83 1.62 -16.35
N SER B 671 -12.51 2.74 -15.67
CA SER B 671 -11.63 2.77 -14.51
C SER B 671 -12.16 1.95 -13.34
N LYS B 672 -13.47 2.04 -13.02
CA LYS B 672 -14.12 1.17 -12.04
C LYS B 672 -14.04 -0.31 -12.40
N ALA B 673 -14.28 -0.68 -13.66
CA ALA B 673 -14.07 -2.04 -14.15
C ALA B 673 -12.61 -2.50 -14.07
N MET B 674 -11.64 -1.66 -14.49
CA MET B 674 -10.22 -1.97 -14.46
C MET B 674 -9.64 -2.13 -13.05
N LYS B 675 -10.11 -1.31 -12.09
CA LYS B 675 -9.80 -1.48 -10.67
C LYS B 675 -10.27 -2.82 -10.11
N MET B 676 -11.50 -3.27 -10.43
CA MET B 676 -11.96 -4.63 -10.14
C MET B 676 -11.19 -5.71 -10.91
N GLY B 677 -10.92 -5.48 -12.19
CA GLY B 677 -10.00 -6.28 -12.99
C GLY B 677 -10.62 -7.28 -13.93
N ASP B 678 -11.95 -7.41 -13.99
CA ASP B 678 -12.60 -8.26 -14.99
C ASP B 678 -12.42 -7.72 -16.42
N TRP B 679 -11.55 -8.39 -17.17
CA TRP B 679 -11.14 -7.99 -18.49
C TRP B 679 -12.24 -8.03 -19.57
N LYS B 680 -13.12 -9.05 -19.55
CA LYS B 680 -14.28 -9.11 -20.44
C LYS B 680 -15.28 -8.01 -20.18
N THR B 681 -15.52 -7.67 -18.89
CA THR B 681 -16.30 -6.49 -18.48
C THR B 681 -15.67 -5.18 -18.97
N CYS B 682 -14.34 -5.02 -18.81
CA CYS B 682 -13.59 -3.87 -19.34
C CYS B 682 -13.69 -3.72 -20.85
N HIS B 683 -13.59 -4.83 -21.61
CA HIS B 683 -13.83 -4.82 -23.05
C HIS B 683 -15.23 -4.38 -23.42
N SER B 684 -16.25 -4.89 -22.71
CA SER B 684 -17.65 -4.61 -22.99
C SER B 684 -18.01 -3.15 -22.85
N PHE B 685 -17.56 -2.49 -21.76
CA PHE B 685 -17.77 -1.07 -21.55
C PHE B 685 -17.10 -0.17 -22.59
N ILE B 686 -15.86 -0.49 -22.99
CA ILE B 686 -15.16 0.28 -24.01
C ILE B 686 -15.69 0.04 -25.42
N ILE B 687 -15.93 -1.22 -25.84
CA ILE B 687 -16.35 -1.53 -27.19
C ILE B 687 -17.81 -1.16 -27.46
N ASN B 688 -18.77 -1.58 -26.62
CA ASN B 688 -20.19 -1.44 -26.91
C ASN B 688 -20.60 0.02 -26.97
N GLU B 689 -20.16 0.81 -26.00
CA GLU B 689 -20.56 2.19 -25.86
C GLU B 689 -19.89 3.09 -26.87
N LYS B 690 -18.87 2.61 -27.60
CA LYS B 690 -18.30 3.36 -28.70
C LYS B 690 -18.87 2.93 -30.04
N MET B 691 -19.53 1.76 -30.17
CA MET B 691 -20.47 1.53 -31.25
C MET B 691 -21.76 2.32 -31.06
N ASN B 692 -22.33 2.30 -29.83
CA ASN B 692 -23.55 3.03 -29.49
C ASN B 692 -23.44 4.54 -29.69
N GLY B 693 -22.23 5.09 -29.41
CA GLY B 693 -21.93 6.50 -29.57
C GLY B 693 -21.38 6.94 -30.91
N LYS B 694 -21.29 6.05 -31.93
CA LYS B 694 -20.76 6.34 -33.26
C LYS B 694 -19.26 6.70 -33.30
N VAL B 695 -18.40 5.96 -32.58
CA VAL B 695 -16.98 6.30 -32.43
C VAL B 695 -16.09 5.12 -32.82
N TRP B 696 -16.65 3.99 -33.28
CA TRP B 696 -15.84 2.85 -33.70
C TRP B 696 -15.76 2.83 -35.22
N ASP B 697 -16.81 3.37 -35.83
CA ASP B 697 -17.22 3.49 -37.21
C ASP B 697 -16.23 4.25 -38.10
N LEU B 698 -15.58 5.27 -37.51
CA LEU B 698 -14.77 6.29 -38.15
C LEU B 698 -13.55 5.81 -38.94
N PHE B 699 -12.92 4.70 -38.53
CA PHE B 699 -11.70 4.21 -39.17
C PHE B 699 -11.90 2.78 -39.67
N PRO B 700 -11.51 2.37 -40.89
CA PRO B 700 -11.61 0.98 -41.33
C PRO B 700 -10.62 0.07 -40.61
N GLU B 701 -9.76 0.62 -39.74
CA GLU B 701 -8.90 -0.14 -38.86
C GLU B 701 -9.55 -0.45 -37.52
N ALA B 702 -10.86 -0.21 -37.35
CA ALA B 702 -11.61 -0.36 -36.12
C ALA B 702 -11.42 -1.67 -35.37
N ASP B 703 -11.51 -2.82 -36.08
CA ASP B 703 -11.24 -4.12 -35.50
C ASP B 703 -9.77 -4.38 -35.15
N LYS B 704 -8.80 -3.82 -35.93
CA LYS B 704 -7.38 -3.89 -35.61
C LYS B 704 -7.08 -3.19 -34.28
N VAL B 705 -7.61 -1.95 -34.12
CA VAL B 705 -7.49 -1.16 -32.90
C VAL B 705 -8.21 -1.80 -31.72
N ARG B 706 -9.42 -2.36 -31.95
CA ARG B 706 -10.14 -3.13 -30.95
C ARG B 706 -9.37 -4.36 -30.47
N THR B 707 -8.75 -5.11 -31.40
CA THR B 707 -7.88 -6.25 -31.09
C THR B 707 -6.65 -5.86 -30.29
N MET B 708 -5.98 -4.75 -30.64
CA MET B 708 -4.87 -4.20 -29.89
C MET B 708 -5.24 -3.78 -28.46
N LEU B 709 -6.36 -3.05 -28.29
CA LEU B 709 -6.90 -2.69 -26.99
C LEU B 709 -7.33 -3.88 -26.16
N VAL B 710 -7.96 -4.90 -26.79
CA VAL B 710 -8.30 -6.18 -26.18
C VAL B 710 -7.08 -6.87 -25.60
N ARG B 711 -5.99 -7.02 -26.38
CA ARG B 711 -4.74 -7.56 -25.87
C ARG B 711 -4.10 -6.74 -24.76
N LYS B 712 -4.08 -5.38 -24.83
CA LYS B 712 -3.60 -4.54 -23.73
C LYS B 712 -4.40 -4.69 -22.45
N ILE B 713 -5.75 -4.78 -22.53
CA ILE B 713 -6.60 -5.08 -21.39
C ILE B 713 -6.34 -6.48 -20.82
N GLN B 714 -6.14 -7.52 -21.65
CA GLN B 714 -5.74 -8.85 -21.20
C GLN B 714 -4.38 -8.86 -20.49
N GLU B 715 -3.36 -8.19 -21.04
CA GLU B 715 -2.05 -8.06 -20.41
C GLU B 715 -2.07 -7.30 -19.09
N GLU B 716 -2.73 -6.13 -19.02
CA GLU B 716 -2.70 -5.32 -17.81
C GLU B 716 -3.72 -5.74 -16.76
N SER B 717 -4.79 -6.47 -17.12
CA SER B 717 -5.62 -7.17 -16.14
C SER B 717 -4.88 -8.31 -15.45
N LEU B 718 -4.10 -9.12 -16.21
CA LEU B 718 -3.19 -10.12 -15.67
C LEU B 718 -2.13 -9.49 -14.78
N ARG B 719 -1.56 -8.35 -15.19
CA ARG B 719 -0.63 -7.56 -14.39
C ARG B 719 -1.20 -7.05 -13.06
N THR B 720 -2.40 -6.42 -13.06
CA THR B 720 -3.07 -6.01 -11.82
C THR B 720 -3.51 -7.18 -10.94
N TYR B 721 -3.97 -8.30 -11.54
CA TYR B 721 -4.27 -9.54 -10.85
C TYR B 721 -3.07 -10.07 -10.07
N LEU B 722 -1.89 -10.16 -10.71
CA LEU B 722 -0.67 -10.55 -10.05
C LEU B 722 -0.20 -9.56 -9.00
N PHE B 723 -0.25 -8.24 -9.24
CA PHE B 723 0.11 -7.25 -8.22
C PHE B 723 -0.77 -7.30 -6.97
N THR B 724 -2.11 -7.37 -7.12
CA THR B 724 -3.01 -7.49 -5.97
C THR B 724 -2.86 -8.81 -5.23
N TYR B 725 -2.81 -9.95 -5.95
CA TYR B 725 -2.91 -11.26 -5.32
C TYR B 725 -1.53 -11.82 -4.92
N SER B 726 -0.42 -11.15 -5.30
CA SER B 726 0.91 -11.40 -4.70
C SER B 726 0.97 -11.02 -3.22
N SER B 727 -0.10 -10.38 -2.72
CA SER B 727 -0.34 -10.12 -1.31
C SER B 727 -0.76 -11.35 -0.51
N VAL B 728 -1.13 -12.46 -1.20
CA VAL B 728 -1.53 -13.71 -0.56
C VAL B 728 -0.91 -14.93 -1.23
N TYR B 729 -0.58 -14.88 -2.54
CA TYR B 729 0.01 -15.99 -3.27
C TYR B 729 1.38 -16.46 -2.76
N ASP B 730 1.45 -17.73 -2.29
CA ASP B 730 2.70 -18.44 -2.21
C ASP B 730 3.28 -18.80 -3.58
N SER B 731 2.43 -19.41 -4.44
CA SER B 731 2.85 -20.02 -5.69
C SER B 731 1.70 -19.99 -6.68
N ILE B 732 2.00 -20.00 -7.99
CA ILE B 732 1.03 -19.78 -9.05
C ILE B 732 1.32 -20.73 -10.22
N SER B 733 0.28 -21.41 -10.76
CA SER B 733 0.39 -22.19 -12.00
C SER B 733 0.15 -21.33 -13.22
N MET B 734 0.81 -21.59 -14.36
CA MET B 734 0.75 -20.70 -15.50
C MET B 734 -0.25 -21.13 -16.56
N GLU B 735 -0.75 -22.39 -16.52
CA GLU B 735 -1.88 -22.87 -17.32
C GLU B 735 -3.13 -22.08 -17.03
N THR B 736 -3.45 -21.91 -15.73
CA THR B 736 -4.60 -21.16 -15.25
C THR B 736 -4.58 -19.71 -15.68
N LEU B 737 -3.40 -19.07 -15.64
CA LEU B 737 -3.21 -17.73 -16.17
C LEU B 737 -3.44 -17.64 -17.67
N SER B 738 -2.99 -18.64 -18.45
CA SER B 738 -3.18 -18.69 -19.89
C SER B 738 -4.64 -18.82 -20.29
N ASP B 739 -5.35 -19.80 -19.73
CA ASP B 739 -6.74 -20.06 -20.00
C ASP B 739 -7.67 -18.95 -19.50
N MET B 740 -7.47 -18.49 -18.25
CA MET B 740 -8.34 -17.50 -17.61
C MET B 740 -8.25 -16.09 -18.20
N PHE B 741 -7.09 -15.71 -18.74
CA PHE B 741 -6.93 -14.44 -19.41
C PHE B 741 -7.00 -14.62 -20.92
N GLU B 742 -7.24 -15.85 -21.41
CA GLU B 742 -7.53 -16.20 -22.80
C GLU B 742 -6.37 -15.85 -23.74
N LEU B 743 -5.16 -16.29 -23.32
CA LEU B 743 -3.89 -15.96 -23.92
C LEU B 743 -3.03 -17.19 -24.12
N ASP B 744 -2.21 -17.16 -25.17
CA ASP B 744 -1.16 -18.10 -25.46
C ASP B 744 -0.01 -18.12 -24.44
N LEU B 745 0.63 -19.29 -24.22
CA LEU B 745 1.78 -19.44 -23.33
C LEU B 745 2.99 -18.56 -23.64
N PRO B 746 3.50 -18.35 -24.88
CA PRO B 746 4.48 -17.31 -25.17
C PRO B 746 4.12 -15.92 -24.67
N THR B 747 2.89 -15.43 -24.89
CA THR B 747 2.43 -14.16 -24.34
C THR B 747 2.43 -14.16 -22.82
N VAL B 748 1.92 -15.22 -22.15
CA VAL B 748 1.97 -15.33 -20.69
C VAL B 748 3.38 -15.36 -20.11
N HIS B 749 4.31 -16.16 -20.69
CA HIS B 749 5.71 -16.19 -20.31
C HIS B 749 6.39 -14.83 -20.49
N SER B 750 6.10 -14.16 -21.61
CA SER B 750 6.53 -12.80 -21.93
C SER B 750 6.03 -11.75 -20.94
N ILE B 751 4.74 -11.77 -20.55
CA ILE B 751 4.16 -10.88 -19.54
C ILE B 751 4.82 -11.02 -18.18
N ILE B 752 4.91 -12.27 -17.67
CA ILE B 752 5.41 -12.56 -16.33
C ILE B 752 6.89 -12.28 -16.21
N SER B 753 7.71 -12.71 -17.19
CA SER B 753 9.15 -12.50 -17.17
C SER B 753 9.54 -11.03 -17.15
N LYS B 754 8.88 -10.20 -17.99
CA LYS B 754 9.07 -8.76 -17.98
C LYS B 754 8.67 -8.08 -16.68
N MET B 755 7.58 -8.52 -16.05
CA MET B 755 7.16 -8.02 -14.75
C MET B 755 8.15 -8.31 -13.63
N ILE B 756 8.67 -9.56 -13.55
CA ILE B 756 9.71 -9.92 -12.61
C ILE B 756 11.02 -9.20 -12.90
N ILE B 757 11.47 -9.19 -14.17
CA ILE B 757 12.73 -8.58 -14.60
C ILE B 757 12.81 -7.07 -14.46
N ASN B 758 11.75 -6.27 -14.73
CA ASN B 758 11.91 -4.82 -14.75
C ASN B 758 11.28 -4.05 -13.58
N GLU B 759 10.50 -4.68 -12.67
CA GLU B 759 10.26 -4.09 -11.36
C GLU B 759 11.23 -4.67 -10.33
N GLU B 760 12.03 -5.66 -10.77
CA GLU B 760 13.04 -6.40 -10.03
C GLU B 760 12.46 -7.15 -8.82
N LEU B 761 11.52 -8.06 -9.11
CA LEU B 761 10.82 -8.84 -8.11
C LEU B 761 11.57 -10.12 -7.74
N MET B 762 11.55 -10.48 -6.44
CA MET B 762 12.21 -11.68 -5.94
C MET B 762 11.39 -12.96 -6.12
N ALA B 763 10.95 -13.24 -7.36
CA ALA B 763 10.04 -14.34 -7.67
C ALA B 763 10.72 -15.34 -8.58
N SER B 764 10.66 -16.64 -8.22
CA SER B 764 11.35 -17.69 -8.97
C SER B 764 10.41 -18.30 -9.97
N LEU B 765 10.65 -18.04 -11.27
CA LEU B 765 9.82 -18.47 -12.37
C LEU B 765 10.35 -19.76 -12.95
N ASP B 766 9.53 -20.80 -13.07
CA ASP B 766 9.93 -21.95 -13.86
C ASP B 766 9.13 -21.94 -15.15
N GLN B 767 9.79 -21.63 -16.28
CA GLN B 767 9.20 -21.80 -17.58
C GLN B 767 9.06 -23.28 -18.02
N PRO B 768 9.99 -24.23 -17.83
CA PRO B 768 9.77 -25.63 -18.18
C PRO B 768 8.66 -26.32 -17.42
N THR B 769 8.49 -26.03 -16.12
CA THR B 769 7.46 -26.68 -15.29
C THR B 769 6.28 -25.76 -15.08
N GLN B 770 6.22 -24.63 -15.83
CA GLN B 770 5.10 -23.68 -15.88
C GLN B 770 4.59 -23.18 -14.53
N THR B 771 5.50 -22.85 -13.61
CA THR B 771 5.15 -22.65 -12.20
C THR B 771 5.92 -21.48 -11.64
N VAL B 772 5.24 -20.56 -10.93
CA VAL B 772 5.87 -19.42 -10.27
C VAL B 772 5.85 -19.65 -8.78
N VAL B 773 6.97 -19.46 -8.07
CA VAL B 773 7.05 -19.56 -6.62
C VAL B 773 7.55 -18.23 -6.09
N MET B 774 6.91 -17.66 -5.04
CA MET B 774 7.29 -16.34 -4.56
C MET B 774 7.25 -16.20 -3.04
N HIS B 775 6.08 -16.41 -2.39
CA HIS B 775 5.88 -16.19 -0.96
C HIS B 775 6.14 -14.75 -0.46
N ARG B 776 5.52 -13.72 -1.08
CA ARG B 776 5.81 -12.33 -0.68
C ARG B 776 4.81 -11.74 0.31
N THR B 777 3.73 -12.49 0.64
CA THR B 777 2.70 -12.17 1.64
C THR B 777 2.32 -10.66 1.76
N GLU B 778 1.98 -9.95 2.86
CA GLU B 778 1.78 -10.18 4.28
C GLU B 778 0.91 -8.98 4.68
N PRO B 779 0.28 -8.79 5.83
CA PRO B 779 -0.36 -7.52 6.12
C PRO B 779 0.60 -6.57 6.83
N THR B 780 1.39 -7.06 7.80
CA THR B 780 2.34 -6.29 8.61
C THR B 780 3.50 -5.74 7.81
N ALA B 781 4.06 -6.53 6.88
CA ALA B 781 5.14 -6.12 6.00
C ALA B 781 4.79 -4.90 5.15
N GLN B 782 3.54 -4.80 4.68
CA GLN B 782 3.04 -3.62 3.98
C GLN B 782 3.02 -2.36 4.85
N GLN B 783 2.53 -2.46 6.10
CA GLN B 783 2.60 -1.38 7.07
C GLN B 783 4.04 -0.99 7.40
N ASN B 784 4.95 -1.97 7.56
CA ASN B 784 6.39 -1.74 7.72
C ASN B 784 7.04 -0.99 6.55
N LEU B 785 6.74 -1.35 5.30
CA LEU B 785 7.22 -0.62 4.13
C LEU B 785 6.67 0.81 4.03
N ALA B 786 5.37 1.02 4.30
CA ALA B 786 4.76 2.33 4.38
C ALA B 786 5.37 3.24 5.47
N LEU B 787 5.61 2.71 6.68
CA LEU B 787 6.35 3.40 7.73
C LEU B 787 7.79 3.70 7.36
N GLN B 788 8.51 2.75 6.74
CA GLN B 788 9.87 2.97 6.25
C GLN B 788 9.97 4.03 5.15
N LEU B 789 9.00 4.10 4.22
CA LEU B 789 8.90 5.21 3.29
C LEU B 789 8.64 6.56 3.98
N ALA B 790 7.74 6.59 4.98
CA ALA B 790 7.45 7.76 5.78
C ALA B 790 8.65 8.28 6.59
N GLU B 791 9.43 7.38 7.21
CA GLU B 791 10.69 7.65 7.89
C GLU B 791 11.80 8.12 6.96
N LYS B 792 11.92 7.53 5.76
CA LYS B 792 12.85 7.97 4.72
C LYS B 792 12.59 9.40 4.28
N LEU B 793 11.30 9.78 4.14
CA LEU B 793 10.90 11.15 3.89
C LEU B 793 11.13 12.07 5.09
N GLY B 794 11.37 11.52 6.31
CA GLY B 794 11.86 12.28 7.46
C GLY B 794 13.32 12.62 7.33
N SER B 795 14.18 11.62 7.02
CA SER B 795 15.61 11.80 6.77
C SER B 795 15.89 12.68 5.54
N LEU B 796 15.16 12.49 4.44
CA LEU B 796 15.29 13.34 3.26
C LEU B 796 14.96 14.80 3.56
N VAL B 797 13.87 15.10 4.28
CA VAL B 797 13.60 16.46 4.74
C VAL B 797 14.63 16.96 5.75
N GLU B 798 15.06 16.13 6.72
CA GLU B 798 16.11 16.48 7.68
C GLU B 798 17.40 16.96 7.03
N ASN B 799 17.83 16.25 5.98
CA ASN B 799 18.97 16.64 5.18
C ASN B 799 18.68 17.72 4.13
N ASN B 800 17.42 17.92 3.67
CA ASN B 800 17.03 19.10 2.89
C ASN B 800 17.16 20.39 3.70
N GLU B 801 16.72 20.40 4.98
CA GLU B 801 16.80 21.56 5.85
C GLU B 801 18.25 22.03 6.04
N ARG B 802 19.20 21.08 6.19
CA ARG B 802 20.64 21.34 6.18
C ARG B 802 21.17 21.98 4.89
N VAL B 803 20.66 21.58 3.71
CA VAL B 803 21.09 22.14 2.43
C VAL B 803 20.42 23.49 2.12
N PHE B 804 19.26 23.80 2.75
CA PHE B 804 18.77 25.17 2.79
C PHE B 804 19.62 26.07 3.68
N ASP B 805 19.96 25.58 4.90
CA ASP B 805 20.73 26.27 5.92
C ASP B 805 22.08 26.77 5.41
N HIS B 806 22.89 25.86 4.86
CA HIS B 806 24.25 26.15 4.44
C HIS B 806 24.27 26.84 3.05
N LYS B 807 24.52 28.07 2.98
N TYR C 4 17.49 14.74 -34.82
CA TYR C 4 18.96 14.95 -34.65
C TYR C 4 19.38 15.90 -35.77
N ASP C 5 20.30 16.88 -35.54
CA ASP C 5 20.73 17.90 -36.50
C ASP C 5 21.08 17.34 -37.90
N LEU C 6 22.15 16.53 -37.96
CA LEU C 6 22.69 15.91 -39.15
C LEU C 6 21.69 15.06 -39.89
N THR C 7 20.71 14.48 -39.19
CA THR C 7 19.59 13.79 -39.79
C THR C 7 18.69 14.69 -40.64
N THR C 8 18.44 15.97 -40.29
CA THR C 8 17.66 16.91 -41.13
C THR C 8 18.41 17.29 -42.40
N ARG C 9 19.75 17.23 -42.34
CA ARG C 9 20.69 17.33 -43.44
C ARG C 9 20.48 16.18 -44.46
N ILE C 10 20.28 14.94 -43.98
CA ILE C 10 19.88 13.76 -44.76
C ILE C 10 18.49 13.89 -45.37
N ALA C 11 17.52 14.46 -44.62
CA ALA C 11 16.09 14.45 -44.89
C ALA C 11 15.66 15.03 -46.23
N HIS C 12 16.27 16.15 -46.67
CA HIS C 12 16.05 16.67 -48.01
C HIS C 12 16.65 15.78 -49.11
N PHE C 13 17.84 15.19 -48.87
CA PHE C 13 18.62 14.47 -49.86
C PHE C 13 18.10 13.09 -50.27
N LEU C 14 17.66 12.23 -49.33
CA LEU C 14 16.99 10.95 -49.64
C LEU C 14 17.75 9.90 -50.48
N ASP C 15 18.88 9.36 -49.96
CA ASP C 15 19.74 8.32 -50.56
C ASP C 15 20.28 8.66 -51.98
N ARG C 16 20.70 9.92 -52.17
CA ARG C 16 21.36 10.38 -53.37
C ARG C 16 22.88 10.39 -53.20
N HIS C 17 23.42 9.34 -52.56
CA HIS C 17 24.85 9.20 -52.31
C HIS C 17 25.73 9.14 -53.55
N LEU C 18 26.92 9.77 -53.48
CA LEU C 18 27.86 9.75 -54.58
C LEU C 18 28.81 8.58 -54.43
N VAL C 19 28.68 7.57 -55.31
CA VAL C 19 29.49 6.36 -55.31
C VAL C 19 29.98 6.12 -56.72
N PHE C 20 31.26 5.77 -56.89
CA PHE C 20 31.87 5.56 -58.19
C PHE C 20 31.29 4.40 -59.02
N PRO C 21 30.94 3.22 -58.49
CA PRO C 21 30.25 2.18 -59.27
C PRO C 21 28.82 2.52 -59.68
N LEU C 22 28.26 3.66 -59.24
CA LEU C 22 26.92 4.13 -59.55
C LEU C 22 25.80 3.35 -58.85
N LEU C 23 25.43 2.17 -59.36
CA LEU C 23 24.34 1.40 -58.77
C LEU C 23 24.47 -0.10 -59.01
N GLU C 24 25.18 -0.52 -60.08
CA GLU C 24 25.16 -1.90 -60.54
C GLU C 24 26.09 -2.82 -59.78
N PHE C 25 25.54 -3.89 -59.17
CA PHE C 25 26.30 -4.95 -58.56
C PHE C 25 25.80 -6.30 -59.03
N LEU C 26 26.73 -7.24 -59.33
CA LEU C 26 26.56 -8.68 -59.52
C LEU C 26 25.14 -9.24 -59.31
N SER C 27 24.40 -9.53 -60.39
CA SER C 27 22.96 -9.77 -60.31
C SER C 27 22.59 -11.24 -60.19
N VAL C 28 21.28 -11.54 -59.95
CA VAL C 28 20.72 -12.89 -59.88
C VAL C 28 21.40 -13.83 -58.87
N LYS C 29 21.50 -13.39 -57.61
CA LYS C 29 22.21 -14.13 -56.57
C LYS C 29 21.27 -14.99 -55.74
N GLU C 30 21.72 -16.17 -55.32
CA GLU C 30 20.91 -17.22 -54.75
C GLU C 30 20.87 -17.20 -53.22
N ILE C 31 21.80 -17.90 -52.56
CA ILE C 31 21.81 -18.15 -51.12
C ILE C 31 21.83 -16.90 -50.24
N TYR C 32 21.13 -16.95 -49.09
CA TYR C 32 21.07 -15.91 -48.06
C TYR C 32 20.98 -14.48 -48.60
N ASN C 33 19.80 -14.10 -49.14
CA ASN C 33 19.63 -12.92 -49.97
C ASN C 33 19.93 -11.60 -49.27
N GLU C 34 19.64 -11.49 -47.97
CA GLU C 34 19.98 -10.37 -47.12
C GLU C 34 21.49 -10.12 -47.03
N LYS C 35 22.30 -11.20 -46.95
CA LYS C 35 23.75 -11.16 -47.03
C LYS C 35 24.26 -10.71 -48.40
N GLU C 36 23.65 -11.21 -49.48
CA GLU C 36 23.96 -10.80 -50.85
C GLU C 36 23.60 -9.34 -51.15
N LEU C 37 22.44 -8.87 -50.67
CA LEU C 37 21.99 -7.49 -50.72
C LEU C 37 22.91 -6.54 -49.94
N LEU C 38 23.33 -6.97 -48.74
CA LEU C 38 24.33 -6.29 -47.91
C LEU C 38 25.67 -6.15 -48.63
N GLN C 39 26.15 -7.22 -49.30
CA GLN C 39 27.36 -7.19 -50.12
C GLN C 39 27.27 -6.17 -51.24
N GLY C 40 26.10 -6.05 -51.90
CA GLY C 40 25.88 -5.06 -52.95
C GLY C 40 25.87 -3.63 -52.49
N LYS C 41 25.15 -3.27 -51.40
CA LYS C 41 25.24 -1.92 -50.85
C LYS C 41 26.65 -1.59 -50.33
N LEU C 42 27.34 -2.54 -49.68
CA LEU C 42 28.74 -2.37 -49.28
C LEU C 42 29.72 -2.19 -50.44
N ASP C 43 29.60 -2.96 -51.55
CA ASP C 43 30.46 -2.82 -52.73
C ASP C 43 30.38 -1.42 -53.35
N LEU C 44 29.15 -0.89 -53.51
CA LEU C 44 28.92 0.46 -53.98
C LEU C 44 29.49 1.52 -53.04
N LEU C 45 29.30 1.38 -51.71
CA LEU C 45 29.74 2.36 -50.73
C LEU C 45 31.23 2.33 -50.40
N SER C 46 31.94 1.26 -50.78
CA SER C 46 33.38 1.11 -50.59
C SER C 46 34.12 1.38 -51.90
N ASP C 47 33.38 1.80 -52.95
CA ASP C 47 33.87 2.08 -54.28
C ASP C 47 34.56 0.90 -55.00
N THR C 48 34.02 -0.33 -54.82
CA THR C 48 34.41 -1.62 -55.46
C THR C 48 35.35 -2.50 -54.65
N ASN C 49 34.84 -3.57 -54.03
CA ASN C 49 35.62 -4.61 -53.38
C ASN C 49 35.37 -5.92 -54.13
N MET C 50 36.26 -6.50 -54.96
CA MET C 50 37.73 -6.52 -54.97
C MET C 50 38.26 -7.17 -53.69
N VAL C 51 38.89 -8.37 -53.81
CA VAL C 51 39.17 -9.27 -52.68
C VAL C 51 37.90 -10.01 -52.28
N ASP C 52 36.87 -9.28 -51.80
CA ASP C 52 35.56 -9.80 -51.43
C ASP C 52 34.82 -10.49 -52.57
N PHE C 53 35.09 -10.14 -53.86
CA PHE C 53 34.60 -10.91 -55.00
C PHE C 53 34.97 -12.39 -54.97
N ALA C 54 36.22 -12.73 -54.58
CA ALA C 54 36.63 -14.11 -54.41
C ALA C 54 35.88 -14.81 -53.28
N MET C 55 35.69 -14.12 -52.13
CA MET C 55 34.87 -14.57 -51.01
C MET C 55 33.42 -14.82 -51.40
N ASP C 56 32.86 -13.91 -52.23
CA ASP C 56 31.52 -13.98 -52.76
C ASP C 56 31.26 -15.23 -53.61
N VAL C 57 32.21 -15.55 -54.51
CA VAL C 57 32.28 -16.77 -55.31
C VAL C 57 32.55 -18.04 -54.50
N TYR C 58 33.39 -17.98 -53.45
CA TYR C 58 33.68 -19.14 -52.61
C TYR C 58 32.47 -19.71 -51.88
N LYS C 59 31.57 -18.86 -51.34
CA LYS C 59 30.32 -19.33 -50.75
C LYS C 59 29.30 -19.91 -51.74
N ASN C 60 29.17 -19.33 -52.95
CA ASN C 60 28.25 -19.85 -53.95
C ASN C 60 28.81 -19.47 -55.31
N LEU C 61 28.77 -20.38 -56.30
CA LEU C 61 29.42 -20.16 -57.57
C LEU C 61 28.74 -19.09 -58.44
N TYR C 62 29.40 -17.93 -58.61
CA TYR C 62 28.92 -16.87 -59.48
C TYR C 62 30.02 -16.54 -60.49
N SER C 63 29.66 -16.25 -61.75
CA SER C 63 30.59 -15.91 -62.82
C SER C 63 30.77 -14.41 -62.98
N ASP C 64 29.91 -13.61 -62.35
CA ASP C 64 29.70 -12.24 -62.76
C ASP C 64 30.50 -11.23 -61.97
N ASP C 65 31.52 -11.66 -61.20
CA ASP C 65 32.56 -10.73 -60.74
C ASP C 65 33.34 -10.19 -61.93
N ILE C 66 33.65 -11.07 -62.90
CA ILE C 66 34.28 -10.83 -64.20
C ILE C 66 33.72 -9.56 -64.88
N PRO C 67 32.43 -9.39 -65.23
CA PRO C 67 31.62 -8.24 -64.86
C PRO C 67 32.28 -6.90 -64.55
N HIS C 68 32.54 -6.70 -63.25
CA HIS C 68 33.23 -5.59 -62.61
C HIS C 68 34.75 -5.66 -62.76
N ALA C 69 35.33 -6.86 -62.53
CA ALA C 69 36.76 -7.14 -62.40
C ALA C 69 37.57 -6.78 -63.65
N LEU C 70 36.95 -6.89 -64.82
CA LEU C 70 37.48 -6.48 -66.10
C LEU C 70 37.65 -4.97 -66.28
N ARG C 71 37.02 -4.13 -65.45
CA ARG C 71 36.80 -2.72 -65.78
C ARG C 71 37.67 -1.75 -64.97
N GLU C 72 38.56 -2.25 -64.10
CA GLU C 72 39.58 -1.48 -63.40
C GLU C 72 40.90 -2.19 -63.67
N LYS C 73 42.00 -1.44 -63.69
CA LYS C 73 43.33 -1.89 -64.02
C LYS C 73 44.30 -1.66 -62.87
N ARG C 74 43.96 -0.78 -61.90
CA ARG C 74 44.89 -0.30 -60.89
C ARG C 74 44.94 -1.18 -59.65
N THR C 75 44.21 -2.30 -59.61
CA THR C 75 44.43 -3.38 -58.65
C THR C 75 45.76 -4.07 -58.87
N THR C 76 46.06 -4.33 -60.16
CA THR C 76 47.27 -4.90 -60.75
C THR C 76 46.84 -5.38 -62.12
N VAL C 77 47.33 -4.74 -63.21
CA VAL C 77 46.89 -4.99 -64.58
C VAL C 77 47.01 -6.46 -64.99
N VAL C 78 48.16 -7.07 -64.65
CA VAL C 78 48.47 -8.47 -64.90
C VAL C 78 47.50 -9.42 -64.19
N ALA C 79 47.08 -9.12 -62.95
CA ALA C 79 46.13 -9.94 -62.22
C ALA C 79 44.75 -9.98 -62.86
N GLN C 80 44.19 -8.83 -63.25
CA GLN C 80 42.91 -8.76 -63.95
C GLN C 80 42.95 -9.41 -65.33
N LEU C 81 44.04 -9.19 -66.09
CA LEU C 81 44.26 -9.86 -67.36
C LEU C 81 44.37 -11.38 -67.24
N LYS C 82 45.10 -11.89 -66.23
CA LYS C 82 45.10 -13.31 -65.93
C LYS C 82 43.75 -13.86 -65.47
N GLN C 83 42.98 -13.10 -64.65
CA GLN C 83 41.63 -13.50 -64.26
C GLN C 83 40.68 -13.65 -65.46
N LEU C 84 40.66 -12.66 -66.38
CA LEU C 84 39.84 -12.75 -67.58
C LEU C 84 40.27 -13.80 -68.60
N GLN C 85 41.59 -14.03 -68.79
CA GLN C 85 42.06 -15.04 -69.72
C GLN C 85 42.00 -16.45 -69.15
N ALA C 86 41.91 -16.62 -67.81
CA ALA C 86 41.53 -17.88 -67.19
C ALA C 86 40.06 -18.27 -67.47
N GLU C 87 39.15 -17.29 -67.37
CA GLU C 87 37.74 -17.43 -67.75
C GLU C 87 37.57 -17.71 -69.24
N THR C 88 38.40 -17.03 -70.07
CA THR C 88 38.42 -17.07 -71.53
C THR C 88 37.53 -15.97 -72.11
N GLU C 89 37.43 -14.81 -71.41
CA GLU C 89 36.68 -13.66 -71.93
C GLU C 89 37.39 -13.06 -73.16
N PRO C 90 36.80 -12.95 -74.35
CA PRO C 90 37.58 -12.76 -75.56
C PRO C 90 37.52 -11.29 -75.93
N ILE C 91 37.95 -10.44 -74.98
CA ILE C 91 37.70 -9.01 -74.96
C ILE C 91 38.11 -8.23 -76.20
N VAL C 92 39.32 -8.46 -76.75
CA VAL C 92 39.96 -7.69 -77.82
C VAL C 92 39.89 -6.19 -77.58
N LYS C 93 40.38 -5.76 -76.40
CA LYS C 93 40.27 -4.44 -75.79
C LYS C 93 41.17 -4.49 -74.56
N MET C 94 42.49 -4.42 -74.77
CA MET C 94 43.48 -4.52 -73.71
C MET C 94 44.72 -3.75 -74.16
N PHE C 95 44.48 -2.63 -74.85
CA PHE C 95 45.47 -1.92 -75.62
C PHE C 95 45.82 -0.60 -74.97
N GLU C 96 44.96 -0.14 -74.04
CA GLU C 96 45.15 1.05 -73.25
C GLU C 96 46.37 0.98 -72.34
N ASP C 97 46.54 -0.17 -71.66
CA ASP C 97 47.57 -0.40 -70.67
C ASP C 97 49.01 -0.33 -71.17
N PRO C 98 49.50 -0.90 -72.28
CA PRO C 98 50.90 -0.78 -72.65
C PRO C 98 51.32 0.64 -72.97
N GLU C 99 50.44 1.46 -73.57
CA GLU C 99 50.70 2.88 -73.76
C GLU C 99 50.71 3.64 -72.43
N THR C 100 49.65 3.45 -71.62
CA THR C 100 49.44 4.15 -70.35
C THR C 100 50.51 3.82 -69.31
N THR C 101 50.82 2.53 -69.13
CA THR C 101 51.88 2.04 -68.24
C THR C 101 53.23 2.54 -68.67
N ARG C 102 53.54 2.57 -69.98
CA ARG C 102 54.78 3.14 -70.47
C ARG C 102 54.93 4.64 -70.19
N GLN C 103 53.85 5.44 -70.32
CA GLN C 103 53.84 6.82 -69.84
C GLN C 103 54.06 6.94 -68.33
N MET C 104 53.41 6.07 -67.54
CA MET C 104 53.59 5.96 -66.11
C MET C 104 55.00 5.56 -65.66
N GLN C 105 55.67 4.62 -66.35
CA GLN C 105 57.07 4.28 -66.11
C GLN C 105 58.01 5.47 -66.30
N SER C 106 57.88 6.20 -67.43
CA SER C 106 58.65 7.43 -67.67
C SER C 106 58.35 8.50 -66.65
N THR C 107 57.06 8.61 -66.25
CA THR C 107 56.62 9.52 -65.21
C THR C 107 57.17 9.19 -63.83
N ARG C 108 57.19 7.91 -63.37
CA ARG C 108 57.81 7.57 -62.10
C ARG C 108 59.30 7.83 -62.07
N ASP C 109 60.09 7.38 -63.06
CA ASP C 109 61.53 7.58 -63.06
C ASP C 109 61.94 9.06 -63.19
N GLY C 110 61.22 9.83 -64.04
CA GLY C 110 61.40 11.28 -64.15
C GLY C 110 60.79 12.05 -63.00
N ARG C 111 60.10 11.39 -62.07
CA ARG C 111 59.81 11.92 -60.75
C ARG C 111 60.84 11.46 -59.73
N MET C 112 61.29 10.19 -59.78
CA MET C 112 62.21 9.51 -58.88
C MET C 112 63.58 10.17 -58.80
N LEU C 113 64.07 10.70 -59.93
CA LEU C 113 65.26 11.53 -59.95
C LEU C 113 65.11 12.81 -59.11
N PHE C 114 63.96 13.52 -59.23
CA PHE C 114 63.60 14.64 -58.36
C PHE C 114 63.34 14.26 -56.91
N ASP C 115 62.71 13.09 -56.65
CA ASP C 115 62.43 12.48 -55.35
C ASP C 115 63.68 12.49 -54.45
N TYR C 116 64.77 11.89 -54.95
CA TYR C 116 66.07 11.87 -54.30
C TYR C 116 66.80 13.20 -54.22
N LEU C 117 66.72 14.07 -55.25
CA LEU C 117 67.27 15.42 -55.14
C LEU C 117 66.57 16.28 -54.09
N ALA C 118 65.23 16.29 -54.07
CA ALA C 118 64.43 17.07 -53.14
C ALA C 118 64.62 16.67 -51.68
N ASP C 119 64.73 15.36 -51.40
CA ASP C 119 65.11 14.82 -50.11
C ASP C 119 66.53 15.25 -49.69
N LYS C 120 67.51 15.09 -50.60
CA LYS C 120 68.91 15.43 -50.41
C LYS C 120 69.21 16.91 -50.20
N HIS C 121 68.58 17.78 -51.00
CA HIS C 121 68.69 19.23 -50.88
C HIS C 121 67.88 19.76 -49.71
N GLY C 122 66.65 19.24 -49.54
CA GLY C 122 65.78 19.59 -48.42
C GLY C 122 65.11 20.92 -48.56
N PHE C 123 65.27 21.59 -49.73
CA PHE C 123 64.77 22.92 -49.98
C PHE C 123 63.24 22.98 -49.99
N ARG C 124 62.67 23.97 -49.27
CA ARG C 124 61.26 23.97 -48.96
C ARG C 124 60.35 24.19 -50.16
N GLN C 125 60.70 25.09 -51.09
CA GLN C 125 59.98 25.24 -52.34
C GLN C 125 60.09 24.02 -53.25
N GLU C 126 61.32 23.48 -53.41
CA GLU C 126 61.63 22.31 -54.25
C GLU C 126 60.91 21.06 -53.80
N TYR C 127 60.88 20.79 -52.49
CA TYR C 127 60.14 19.68 -51.91
C TYR C 127 58.63 19.78 -52.15
N LEU C 128 58.02 20.98 -51.99
CA LEU C 128 56.62 21.21 -52.30
C LEU C 128 56.27 21.10 -53.78
N ASP C 129 57.12 21.66 -54.68
CA ASP C 129 57.00 21.51 -56.12
C ASP C 129 57.13 20.03 -56.56
N THR C 130 58.15 19.31 -56.05
CA THR C 130 58.34 17.87 -56.30
C THR C 130 57.18 17.04 -55.78
N LEU C 131 56.66 17.34 -54.57
CA LEU C 131 55.43 16.77 -54.03
C LEU C 131 54.20 17.02 -54.90
N TYR C 132 53.98 18.26 -55.37
CA TYR C 132 52.88 18.60 -56.26
C TYR C 132 52.97 17.91 -57.62
N ARG C 133 54.19 17.87 -58.20
CA ARG C 133 54.48 17.09 -59.40
C ARG C 133 54.28 15.58 -59.22
N TYR C 134 54.55 15.03 -58.03
CA TYR C 134 54.18 13.70 -57.60
C TYR C 134 52.70 13.43 -57.43
N ALA C 135 51.95 14.36 -56.80
CA ALA C 135 50.58 14.18 -56.38
C ALA C 135 49.63 13.80 -57.51
N LYS C 136 49.79 14.41 -58.70
CA LYS C 136 49.08 14.02 -59.91
C LYS C 136 49.30 12.55 -60.28
N PHE C 137 50.57 12.08 -60.26
CA PHE C 137 50.96 10.74 -60.65
C PHE C 137 50.38 9.67 -59.72
N GLN C 138 50.45 9.87 -58.40
CA GLN C 138 49.96 8.88 -57.46
C GLN C 138 48.44 8.83 -57.37
N TYR C 139 47.74 9.94 -57.66
CA TYR C 139 46.30 9.96 -57.89
C TYR C 139 45.91 9.14 -59.12
N GLU C 140 46.62 9.35 -60.24
CA GLU C 140 46.47 8.64 -61.50
C GLU C 140 46.78 7.16 -61.44
N CYS C 141 47.86 6.74 -60.75
CA CYS C 141 48.04 5.33 -60.45
C CYS C 141 48.72 5.06 -59.12
N GLY C 142 48.01 4.37 -58.20
CA GLY C 142 48.53 3.99 -56.89
C GLY C 142 48.93 2.54 -56.83
N ASN C 143 49.76 2.07 -57.78
CA ASN C 143 50.02 0.65 -57.92
C ASN C 143 51.48 0.27 -58.24
N TYR C 144 52.58 0.93 -57.86
CA TYR C 144 52.92 2.18 -57.17
C TYR C 144 52.34 2.41 -55.77
N SER C 145 51.91 1.38 -55.01
CA SER C 145 51.37 1.54 -53.66
C SER C 145 52.38 2.07 -52.66
N GLY C 146 53.58 1.46 -52.59
CA GLY C 146 54.66 1.90 -51.71
C GLY C 146 55.21 3.28 -52.05
N ALA C 147 55.11 3.69 -53.32
CA ALA C 147 55.42 5.06 -53.73
C ALA C 147 54.43 6.08 -53.18
N ALA C 148 53.12 5.74 -53.20
CA ALA C 148 52.09 6.53 -52.54
C ALA C 148 52.29 6.58 -51.02
N GLU C 149 52.60 5.45 -50.37
CA GLU C 149 52.91 5.40 -48.95
C GLU C 149 54.12 6.23 -48.56
N TYR C 150 55.23 6.19 -49.33
CA TYR C 150 56.38 7.07 -49.10
C TYR C 150 56.02 8.56 -49.21
N LEU C 151 55.22 8.95 -50.21
CA LEU C 151 54.72 10.31 -50.37
C LEU C 151 53.82 10.79 -49.23
N TYR C 152 52.92 9.90 -48.75
CA TYR C 152 51.97 10.18 -47.69
C TYR C 152 52.53 10.01 -46.27
N PHE C 153 53.70 9.36 -46.12
CA PHE C 153 54.46 9.27 -44.89
C PHE C 153 54.89 10.65 -44.37
N PHE C 154 55.31 11.52 -45.30
CA PHE C 154 55.82 12.84 -44.97
C PHE C 154 54.73 13.92 -44.95
N ARG C 155 54.44 14.56 -46.09
CA ARG C 155 53.60 15.74 -46.07
C ARG C 155 52.09 15.50 -46.25
N VAL C 156 51.67 14.70 -47.26
CA VAL C 156 50.26 14.57 -47.65
C VAL C 156 49.73 15.82 -48.37
N LEU C 157 49.58 16.92 -47.61
CA LEU C 157 48.95 18.17 -48.01
C LEU C 157 49.55 18.88 -49.24
N VAL C 158 48.65 19.34 -50.13
CA VAL C 158 48.93 20.06 -51.36
C VAL C 158 48.04 21.29 -51.31
N PRO C 159 48.19 22.36 -52.12
CA PRO C 159 47.48 23.64 -51.95
C PRO C 159 45.97 23.62 -51.66
N ALA C 160 45.17 22.81 -52.37
CA ALA C 160 43.79 22.56 -51.98
C ALA C 160 43.74 21.40 -50.99
N THR C 161 43.88 21.71 -49.69
CA THR C 161 44.21 20.74 -48.66
C THR C 161 43.17 19.68 -48.31
N ASP C 162 41.91 20.06 -48.00
CA ASP C 162 40.95 19.18 -47.37
C ASP C 162 40.50 17.98 -48.20
N ARG C 163 40.05 18.22 -49.44
CA ARG C 163 39.58 17.20 -50.34
C ARG C 163 40.67 16.22 -50.74
N ASN C 164 41.85 16.73 -51.11
CA ASN C 164 42.98 15.94 -51.52
C ASN C 164 43.60 15.12 -50.40
N ALA C 165 43.73 15.68 -49.18
CA ALA C 165 44.18 14.92 -48.04
C ALA C 165 43.19 13.81 -47.66
N LEU C 166 41.90 14.12 -47.56
CA LEU C 166 40.88 13.15 -47.18
C LEU C 166 40.68 12.03 -48.19
N SER C 167 40.69 12.33 -49.51
CA SER C 167 40.68 11.32 -50.57
C SER C 167 41.92 10.44 -50.56
N SER C 168 43.11 11.02 -50.32
CA SER C 168 44.37 10.29 -50.14
C SER C 168 44.36 9.34 -48.96
N LEU C 169 43.83 9.75 -47.79
CA LEU C 169 43.66 8.86 -46.64
C LEU C 169 42.72 7.71 -46.92
N TRP C 170 41.56 7.96 -47.56
CA TRP C 170 40.67 6.90 -48.00
C TRP C 170 41.33 5.97 -49.01
N GLY C 171 42.08 6.51 -49.99
CA GLY C 171 42.75 5.71 -51.01
C GLY C 171 43.87 4.84 -50.50
N LYS C 172 44.73 5.35 -49.59
CA LYS C 172 45.77 4.57 -48.90
C LYS C 172 45.19 3.50 -47.98
N LEU C 173 44.12 3.84 -47.23
CA LEU C 173 43.40 2.90 -46.41
C LEU C 173 42.74 1.79 -47.22
N ALA C 174 42.04 2.13 -48.32
CA ALA C 174 41.47 1.18 -49.24
C ALA C 174 42.50 0.30 -49.94
N SER C 175 43.60 0.87 -50.48
CA SER C 175 44.61 0.08 -51.18
C SER C 175 45.29 -0.93 -50.27
N GLU C 176 45.70 -0.51 -49.06
CA GLU C 176 46.48 -1.37 -48.20
C GLU C 176 45.62 -2.32 -47.37
N ILE C 177 44.30 -2.07 -47.22
CA ILE C 177 43.36 -3.12 -46.84
C ILE C 177 43.28 -4.21 -47.90
N LEU C 178 43.17 -3.86 -49.20
CA LEU C 178 43.17 -4.83 -50.29
C LEU C 178 44.48 -5.60 -50.45
N MET C 179 45.64 -4.93 -50.33
CA MET C 179 46.96 -5.54 -50.43
C MET C 179 47.37 -6.35 -49.20
N GLN C 180 46.65 -6.17 -48.07
CA GLN C 180 46.78 -6.90 -46.82
C GLN C 180 47.87 -6.35 -45.91
N ASN C 181 48.32 -5.10 -46.16
CA ASN C 181 49.31 -4.44 -45.32
C ASN C 181 48.61 -3.79 -44.14
N TRP C 182 48.41 -4.58 -43.06
CA TRP C 182 47.62 -4.18 -41.91
C TRP C 182 48.13 -2.97 -41.17
N ASP C 183 49.44 -2.83 -40.93
CA ASP C 183 50.03 -1.73 -40.21
C ASP C 183 49.72 -0.37 -40.86
N ALA C 184 49.82 -0.29 -42.20
CA ALA C 184 49.36 0.83 -42.99
C ALA C 184 47.85 1.09 -42.88
N ALA C 185 47.02 0.02 -42.94
CA ALA C 185 45.59 0.14 -42.70
C ALA C 185 45.21 0.62 -41.30
N MET C 186 45.89 0.11 -40.25
CA MET C 186 45.77 0.54 -38.87
C MET C 186 46.19 1.99 -38.67
N GLU C 187 47.27 2.43 -39.36
CA GLU C 187 47.71 3.82 -39.42
C GLU C 187 46.63 4.74 -39.99
N ASP C 188 46.02 4.40 -41.15
CA ASP C 188 45.00 5.24 -41.75
C ASP C 188 43.60 5.09 -41.18
N LEU C 189 43.28 4.00 -40.45
CA LEU C 189 42.10 3.95 -39.58
C LEU C 189 42.24 5.04 -38.51
N THR C 190 43.44 5.13 -37.90
CA THR C 190 43.78 6.12 -36.90
C THR C 190 43.82 7.54 -37.46
N ARG C 191 44.50 7.73 -38.60
CA ARG C 191 44.64 9.00 -39.28
C ARG C 191 43.30 9.56 -39.79
N LEU C 192 42.40 8.68 -40.31
CA LEU C 192 41.05 9.07 -40.69
C LEU C 192 40.18 9.57 -39.53
N LYS C 193 40.17 8.90 -38.36
CA LYS C 193 39.34 9.34 -37.24
C LYS C 193 39.86 10.62 -36.56
N GLU C 194 41.16 10.93 -36.64
CA GLU C 194 41.72 12.23 -36.32
C GLU C 194 41.27 13.35 -37.26
N THR C 195 41.14 13.04 -38.57
CA THR C 195 40.93 14.03 -39.64
C THR C 195 39.49 14.53 -39.74
N ILE C 196 38.52 13.85 -39.11
CA ILE C 196 37.11 14.19 -39.26
C ILE C 196 36.61 15.19 -38.24
N ASP C 197 37.47 15.69 -37.34
CA ASP C 197 37.15 16.72 -36.38
C ASP C 197 36.77 18.08 -37.00
N ASN C 198 37.67 18.63 -37.84
CA ASN C 198 37.76 20.06 -38.05
C ASN C 198 36.54 20.81 -38.62
N ASN C 199 35.79 20.34 -39.64
CA ASN C 199 35.98 19.26 -40.58
C ASN C 199 36.36 19.93 -41.91
N SER C 200 35.53 19.78 -42.94
CA SER C 200 35.58 20.52 -44.19
C SER C 200 34.28 21.30 -44.27
N VAL C 201 33.79 21.63 -45.48
CA VAL C 201 32.52 22.34 -45.69
C VAL C 201 31.34 21.59 -45.09
N SER C 202 31.37 20.25 -45.15
CA SER C 202 30.41 19.37 -44.51
C SER C 202 29.04 19.48 -45.13
N SER C 203 29.01 19.62 -46.47
CA SER C 203 27.83 19.57 -47.30
C SER C 203 27.20 18.18 -47.24
N PRO C 204 25.88 18.01 -47.16
CA PRO C 204 25.20 16.84 -46.60
C PRO C 204 25.80 15.46 -46.80
N LEU C 205 26.02 15.06 -48.06
CA LEU C 205 26.55 13.77 -48.46
C LEU C 205 27.98 13.49 -47.99
N GLN C 206 28.84 14.53 -47.84
CA GLN C 206 30.23 14.37 -47.41
C GLN C 206 30.35 13.75 -46.03
N SER C 207 29.56 14.24 -45.06
CA SER C 207 29.51 13.74 -43.70
C SER C 207 29.03 12.31 -43.60
N LEU C 208 28.05 11.94 -44.44
CA LEU C 208 27.55 10.58 -44.57
C LEU C 208 28.57 9.61 -45.13
N GLN C 209 29.29 10.01 -46.21
CA GLN C 209 30.36 9.20 -46.79
C GLN C 209 31.51 8.96 -45.81
N GLN C 210 31.88 9.99 -45.02
CA GLN C 210 32.82 9.85 -43.91
C GLN C 210 32.37 8.86 -42.84
N ARG C 211 31.08 8.86 -42.44
CA ARG C 211 30.53 7.85 -41.53
C ARG C 211 30.65 6.43 -42.09
N THR C 212 30.29 6.24 -43.37
CA THR C 212 30.39 4.96 -44.06
C THR C 212 31.83 4.45 -44.22
N TRP C 213 32.80 5.32 -44.53
CA TRP C 213 34.22 4.98 -44.55
C TRP C 213 34.77 4.49 -43.21
N LEU C 214 34.35 5.13 -42.08
CA LEU C 214 34.65 4.66 -40.74
C LEU C 214 34.08 3.28 -40.46
N ILE C 215 32.84 3.01 -40.91
CA ILE C 215 32.26 1.66 -40.87
C ILE C 215 33.06 0.66 -41.70
N HIS C 216 33.46 0.98 -42.95
CA HIS C 216 34.23 0.06 -43.78
C HIS C 216 35.59 -0.36 -43.21
N TRP C 217 36.42 0.54 -42.66
CA TRP C 217 37.66 0.09 -42.00
C TRP C 217 37.45 -0.63 -40.66
N SER C 218 36.50 -0.18 -39.83
CA SER C 218 36.20 -0.81 -38.55
C SER C 218 35.61 -2.21 -38.62
N LEU C 219 34.78 -2.49 -39.65
CA LEU C 219 33.98 -3.70 -39.78
C LEU C 219 34.69 -5.05 -39.74
N PHE C 220 35.81 -5.24 -40.49
CA PHE C 220 36.20 -6.57 -40.91
C PHE C 220 37.08 -7.37 -39.95
N VAL C 221 37.67 -6.70 -38.94
CA VAL C 221 38.43 -7.29 -37.85
C VAL C 221 39.77 -7.95 -38.22
N PHE C 222 40.88 -7.21 -37.98
CA PHE C 222 42.23 -7.75 -38.08
C PHE C 222 42.84 -7.85 -36.68
N PHE C 223 43.32 -6.73 -36.08
CA PHE C 223 43.80 -6.73 -34.70
C PHE C 223 42.73 -6.21 -33.71
N ASN C 224 43.01 -5.12 -32.97
CA ASN C 224 42.23 -4.69 -31.82
C ASN C 224 40.96 -3.89 -32.15
N HIS C 225 40.08 -4.47 -32.99
CA HIS C 225 38.81 -3.86 -33.38
C HIS C 225 37.80 -3.62 -32.26
N PRO C 226 37.71 -4.30 -31.12
CA PRO C 226 36.92 -3.81 -29.98
C PRO C 226 37.25 -2.40 -29.50
N LYS C 227 38.51 -1.92 -29.61
CA LYS C 227 38.81 -0.52 -29.35
C LYS C 227 38.21 0.41 -30.40
N GLY C 228 38.23 -0.01 -31.68
CA GLY C 228 37.55 0.70 -32.77
C GLY C 228 36.04 0.71 -32.64
N ARG C 229 35.45 -0.35 -32.06
CA ARG C 229 34.06 -0.42 -31.67
C ARG C 229 33.69 0.61 -30.61
N ASP C 230 34.56 0.77 -29.58
CA ASP C 230 34.42 1.80 -28.56
C ASP C 230 34.58 3.19 -29.17
N ASN C 231 35.60 3.40 -30.02
CA ASN C 231 35.77 4.68 -30.70
C ASN C 231 34.63 5.06 -31.63
N ILE C 232 34.11 4.13 -32.46
CA ILE C 232 33.02 4.43 -33.38
C ILE C 232 31.66 4.70 -32.73
N ILE C 233 31.26 3.98 -31.65
CA ILE C 233 29.93 4.16 -31.07
C ILE C 233 29.73 5.50 -30.36
N ASP C 234 30.71 5.96 -29.58
CA ASP C 234 30.57 7.18 -28.81
C ASP C 234 30.94 8.40 -29.68
N LEU C 235 31.68 8.15 -30.80
CA LEU C 235 31.78 9.09 -31.90
C LEU C 235 30.44 9.32 -32.59
N PHE C 236 30.09 10.61 -32.82
CA PHE C 236 28.81 11.03 -33.38
C PHE C 236 27.59 10.67 -32.51
N LEU C 237 27.80 10.18 -31.28
CA LEU C 237 26.78 9.74 -30.33
C LEU C 237 25.86 8.60 -30.81
N TYR C 238 26.21 7.38 -30.37
CA TYR C 238 25.46 6.14 -30.33
C TYR C 238 24.25 5.92 -31.25
N GLN C 239 24.51 5.35 -32.44
CA GLN C 239 23.47 4.93 -33.36
C GLN C 239 23.77 3.51 -33.84
N PRO C 240 22.80 2.73 -34.33
CA PRO C 240 23.07 1.35 -34.73
C PRO C 240 23.39 1.31 -36.21
N GLN C 241 23.07 2.38 -36.96
CA GLN C 241 23.27 2.42 -38.40
C GLN C 241 23.82 3.75 -38.88
N TYR C 242 23.55 4.86 -38.16
CA TYR C 242 24.13 6.18 -38.37
C TYR C 242 23.49 6.99 -39.50
N LEU C 243 22.35 6.53 -40.05
CA LEU C 243 21.56 7.25 -41.03
C LEU C 243 20.08 6.90 -40.84
N ASN C 244 19.19 7.89 -41.06
CA ASN C 244 17.75 7.69 -41.18
C ASN C 244 17.38 7.88 -42.66
N ALA C 245 16.10 8.15 -42.98
CA ALA C 245 15.57 8.27 -44.33
C ALA C 245 15.33 6.92 -44.97
N ILE C 246 14.83 5.98 -44.13
CA ILE C 246 14.21 4.70 -44.44
C ILE C 246 15.02 3.61 -45.15
N GLN C 247 16.04 3.96 -45.95
CA GLN C 247 16.73 3.03 -46.82
C GLN C 247 17.96 2.41 -46.17
N THR C 248 18.23 2.75 -44.90
CA THR C 248 19.38 2.25 -44.14
C THR C 248 19.43 0.74 -43.98
N MET C 249 20.64 0.17 -44.11
CA MET C 249 20.90 -1.26 -44.21
C MET C 249 22.41 -1.45 -44.29
N CYS C 250 23.14 -1.36 -43.20
CA CYS C 250 24.59 -1.49 -43.12
C CYS C 250 24.77 -2.54 -42.14
N PRO C 251 24.19 -3.75 -42.40
CA PRO C 251 22.81 -3.90 -41.91
C PRO C 251 22.83 -4.11 -40.42
N HIS C 252 24.21 -5.02 -40.63
CA HIS C 252 25.21 -6.01 -40.12
C HIS C 252 26.09 -5.52 -38.98
N ILE C 253 26.42 -4.22 -38.88
CA ILE C 253 27.33 -3.70 -37.86
C ILE C 253 26.92 -3.99 -36.40
N LEU C 254 25.62 -3.90 -36.05
CA LEU C 254 25.10 -4.22 -34.72
C LEU C 254 25.43 -5.63 -34.23
N ARG C 255 25.46 -6.64 -35.14
CA ARG C 255 25.84 -8.01 -34.80
C ARG C 255 27.26 -8.10 -34.23
N TYR C 256 28.23 -7.49 -34.93
CA TYR C 256 29.63 -7.45 -34.53
C TYR C 256 29.82 -6.60 -33.29
N LEU C 257 29.11 -5.45 -33.23
CA LEU C 257 29.15 -4.54 -32.11
C LEU C 257 28.67 -5.14 -30.79
N THR C 258 27.58 -5.92 -30.81
CA THR C 258 27.08 -6.62 -29.62
C THR C 258 28.07 -7.63 -29.07
N THR C 259 28.67 -8.46 -29.95
CA THR C 259 29.70 -9.43 -29.57
C THR C 259 30.94 -8.78 -29.02
N ALA C 260 31.38 -7.66 -29.63
CA ALA C 260 32.52 -6.89 -29.17
C ALA C 260 32.30 -6.16 -27.84
N VAL C 261 31.03 -5.93 -27.42
CA VAL C 261 30.73 -5.60 -26.03
C VAL C 261 30.81 -6.83 -25.13
N ILE C 262 30.15 -7.95 -25.49
CA ILE C 262 30.05 -9.15 -24.66
C ILE C 262 31.39 -9.82 -24.34
N THR C 263 32.33 -9.91 -25.30
CA THR C 263 33.57 -10.64 -25.06
C THR C 263 34.69 -9.75 -24.53
N ASN C 264 34.46 -8.42 -24.39
CA ASN C 264 35.49 -7.52 -23.92
C ASN C 264 35.01 -6.66 -22.73
N LYS C 265 33.76 -6.83 -22.25
CA LYS C 265 33.20 -6.00 -21.21
C LYS C 265 32.13 -6.78 -20.47
N ASP C 266 31.76 -6.34 -19.24
CA ASP C 266 30.58 -6.86 -18.56
C ASP C 266 29.25 -6.55 -19.29
N VAL C 267 28.23 -7.41 -19.17
CA VAL C 267 26.99 -7.29 -19.93
C VAL C 267 25.91 -6.44 -19.24
N ARG C 268 26.27 -5.64 -18.22
CA ARG C 268 25.30 -4.93 -17.39
C ARG C 268 24.31 -3.92 -17.99
N LYS C 269 24.53 -2.98 -18.95
CA LYS C 269 25.46 -2.72 -20.04
C LYS C 269 24.95 -3.25 -21.38
N ARG C 270 24.23 -4.39 -21.41
CA ARG C 270 23.43 -4.76 -22.58
C ARG C 270 22.01 -4.25 -22.41
N ARG C 271 21.63 -3.78 -21.19
CA ARG C 271 20.41 -3.04 -20.94
C ARG C 271 20.34 -1.70 -21.71
N GLN C 272 21.45 -0.93 -21.77
CA GLN C 272 21.55 0.24 -22.63
C GLN C 272 21.55 -0.09 -24.12
N VAL C 273 22.23 -1.15 -24.57
CA VAL C 273 22.23 -1.59 -25.97
C VAL C 273 20.82 -1.91 -26.45
N LEU C 274 20.02 -2.61 -25.63
CA LEU C 274 18.62 -2.88 -25.88
C LEU C 274 17.73 -1.64 -26.03
N LYS C 275 17.88 -0.60 -25.17
CA LYS C 275 17.13 0.63 -25.42
C LYS C 275 17.66 1.44 -26.60
N ASP C 276 18.96 1.75 -26.56
CA ASP C 276 19.49 2.95 -27.19
C ASP C 276 20.10 2.64 -28.54
N LEU C 277 20.29 1.35 -28.84
CA LEU C 277 20.74 0.91 -30.14
C LEU C 277 19.69 0.01 -30.78
N VAL C 278 19.13 -0.97 -30.04
CA VAL C 278 18.16 -1.91 -30.59
C VAL C 278 16.77 -1.32 -30.82
N LYS C 279 16.23 -0.51 -29.87
CA LYS C 279 14.85 -0.05 -29.99
C LYS C 279 14.73 1.34 -30.60
N VAL C 280 15.83 2.07 -30.86
CA VAL C 280 15.80 3.27 -31.67
C VAL C 280 15.40 3.01 -33.13
N ILE C 281 14.73 3.98 -33.78
CA ILE C 281 14.03 3.74 -35.04
C ILE C 281 14.90 3.36 -36.24
N GLN C 282 16.20 3.70 -36.23
CA GLN C 282 17.17 3.20 -37.19
C GLN C 282 17.33 1.68 -37.17
N GLN C 283 17.35 1.05 -35.98
CA GLN C 283 17.35 -0.41 -35.88
C GLN C 283 15.96 -0.99 -36.11
N GLU C 284 14.88 -0.30 -35.72
CA GLU C 284 13.50 -0.71 -36.04
C GLU C 284 13.29 -0.85 -37.55
N SER C 285 13.87 0.09 -38.33
CA SER C 285 14.03 0.01 -39.77
C SER C 285 14.88 -1.16 -40.28
N TYR C 286 16.06 -1.43 -39.67
CA TYR C 286 16.93 -2.55 -40.03
C TYR C 286 16.37 -3.95 -39.66
N THR C 287 15.72 -4.12 -38.49
CA THR C 287 15.25 -5.42 -37.99
C THR C 287 14.34 -6.16 -38.96
N TYR C 288 13.40 -5.44 -39.59
CA TYR C 288 12.46 -6.02 -40.56
C TYR C 288 13.08 -6.14 -41.96
N LYS C 289 14.42 -6.02 -42.05
CA LYS C 289 15.21 -6.31 -43.24
C LYS C 289 16.23 -7.42 -42.97
N ASP C 290 16.16 -8.11 -41.80
CA ASP C 290 17.12 -9.13 -41.42
C ASP C 290 16.55 -10.05 -40.33
N PRO C 291 15.83 -11.13 -40.65
CA PRO C 291 15.17 -11.99 -39.68
C PRO C 291 16.15 -12.73 -38.78
N ILE C 292 17.38 -13.01 -39.25
CA ILE C 292 18.41 -13.64 -38.43
C ILE C 292 18.90 -12.71 -37.32
N THR C 293 19.07 -11.40 -37.60
CA THR C 293 19.26 -10.40 -36.55
C THR C 293 18.04 -10.24 -35.67
N GLU C 294 16.82 -10.23 -36.27
CA GLU C 294 15.56 -10.13 -35.55
C GLU C 294 15.34 -11.23 -34.53
N PHE C 295 15.61 -12.51 -34.88
CA PHE C 295 15.51 -13.60 -33.93
C PHE C 295 16.40 -13.41 -32.70
N VAL C 296 17.66 -12.95 -32.85
CA VAL C 296 18.53 -12.71 -31.71
C VAL C 296 17.94 -11.66 -30.75
N GLU C 297 17.51 -10.49 -31.26
CA GLU C 297 16.94 -9.44 -30.43
C GLU C 297 15.54 -9.74 -29.90
N CYS C 298 14.62 -10.22 -30.75
CA CYS C 298 13.25 -10.53 -30.38
C CYS C 298 13.12 -11.69 -29.42
N LEU C 299 13.92 -12.75 -29.54
CA LEU C 299 13.95 -13.81 -28.54
C LEU C 299 14.52 -13.35 -27.20
N TYR C 300 15.61 -12.54 -27.21
CA TYR C 300 16.22 -11.95 -26.03
C TYR C 300 15.25 -11.04 -25.25
N VAL C 301 14.52 -10.14 -25.93
CA VAL C 301 13.64 -9.19 -25.25
C VAL C 301 12.31 -9.79 -24.77
N ASN C 302 11.94 -11.00 -25.25
CA ASN C 302 10.71 -11.66 -24.82
C ASN C 302 10.94 -12.84 -23.89
N PHE C 303 12.21 -13.24 -23.65
CA PHE C 303 12.64 -14.17 -22.61
C PHE C 303 12.15 -15.61 -22.74
N ASP C 304 11.94 -16.10 -23.97
CA ASP C 304 11.56 -17.47 -24.28
C ASP C 304 12.63 -18.52 -23.90
N PHE C 305 12.17 -19.74 -23.55
CA PHE C 305 12.98 -20.82 -23.02
C PHE C 305 13.24 -21.99 -23.97
N ASP C 306 12.49 -22.12 -25.09
CA ASP C 306 12.55 -23.37 -25.85
C ASP C 306 12.07 -23.23 -27.30
N GLY C 307 11.44 -22.10 -27.68
CA GLY C 307 11.37 -21.66 -29.06
C GLY C 307 12.64 -20.94 -29.39
N ALA C 308 13.12 -20.11 -28.45
CA ALA C 308 14.31 -19.32 -28.57
C ALA C 308 15.59 -20.11 -28.76
N GLN C 309 15.86 -21.09 -27.88
CA GLN C 309 17.10 -21.84 -27.92
C GLN C 309 17.27 -22.68 -29.18
N LYS C 310 16.17 -23.29 -29.68
CA LYS C 310 16.17 -23.98 -30.96
C LYS C 310 16.41 -23.03 -32.14
N LYS C 311 15.73 -21.87 -32.19
CA LYS C 311 15.94 -20.85 -33.22
C LYS C 311 17.34 -20.24 -33.21
N LEU C 312 17.94 -20.01 -32.04
CA LEU C 312 19.33 -19.61 -31.96
C LEU C 312 20.30 -20.68 -32.48
N ARG C 313 20.08 -21.97 -32.17
CA ARG C 313 20.83 -23.09 -32.74
C ARG C 313 20.67 -23.24 -34.26
N GLU C 314 19.45 -23.01 -34.78
CA GLU C 314 19.13 -22.88 -36.19
C GLU C 314 19.88 -21.71 -36.85
N CYS C 315 19.92 -20.52 -36.19
CA CYS C 315 20.74 -19.40 -36.58
C CYS C 315 22.25 -19.67 -36.56
N GLU C 316 22.79 -20.47 -35.61
CA GLU C 316 24.21 -20.88 -35.59
C GLU C 316 24.61 -21.55 -36.89
N SER C 317 23.73 -22.42 -37.42
CA SER C 317 23.91 -23.12 -38.69
C SER C 317 24.07 -22.18 -39.88
N VAL C 318 23.30 -21.09 -39.97
CA VAL C 318 23.54 -20.05 -40.97
C VAL C 318 24.79 -19.22 -40.68
N LEU C 319 25.00 -18.78 -39.42
CA LEU C 319 26.11 -17.94 -39.01
C LEU C 319 27.49 -18.56 -39.16
N VAL C 320 27.64 -19.88 -38.94
CA VAL C 320 28.89 -20.60 -39.15
C VAL C 320 29.22 -20.77 -40.64
N ASN C 321 28.25 -20.49 -41.52
CA ASN C 321 28.43 -20.43 -42.96
C ASN C 321 28.40 -18.98 -43.46
N ASP C 322 28.65 -17.99 -42.58
CA ASP C 322 28.91 -16.63 -43.00
C ASP C 322 30.39 -16.54 -43.40
N PHE C 323 30.64 -16.10 -44.65
CA PHE C 323 31.98 -16.06 -45.21
C PHE C 323 32.57 -14.66 -45.07
N PHE C 324 31.81 -13.73 -44.47
CA PHE C 324 32.32 -12.40 -44.13
C PHE C 324 33.47 -12.44 -43.13
N LEU C 325 34.44 -11.52 -43.29
CA LEU C 325 35.42 -11.27 -42.26
C LEU C 325 34.81 -10.76 -40.95
N VAL C 326 35.25 -11.35 -39.82
CA VAL C 326 34.75 -11.04 -38.49
C VAL C 326 35.72 -11.52 -37.41
N ALA C 327 36.70 -12.37 -37.77
CA ALA C 327 37.64 -13.02 -36.86
C ALA C 327 37.00 -13.95 -35.82
N CYS C 328 36.44 -13.37 -34.76
CA CYS C 328 35.90 -14.00 -33.57
C CYS C 328 34.54 -14.69 -33.79
N LEU C 329 34.50 -15.77 -34.59
CA LEU C 329 33.27 -16.44 -34.96
C LEU C 329 32.66 -17.36 -33.90
N GLU C 330 33.42 -18.33 -33.31
CA GLU C 330 32.82 -19.23 -32.32
C GLU C 330 32.73 -18.53 -30.96
N ASP C 331 33.54 -17.48 -30.74
CA ASP C 331 33.50 -16.58 -29.61
C ASP C 331 32.14 -15.89 -29.50
N PHE C 332 31.62 -15.44 -30.66
CA PHE C 332 30.28 -14.90 -30.85
C PHE C 332 29.24 -15.97 -30.56
N ILE C 333 29.36 -17.15 -31.17
CA ILE C 333 28.38 -18.22 -31.06
C ILE C 333 28.30 -18.79 -29.65
N GLU C 334 29.44 -19.11 -29.01
CA GLU C 334 29.52 -19.62 -27.66
C GLU C 334 29.00 -18.63 -26.61
N ASN C 335 29.38 -17.34 -26.69
CA ASN C 335 28.84 -16.35 -25.78
C ASN C 335 27.40 -15.95 -26.10
N ALA C 336 26.90 -16.19 -27.33
CA ALA C 336 25.46 -16.16 -27.60
C ALA C 336 24.70 -17.26 -26.86
N ARG C 337 25.23 -18.50 -26.84
CA ARG C 337 24.69 -19.59 -26.02
C ARG C 337 24.74 -19.28 -24.53
N LEU C 338 25.88 -18.76 -24.02
CA LEU C 338 25.99 -18.34 -22.63
C LEU C 338 25.07 -17.18 -22.26
N PHE C 339 25.01 -16.10 -23.07
CA PHE C 339 24.21 -14.92 -22.79
C PHE C 339 22.71 -15.19 -22.75
N ILE C 340 22.17 -16.02 -23.66
CA ILE C 340 20.76 -16.44 -23.57
C ILE C 340 20.48 -17.29 -22.33
N PHE C 341 21.38 -18.22 -21.96
CA PHE C 341 21.30 -19.01 -20.74
C PHE C 341 21.38 -18.16 -19.45
N GLU C 342 22.32 -17.20 -19.40
CA GLU C 342 22.49 -16.21 -18.36
C GLU C 342 21.29 -15.30 -18.19
N THR C 343 20.71 -14.82 -19.31
CA THR C 343 19.45 -14.08 -19.34
C THR C 343 18.27 -14.89 -18.81
N PHE C 344 18.14 -16.15 -19.27
CA PHE C 344 17.14 -17.13 -18.84
C PHE C 344 17.22 -17.44 -17.33
N CYS C 345 18.44 -17.67 -16.82
CA CYS C 345 18.69 -18.03 -15.44
C CYS C 345 18.52 -16.91 -14.43
N ARG C 346 18.42 -15.63 -14.87
CA ARG C 346 18.27 -14.47 -14.00
C ARG C 346 17.10 -14.54 -13.03
N ILE C 347 15.96 -15.10 -13.46
CA ILE C 347 14.75 -15.21 -12.64
C ILE C 347 14.28 -16.64 -12.49
N HIS C 348 15.10 -17.65 -12.87
CA HIS C 348 14.61 -19.02 -12.92
C HIS C 348 14.51 -19.74 -11.58
N GLN C 349 13.62 -20.75 -11.52
CA GLN C 349 13.56 -21.66 -10.41
C GLN C 349 14.45 -22.88 -10.63
N CYS C 350 14.28 -23.60 -11.75
CA CYS C 350 14.96 -24.84 -11.99
C CYS C 350 15.40 -24.97 -13.44
N ILE C 351 16.42 -25.80 -13.71
CA ILE C 351 16.68 -26.30 -15.05
C ILE C 351 17.18 -27.73 -14.95
N SER C 352 16.56 -28.66 -15.69
CA SER C 352 17.09 -30.02 -15.83
C SER C 352 18.32 -30.02 -16.71
N ILE C 353 19.40 -30.73 -16.33
CA ILE C 353 20.63 -30.81 -17.12
C ILE C 353 20.38 -31.45 -18.48
N ASN C 354 19.55 -32.53 -18.50
CA ASN C 354 19.16 -33.22 -19.71
C ASN C 354 18.39 -32.33 -20.66
N MET C 355 17.39 -31.57 -20.16
CA MET C 355 16.55 -30.70 -20.97
C MET C 355 17.29 -29.57 -21.68
N LEU C 356 18.45 -29.14 -21.15
CA LEU C 356 19.38 -28.29 -21.87
C LEU C 356 20.13 -29.04 -22.98
N ALA C 357 20.59 -30.27 -22.68
CA ALA C 357 21.39 -31.11 -23.55
C ALA C 357 20.69 -31.58 -24.82
N ASP C 358 19.45 -32.09 -24.73
CA ASP C 358 18.67 -32.52 -25.89
C ASP C 358 18.43 -31.38 -26.87
N LYS C 359 18.10 -30.21 -26.29
CA LYS C 359 17.76 -28.98 -26.95
C LYS C 359 18.86 -28.38 -27.80
N LEU C 360 20.10 -28.44 -27.31
CA LEU C 360 21.24 -27.88 -28.00
C LEU C 360 22.05 -28.93 -28.74
N ASN C 361 21.68 -30.22 -28.65
CA ASN C 361 22.42 -31.34 -29.22
C ASN C 361 23.84 -31.46 -28.64
N MET C 362 23.93 -31.70 -27.32
CA MET C 362 25.16 -31.90 -26.59
C MET C 362 24.92 -33.04 -25.60
N THR C 363 25.97 -33.64 -25.00
CA THR C 363 25.76 -34.76 -24.06
C THR C 363 25.44 -34.24 -22.65
N PRO C 364 24.63 -34.87 -21.78
CA PRO C 364 24.28 -34.29 -20.49
C PRO C 364 25.45 -34.04 -19.53
N GLU C 365 26.55 -34.82 -19.58
CA GLU C 365 27.75 -34.48 -18.84
C GLU C 365 28.43 -33.19 -19.31
N GLU C 366 28.52 -32.99 -20.64
CA GLU C 366 29.02 -31.78 -21.28
C GLU C 366 28.18 -30.57 -20.89
N ALA C 367 26.83 -30.73 -20.87
CA ALA C 367 25.91 -29.76 -20.34
C ALA C 367 26.12 -29.44 -18.85
N GLU C 368 26.31 -30.46 -17.98
CA GLU C 368 26.63 -30.26 -16.57
C GLU C 368 27.91 -29.46 -16.35
N ARG C 369 29.00 -29.84 -17.04
CA ARG C 369 30.29 -29.17 -16.95
C ARG C 369 30.24 -27.75 -17.51
N TRP C 370 29.44 -27.49 -18.57
CA TRP C 370 29.14 -26.15 -19.02
C TRP C 370 28.43 -25.30 -17.97
N ILE C 371 27.38 -25.82 -17.29
CA ILE C 371 26.71 -25.14 -16.17
C ILE C 371 27.65 -24.89 -15.00
N VAL C 372 28.51 -25.86 -14.65
CA VAL C 372 29.58 -25.69 -13.67
C VAL C 372 30.54 -24.57 -14.05
N ASN C 373 30.89 -24.40 -15.33
CA ASN C 373 31.64 -23.24 -15.81
C ASN C 373 30.92 -21.89 -15.67
N LEU C 374 29.59 -21.79 -15.80
CA LEU C 374 28.84 -20.58 -15.40
C LEU C 374 29.03 -20.27 -13.92
N ILE C 375 28.88 -21.29 -13.03
CA ILE C 375 29.06 -21.17 -11.59
C ILE C 375 30.50 -20.80 -11.21
N ARG C 376 31.49 -21.47 -11.83
CA ARG C 376 32.93 -21.25 -11.67
C ARG C 376 33.35 -19.83 -12.00
N ASN C 377 32.66 -19.19 -12.96
CA ASN C 377 32.93 -17.82 -13.33
C ASN C 377 32.08 -16.81 -12.57
N ALA C 378 31.16 -17.25 -11.69
CA ALA C 378 30.17 -16.41 -11.05
C ALA C 378 29.26 -15.68 -12.05
N ARG C 379 28.65 -16.47 -12.95
CA ARG C 379 27.64 -16.02 -13.91
C ARG C 379 26.31 -16.70 -13.58
N LEU C 380 26.18 -17.24 -12.36
CA LEU C 380 25.04 -18.05 -11.93
C LEU C 380 25.20 -18.55 -10.49
N ASP C 381 24.42 -18.00 -9.54
CA ASP C 381 24.15 -18.61 -8.25
C ASP C 381 23.36 -19.91 -8.38
N ALA C 382 23.73 -21.00 -7.67
CA ALA C 382 22.98 -22.23 -7.81
C ALA C 382 23.23 -23.24 -6.70
N LYS C 383 22.35 -24.25 -6.61
CA LYS C 383 22.70 -25.56 -6.10
C LYS C 383 22.47 -26.57 -7.22
N ILE C 384 23.20 -27.69 -7.24
CA ILE C 384 23.01 -28.72 -8.26
C ILE C 384 22.49 -29.95 -7.57
N ASP C 385 21.32 -30.47 -7.94
CA ASP C 385 20.90 -31.75 -7.42
C ASP C 385 21.71 -32.89 -8.02
N SER C 386 22.34 -33.70 -7.14
CA SER C 386 23.23 -34.76 -7.55
C SER C 386 22.50 -35.97 -8.04
N LYS C 387 21.26 -36.20 -7.56
CA LYS C 387 20.58 -37.46 -7.76
C LYS C 387 19.30 -37.35 -8.58
N LEU C 388 18.75 -36.13 -8.78
CA LEU C 388 17.78 -35.91 -9.85
C LEU C 388 18.40 -35.26 -11.09
N GLY C 389 19.63 -34.73 -11.03
CA GLY C 389 20.27 -34.12 -12.21
C GLY C 389 19.67 -32.81 -12.66
N HIS C 390 19.21 -31.99 -11.71
CA HIS C 390 18.63 -30.68 -11.98
C HIS C 390 19.39 -29.60 -11.24
N VAL C 391 19.61 -28.45 -11.88
CA VAL C 391 20.24 -27.29 -11.27
C VAL C 391 19.14 -26.37 -10.78
N VAL C 392 19.22 -25.88 -9.53
CA VAL C 392 18.13 -25.14 -8.88
C VAL C 392 18.68 -23.82 -8.36
N MET C 393 17.97 -22.72 -8.63
CA MET C 393 18.34 -21.36 -8.28
C MET C 393 17.41 -20.88 -7.16
N GLY C 394 17.78 -19.82 -6.39
CA GLY C 394 17.00 -19.49 -5.20
C GLY C 394 17.19 -18.11 -4.65
N ASN C 395 17.39 -17.10 -5.51
CA ASN C 395 17.75 -15.76 -5.08
C ASN C 395 16.56 -14.91 -4.63
N ASN C 396 15.75 -15.41 -3.69
CA ASN C 396 14.48 -14.82 -3.29
C ASN C 396 14.55 -13.82 -2.14
N ALA C 397 15.79 -13.39 -1.78
CA ALA C 397 16.16 -12.30 -0.89
C ALA C 397 15.18 -11.80 0.19
N VAL C 398 14.97 -12.58 1.27
CA VAL C 398 14.06 -12.21 2.33
C VAL C 398 14.69 -11.23 3.31
N SER C 399 14.12 -10.00 3.37
CA SER C 399 14.39 -8.91 4.32
C SER C 399 15.12 -7.73 3.67
N PRO C 400 14.45 -6.75 3.08
CA PRO C 400 15.14 -5.64 2.43
C PRO C 400 15.50 -4.54 3.42
N TYR C 401 14.94 -4.59 4.64
CA TYR C 401 14.89 -3.48 5.58
C TYR C 401 16.27 -2.95 6.00
N GLN C 402 17.22 -3.86 6.30
CA GLN C 402 18.53 -3.55 6.85
C GLN C 402 19.37 -2.62 5.98
N GLN C 403 19.37 -2.81 4.65
CA GLN C 403 20.20 -2.01 3.78
C GLN C 403 19.62 -0.61 3.52
N VAL C 404 18.32 -0.41 3.79
CA VAL C 404 17.72 0.91 3.93
C VAL C 404 18.15 1.57 5.24
N ILE C 405 18.08 0.82 6.35
CA ILE C 405 18.41 1.23 7.72
C ILE C 405 19.86 1.69 7.85
N GLU C 406 20.80 0.97 7.20
CA GLU C 406 22.21 1.32 7.04
C GLU C 406 22.41 2.77 6.61
N LYS C 407 21.74 3.18 5.53
CA LYS C 407 21.94 4.46 4.89
C LYS C 407 21.23 5.61 5.60
N THR C 408 19.95 5.43 5.99
CA THR C 408 19.15 6.47 6.66
C THR C 408 19.74 6.92 7.99
N LYS C 409 20.20 5.98 8.85
CA LYS C 409 20.73 6.39 10.14
C LYS C 409 22.22 6.66 10.16
N SER C 410 23.01 6.14 9.19
CA SER C 410 24.43 6.51 9.08
C SER C 410 24.65 7.97 8.76
N LEU C 411 23.89 8.53 7.80
CA LEU C 411 24.02 9.93 7.42
C LEU C 411 23.48 10.89 8.47
N SER C 412 22.22 10.69 8.94
CA SER C 412 21.61 11.61 9.90
C SER C 412 22.26 11.62 11.27
N PHE C 413 22.57 10.45 11.88
CA PHE C 413 23.18 10.39 13.21
C PHE C 413 24.56 11.03 13.28
N ARG C 414 25.43 10.75 12.29
CA ARG C 414 26.74 11.38 12.18
C ARG C 414 26.65 12.88 11.86
N SER C 415 25.64 13.32 11.08
CA SER C 415 25.35 14.75 10.87
C SER C 415 24.96 15.47 12.14
N GLN C 416 24.16 14.85 13.04
CA GLN C 416 23.91 15.39 14.37
C GLN C 416 25.17 15.47 15.23
N MET C 417 26.03 14.45 15.21
CA MET C 417 27.33 14.49 15.88
C MET C 417 28.26 15.59 15.39
N LEU C 418 28.26 15.89 14.07
CA LEU C 418 28.95 17.05 13.50
C LEU C 418 28.45 18.38 14.06
N ALA C 419 27.12 18.52 14.25
CA ALA C 419 26.51 19.69 14.84
C ALA C 419 26.92 19.97 16.29
N MET C 420 27.19 18.93 17.11
CA MET C 420 27.51 19.08 18.53
C MET C 420 28.94 19.55 18.84
N ASN C 421 29.43 20.63 18.21
CA ASN C 421 30.82 21.07 18.37
C ASN C 421 31.00 22.59 18.29
N ILE C 422 29.94 23.38 18.08
CA ILE C 422 30.00 24.82 18.01
C ILE C 422 28.73 25.30 18.76
N GLU C 423 27.63 24.75 18.46
N PHE D 93 -48.59 -11.30 31.40
CA PHE D 93 -47.76 -11.28 32.63
C PHE D 93 -47.68 -9.84 33.13
N PRO D 94 -47.75 -9.50 34.42
CA PRO D 94 -47.40 -8.19 34.96
C PRO D 94 -46.11 -7.57 34.45
N GLY D 95 -45.93 -6.24 34.54
CA GLY D 95 -44.79 -5.53 33.94
C GLY D 95 -43.46 -5.72 34.64
N GLY D 96 -42.82 -4.61 35.08
CA GLY D 96 -41.51 -4.61 35.74
C GLY D 96 -41.31 -5.60 36.86
N ARG D 97 -40.27 -6.45 36.75
CA ARG D 97 -40.03 -7.53 37.69
C ARG D 97 -38.54 -7.69 38.00
N VAL D 98 -37.67 -7.27 37.06
CA VAL D 98 -36.23 -7.21 37.25
C VAL D 98 -35.75 -5.81 36.90
N VAL D 99 -34.86 -5.24 37.72
CA VAL D 99 -34.33 -3.90 37.54
C VAL D 99 -32.84 -4.03 37.28
N ARG D 100 -32.36 -3.46 36.17
CA ARG D 100 -30.95 -3.42 35.85
C ARG D 100 -30.34 -2.11 36.33
N LEU D 101 -29.29 -2.24 37.14
CA LEU D 101 -28.54 -1.13 37.71
C LEU D 101 -27.10 -1.26 37.24
N HIS D 102 -26.27 -0.25 37.55
CA HIS D 102 -24.87 -0.26 37.19
C HIS D 102 -24.15 0.69 38.14
N PRO D 103 -22.83 0.63 38.30
CA PRO D 103 -22.13 1.38 39.34
C PRO D 103 -22.17 2.88 39.18
N VAL D 104 -22.34 3.50 37.99
CA VAL D 104 -22.52 4.95 37.89
C VAL D 104 -23.74 5.48 38.64
N ILE D 105 -24.86 4.75 38.58
CA ILE D 105 -26.08 5.05 39.31
C ILE D 105 -25.86 4.99 40.81
N LEU D 106 -25.16 3.95 41.29
CA LEU D 106 -24.76 3.83 42.68
C LEU D 106 -23.80 4.95 43.13
N ALA D 107 -22.81 5.28 42.27
CA ALA D 107 -21.86 6.35 42.47
C ALA D 107 -22.50 7.73 42.57
N SER D 108 -23.48 8.06 41.73
CA SER D 108 -24.27 9.28 41.81
C SER D 108 -25.02 9.44 43.13
N ILE D 109 -25.62 8.36 43.68
CA ILE D 109 -26.22 8.39 45.02
C ILE D 109 -25.19 8.64 46.13
N VAL D 110 -24.03 7.94 46.09
CA VAL D 110 -22.95 8.12 47.07
C VAL D 110 -22.35 9.52 47.05
N ASP D 111 -22.09 10.07 45.85
CA ASP D 111 -21.62 11.42 45.65
C ASP D 111 -22.60 12.47 46.21
N SER D 112 -23.90 12.33 45.91
CA SER D 112 -24.97 13.19 46.41
C SER D 112 -25.09 13.16 47.92
N TYR D 113 -24.96 11.96 48.54
CA TYR D 113 -24.92 11.78 49.98
C TYR D 113 -23.69 12.38 50.66
N GLU D 114 -22.47 12.20 50.11
CA GLU D 114 -21.26 12.48 50.88
C GLU D 114 -20.65 13.87 50.73
N ARG D 115 -20.86 14.62 49.63
CA ARG D 115 -20.07 15.84 49.43
C ARG D 115 -20.21 17.06 50.38
N ARG D 116 -21.39 17.53 50.82
CA ARG D 116 -22.31 16.82 51.71
C ARG D 116 -23.67 17.49 51.79
N ASN D 117 -23.74 18.83 52.01
CA ASN D 117 -24.96 19.63 52.13
C ASN D 117 -25.94 19.07 53.16
N GLU D 118 -25.42 18.84 54.38
CA GLU D 118 -26.06 18.20 55.52
C GLU D 118 -26.72 16.83 55.32
N GLY D 119 -26.58 16.19 54.14
CA GLY D 119 -27.19 14.90 53.82
C GLY D 119 -26.51 13.72 54.46
N ALA D 120 -26.67 13.57 55.78
CA ALA D 120 -25.98 12.56 56.56
C ALA D 120 -26.88 11.38 56.93
N ALA D 121 -28.21 11.53 56.78
CA ALA D 121 -29.17 10.53 57.21
C ALA D 121 -30.13 10.17 56.10
N ARG D 122 -31.25 10.92 55.94
CA ARG D 122 -32.24 10.65 54.91
C ARG D 122 -32.00 11.54 53.71
N VAL D 123 -31.57 10.96 52.59
CA VAL D 123 -31.35 11.67 51.33
C VAL D 123 -32.22 11.00 50.30
N ILE D 124 -32.99 11.81 49.53
CA ILE D 124 -33.97 11.35 48.57
C ILE D 124 -33.56 11.89 47.21
N GLY D 125 -33.87 11.19 46.10
CA GLY D 125 -33.67 11.71 44.76
C GLY D 125 -34.41 10.95 43.70
N THR D 126 -34.13 11.24 42.42
CA THR D 126 -34.88 10.75 41.27
C THR D 126 -34.00 9.89 40.40
N LEU D 127 -34.47 8.70 39.95
CA LEU D 127 -33.74 7.84 39.04
C LEU D 127 -34.34 7.81 37.65
N LEU D 128 -33.47 7.68 36.62
CA LEU D 128 -33.84 7.83 35.23
C LEU D 128 -33.25 6.71 34.38
N GLY D 129 -33.89 6.45 33.23
CA GLY D 129 -33.46 5.37 32.33
C GLY D 129 -34.50 5.06 31.30
N THR D 130 -34.82 3.77 31.10
CA THR D 130 -35.79 3.29 30.11
C THR D 130 -36.29 1.91 30.53
N VAL D 131 -37.21 1.28 29.77
CA VAL D 131 -37.79 -0.01 30.15
C VAL D 131 -37.97 -0.92 28.93
N ASP D 132 -37.88 -2.24 29.13
CA ASP D 132 -38.31 -3.22 28.14
C ASP D 132 -39.14 -4.32 28.82
N LYS D 133 -40.47 -4.33 28.58
CA LYS D 133 -41.42 -5.38 28.96
C LYS D 133 -41.53 -5.67 30.46
N HIS D 134 -40.61 -6.52 30.98
CA HIS D 134 -40.54 -6.92 32.37
C HIS D 134 -39.26 -6.45 33.03
N SER D 135 -38.46 -5.68 32.27
CA SER D 135 -37.16 -5.18 32.67
C SER D 135 -37.20 -3.67 32.77
N VAL D 136 -36.47 -3.13 33.74
CA VAL D 136 -36.27 -1.70 33.88
C VAL D 136 -34.79 -1.43 33.79
N GLU D 137 -34.37 -0.49 32.93
CA GLU D 137 -32.98 -0.15 32.73
C GLU D 137 -32.72 1.17 33.43
N VAL D 138 -31.98 1.20 34.56
CA VAL D 138 -31.69 2.45 35.24
C VAL D 138 -30.29 2.89 34.85
N THR D 139 -30.17 4.01 34.13
CA THR D 139 -28.92 4.43 33.53
C THR D 139 -28.35 5.69 34.16
N ASN D 140 -29.14 6.44 34.96
CA ASN D 140 -28.62 7.59 35.69
C ASN D 140 -29.55 7.95 36.84
N CYS D 141 -29.12 8.84 37.75
CA CYS D 141 -29.96 9.35 38.81
C CYS D 141 -29.42 10.69 39.32
N PHE D 142 -30.28 11.51 39.95
CA PHE D 142 -29.86 12.78 40.51
C PHE D 142 -30.75 13.18 41.68
N SER D 143 -30.20 13.84 42.72
CA SER D 143 -30.97 14.31 43.87
C SER D 143 -31.64 15.65 43.65
N VAL D 144 -32.64 15.98 44.49
CA VAL D 144 -33.48 17.16 44.39
C VAL D 144 -33.50 17.78 45.80
N PRO D 145 -33.76 19.06 46.05
CA PRO D 145 -34.08 19.57 47.39
C PRO D 145 -35.25 18.87 48.09
N HIS D 146 -35.04 18.39 49.33
CA HIS D 146 -35.99 17.51 49.99
C HIS D 146 -36.10 17.77 51.48
N ASN D 147 -37.17 17.22 52.10
CA ASN D 147 -37.31 17.07 53.53
C ASN D 147 -38.09 15.77 53.71
N GLU D 148 -37.84 15.02 54.80
CA GLU D 148 -38.70 13.96 55.27
C GLU D 148 -38.60 13.99 56.79
N SER D 149 -39.74 13.98 57.48
CA SER D 149 -39.83 14.31 58.90
C SER D 149 -41.14 13.72 59.37
N GLU D 150 -41.44 13.71 60.68
CA GLU D 150 -42.66 13.12 61.21
C GLU D 150 -43.71 14.20 61.55
N ASP D 151 -44.74 14.47 60.72
CA ASP D 151 -44.98 13.98 59.38
C ASP D 151 -44.86 15.15 58.41
N GLU D 152 -43.82 15.12 57.57
CA GLU D 152 -43.62 16.05 56.49
C GLU D 152 -42.90 15.32 55.38
N VAL D 153 -43.13 15.76 54.13
CA VAL D 153 -42.23 15.48 53.03
C VAL D 153 -42.19 16.74 52.22
N ALA D 154 -40.99 17.14 51.77
CA ALA D 154 -40.84 18.17 50.77
C ALA D 154 -40.12 17.57 49.58
N VAL D 155 -40.59 17.89 48.36
CA VAL D 155 -39.87 17.62 47.13
C VAL D 155 -39.97 18.89 46.33
N ASP D 156 -38.85 19.50 45.91
CA ASP D 156 -38.88 20.59 44.95
C ASP D 156 -39.15 20.03 43.55
N MET D 157 -40.45 20.04 43.17
CA MET D 157 -40.91 19.40 41.97
C MET D 157 -40.66 20.24 40.74
N GLU D 158 -40.71 21.57 40.94
CA GLU D 158 -40.42 22.55 39.94
C GLU D 158 -38.92 22.53 39.58
N PHE D 159 -37.99 22.39 40.56
CA PHE D 159 -36.59 22.03 40.30
C PHE D 159 -36.45 20.73 39.54
N ALA D 160 -37.23 19.68 39.91
CA ALA D 160 -37.20 18.39 39.26
C ALA D 160 -37.56 18.43 37.78
N LYS D 161 -38.54 19.27 37.37
CA LYS D 161 -38.82 19.54 35.96
C LYS D 161 -37.66 20.18 35.20
N ASN D 162 -37.03 21.23 35.76
CA ASN D 162 -35.87 21.88 35.16
C ASN D 162 -34.66 20.95 35.07
N MET D 163 -34.42 20.14 36.12
CA MET D 163 -33.42 19.09 36.15
C MET D 163 -33.67 18.03 35.07
N TYR D 164 -34.93 17.63 34.87
CA TYR D 164 -35.33 16.76 33.78
C TYR D 164 -35.10 17.36 32.40
N GLU D 165 -35.39 18.66 32.14
CA GLU D 165 -35.05 19.29 30.86
C GLU D 165 -33.56 19.31 30.57
N LEU D 166 -32.73 19.71 31.55
CA LEU D 166 -31.27 19.69 31.44
C LEU D 166 -30.74 18.28 31.18
N HIS D 167 -31.27 17.28 31.91
CA HIS D 167 -30.98 15.87 31.68
C HIS D 167 -31.41 15.37 30.30
N LYS D 168 -32.58 15.79 29.81
CA LYS D 168 -33.09 15.41 28.50
C LYS D 168 -32.34 16.05 27.34
N LYS D 169 -31.82 17.28 27.52
CA LYS D 169 -30.83 17.85 26.61
C LYS D 169 -29.48 17.13 26.62
N VAL D 170 -28.98 16.71 27.81
CA VAL D 170 -27.79 15.87 27.93
C VAL D 170 -27.94 14.51 27.29
N SER D 171 -29.09 13.85 27.52
CA SER D 171 -29.35 12.51 27.05
C SER D 171 -30.71 12.45 26.40
N PRO D 172 -30.88 12.24 25.10
CA PRO D 172 -32.20 12.13 24.49
C PRO D 172 -32.90 10.87 24.97
N ASN D 173 -32.14 9.85 25.36
CA ASN D 173 -32.63 8.56 25.81
C ASN D 173 -33.38 8.60 27.15
N GLU D 174 -32.76 9.16 28.22
CA GLU D 174 -33.26 9.00 29.59
C GLU D 174 -34.68 9.53 29.88
N LEU D 175 -35.50 8.74 30.59
CA LEU D 175 -36.83 9.05 31.05
C LEU D 175 -36.89 8.84 32.55
N ILE D 176 -37.75 9.56 33.31
CA ILE D 176 -37.93 9.33 34.74
C ILE D 176 -38.54 7.96 35.04
N LEU D 177 -37.97 7.21 36.01
CA LEU D 177 -38.45 5.89 36.37
C LEU D 177 -38.91 5.78 37.81
N GLY D 178 -38.43 6.65 38.71
CA GLY D 178 -38.81 6.48 40.10
C GLY D 178 -38.00 7.32 41.04
N TRP D 179 -38.12 7.02 42.34
CA TRP D 179 -37.45 7.75 43.41
C TRP D 179 -36.58 6.82 44.24
N TYR D 180 -35.45 7.35 44.73
CA TYR D 180 -34.55 6.62 45.60
C TYR D 180 -34.46 7.30 46.94
N ALA D 181 -34.26 6.54 48.02
CA ALA D 181 -34.08 7.11 49.33
C ALA D 181 -33.14 6.25 50.15
N THR D 182 -32.29 6.85 51.00
CA THR D 182 -31.56 6.11 52.02
C THR D 182 -32.46 5.52 53.09
N GLY D 183 -32.11 4.36 53.65
CA GLY D 183 -32.90 3.65 54.65
C GLY D 183 -33.25 4.37 55.94
N HIS D 184 -34.08 3.78 56.82
CA HIS D 184 -34.77 2.50 56.71
C HIS D 184 -35.83 2.41 55.62
N ASP D 185 -36.04 1.21 55.08
CA ASP D 185 -37.11 0.84 54.18
C ASP D 185 -38.51 1.08 54.77
N ILE D 186 -39.46 1.48 53.90
CA ILE D 186 -40.89 1.59 54.16
C ILE D 186 -41.30 2.47 55.35
N THR D 187 -40.77 3.71 55.42
CA THR D 187 -41.33 4.76 56.29
C THR D 187 -42.71 5.20 55.82
N GLU D 188 -43.66 5.54 56.73
CA GLU D 188 -45.03 5.90 56.34
C GLU D 188 -45.11 7.14 55.45
N HIS D 189 -44.25 8.14 55.70
CA HIS D 189 -44.05 9.35 54.89
C HIS D 189 -43.80 9.10 53.40
N SER D 190 -43.52 7.84 53.01
CA SER D 190 -43.55 7.35 51.63
C SER D 190 -44.87 7.63 50.93
N VAL D 191 -46.01 7.65 51.66
CA VAL D 191 -47.31 8.08 51.13
C VAL D 191 -47.27 9.50 50.58
N LEU D 192 -46.67 10.45 51.33
CA LEU D 192 -46.40 11.79 50.83
C LEU D 192 -45.40 11.83 49.68
N ILE D 193 -44.31 11.02 49.71
CA ILE D 193 -43.38 10.90 48.57
C ILE D 193 -44.08 10.42 47.30
N HIS D 194 -45.00 9.43 47.43
CA HIS D 194 -45.90 9.02 46.36
C HIS D 194 -46.81 10.14 45.86
N GLU D 195 -47.41 10.97 46.74
CA GLU D 195 -48.24 12.12 46.35
C GLU D 195 -47.48 13.18 45.54
N TYR D 196 -46.24 13.53 45.94
CA TYR D 196 -45.41 14.42 45.15
C TYR D 196 -45.14 13.89 43.74
N TYR D 197 -44.86 12.59 43.62
CA TYR D 197 -44.74 11.87 42.37
C TYR D 197 -46.05 11.80 41.56
N SER D 198 -47.19 11.63 42.26
CA SER D 198 -48.56 11.49 41.75
C SER D 198 -49.00 12.67 40.90
N ARG D 199 -48.59 13.89 41.28
CA ARG D 199 -48.79 15.12 40.53
C ARG D 199 -48.38 15.06 39.06
N GLU D 200 -47.27 14.36 38.77
CA GLU D 200 -46.65 14.37 37.47
C GLU D 200 -47.11 13.17 36.62
N ALA D 201 -47.75 12.18 37.27
CA ALA D 201 -48.49 11.07 36.70
C ALA D 201 -47.78 9.84 36.09
N PRO D 202 -46.48 9.47 36.15
CA PRO D 202 -46.03 8.18 35.65
C PRO D 202 -46.05 7.15 36.76
N ASN D 203 -45.76 5.86 36.45
CA ASN D 203 -45.53 4.85 37.46
C ASN D 203 -44.29 5.12 38.35
N PRO D 204 -44.29 4.82 39.65
CA PRO D 204 -43.09 4.98 40.46
C PRO D 204 -42.40 3.65 40.69
N ILE D 205 -41.07 3.65 40.77
CA ILE D 205 -40.27 2.55 41.28
C ILE D 205 -39.53 3.12 42.48
N HIS D 206 -39.34 2.34 43.56
CA HIS D 206 -38.74 2.84 44.79
C HIS D 206 -37.46 2.08 45.06
N LEU D 207 -36.34 2.79 45.26
CA LEU D 207 -35.08 2.14 45.60
C LEU D 207 -34.62 2.57 47.00
N THR D 208 -34.49 1.60 47.93
CA THR D 208 -33.93 1.88 49.26
C THR D 208 -32.44 1.61 49.25
N VAL D 209 -31.61 2.58 49.65
CA VAL D 209 -30.19 2.36 49.85
C VAL D 209 -29.88 2.16 51.33
N ASP D 210 -29.29 1.00 51.69
CA ASP D 210 -28.97 0.63 53.06
C ASP D 210 -27.59 1.16 53.46
N THR D 211 -27.22 1.07 54.75
CA THR D 211 -25.94 1.57 55.27
C THR D 211 -25.39 0.67 56.35
N SER D 212 -26.08 -0.44 56.66
CA SER D 212 -25.79 -1.29 57.80
C SER D 212 -24.45 -2.01 57.82
N LEU D 213 -23.88 -2.23 59.02
CA LEU D 213 -22.61 -2.91 59.22
C LEU D 213 -22.86 -4.42 59.30
N GLN D 214 -23.57 -4.94 58.30
CA GLN D 214 -24.01 -6.30 58.18
C GLN D 214 -23.85 -6.73 56.75
N ASN D 215 -23.02 -7.76 56.46
CA ASN D 215 -22.75 -8.22 55.10
C ASN D 215 -23.98 -8.74 54.38
N GLY D 216 -24.85 -9.47 55.12
CA GLY D 216 -26.11 -10.02 54.62
C GLY D 216 -27.23 -9.02 54.49
N ARG D 217 -27.04 -7.74 54.86
CA ARG D 217 -27.96 -6.70 54.44
C ARG D 217 -27.62 -6.28 53.00
N MET D 218 -28.56 -6.47 52.07
CA MET D 218 -28.42 -6.00 50.71
C MET D 218 -28.31 -4.47 50.63
N SER D 219 -27.33 -3.98 49.87
CA SER D 219 -26.96 -2.58 49.72
C SER D 219 -28.02 -1.71 49.11
N ILE D 220 -28.66 -2.16 48.02
CA ILE D 220 -29.74 -1.47 47.38
C ILE D 220 -30.90 -2.42 47.12
N LYS D 221 -32.12 -2.04 47.53
CA LYS D 221 -33.31 -2.87 47.48
C LYS D 221 -34.36 -2.17 46.64
N ALA D 222 -35.12 -2.91 45.81
CA ALA D 222 -36.08 -2.32 44.90
C ALA D 222 -37.49 -2.79 45.16
N TYR D 223 -38.44 -1.85 45.13
CA TYR D 223 -39.84 -2.11 45.41
C TYR D 223 -40.72 -1.33 44.46
N VAL D 224 -41.94 -1.82 44.23
CA VAL D 224 -42.98 -1.08 43.51
C VAL D 224 -44.26 -1.17 44.33
N SER D 225 -44.94 -0.04 44.56
CA SER D 225 -46.19 0.00 45.29
C SER D 225 -47.35 -0.77 44.67
N THR D 226 -48.21 -1.34 45.53
CA THR D 226 -49.33 -2.18 45.13
C THR D 226 -50.42 -1.91 46.16
N SER D 227 -51.68 -1.73 45.73
CA SER D 227 -52.81 -1.31 46.57
C SER D 227 -52.53 -0.12 47.50
N MET D 228 -52.24 1.10 47.03
CA MET D 228 -52.63 1.79 45.80
C MET D 228 -54.12 2.10 45.76
N GLY D 229 -54.55 2.93 46.72
CA GLY D 229 -55.95 3.29 46.95
C GLY D 229 -56.46 4.36 46.04
N VAL D 230 -56.27 5.62 46.46
CA VAL D 230 -56.42 6.89 45.73
C VAL D 230 -57.69 7.67 46.04
N PRO D 231 -58.94 7.32 45.73
CA PRO D 231 -60.06 8.27 45.87
C PRO D 231 -60.73 8.08 47.22
N GLY D 232 -60.10 7.39 48.18
CA GLY D 232 -60.63 7.35 49.55
C GLY D 232 -60.00 8.41 50.41
N ARG D 233 -58.69 8.64 50.22
CA ARG D 233 -57.94 9.54 51.07
C ARG D 233 -56.76 10.15 50.33
N THR D 234 -55.82 9.34 49.78
CA THR D 234 -54.64 9.89 49.10
C THR D 234 -53.97 8.88 48.21
N MET D 235 -53.35 7.84 48.82
CA MET D 235 -52.39 6.93 48.21
C MET D 235 -51.76 6.09 49.32
N GLY D 236 -52.59 5.33 50.06
CA GLY D 236 -52.10 4.25 50.94
C GLY D 236 -51.50 3.13 50.13
N VAL D 237 -50.49 2.40 50.65
CA VAL D 237 -49.70 1.49 49.82
C VAL D 237 -49.21 0.27 50.59
N MET D 238 -48.93 -0.82 49.84
CA MET D 238 -48.12 -1.96 50.25
C MET D 238 -47.09 -2.12 49.14
N PHE D 239 -45.99 -2.87 49.35
CA PHE D 239 -44.89 -2.94 48.39
C PHE D 239 -44.67 -4.35 47.86
N THR D 240 -44.55 -4.49 46.52
CA THR D 240 -44.11 -5.72 45.86
C THR D 240 -42.60 -5.67 45.69
N PRO D 241 -41.80 -6.67 46.06
CA PRO D 241 -40.34 -6.64 45.87
C PRO D 241 -39.91 -6.91 44.43
N LEU D 242 -38.87 -6.20 43.97
CA LEU D 242 -38.28 -6.32 42.65
C LEU D 242 -36.82 -6.75 42.78
N THR D 243 -36.27 -7.49 41.81
CA THR D 243 -34.87 -7.95 41.90
C THR D 243 -33.93 -7.04 41.14
N VAL D 244 -32.87 -6.54 41.81
CA VAL D 244 -31.85 -5.69 41.21
C VAL D 244 -30.65 -6.51 40.73
N LYS D 245 -30.17 -6.24 39.50
CA LYS D 245 -29.07 -6.97 38.90
C LYS D 245 -28.19 -6.01 38.09
N TYR D 246 -26.95 -6.40 37.73
CA TYR D 246 -26.06 -5.54 36.95
C TYR D 246 -26.15 -5.85 35.46
N ALA D 247 -26.38 -4.82 34.61
CA ALA D 247 -26.13 -4.90 33.17
C ALA D 247 -26.52 -3.63 32.42
N TYR D 248 -25.53 -2.75 32.21
CA TYR D 248 -25.51 -1.70 31.22
C TYR D 248 -24.14 -1.85 30.54
N TYR D 249 -23.38 -0.78 30.28
CA TYR D 249 -22.16 -0.79 29.46
C TYR D 249 -20.97 -1.67 29.94
N ASP D 250 -20.37 -2.49 29.05
CA ASP D 250 -19.19 -3.31 29.35
C ASP D 250 -17.95 -2.55 29.77
N THR D 251 -17.64 -1.41 29.13
CA THR D 251 -16.53 -0.55 29.54
C THR D 251 -16.68 -0.03 30.96
N GLU D 252 -17.92 0.26 31.39
CA GLU D 252 -18.23 0.56 32.78
C GLU D 252 -18.00 -0.61 33.72
N ARG D 253 -18.39 -1.84 33.34
CA ARG D 253 -18.06 -3.06 34.09
C ARG D 253 -16.57 -3.38 34.17
N ILE D 254 -15.81 -3.26 33.07
CA ILE D 254 -14.35 -3.40 33.06
C ILE D 254 -13.68 -2.27 33.89
N GLY D 255 -14.20 -1.03 33.79
CA GLY D 255 -13.72 0.08 34.61
C GLY D 255 -14.04 -0.06 36.08
N VAL D 256 -15.24 -0.55 36.45
CA VAL D 256 -15.55 -0.85 37.84
C VAL D 256 -14.75 -2.01 38.41
N ASP D 257 -14.40 -3.02 37.60
CA ASP D 257 -13.48 -4.08 37.99
C ASP D 257 -12.13 -3.51 38.42
N LEU D 258 -11.57 -2.60 37.61
CA LEU D 258 -10.36 -1.86 37.92
C LEU D 258 -10.50 -0.97 39.15
N ILE D 259 -11.62 -0.23 39.31
CA ILE D 259 -11.95 0.54 40.51
C ILE D 259 -12.05 -0.34 41.75
N MET D 260 -12.66 -1.54 41.67
CA MET D 260 -12.68 -2.52 42.74
C MET D 260 -11.29 -3.04 43.13
N LYS D 261 -10.36 -3.19 42.18
CA LYS D 261 -8.95 -3.44 42.52
C LYS D 261 -8.31 -2.24 43.25
N THR D 262 -8.59 -0.99 42.82
CA THR D 262 -8.20 0.24 43.52
C THR D 262 -8.76 0.36 44.93
N CYS D 263 -10.01 -0.10 45.16
CA CYS D 263 -10.62 -0.21 46.47
C CYS D 263 -9.87 -1.13 47.41
N PHE D 264 -9.36 -2.27 46.90
CA PHE D 264 -8.49 -3.18 47.62
C PHE D 264 -7.14 -2.53 47.98
N SER D 265 -6.54 -1.80 47.02
CA SER D 265 -5.38 -0.92 47.18
C SER D 265 -4.87 -0.51 45.79
N PRO D 266 -4.51 0.75 45.49
CA PRO D 266 -3.94 1.15 44.20
C PRO D 266 -2.73 0.34 43.70
N ASN D 267 -2.70 -0.31 42.51
CA ASN D 267 -3.61 -0.34 41.37
C ASN D 267 -3.71 1.01 40.66
N ARG D 268 -3.09 1.13 39.47
CA ARG D 268 -2.84 2.44 38.90
C ARG D 268 -2.55 2.34 37.42
N VAL D 269 -2.87 3.41 36.65
CA VAL D 269 -3.19 3.30 35.23
C VAL D 269 -2.01 3.16 34.25
N ILE D 270 -0.84 2.70 34.72
CA ILE D 270 0.34 2.50 33.88
C ILE D 270 0.80 1.06 33.84
N GLY D 271 0.39 0.20 34.79
CA GLY D 271 0.91 -1.17 34.87
C GLY D 271 0.12 -2.20 34.12
N LEU D 272 -1.10 -1.84 33.69
CA LEU D 272 -2.24 -2.71 33.35
C LEU D 272 -2.00 -4.12 32.83
N SER D 273 -1.14 -4.31 31.80
CA SER D 273 -0.77 -5.64 31.31
C SER D 273 -0.04 -6.49 32.35
N SER D 274 0.94 -5.91 33.04
CA SER D 274 1.70 -6.55 34.12
C SER D 274 0.83 -6.87 35.31
N ASP D 275 -0.07 -5.93 35.71
CA ASP D 275 -1.05 -6.14 36.77
C ASP D 275 -1.98 -7.32 36.45
N LEU D 276 -2.49 -7.41 35.20
CA LEU D 276 -3.25 -8.53 34.69
C LEU D 276 -2.49 -9.86 34.70
N GLN D 277 -1.21 -9.85 34.28
CA GLN D 277 -0.33 -11.02 34.35
C GLN D 277 -0.10 -11.50 35.78
N GLN D 278 0.10 -10.60 36.75
CA GLN D 278 0.14 -10.96 38.16
C GLN D 278 -1.17 -11.52 38.70
N VAL D 279 -2.34 -10.95 38.33
CA VAL D 279 -3.65 -11.52 38.63
C VAL D 279 -3.83 -12.93 38.04
N GLY D 280 -3.38 -13.14 36.79
CA GLY D 280 -3.41 -14.44 36.13
C GLY D 280 -2.51 -15.48 36.74
N GLY D 281 -1.30 -15.08 37.17
CA GLY D 281 -0.38 -15.95 37.90
C GLY D 281 -0.82 -16.24 39.31
N ALA D 282 -1.45 -15.26 39.98
CA ALA D 282 -2.09 -15.44 41.26
C ALA D 282 -3.23 -16.44 41.23
N SER D 283 -4.06 -16.37 40.16
CA SER D 283 -5.12 -17.32 39.82
C SER D 283 -4.61 -18.71 39.46
N ALA D 284 -3.56 -18.81 38.63
CA ALA D 284 -2.95 -20.08 38.24
C ALA D 284 -2.37 -20.86 39.41
N ARG D 285 -1.68 -20.16 40.34
CA ARG D 285 -1.25 -20.72 41.61
C ARG D 285 -2.40 -21.21 42.50
N ILE D 286 -3.57 -20.52 42.50
CA ILE D 286 -4.77 -21.02 43.16
C ILE D 286 -5.28 -22.31 42.52
N GLN D 287 -5.27 -22.41 41.17
CA GLN D 287 -5.58 -23.64 40.44
C GLN D 287 -4.67 -24.82 40.77
N ASP D 288 -3.33 -24.63 40.83
CA ASP D 288 -2.38 -25.65 41.27
C ASP D 288 -2.69 -26.19 42.67
N ALA D 289 -2.92 -25.27 43.62
CA ALA D 289 -3.31 -25.60 44.98
C ALA D 289 -4.65 -26.31 45.07
N LEU D 290 -5.66 -25.83 44.31
CA LEU D 290 -6.98 -26.42 44.23
C LEU D 290 -6.97 -27.82 43.64
N SER D 291 -6.30 -28.05 42.50
CA SER D 291 -6.23 -29.37 41.89
C SER D 291 -5.46 -30.37 42.75
N THR D 292 -4.37 -29.92 43.41
CA THR D 292 -3.65 -30.72 44.42
C THR D 292 -4.55 -31.18 45.55
N VAL D 293 -5.38 -30.28 46.12
CA VAL D 293 -6.39 -30.63 47.11
C VAL D 293 -7.49 -31.54 46.56
N LEU D 294 -7.99 -31.30 45.33
CA LEU D 294 -9.01 -32.13 44.69
C LEU D 294 -8.59 -33.57 44.45
N GLN D 295 -7.36 -33.81 43.97
CA GLN D 295 -6.78 -35.15 43.84
C GLN D 295 -6.59 -35.82 45.18
N TYR D 296 -5.96 -35.11 46.15
CA TYR D 296 -5.64 -35.64 47.45
C TYR D 296 -6.86 -36.05 48.26
N ALA D 297 -8.00 -35.35 48.06
CA ALA D 297 -9.29 -35.76 48.58
C ALA D 297 -9.74 -37.15 48.10
N GLU D 298 -9.50 -37.49 46.81
CA GLU D 298 -9.75 -38.82 46.27
C GLU D 298 -8.78 -39.87 46.84
N ASP D 299 -7.46 -39.56 46.93
CA ASP D 299 -6.45 -40.42 47.54
C ASP D 299 -6.69 -40.77 49.02
N VAL D 300 -7.07 -39.77 49.84
CA VAL D 300 -7.25 -39.90 51.29
C VAL D 300 -8.34 -40.89 51.71
N LEU D 301 -9.46 -40.97 50.97
CA LEU D 301 -10.59 -41.77 51.39
C LEU D 301 -11.62 -41.89 50.28
N SER D 302 -11.99 -40.74 49.68
CA SER D 302 -13.04 -40.60 48.68
C SER D 302 -13.30 -39.11 48.55
N GLY D 303 -13.28 -38.57 47.33
CA GLY D 303 -13.46 -37.15 47.12
C GLY D 303 -13.80 -36.92 45.69
N LYS D 304 -13.49 -35.71 45.17
CA LYS D 304 -13.48 -35.35 43.75
C LYS D 304 -14.73 -35.62 42.88
N VAL D 305 -15.85 -36.17 43.42
CA VAL D 305 -17.06 -36.52 42.68
C VAL D 305 -17.70 -35.34 41.93
N SER D 306 -17.72 -34.15 42.54
CA SER D 306 -18.23 -32.93 41.92
C SER D 306 -17.24 -32.30 40.95
N ALA D 307 -15.98 -32.79 40.94
CA ALA D 307 -14.85 -32.23 40.23
C ALA D 307 -14.31 -33.23 39.20
N ASP D 308 -15.14 -34.17 38.74
CA ASP D 308 -14.72 -35.32 37.96
C ASP D 308 -14.62 -34.97 36.45
N ASN D 309 -15.68 -35.22 35.65
CA ASN D 309 -15.70 -34.83 34.25
C ASN D 309 -15.99 -33.33 34.09
N THR D 310 -16.45 -32.64 35.15
CA THR D 310 -16.63 -31.20 35.21
C THR D 310 -15.32 -30.43 35.07
N VAL D 311 -14.36 -30.66 35.98
CA VAL D 311 -13.01 -30.07 35.95
C VAL D 311 -12.22 -30.56 34.77
N GLY D 312 -12.36 -31.86 34.41
CA GLY D 312 -11.78 -32.38 33.18
C GLY D 312 -12.26 -31.72 31.89
N ARG D 313 -13.49 -31.15 31.86
CA ARG D 313 -13.92 -30.26 30.80
C ARG D 313 -13.38 -28.83 30.91
N PHE D 314 -13.25 -28.24 32.12
CA PHE D 314 -12.63 -26.92 32.30
C PHE D 314 -11.16 -26.87 31.88
N LEU D 315 -10.34 -27.85 32.32
CA LEU D 315 -8.95 -27.99 31.94
C LEU D 315 -8.77 -28.23 30.44
N MET D 316 -9.62 -29.07 29.82
CA MET D 316 -9.66 -29.18 28.36
C MET D 316 -10.07 -27.90 27.65
N SER D 317 -11.04 -27.14 28.19
CA SER D 317 -11.45 -25.84 27.64
C SER D 317 -10.32 -24.84 27.60
N LEU D 318 -9.50 -24.79 28.67
CA LEU D 318 -8.23 -24.07 28.68
C LEU D 318 -7.23 -24.55 27.63
N VAL D 319 -6.91 -25.86 27.61
CA VAL D 319 -5.91 -26.46 26.72
C VAL D 319 -6.25 -26.38 25.24
N ASN D 320 -7.52 -26.56 24.84
CA ASN D 320 -7.93 -26.41 23.46
C ASN D 320 -7.69 -25.00 22.89
N GLN D 321 -7.89 -23.95 23.71
CA GLN D 321 -7.63 -22.58 23.34
C GLN D 321 -6.15 -22.20 23.40
N VAL D 322 -5.43 -22.59 24.47
CA VAL D 322 -4.06 -22.17 24.67
C VAL D 322 -3.23 -23.25 25.39
N PRO D 323 -2.05 -23.62 24.87
CA PRO D 323 -1.63 -23.54 23.47
C PRO D 323 -2.56 -24.28 22.52
N LYS D 324 -3.07 -23.61 21.46
CA LYS D 324 -3.81 -24.27 20.41
C LYS D 324 -2.98 -25.31 19.65
N ILE D 325 -3.55 -26.51 19.43
CA ILE D 325 -2.87 -27.70 18.90
C ILE D 325 -1.54 -28.05 19.56
N VAL D 326 -0.54 -28.58 18.81
CA VAL D 326 0.78 -28.85 19.36
C VAL D 326 1.92 -28.93 18.32
N PRO D 327 1.81 -29.31 17.03
CA PRO D 327 3.02 -29.63 16.24
C PRO D 327 3.98 -28.51 15.86
N ASP D 328 5.12 -28.95 15.30
CA ASP D 328 6.32 -28.24 14.91
C ASP D 328 6.06 -27.12 13.92
N ASP D 329 5.11 -27.35 12.98
CA ASP D 329 4.67 -26.41 11.98
C ASP D 329 4.10 -25.13 12.62
N PHE D 330 3.20 -25.29 13.59
CA PHE D 330 2.61 -24.24 14.39
C PHE D 330 3.55 -23.47 15.34
N GLU D 331 4.46 -24.13 16.10
CA GLU D 331 5.46 -23.36 16.87
C GLU D 331 6.45 -22.60 15.98
N THR D 332 6.84 -23.18 14.83
CA THR D 332 7.64 -22.48 13.82
C THR D 332 6.93 -21.24 13.29
N MET D 333 5.61 -21.35 12.99
CA MET D 333 4.78 -20.21 12.64
C MET D 333 4.68 -19.17 13.74
N LEU D 334 4.52 -19.59 15.02
CA LEU D 334 4.52 -18.72 16.19
C LEU D 334 5.82 -17.96 16.34
N ASN D 335 6.98 -18.63 16.27
CA ASN D 335 8.30 -17.99 16.30
C ASN D 335 8.56 -17.03 15.15
N SER D 336 8.11 -17.35 13.92
CA SER D 336 8.12 -16.40 12.81
C SER D 336 7.28 -15.15 13.08
N ASN D 337 6.07 -15.29 13.66
CA ASN D 337 5.27 -14.15 14.09
C ASN D 337 5.92 -13.33 15.20
N ILE D 338 6.58 -13.96 16.20
CA ILE D 338 7.36 -13.24 17.22
C ILE D 338 8.48 -12.40 16.59
N ASN D 339 9.20 -12.95 15.59
CA ASN D 339 10.16 -12.18 14.81
C ASN D 339 9.57 -11.00 14.03
N ASP D 340 8.39 -11.16 13.37
CA ASP D 340 7.69 -10.06 12.74
C ASP D 340 7.19 -8.99 13.74
N LEU D 341 6.60 -9.39 14.88
CA LEU D 341 6.21 -8.48 15.94
C LEU D 341 7.39 -7.71 16.53
N LEU D 342 8.53 -8.39 16.71
CA LEU D 342 9.80 -7.78 17.05
C LEU D 342 10.33 -6.82 15.98
N MET D 343 10.23 -7.18 14.69
CA MET D 343 10.55 -6.31 13.55
C MET D 343 9.70 -5.04 13.49
N VAL D 344 8.38 -5.14 13.70
CA VAL D 344 7.47 -4.00 13.83
C VAL D 344 7.85 -3.12 15.01
N THR D 345 8.16 -3.74 16.17
CA THR D 345 8.64 -3.05 17.37
C THR D 345 9.98 -2.33 17.18
N TYR D 346 10.93 -2.98 16.48
CA TYR D 346 12.20 -2.43 16.04
C TYR D 346 12.03 -1.25 15.08
N LEU D 347 11.14 -1.38 14.07
CA LEU D 347 10.81 -0.28 13.18
C LEU D 347 10.16 0.91 13.89
N ALA D 348 9.27 0.65 14.87
CA ALA D 348 8.72 1.67 15.76
C ALA D 348 9.77 2.40 16.61
N ASN D 349 10.84 1.72 17.05
CA ASN D 349 12.01 2.38 17.63
C ASN D 349 12.75 3.25 16.61
N LEU D 350 12.91 2.77 15.37
CA LEU D 350 13.49 3.55 14.28
C LEU D 350 12.66 4.77 13.86
N THR D 351 11.31 4.68 13.76
CA THR D 351 10.43 5.83 13.50
C THR D 351 10.51 6.87 14.59
N GLN D 352 10.46 6.43 15.86
CA GLN D 352 10.60 7.30 17.00
C GLN D 352 11.98 7.99 17.08
N SER D 353 13.06 7.25 16.77
CA SER D 353 14.38 7.83 16.55
C SER D 353 14.48 8.77 15.35
N GLN D 354 13.84 8.49 14.20
CA GLN D 354 13.78 9.46 13.10
C GLN D 354 12.99 10.72 13.43
N ILE D 355 11.85 10.59 14.13
CA ILE D 355 11.12 11.72 14.71
C ILE D 355 12.01 12.50 15.68
N ALA D 356 12.82 11.80 16.51
CA ALA D 356 13.87 12.41 17.32
C ALA D 356 14.97 13.11 16.52
N LEU D 357 15.46 12.55 15.40
CA LEU D 357 16.41 13.22 14.52
C LEU D 357 15.83 14.50 13.89
N ASN D 358 14.57 14.47 13.44
CA ASN D 358 13.85 15.68 13.06
C ASN D 358 13.64 16.67 14.22
N GLU D 359 13.26 16.19 15.43
CA GLU D 359 13.13 16.97 16.67
C GLU D 359 14.43 17.66 17.06
N LYS D 360 15.55 16.93 17.08
CA LYS D 360 16.85 17.45 17.44
C LYS D 360 17.40 18.48 16.47
N LEU D 361 17.11 18.36 15.15
CA LEU D 361 17.49 19.39 14.21
C LEU D 361 16.72 20.72 14.37
N VAL D 362 15.44 20.68 14.77
CA VAL D 362 14.58 21.87 14.80
C VAL D 362 14.43 22.48 16.20
N ASN D 363 15.25 22.04 17.17
CA ASN D 363 15.29 22.60 18.52
C ASN D 363 16.75 22.85 18.92
N LEU D 364 17.46 23.61 18.08
CA LEU D 364 18.79 24.14 18.29
C LEU D 364 18.74 25.62 17.80
N GLY E 29 5.62 17.30 49.37
CA GLY E 29 4.21 17.69 49.08
C GLY E 29 3.92 17.58 47.61
N GLY E 30 2.65 17.78 47.24
CA GLY E 30 2.11 17.64 45.90
C GLY E 30 2.15 18.88 45.08
N SER E 31 2.72 19.98 45.59
CA SER E 31 2.93 21.20 44.82
C SER E 31 3.76 21.02 43.55
N GLY E 32 3.30 21.63 42.44
CA GLY E 32 4.02 21.72 41.18
C GLY E 32 4.39 23.15 40.88
N ASP E 33 4.47 23.51 39.59
CA ASP E 33 4.82 24.86 39.18
C ASP E 33 3.78 25.96 39.50
N SER E 34 4.27 27.18 39.71
CA SER E 34 3.52 28.38 40.08
C SER E 34 2.86 28.27 41.45
N ALA E 35 1.56 27.90 41.51
CA ALA E 35 0.90 27.58 42.75
C ALA E 35 0.25 26.20 42.74
N VAL E 36 0.37 25.46 41.61
CA VAL E 36 -0.40 24.26 41.31
C VAL E 36 -0.11 23.08 42.21
N LYS E 37 -1.05 22.13 42.30
CA LYS E 37 -0.92 20.97 43.16
C LYS E 37 -1.39 19.75 42.40
N GLN E 38 -0.88 18.55 42.75
CA GLN E 38 -1.23 17.30 42.11
C GLN E 38 -2.72 16.95 42.15
N VAL E 39 -3.19 16.27 41.10
CA VAL E 39 -4.60 15.97 40.95
C VAL E 39 -5.03 14.71 41.69
N GLN E 40 -6.14 14.77 42.43
CA GLN E 40 -6.79 13.64 43.01
C GLN E 40 -8.14 13.53 42.35
N ILE E 41 -8.42 12.45 41.61
CA ILE E 41 -9.66 12.33 40.86
C ILE E 41 -10.44 11.19 41.47
N ASP E 42 -11.72 11.42 41.81
CA ASP E 42 -12.61 10.40 42.30
C ASP E 42 -12.93 9.29 41.27
N GLY E 43 -13.21 8.07 41.73
CA GLY E 43 -13.68 6.97 40.88
C GLY E 43 -15.13 7.15 40.51
N LEU E 44 -15.89 7.92 41.32
CA LEU E 44 -17.24 8.37 41.03
C LEU E 44 -17.27 9.26 39.79
N VAL E 45 -16.29 10.17 39.65
CA VAL E 45 -16.08 11.01 38.47
C VAL E 45 -15.81 10.20 37.22
N VAL E 46 -14.95 9.16 37.30
CA VAL E 46 -14.65 8.26 36.19
C VAL E 46 -15.90 7.52 35.71
N LEU E 47 -16.73 6.99 36.62
CA LEU E 47 -18.00 6.38 36.28
C LEU E 47 -18.99 7.34 35.62
N LYS E 48 -19.11 8.59 36.12
CA LYS E 48 -19.91 9.63 35.49
C LYS E 48 -19.46 9.99 34.06
N ILE E 49 -18.14 10.06 33.81
CA ILE E 49 -17.60 10.19 32.46
C ILE E 49 -17.92 8.98 31.58
N ILE E 50 -17.76 7.74 32.09
CA ILE E 50 -18.07 6.51 31.35
C ILE E 50 -19.54 6.38 30.96
N LYS E 51 -20.50 6.85 31.78
CA LYS E 51 -21.92 6.91 31.41
C LYS E 51 -22.18 7.76 30.17
N HIS E 52 -21.45 8.88 30.01
CA HIS E 52 -21.58 9.77 28.88
C HIS E 52 -20.58 9.44 27.78
N TYR E 53 -19.96 8.25 27.93
CA TYR E 53 -19.17 7.50 26.99
C TYR E 53 -18.42 8.17 25.84
N GLN E 54 -18.70 7.71 24.62
CA GLN E 54 -17.87 7.84 23.45
C GLN E 54 -18.72 7.28 22.32
N GLU E 55 -20.04 7.38 22.45
CA GLU E 55 -20.97 6.93 21.44
C GLU E 55 -22.14 7.86 21.43
N GLU E 56 -22.97 7.69 20.39
CA GLU E 56 -24.01 8.59 19.93
C GLU E 56 -23.34 9.67 19.08
N GLY E 57 -22.19 9.29 18.46
CA GLY E 57 -21.31 10.23 17.77
C GLY E 57 -19.85 9.84 17.90
N GLN E 58 -19.49 8.60 17.52
CA GLN E 58 -18.16 8.02 17.70
C GLN E 58 -16.98 8.81 17.12
N GLY E 59 -17.11 9.31 15.87
CA GLY E 59 -16.05 9.99 15.15
C GLY E 59 -15.93 11.47 15.43
N THR E 60 -16.82 12.01 16.26
CA THR E 60 -17.06 13.45 16.33
C THR E 60 -16.26 14.10 17.43
N GLU E 61 -15.42 15.13 17.11
CA GLU E 61 -14.54 15.81 18.05
C GLU E 61 -15.25 16.71 19.08
N VAL E 62 -16.10 16.11 19.93
CA VAL E 62 -16.80 16.83 20.98
C VAL E 62 -15.95 16.88 22.24
N VAL E 63 -15.55 18.08 22.69
CA VAL E 63 -15.01 18.27 24.04
C VAL E 63 -16.14 18.09 25.05
N GLN E 64 -16.02 17.09 25.93
CA GLN E 64 -17.15 16.56 26.66
C GLN E 64 -17.68 17.45 27.77
N GLY E 65 -16.82 18.09 28.59
CA GLY E 65 -17.35 18.97 29.62
C GLY E 65 -16.32 19.47 30.59
N VAL E 66 -16.79 19.98 31.75
CA VAL E 66 -15.95 20.60 32.77
C VAL E 66 -15.73 19.68 33.95
N LEU E 67 -14.63 19.91 34.69
CA LEU E 67 -14.29 19.19 35.91
C LEU E 67 -14.39 20.15 37.08
N LEU E 68 -15.00 19.69 38.19
CA LEU E 68 -15.22 20.50 39.36
C LEU E 68 -14.51 19.89 40.54
N GLY E 69 -13.97 20.74 41.42
CA GLY E 69 -13.17 20.25 42.53
C GLY E 69 -12.86 21.32 43.52
N LEU E 70 -11.91 21.07 44.42
CA LEU E 70 -11.55 22.04 45.43
C LEU E 70 -10.12 21.83 45.89
N VAL E 71 -9.48 22.90 46.39
CA VAL E 71 -8.17 22.83 47.01
C VAL E 71 -8.24 22.13 48.36
N VAL E 72 -7.48 21.02 48.55
CA VAL E 72 -7.55 20.18 49.74
C VAL E 72 -6.17 20.01 50.37
N GLU E 73 -5.93 18.89 51.08
CA GLU E 73 -4.64 18.44 51.55
C GLU E 73 -3.70 18.14 50.38
N ASP E 74 -2.59 18.92 50.23
CA ASP E 74 -1.45 18.67 49.34
C ASP E 74 -1.76 18.62 47.82
N ARG E 75 -3.04 18.74 47.44
CA ARG E 75 -3.58 18.26 46.19
C ARG E 75 -4.88 18.99 45.84
N LEU E 76 -5.42 18.69 44.65
CA LEU E 76 -6.73 19.14 44.22
C LEU E 76 -7.69 17.96 44.16
N GLU E 77 -8.78 17.93 44.96
CA GLU E 77 -9.78 16.88 44.86
C GLU E 77 -10.77 17.24 43.76
N ILE E 78 -10.81 16.45 42.67
CA ILE E 78 -11.75 16.61 41.59
C ILE E 78 -12.92 15.71 41.94
N THR E 79 -14.05 16.35 42.30
CA THR E 79 -15.18 15.73 42.96
C THR E 79 -16.30 15.47 42.00
N ASN E 80 -16.33 16.20 40.87
CA ASN E 80 -17.49 16.16 40.01
C ASN E 80 -17.17 16.60 38.61
N CYS E 81 -18.15 16.40 37.73
CA CYS E 81 -18.05 16.76 36.33
C CYS E 81 -19.47 16.89 35.82
N PHE E 82 -19.66 17.58 34.69
CA PHE E 82 -20.92 17.52 33.97
C PHE E 82 -20.61 17.67 32.49
N PRO E 83 -21.44 17.18 31.58
CA PRO E 83 -21.16 17.27 30.16
C PRO E 83 -21.75 18.55 29.58
N PHE E 84 -21.26 19.00 28.42
CA PHE E 84 -21.81 20.13 27.70
C PHE E 84 -22.42 19.62 26.38
N PRO E 85 -23.75 19.51 26.22
CA PRO E 85 -24.31 18.75 25.11
C PRO E 85 -24.67 19.66 23.95
N GLN E 86 -23.82 19.62 22.91
CA GLN E 86 -23.83 20.43 21.72
C GLN E 86 -24.66 19.80 20.61
N HIS E 87 -24.77 20.44 19.43
CA HIS E 87 -25.60 20.00 18.32
C HIS E 87 -25.02 18.81 17.54
N THR E 88 -24.78 17.68 18.23
CA THR E 88 -24.03 16.53 17.75
C THR E 88 -24.75 15.59 16.80
N GLU E 89 -24.16 15.38 15.62
CA GLU E 89 -24.27 14.15 14.84
C GLU E 89 -22.85 13.88 14.35
N ASP E 90 -22.57 13.87 13.03
CA ASP E 90 -21.23 14.07 12.49
C ASP E 90 -20.81 15.54 12.66
N ASP E 91 -21.73 16.48 12.38
CA ASP E 91 -21.66 17.88 12.75
C ASP E 91 -21.74 18.09 14.27
N ALA E 92 -21.34 19.26 14.82
CA ALA E 92 -21.33 19.42 16.26
C ALA E 92 -21.24 20.86 16.73
N ASP E 93 -22.09 21.76 16.20
CA ASP E 93 -22.12 23.17 16.55
C ASP E 93 -22.37 23.48 18.04
N PHE E 94 -21.68 24.52 18.54
CA PHE E 94 -21.72 25.01 19.90
C PHE E 94 -23.11 25.40 20.44
N ASP E 95 -23.23 25.60 21.76
CA ASP E 95 -24.51 25.58 22.44
C ASP E 95 -24.65 26.71 23.48
N GLU E 96 -25.88 26.88 23.99
CA GLU E 96 -26.34 27.98 24.81
C GLU E 96 -25.71 28.11 26.21
N VAL E 97 -25.53 29.37 26.65
CA VAL E 97 -24.99 29.79 27.92
C VAL E 97 -25.85 29.36 29.10
N GLN E 98 -27.19 29.44 29.00
CA GLN E 98 -28.08 29.11 30.10
C GLN E 98 -28.11 27.64 30.46
N TYR E 99 -27.67 26.72 29.57
CA TYR E 99 -27.43 25.34 29.98
C TYR E 99 -26.36 25.27 31.08
N GLN E 100 -25.20 25.95 30.91
CA GLN E 100 -24.20 25.99 31.96
C GLN E 100 -24.66 26.77 33.18
N MET E 101 -25.34 27.91 32.97
CA MET E 101 -25.86 28.70 34.07
C MET E 101 -26.92 27.99 34.92
N GLU E 102 -27.90 27.31 34.31
CA GLU E 102 -28.90 26.54 35.03
C GLU E 102 -28.33 25.28 35.68
N MET E 103 -27.39 24.59 35.00
CA MET E 103 -26.66 23.50 35.59
C MET E 103 -25.81 23.92 36.79
N MET E 104 -25.10 25.06 36.74
CA MET E 104 -24.34 25.55 37.87
C MET E 104 -25.20 26.20 38.96
N ARG E 105 -26.43 26.67 38.65
CA ARG E 105 -27.45 26.91 39.68
C ARG E 105 -27.89 25.61 40.34
N SER E 106 -28.25 24.59 39.54
CA SER E 106 -28.74 23.29 40.01
C SER E 106 -27.76 22.51 40.84
N LEU E 107 -26.48 22.43 40.41
CA LEU E 107 -25.42 21.73 41.11
C LEU E 107 -25.12 22.29 42.49
N ARG E 108 -25.09 23.63 42.64
CA ARG E 108 -24.94 24.30 43.93
C ARG E 108 -26.07 23.98 44.90
N HIS E 109 -27.31 23.90 44.40
CA HIS E 109 -28.46 23.57 45.22
C HIS E 109 -28.41 22.17 45.82
N VAL E 110 -27.83 21.18 45.11
CA VAL E 110 -27.56 19.88 45.71
C VAL E 110 -26.26 19.80 46.52
N ASN E 111 -25.10 20.29 46.03
CA ASN E 111 -23.85 20.20 46.78
C ASN E 111 -22.88 21.36 46.43
N ILE E 112 -22.22 21.95 47.46
CA ILE E 112 -21.20 23.01 47.36
C ILE E 112 -21.42 24.12 46.32
N ASP E 113 -20.47 24.37 45.38
CA ASP E 113 -20.56 25.44 44.42
C ASP E 113 -19.78 25.06 43.15
N HIS E 114 -19.84 25.91 42.11
CA HIS E 114 -19.25 25.75 40.80
C HIS E 114 -17.77 26.08 40.79
N LEU E 115 -16.97 25.32 41.54
CA LEU E 115 -15.53 25.47 41.59
C LEU E 115 -14.89 24.68 40.46
N HIS E 116 -14.65 25.33 39.29
CA HIS E 116 -14.30 24.66 38.05
C HIS E 116 -12.79 24.65 37.78
N VAL E 117 -12.18 23.47 37.91
CA VAL E 117 -10.73 23.30 38.01
C VAL E 117 -10.16 22.59 36.79
N GLY E 118 -10.94 22.43 35.72
CA GLY E 118 -10.42 21.81 34.51
C GLY E 118 -11.52 21.42 33.57
N TRP E 119 -11.16 20.66 32.54
CA TRP E 119 -12.09 20.20 31.54
C TRP E 119 -11.59 18.91 30.92
N TYR E 120 -12.47 18.15 30.24
CA TYR E 120 -12.15 16.81 29.81
C TYR E 120 -12.64 16.47 28.41
N GLN E 121 -11.91 15.54 27.75
CA GLN E 121 -12.22 15.06 26.42
C GLN E 121 -11.77 13.62 26.28
N SER E 122 -12.41 12.85 25.38
CA SER E 122 -11.97 11.51 25.03
C SER E 122 -11.17 11.60 23.73
N THR E 123 -11.67 12.10 22.58
CA THR E 123 -12.99 11.91 21.98
C THR E 123 -12.65 11.56 20.54
N TYR E 124 -12.99 10.34 20.08
CA TYR E 124 -12.47 9.75 18.85
C TYR E 124 -10.96 9.39 18.97
N TYR E 125 -10.49 8.40 18.15
CA TYR E 125 -9.11 7.99 17.95
C TYR E 125 -8.25 7.80 19.22
N GLY E 126 -6.92 7.68 19.15
CA GLY E 126 -6.03 7.70 20.29
C GLY E 126 -5.37 9.03 20.38
N SER E 127 -5.12 9.52 21.61
CA SER E 127 -4.60 10.84 22.02
C SER E 127 -4.01 11.77 20.96
N PHE E 128 -4.64 12.95 20.80
CA PHE E 128 -4.38 13.85 19.70
C PHE E 128 -4.71 15.24 20.23
N VAL E 129 -4.08 16.32 19.71
CA VAL E 129 -4.35 17.67 20.15
C VAL E 129 -4.70 18.53 18.95
N THR E 130 -6.00 18.58 18.62
CA THR E 130 -6.57 19.46 17.61
C THR E 130 -6.37 20.91 17.98
N ARG E 131 -5.78 21.72 17.07
CA ARG E 131 -5.02 22.89 17.48
C ARG E 131 -5.74 23.97 18.27
N ALA E 132 -7.00 24.31 17.94
CA ALA E 132 -7.76 25.33 18.65
C ALA E 132 -8.11 24.97 20.10
N LEU E 133 -7.96 23.69 20.48
CA LEU E 133 -8.07 23.27 21.86
C LEU E 133 -6.85 23.68 22.69
N LEU E 134 -5.68 23.88 22.06
CA LEU E 134 -4.50 24.47 22.68
C LEU E 134 -4.70 25.95 23.02
N ASP E 135 -5.26 26.73 22.07
CA ASP E 135 -5.71 28.10 22.28
C ASP E 135 -6.79 28.21 23.36
N SER E 136 -7.74 27.27 23.36
CA SER E 136 -8.75 27.13 24.42
C SER E 136 -8.14 26.86 25.78
N GLN E 137 -7.15 25.95 25.88
CA GLN E 137 -6.35 25.71 27.08
C GLN E 137 -5.57 26.95 27.51
N PHE E 138 -4.92 27.66 26.58
CA PHE E 138 -4.17 28.88 26.81
C PHE E 138 -5.02 30.00 27.39
N SER E 139 -6.23 30.21 26.82
CA SER E 139 -7.22 31.14 27.33
C SER E 139 -7.74 30.78 28.72
N TYR E 140 -8.05 29.49 28.97
CA TYR E 140 -8.44 28.99 30.28
C TYR E 140 -7.33 29.14 31.32
N GLN E 141 -6.08 28.78 30.99
CA GLN E 141 -4.94 28.89 31.89
C GLN E 141 -4.53 30.32 32.24
N HIS E 142 -4.67 31.28 31.32
CA HIS E 142 -4.55 32.70 31.64
C HIS E 142 -5.58 33.17 32.67
N ALA E 143 -6.84 32.69 32.56
CA ALA E 143 -7.87 32.93 33.55
C ALA E 143 -7.67 32.19 34.89
N ILE E 144 -7.30 30.89 34.87
CA ILE E 144 -7.11 30.09 36.06
C ILE E 144 -5.79 29.32 35.97
N GLU E 145 -4.79 29.68 36.80
CA GLU E 145 -3.52 28.97 36.96
C GLU E 145 -3.68 27.55 37.48
N GLU E 146 -4.48 27.40 38.54
CA GLU E 146 -4.78 26.12 39.18
C GLU E 146 -5.80 25.30 38.38
N SER E 147 -5.38 24.72 37.25
CA SER E 147 -6.28 24.05 36.34
C SER E 147 -5.56 22.91 35.64
N VAL E 148 -6.26 21.80 35.40
CA VAL E 148 -5.71 20.62 34.74
C VAL E 148 -6.63 20.17 33.62
N VAL E 149 -6.08 19.91 32.42
CA VAL E 149 -6.85 19.40 31.30
C VAL E 149 -6.72 17.89 31.26
N LEU E 150 -7.85 17.16 31.21
CA LEU E 150 -7.87 15.71 31.33
C LEU E 150 -8.22 15.05 30.01
N ILE E 151 -7.37 14.12 29.56
CA ILE E 151 -7.59 13.35 28.34
C ILE E 151 -7.80 11.90 28.75
N TYR E 152 -8.89 11.27 28.25
CA TYR E 152 -9.25 9.90 28.54
C TYR E 152 -9.09 9.04 27.29
N ASP E 153 -8.22 8.01 27.37
CA ASP E 153 -7.90 7.18 26.23
C ASP E 153 -7.98 5.69 26.58
N PRO E 154 -9.14 5.03 26.41
CA PRO E 154 -9.27 3.62 26.82
C PRO E 154 -9.14 2.71 25.59
N ILE E 155 -10.19 1.93 25.23
CA ILE E 155 -10.16 0.93 24.17
C ILE E 155 -9.74 1.44 22.79
N LYS E 156 -10.01 2.73 22.50
CA LYS E 156 -9.64 3.38 21.25
C LYS E 156 -8.14 3.60 21.05
N THR E 157 -7.34 3.47 22.13
CA THR E 157 -5.86 3.47 22.06
C THR E 157 -5.31 2.10 22.46
N ALA E 158 -6.22 1.12 22.63
CA ALA E 158 -6.01 -0.29 22.94
C ALA E 158 -5.88 -0.63 24.42
N GLN E 159 -6.25 0.29 25.33
CA GLN E 159 -6.35 0.10 26.78
C GLN E 159 -5.32 -0.81 27.49
N GLY E 160 -4.01 -0.52 27.48
CA GLY E 160 -3.34 0.69 27.00
C GLY E 160 -2.94 1.55 28.15
N SER E 161 -1.68 1.42 28.59
CA SER E 161 -1.09 2.19 29.69
C SER E 161 -1.09 3.69 29.49
N LEU E 162 -1.32 4.44 30.60
CA LEU E 162 -1.45 5.88 30.66
C LEU E 162 -2.79 6.36 30.09
N SER E 163 -3.87 5.63 30.45
CA SER E 163 -5.21 5.78 29.90
C SER E 163 -5.95 7.03 30.35
N LEU E 164 -5.47 7.66 31.44
CA LEU E 164 -5.90 8.95 31.89
C LEU E 164 -4.67 9.83 32.00
N LYS E 165 -4.67 10.97 31.29
CA LYS E 165 -3.57 11.93 31.31
C LYS E 165 -4.09 13.29 31.73
N ALA E 166 -3.48 13.92 32.76
CA ALA E 166 -3.87 15.22 33.26
C ALA E 166 -2.70 16.19 33.11
N TYR E 167 -2.88 17.24 32.29
CA TYR E 167 -1.81 18.09 31.79
C TYR E 167 -2.03 19.56 32.16
N ARG E 168 -0.99 20.28 32.64
CA ARG E 168 -1.05 21.74 32.78
C ARG E 168 -0.13 22.44 31.80
N LEU E 169 -0.37 23.73 31.55
CA LEU E 169 0.42 24.53 30.64
C LEU E 169 1.50 25.32 31.36
N THR E 170 2.61 25.60 30.67
CA THR E 170 3.82 26.28 31.14
C THR E 170 3.65 27.69 31.69
N PRO E 171 4.23 28.12 32.83
CA PRO E 171 4.10 29.51 33.29
C PRO E 171 4.71 30.54 32.36
N LYS E 172 5.92 30.37 31.79
CA LYS E 172 6.55 31.33 30.89
C LYS E 172 5.69 31.63 29.66
N LEU E 173 5.01 30.61 29.10
CA LEU E 173 4.03 30.79 28.04
C LEU E 173 2.80 31.59 28.50
N MET E 174 2.24 31.29 29.68
CA MET E 174 1.13 32.00 30.30
C MET E 174 1.44 33.43 30.72
N GLU E 175 2.65 33.68 31.24
CA GLU E 175 3.20 34.96 31.65
C GLU E 175 3.22 35.98 30.52
N VAL E 176 3.56 35.53 29.30
CA VAL E 176 3.60 36.39 28.12
C VAL E 176 2.29 36.37 27.33
N CYS E 177 1.20 35.82 27.90
CA CYS E 177 -0.12 35.77 27.28
C CYS E 177 -0.88 37.08 27.49
N LYS E 178 -1.42 37.74 26.46
CA LYS E 178 -1.63 37.36 25.08
C LYS E 178 -0.62 38.05 24.17
N GLU E 179 -0.37 37.61 22.91
CA GLU E 179 -0.78 36.38 22.25
C GLU E 179 0.46 35.68 21.66
N LYS E 180 0.26 34.76 20.70
CA LYS E 180 1.29 34.02 19.99
C LYS E 180 1.54 34.56 18.59
N ASP E 181 0.44 34.92 17.88
CA ASP E 181 0.40 35.26 16.46
C ASP E 181 1.17 34.32 15.48
N PHE E 182 1.61 34.85 14.32
CA PHE E 182 2.13 34.14 13.17
C PHE E 182 3.65 34.21 13.10
N SER E 183 4.23 35.30 13.64
CA SER E 183 5.65 35.62 13.51
C SER E 183 6.01 36.89 14.29
N PRO E 184 5.38 38.07 14.21
CA PRO E 184 5.37 39.00 15.35
C PRO E 184 4.75 38.34 16.57
N GLU E 185 4.99 38.86 17.79
CA GLU E 185 4.69 38.16 19.03
C GLU E 185 5.62 36.97 19.24
N ALA E 186 5.43 35.88 18.47
CA ALA E 186 6.20 34.64 18.48
C ALA E 186 7.71 34.82 18.36
N LEU E 187 8.21 35.62 17.41
CA LEU E 187 9.64 35.89 17.27
C LEU E 187 10.27 36.54 18.50
N LYS E 188 9.55 37.48 19.14
CA LYS E 188 10.01 38.07 20.38
C LYS E 188 9.90 37.14 21.58
N LYS E 189 8.76 36.47 21.75
CA LYS E 189 8.46 35.62 22.90
C LYS E 189 9.16 34.26 22.89
N ALA E 190 9.24 33.58 21.73
CA ALA E 190 9.85 32.26 21.64
C ALA E 190 11.38 32.32 21.70
N ASN E 191 11.97 33.50 21.48
CA ASN E 191 13.40 33.73 21.64
C ASN E 191 13.70 34.35 23.01
N ILE E 192 12.77 34.19 23.97
CA ILE E 192 13.04 34.29 25.40
C ILE E 192 12.98 32.87 25.97
N THR E 193 12.60 31.88 25.12
CA THR E 193 12.46 30.46 25.44
C THR E 193 11.31 30.13 26.38
N PHE E 194 10.35 29.33 25.89
CA PHE E 194 9.31 28.77 26.73
C PHE E 194 9.21 27.26 26.53
N GLU E 195 9.15 26.54 27.65
CA GLU E 195 8.92 25.13 27.76
C GLU E 195 7.52 24.79 27.24
N HIS E 196 7.31 23.60 26.69
CA HIS E 196 6.00 23.30 26.13
C HIS E 196 5.67 21.82 26.20
N MET E 197 6.69 20.95 26.31
CA MET E 197 6.52 19.64 26.90
C MET E 197 6.61 19.84 28.41
N PHE E 198 5.55 19.53 29.17
CA PHE E 198 5.39 20.12 30.49
C PHE E 198 4.69 19.19 31.46
N GLU E 199 4.57 19.63 32.73
CA GLU E 199 3.97 18.95 33.87
C GLU E 199 2.68 18.15 33.63
N GLU E 200 2.78 16.82 33.84
CA GLU E 200 1.67 15.91 33.88
C GLU E 200 1.53 15.47 35.33
N VAL E 201 0.35 15.68 35.95
CA VAL E 201 0.20 15.49 37.39
C VAL E 201 -0.23 14.06 37.76
N PRO E 202 0.47 13.31 38.62
CA PRO E 202 0.14 11.92 38.86
C PRO E 202 -1.10 11.77 39.75
N ILE E 203 -1.99 10.83 39.38
CA ILE E 203 -3.34 10.76 39.92
C ILE E 203 -3.40 9.94 41.21
N VAL E 204 -3.68 8.62 41.16
CA VAL E 204 -3.97 7.83 42.36
C VAL E 204 -2.73 7.19 42.97
N ILE E 205 -2.58 7.38 44.30
CA ILE E 205 -1.47 6.83 45.08
C ILE E 205 -1.83 6.69 46.57
N LYS E 206 -3.08 6.97 46.96
CA LYS E 206 -3.54 6.72 48.32
C LYS E 206 -5.05 6.68 48.36
N ASN E 207 -5.62 6.23 49.50
CA ASN E 207 -7.04 6.22 49.78
C ASN E 207 -7.69 7.62 49.78
N SER E 208 -8.92 7.75 49.27
CA SER E 208 -9.73 8.95 49.40
C SER E 208 -10.58 8.93 50.65
N HIS E 209 -10.77 7.74 51.25
CA HIS E 209 -11.63 7.48 52.40
C HIS E 209 -13.11 7.58 52.05
N LEU E 210 -13.42 7.44 50.75
CA LEU E 210 -14.78 7.32 50.25
C LEU E 210 -15.03 5.93 49.66
N ILE E 211 -13.98 5.09 49.64
CA ILE E 211 -13.93 3.72 49.14
C ILE E 211 -14.93 2.79 49.83
N ASN E 212 -15.16 3.06 51.13
CA ASN E 212 -15.98 2.39 52.11
C ASN E 212 -17.28 1.75 51.61
N VAL E 213 -18.13 2.53 50.89
CA VAL E 213 -19.38 2.04 50.32
C VAL E 213 -19.16 1.00 49.22
N LEU E 214 -18.20 1.27 48.31
CA LEU E 214 -17.80 0.37 47.24
C LEU E 214 -17.16 -0.91 47.77
N MET E 215 -16.40 -0.81 48.86
CA MET E 215 -15.84 -1.95 49.57
C MET E 215 -16.89 -2.88 50.18
N TRP E 216 -17.96 -2.33 50.79
CA TRP E 216 -19.11 -3.09 51.25
C TRP E 216 -19.87 -3.77 50.10
N GLU E 217 -20.00 -3.09 48.94
CA GLU E 217 -20.49 -3.71 47.72
C GLU E 217 -19.64 -4.86 47.20
N LEU E 218 -18.30 -4.76 47.24
CA LEU E 218 -17.35 -5.72 46.69
C LEU E 218 -17.49 -7.14 47.24
N GLU E 219 -17.67 -7.31 48.56
CA GLU E 219 -17.79 -8.61 49.20
C GLU E 219 -19.06 -9.38 48.82
N LYS E 220 -20.04 -8.67 48.23
CA LYS E 220 -21.27 -9.26 47.79
C LYS E 220 -21.31 -9.54 46.30
N LYS E 221 -20.22 -9.30 45.52
CA LYS E 221 -20.39 -9.06 44.09
C LYS E 221 -19.34 -9.51 43.04
N SER E 222 -18.53 -10.59 43.15
CA SER E 222 -18.46 -11.73 44.06
C SER E 222 -19.77 -12.30 44.58
N ALA E 223 -19.75 -12.91 45.78
CA ALA E 223 -20.92 -13.42 46.49
C ALA E 223 -21.77 -14.42 45.70
N VAL E 224 -23.08 -14.12 45.57
CA VAL E 224 -24.01 -14.89 44.76
C VAL E 224 -24.31 -14.14 43.45
N ALA E 225 -23.47 -13.15 43.11
CA ALA E 225 -23.62 -12.35 41.91
C ALA E 225 -22.51 -12.67 40.91
N ASP E 226 -21.82 -13.81 41.13
CA ASP E 226 -20.64 -14.33 40.46
C ASP E 226 -20.74 -14.35 38.92
N LYS E 227 -21.97 -14.59 38.43
CA LYS E 227 -22.40 -14.54 37.05
C LYS E 227 -22.03 -13.22 36.35
N HIS E 228 -22.23 -12.07 37.02
CA HIS E 228 -21.87 -10.75 36.52
C HIS E 228 -20.38 -10.51 36.37
N GLU E 229 -19.58 -10.91 37.38
CA GLU E 229 -18.13 -10.79 37.37
C GLU E 229 -17.50 -11.63 36.27
N LEU E 230 -17.91 -12.91 36.18
CA LEU E 230 -17.48 -13.83 35.14
C LEU E 230 -17.82 -13.42 33.72
N LEU E 231 -19.07 -12.93 33.48
CA LEU E 231 -19.48 -12.42 32.18
C LEU E 231 -18.66 -11.20 31.73
N SER E 232 -18.39 -10.27 32.65
CA SER E 232 -17.61 -9.06 32.38
C SER E 232 -16.19 -9.36 31.95
N LEU E 233 -15.53 -10.32 32.61
CA LEU E 233 -14.24 -10.83 32.18
C LEU E 233 -14.29 -11.53 30.82
N ALA E 234 -15.31 -12.38 30.58
CA ALA E 234 -15.51 -13.14 29.36
C ALA E 234 -15.73 -12.30 28.09
N SER E 235 -16.28 -11.08 28.23
CA SER E 235 -16.38 -10.09 27.15
C SER E 235 -15.03 -9.78 26.51
N SER E 236 -13.93 -9.82 27.30
CA SER E 236 -12.56 -9.61 26.84
C SER E 236 -12.10 -10.58 25.78
N ASN E 237 -12.38 -11.89 25.94
CA ASN E 237 -12.02 -12.93 24.98
C ASN E 237 -12.69 -12.76 23.64
N HIS E 238 -13.99 -12.41 23.67
CA HIS E 238 -14.78 -12.07 22.49
C HIS E 238 -14.24 -10.85 21.78
N LEU E 239 -13.88 -9.79 22.53
CA LEU E 239 -13.23 -8.61 21.99
C LEU E 239 -11.86 -8.89 21.38
N GLY E 240 -11.00 -9.67 22.08
CA GLY E 240 -9.64 -9.97 21.68
C GLY E 240 -9.50 -10.92 20.52
N LYS E 241 -10.35 -11.96 20.41
CA LYS E 241 -10.37 -12.79 19.21
C LYS E 241 -10.92 -12.03 17.99
N ASN E 242 -12.02 -11.29 18.17
CA ASN E 242 -12.66 -10.60 17.07
C ASN E 242 -11.87 -9.41 16.53
N LEU E 243 -11.30 -8.54 17.37
CA LEU E 243 -10.68 -7.32 16.89
C LEU E 243 -9.22 -7.46 16.48
N GLN E 244 -8.92 -6.91 15.30
CA GLN E 244 -7.63 -6.83 14.65
C GLN E 244 -6.72 -5.75 15.27
N LEU E 245 -6.84 -5.55 16.59
CA LEU E 245 -6.53 -4.35 17.33
C LEU E 245 -5.12 -3.82 17.15
N LEU E 246 -4.08 -4.70 17.15
CA LEU E 246 -2.72 -4.24 16.89
C LEU E 246 -2.52 -3.65 15.49
N MET E 247 -3.08 -4.30 14.45
CA MET E 247 -3.02 -3.80 13.08
C MET E 247 -3.83 -2.52 12.88
N ASP E 248 -5.05 -2.49 13.42
CA ASP E 248 -5.98 -1.37 13.39
C ASP E 248 -5.40 -0.08 14.00
N ARG E 249 -4.86 -0.15 15.23
CA ARG E 249 -4.22 0.98 15.87
C ARG E 249 -2.96 1.43 15.15
N VAL E 250 -2.14 0.50 14.64
CA VAL E 250 -0.99 0.82 13.79
C VAL E 250 -1.38 1.53 12.50
N ASP E 251 -2.47 1.14 11.82
CA ASP E 251 -2.94 1.82 10.63
C ASP E 251 -3.42 3.26 10.88
N GLU E 252 -4.25 3.49 11.92
CA GLU E 252 -4.62 4.84 12.33
C GLU E 252 -3.43 5.67 12.82
N MET E 253 -2.48 5.09 13.58
CA MET E 253 -1.22 5.75 13.94
C MET E 253 -0.35 6.10 12.74
N SER E 254 -0.18 5.19 11.77
CA SER E 254 0.57 5.42 10.54
C SER E 254 -0.01 6.55 9.72
N GLN E 255 -1.36 6.57 9.60
CA GLN E 255 -2.11 7.66 9.03
C GLN E 255 -1.90 8.98 9.74
N ASP E 256 -1.96 9.00 11.09
CA ASP E 256 -1.73 10.17 11.93
C ASP E 256 -0.31 10.74 11.83
N ILE E 257 0.72 9.88 11.91
CA ILE E 257 2.11 10.24 11.80
C ILE E 257 2.44 10.82 10.43
N VAL E 258 1.96 10.18 9.33
CA VAL E 258 2.15 10.72 7.99
C VAL E 258 1.43 12.05 7.76
N LYS E 259 0.18 12.23 8.24
CA LYS E 259 -0.53 13.51 8.18
C LYS E 259 0.22 14.67 8.83
N TYR E 260 0.59 14.52 10.12
CA TYR E 260 1.24 15.59 10.85
C TYR E 260 2.66 15.86 10.40
N ASN E 261 3.46 14.81 10.17
CA ASN E 261 4.82 14.96 9.67
C ASN E 261 4.86 15.56 8.26
N THR E 262 3.98 15.16 7.33
CA THR E 262 3.91 15.80 6.01
C THR E 262 3.49 17.26 6.07
N TYR E 263 2.52 17.61 6.94
CA TYR E 263 2.18 19.01 7.22
C TYR E 263 3.37 19.83 7.77
N MET E 264 4.08 19.31 8.79
CA MET E 264 5.27 19.95 9.35
C MET E 264 6.42 20.06 8.38
N ARG E 265 6.72 19.00 7.59
CA ARG E 265 7.78 19.01 6.58
C ARG E 265 7.55 20.01 5.45
N ASN E 266 6.32 20.13 4.91
CA ASN E 266 5.99 21.19 3.97
C ASN E 266 6.02 22.59 4.58
N THR E 267 5.57 22.74 5.84
CA THR E 267 5.65 24.00 6.57
C THR E 267 7.08 24.47 6.80
N SER E 268 7.99 23.55 7.22
CA SER E 268 9.41 23.88 7.37
C SER E 268 10.08 24.25 6.07
N LYS E 269 9.83 23.46 5.00
CA LYS E 269 10.36 23.76 3.68
C LYS E 269 9.88 25.11 3.13
N GLN E 270 8.61 25.49 3.38
CA GLN E 270 8.13 26.82 3.03
C GLN E 270 8.86 27.95 3.75
N GLN E 271 9.09 27.86 5.08
CA GLN E 271 9.86 28.85 5.82
C GLN E 271 11.32 28.89 5.38
N GLN E 272 11.99 27.73 5.16
CA GLN E 272 13.37 27.67 4.68
C GLN E 272 13.60 28.32 3.32
N GLN E 273 12.67 28.12 2.37
CA GLN E 273 12.71 28.75 1.07
C GLN E 273 12.48 30.26 1.14
N LYS E 274 11.85 30.76 2.22
CA LYS E 274 11.77 32.19 2.48
C LYS E 274 12.96 32.73 3.27
N HIS E 275 13.38 32.06 4.38
CA HIS E 275 14.53 32.46 5.19
C HIS E 275 15.85 32.46 4.44
N GLN E 276 16.17 31.33 3.78
CA GLN E 276 17.50 31.14 3.23
C GLN E 276 17.54 31.47 1.77
N TYR E 277 16.66 30.84 0.97
CA TYR E 277 16.72 30.91 -0.49
C TYR E 277 16.50 32.31 -1.08
N GLN E 278 15.53 33.09 -0.55
CA GLN E 278 15.36 34.49 -0.95
C GLN E 278 16.54 35.38 -0.60
N GLN E 279 17.04 35.27 0.66
CA GLN E 279 18.13 36.07 1.18
C GLN E 279 19.45 35.79 0.48
N ARG E 280 19.71 34.52 0.14
CA ARG E 280 20.88 34.12 -0.62
C ARG E 280 20.98 34.76 -1.99
N ARG E 281 19.87 34.77 -2.77
CA ARG E 281 19.77 35.50 -4.02
C ARG E 281 19.79 37.01 -3.90
N GLN E 282 19.18 37.55 -2.83
CA GLN E 282 19.27 38.97 -2.57
C GLN E 282 20.69 39.45 -2.28
N GLN E 283 21.48 38.70 -1.47
CA GLN E 283 22.90 38.96 -1.31
C GLN E 283 23.72 38.73 -2.57
N GLU E 284 23.44 37.67 -3.36
CA GLU E 284 23.99 37.42 -4.69
C GLU E 284 23.82 38.62 -5.61
N ASN E 285 22.59 39.14 -5.76
CA ASN E 285 22.29 40.37 -6.50
C ASN E 285 22.91 41.64 -5.91
N MET E 286 22.80 41.87 -4.59
CA MET E 286 23.32 43.06 -3.94
C MET E 286 24.84 43.19 -4.04
N GLN E 287 25.56 42.05 -3.97
CA GLN E 287 26.98 41.98 -4.24
C GLN E 287 27.36 42.25 -5.69
N ARG E 288 26.54 41.80 -6.67
CA ARG E 288 26.70 42.20 -8.07
C ARG E 288 26.49 43.68 -8.33
N GLN E 289 25.47 44.31 -7.72
CA GLN E 289 25.22 45.74 -7.81
C GLN E 289 26.28 46.63 -7.17
N SER E 290 26.83 46.21 -6.00
CA SER E 290 27.94 46.89 -5.32
C SER E 290 27.66 48.34 -4.90
N ARG E 291 26.48 48.66 -4.31
CA ARG E 291 26.18 48.49 -2.89
C ARG E 291 26.48 49.75 -2.08
N GLY E 292 26.44 50.94 -2.72
CA GLY E 292 26.49 52.22 -2.05
C GLY E 292 26.69 53.29 -3.08
N GLU E 293 25.82 54.30 -3.12
CA GLU E 293 25.80 55.28 -4.21
C GLU E 293 26.05 56.69 -3.67
N PRO E 294 27.20 57.33 -3.90
CA PRO E 294 27.56 58.51 -3.11
C PRO E 294 26.92 59.85 -3.47
N PRO E 295 26.26 60.24 -4.58
CA PRO E 295 25.83 61.63 -4.74
C PRO E 295 24.36 61.79 -4.38
N LEU E 296 23.58 60.71 -4.45
CA LEU E 296 22.15 60.64 -4.22
C LEU E 296 21.91 59.17 -3.94
N PRO E 297 20.81 58.74 -3.32
CA PRO E 297 20.39 57.33 -3.26
C PRO E 297 20.52 56.52 -4.55
N GLU E 298 20.79 55.20 -4.55
CA GLU E 298 20.48 54.14 -3.59
C GLU E 298 19.02 53.70 -3.72
N GLU E 299 18.47 53.89 -4.93
CA GLU E 299 17.07 53.63 -5.29
C GLU E 299 16.69 52.16 -5.14
N ASP E 300 17.41 51.27 -5.85
CA ASP E 300 17.15 49.85 -5.78
C ASP E 300 17.72 49.21 -4.51
N LEU E 301 18.73 49.83 -3.88
CA LEU E 301 19.15 49.44 -2.53
C LEU E 301 18.04 49.66 -1.49
N SER E 302 17.31 50.79 -1.59
CA SER E 302 16.12 51.09 -0.81
C SER E 302 14.98 50.10 -1.04
N LYS E 303 14.76 49.68 -2.31
CA LYS E 303 13.79 48.65 -2.66
C LYS E 303 14.09 47.28 -2.05
N LEU E 304 15.35 46.82 -2.09
CA LEU E 304 15.78 45.54 -1.52
C LEU E 304 15.51 45.35 -0.02
N PHE E 305 15.22 44.10 0.37
CA PHE E 305 14.81 43.64 1.68
C PHE E 305 13.52 44.25 2.22
N LYS E 306 12.42 43.48 2.16
CA LYS E 306 11.18 43.78 2.81
C LYS E 306 10.71 42.41 3.31
N PRO E 307 10.17 42.21 4.50
CA PRO E 307 9.83 40.88 4.99
C PRO E 307 8.86 40.05 4.14
N PRO E 308 9.12 38.80 3.73
CA PRO E 308 8.06 37.85 3.41
C PRO E 308 7.23 37.50 4.65
N GLN E 309 6.08 36.80 4.49
CA GLN E 309 5.19 36.48 5.62
C GLN E 309 5.83 35.66 6.75
N PRO E 310 6.63 34.61 6.53
CA PRO E 310 7.56 34.16 7.55
C PRO E 310 8.95 34.78 7.34
N PRO E 311 9.42 35.70 8.17
CA PRO E 311 10.84 36.06 8.19
C PRO E 311 11.54 35.18 9.19
N ALA E 312 10.83 34.74 10.25
CA ALA E 312 11.30 33.76 11.21
C ALA E 312 10.14 33.25 12.04
N ARG E 313 10.34 32.16 12.82
CA ARG E 313 9.53 31.83 13.99
C ARG E 313 8.01 31.64 13.85
N MET E 314 7.54 30.72 12.98
CA MET E 314 6.14 30.31 12.95
C MET E 314 5.77 29.32 14.07
N ASP E 315 6.05 29.69 15.33
CA ASP E 315 5.94 28.86 16.52
C ASP E 315 4.54 28.34 16.81
N SER E 316 3.49 29.10 16.49
CA SER E 316 2.10 28.68 16.69
C SER E 316 1.77 27.36 15.97
N LEU E 317 2.24 27.18 14.72
CA LEU E 317 2.20 25.87 14.07
C LEU E 317 3.21 24.87 14.61
N LEU E 318 4.49 25.28 14.83
CA LEU E 318 5.56 24.39 15.24
C LEU E 318 5.36 23.72 16.60
N ILE E 319 5.05 24.51 17.65
CA ILE E 319 4.87 24.03 19.01
C ILE E 319 3.70 23.08 19.14
N ALA E 320 2.57 23.42 18.49
CA ALA E 320 1.40 22.57 18.39
C ALA E 320 1.68 21.27 17.63
N GLY E 321 2.48 21.34 16.55
CA GLY E 321 3.09 20.18 15.90
C GLY E 321 3.87 19.26 16.81
N GLN E 322 4.84 19.81 17.57
CA GLN E 322 5.66 19.05 18.51
C GLN E 322 4.88 18.37 19.62
N ILE E 323 3.86 19.04 20.19
CA ILE E 323 2.95 18.43 21.18
C ILE E 323 2.18 17.24 20.59
N ASN E 324 1.71 17.36 19.34
CA ASN E 324 1.13 16.23 18.61
C ASN E 324 2.10 15.10 18.29
N THR E 325 3.34 15.37 17.84
CA THR E 325 4.35 14.31 17.65
C THR E 325 4.74 13.63 18.94
N TYR E 326 4.86 14.35 20.08
CA TYR E 326 4.99 13.79 21.42
C TYR E 326 3.81 12.87 21.77
N CYS E 327 2.55 13.27 21.49
CA CYS E 327 1.39 12.39 21.62
C CYS E 327 1.47 11.14 20.73
N GLN E 328 1.94 11.27 19.48
CA GLN E 328 2.22 10.16 18.59
C GLN E 328 3.29 9.21 19.11
N ASN E 329 4.42 9.73 19.64
CA ASN E 329 5.45 8.93 20.30
C ASN E 329 4.95 8.17 21.53
N ILE E 330 4.06 8.79 22.35
CA ILE E 330 3.37 8.10 23.44
C ILE E 330 2.51 6.93 22.95
N LYS E 331 1.77 7.11 21.85
CA LYS E 331 1.03 6.03 21.20
C LYS E 331 1.92 4.91 20.65
N GLU E 332 3.07 5.24 20.02
CA GLU E 332 4.08 4.26 19.66
C GLU E 332 4.63 3.51 20.88
N PHE E 333 4.96 4.22 21.97
CA PHE E 333 5.45 3.63 23.21
C PHE E 333 4.46 2.67 23.86
N THR E 334 3.17 3.06 24.01
CA THR E 334 2.12 2.19 24.54
C THR E 334 1.85 0.98 23.65
N ALA E 335 1.83 1.15 22.31
CA ALA E 335 1.76 0.05 21.37
C ALA E 335 2.95 -0.92 21.45
N GLN E 336 4.19 -0.40 21.57
CA GLN E 336 5.38 -1.20 21.84
C GLN E 336 5.30 -1.95 23.17
N ASN E 337 4.85 -1.30 24.26
CA ASN E 337 4.66 -1.95 25.56
C ASN E 337 3.64 -3.09 25.54
N LEU E 338 2.53 -2.92 24.81
CA LEU E 338 1.56 -3.98 24.55
C LEU E 338 2.19 -5.16 23.78
N GLY E 339 3.01 -4.86 22.74
CA GLY E 339 3.73 -5.87 21.97
C GLY E 339 4.80 -6.62 22.72
N LYS E 340 5.57 -5.96 23.62
CA LYS E 340 6.59 -6.61 24.43
C LYS E 340 6.03 -7.75 25.28
N LEU E 341 4.92 -7.47 25.99
CA LEU E 341 4.28 -8.40 26.88
C LEU E 341 3.44 -9.44 26.17
N PHE E 342 2.77 -9.10 25.04
CA PHE E 342 2.10 -10.09 24.20
C PHE E 342 3.07 -11.12 23.61
N MET E 343 4.24 -10.69 23.10
CA MET E 343 5.27 -11.60 22.63
C MET E 343 5.78 -12.52 23.74
N ALA E 344 6.02 -11.97 24.94
CA ALA E 344 6.41 -12.75 26.10
C ALA E 344 5.36 -13.78 26.52
N GLN E 345 4.07 -13.40 26.64
CA GLN E 345 2.98 -14.30 26.96
C GLN E 345 2.74 -15.40 25.92
N ALA E 346 2.82 -15.06 24.62
CA ALA E 346 2.70 -16.03 23.55
C ALA E 346 3.81 -17.10 23.56
N LEU E 347 5.08 -16.69 23.74
CA LEU E 347 6.21 -17.58 23.89
C LEU E 347 6.15 -18.43 25.17
N GLN E 348 5.78 -17.82 26.31
CA GLN E 348 5.67 -18.47 27.61
C GLN E 348 4.64 -19.60 27.69
N GLU E 349 3.43 -19.42 27.14
CA GLU E 349 2.42 -20.46 27.14
C GLU E 349 2.71 -21.67 26.26
N TYR E 350 3.35 -21.50 25.08
CA TYR E 350 3.53 -22.60 24.14
C TYR E 350 4.48 -23.72 24.57
N ASN E 351 5.66 -23.37 25.13
CA ASN E 351 6.81 -24.26 25.14
C ASN E 351 6.85 -25.24 26.33
N ASN E 352 5.68 -25.56 26.93
CA ASN E 352 5.53 -26.56 27.95
C ASN E 352 4.03 -26.96 28.01
N ALA F 2 65.84 -33.62 32.61
CA ALA F 2 66.64 -33.29 33.81
C ALA F 2 67.11 -31.85 33.85
N MET F 3 67.89 -31.41 32.83
CA MET F 3 68.48 -30.08 32.76
C MET F 3 67.48 -28.94 32.69
N PHE F 4 66.35 -29.14 31.98
CA PHE F 4 65.38 -28.10 31.68
C PHE F 4 64.81 -27.36 32.89
N GLU F 5 64.27 -28.10 33.89
CA GLU F 5 63.67 -27.54 35.09
C GLU F 5 64.64 -26.76 35.96
N GLN F 6 65.90 -27.21 36.03
CA GLN F 6 66.99 -26.55 36.75
C GLN F 6 67.30 -25.16 36.20
N MET F 7 67.36 -25.04 34.86
CA MET F 7 67.48 -23.74 34.20
C MET F 7 66.21 -22.89 34.32
N ARG F 8 65.03 -23.51 34.14
CA ARG F 8 63.70 -22.90 34.08
C ARG F 8 63.38 -22.00 35.26
N ALA F 9 63.75 -22.44 36.47
CA ALA F 9 63.58 -21.71 37.71
C ALA F 9 64.28 -20.36 37.76
N ASN F 10 65.36 -20.14 36.97
CA ASN F 10 65.95 -18.83 36.82
C ASN F 10 65.69 -18.21 35.46
N VAL F 11 65.49 -19.02 34.39
CA VAL F 11 65.11 -18.54 33.07
C VAL F 11 63.76 -17.83 33.05
N GLY F 12 62.74 -18.33 33.77
CA GLY F 12 61.45 -17.64 33.89
C GLY F 12 61.50 -16.28 34.55
N LYS F 13 62.50 -16.04 35.42
CA LYS F 13 62.80 -14.71 35.93
C LYS F 13 63.44 -13.81 34.89
N LEU F 14 64.44 -14.34 34.15
CA LEU F 14 65.22 -13.70 33.11
C LEU F 14 64.34 -13.18 31.97
N LEU F 15 63.33 -14.00 31.59
CA LEU F 15 62.36 -13.64 30.57
C LEU F 15 61.36 -12.58 30.99
N LYS F 16 61.21 -12.29 32.30
CA LYS F 16 60.30 -11.25 32.74
C LYS F 16 61.03 -10.08 33.40
N GLY F 17 62.38 -10.10 33.32
CA GLY F 17 63.25 -8.99 33.66
C GLY F 17 63.51 -8.10 32.47
N ILE F 18 64.71 -7.50 32.40
CA ILE F 18 65.15 -6.74 31.23
C ILE F 18 66.19 -7.54 30.47
N ASP F 19 66.65 -8.61 31.12
CA ASP F 19 67.72 -9.53 30.84
C ASP F 19 67.56 -10.25 29.51
N ARG F 20 66.30 -10.40 29.08
CA ARG F 20 65.91 -10.96 27.80
C ARG F 20 66.29 -10.13 26.57
N TYR F 21 66.66 -8.85 26.74
CA TYR F 21 67.13 -8.02 25.65
C TYR F 21 68.66 -7.99 25.59
N ASN F 22 69.34 -8.59 26.59
CA ASN F 22 70.79 -8.61 26.66
C ASN F 22 71.36 -9.87 25.98
N PRO F 23 72.24 -9.78 24.97
CA PRO F 23 72.97 -10.91 24.40
C PRO F 23 73.80 -11.75 25.37
N GLU F 24 74.28 -11.23 26.51
CA GLU F 24 75.11 -11.98 27.46
C GLU F 24 74.42 -13.25 27.99
N ASN F 25 73.08 -13.19 28.11
CA ASN F 25 72.26 -14.30 28.56
C ASN F 25 72.10 -15.43 27.55
N LEU F 26 72.51 -15.25 26.27
CA LEU F 26 72.36 -16.26 25.21
C LEU F 26 72.94 -17.62 25.57
N ALA F 27 74.15 -17.69 26.14
CA ALA F 27 74.80 -18.96 26.45
C ALA F 27 74.03 -19.89 27.40
N THR F 28 73.16 -19.34 28.28
CA THR F 28 72.18 -20.15 29.02
C THR F 28 70.90 -20.40 28.23
N LEU F 29 70.37 -19.40 27.50
CA LEU F 29 69.17 -19.56 26.69
C LEU F 29 69.32 -20.53 25.50
N GLU F 30 70.44 -20.50 24.78
CA GLU F 30 70.78 -21.43 23.71
C GLU F 30 70.95 -22.87 24.20
N ARG F 31 71.56 -23.07 25.38
CA ARG F 31 71.59 -24.36 26.05
C ARG F 31 70.20 -24.85 26.48
N TYR F 32 69.33 -23.94 26.93
CA TYR F 32 67.92 -24.20 27.18
C TYR F 32 67.19 -24.67 25.90
N VAL F 33 67.47 -24.08 24.73
CA VAL F 33 67.05 -24.57 23.40
C VAL F 33 67.58 -25.97 23.06
N GLU F 34 68.88 -26.25 23.32
CA GLU F 34 69.49 -27.58 23.20
C GLU F 34 68.77 -28.62 24.04
N THR F 35 68.50 -28.27 25.30
CA THR F 35 67.74 -29.09 26.23
C THR F 35 66.30 -29.32 25.81
N GLN F 36 65.62 -28.34 25.18
CA GLN F 36 64.32 -28.53 24.53
C GLN F 36 64.32 -29.54 23.39
N ALA F 37 65.36 -29.60 22.55
CA ALA F 37 65.53 -30.68 21.58
C ALA F 37 65.84 -32.03 22.23
N LYS F 38 66.86 -32.04 23.12
CA LYS F 38 67.39 -33.19 23.81
C LYS F 38 66.41 -33.91 24.75
N GLU F 39 65.67 -33.16 25.58
CA GLU F 39 64.78 -33.74 26.60
C GLU F 39 63.32 -33.59 26.20
N ASN F 40 63.09 -33.07 24.99
CA ASN F 40 61.79 -32.85 24.36
C ASN F 40 60.90 -31.79 25.02
N ALA F 41 61.44 -31.00 25.96
CA ALA F 41 60.74 -29.88 26.57
C ALA F 41 60.44 -28.72 25.60
N TYR F 42 59.70 -27.69 26.04
CA TYR F 42 59.44 -26.52 25.21
C TYR F 42 59.25 -25.26 26.04
N ASP F 43 59.78 -24.12 25.54
CA ASP F 43 59.53 -22.79 26.09
C ASP F 43 59.40 -21.80 24.94
N LEU F 44 58.20 -21.19 24.76
CA LEU F 44 57.98 -20.24 23.68
C LEU F 44 58.56 -18.86 23.97
N GLU F 45 58.47 -18.34 25.21
CA GLU F 45 58.97 -17.00 25.53
C GLU F 45 60.50 -16.95 25.42
N ALA F 46 61.20 -18.01 25.88
CA ALA F 46 62.62 -18.17 25.66
C ALA F 46 63.06 -18.25 24.20
N ASN F 47 62.38 -19.08 23.39
CA ASN F 47 62.71 -19.23 21.98
C ASN F 47 62.50 -17.95 21.19
N LEU F 48 61.37 -17.26 21.44
CA LEU F 48 61.06 -15.97 20.87
C LEU F 48 62.05 -14.87 21.27
N ALA F 49 62.52 -14.87 22.53
CA ALA F 49 63.61 -14.01 22.97
C ALA F 49 64.94 -14.26 22.26
N VAL F 50 65.37 -15.53 22.10
CA VAL F 50 66.58 -15.89 21.35
C VAL F 50 66.49 -15.48 19.89
N LEU F 51 65.35 -15.74 19.23
CA LEU F 51 65.10 -15.27 17.87
C LEU F 51 65.13 -13.75 17.75
N LYS F 52 64.52 -13.01 18.68
CA LYS F 52 64.60 -11.55 18.72
C LYS F 52 66.02 -11.01 18.93
N LEU F 53 66.82 -11.64 19.82
CA LEU F 53 68.23 -11.32 20.00
C LEU F 53 69.07 -11.56 18.75
N TYR F 54 68.87 -12.70 18.05
CA TYR F 54 69.47 -12.97 16.76
C TYR F 54 69.04 -12.00 15.67
N GLN F 55 67.74 -11.63 15.63
CA GLN F 55 67.20 -10.65 14.71
C GLN F 55 67.79 -9.26 14.86
N PHE F 56 67.91 -8.75 16.11
CA PHE F 56 68.50 -7.46 16.40
C PHE F 56 70.01 -7.45 16.19
N ASN F 57 70.68 -8.56 16.53
CA ASN F 57 72.11 -8.71 16.43
C ASN F 57 72.54 -9.81 15.44
N PRO F 58 72.54 -9.63 14.11
CA PRO F 58 72.78 -10.72 13.15
C PRO F 58 74.06 -11.51 13.32
N ALA F 59 75.11 -10.92 13.92
CA ALA F 59 76.39 -11.55 14.14
C ALA F 59 76.37 -12.68 15.17
N PHE F 60 75.29 -12.80 15.97
CA PHE F 60 75.16 -13.87 16.95
C PHE F 60 74.23 -14.97 16.44
N PHE F 61 73.84 -14.98 15.15
CA PHE F 61 73.00 -16.01 14.58
C PHE F 61 73.64 -17.41 14.58
N GLN F 62 73.21 -18.29 15.51
CA GLN F 62 73.71 -19.65 15.55
C GLN F 62 72.78 -20.59 14.78
N THR F 63 73.28 -21.20 13.70
CA THR F 63 72.51 -22.06 12.80
C THR F 63 71.94 -23.31 13.44
N THR F 64 72.72 -24.06 14.24
CA THR F 64 72.28 -25.26 14.95
C THR F 64 71.22 -24.96 16.00
N VAL F 65 71.37 -23.89 16.80
CA VAL F 65 70.34 -23.43 17.74
C VAL F 65 69.07 -23.00 17.02
N THR F 66 69.18 -22.21 15.93
CA THR F 66 68.05 -21.79 15.11
C THR F 66 67.32 -22.96 14.49
N ALA F 67 68.06 -23.95 13.95
CA ALA F 67 67.52 -25.16 13.40
C ALA F 67 66.76 -26.01 14.43
N GLN F 68 67.27 -26.13 15.67
CA GLN F 68 66.55 -26.75 16.77
C GLN F 68 65.26 -26.04 17.14
N ILE F 69 65.22 -24.69 17.19
CA ILE F 69 63.97 -23.93 17.35
C ILE F 69 62.99 -24.19 16.21
N LEU F 70 63.46 -24.18 14.94
CA LEU F 70 62.64 -24.51 13.78
C LEU F 70 62.08 -25.92 13.79
N LEU F 71 62.89 -26.94 14.09
CA LEU F 71 62.42 -28.32 14.20
C LEU F 71 61.43 -28.53 15.33
N LYS F 72 61.63 -27.90 16.51
CA LYS F 72 60.63 -27.85 17.57
C LYS F 72 59.35 -27.09 17.18
N ALA F 73 59.45 -25.98 16.42
CA ALA F 73 58.28 -25.32 15.85
C ALA F 73 57.46 -26.24 14.94
N LEU F 74 58.11 -27.13 14.18
CA LEU F 74 57.44 -28.15 13.40
C LEU F 74 56.85 -29.30 14.22
N THR F 75 57.28 -29.53 15.48
CA THR F 75 56.61 -30.49 16.37
C THR F 75 55.36 -29.93 17.00
N ASN F 76 55.16 -28.60 16.92
CA ASN F 76 54.10 -27.89 17.59
C ASN F 76 52.96 -27.52 16.65
N LEU F 77 52.98 -27.94 15.38
CA LEU F 77 51.92 -27.61 14.43
C LEU F 77 50.54 -28.17 14.85
N PRO F 78 49.47 -27.40 14.86
CA PRO F 78 49.26 -26.21 14.05
C PRO F 78 49.36 -24.93 14.88
N HIS F 79 50.22 -24.87 15.93
CA HIS F 79 50.51 -23.63 16.63
C HIS F 79 51.35 -22.64 15.81
N THR F 80 51.50 -21.39 16.28
CA THR F 80 51.99 -20.27 15.48
C THR F 80 53.49 -20.06 15.59
N ASP F 81 54.22 -21.00 16.20
CA ASP F 81 55.66 -21.02 16.38
C ASP F 81 56.41 -20.88 15.06
N PHE F 82 55.96 -21.61 14.03
CA PHE F 82 56.52 -21.55 12.68
C PHE F 82 56.37 -20.16 12.05
N THR F 83 55.21 -19.51 12.21
CA THR F 83 54.96 -18.11 11.82
C THR F 83 55.88 -17.13 12.54
N LEU F 84 56.08 -17.31 13.86
CA LEU F 84 57.01 -16.51 14.63
C LEU F 84 58.47 -16.63 14.16
N CYS F 85 58.91 -17.85 13.79
CA CYS F 85 60.20 -18.06 13.13
C CYS F 85 60.33 -17.35 11.78
N LYS F 86 59.28 -17.33 10.93
CA LYS F 86 59.28 -16.58 9.68
C LYS F 86 59.48 -15.08 9.90
N CYS F 87 58.82 -14.49 10.92
CA CYS F 87 58.93 -13.09 11.28
C CYS F 87 60.32 -12.60 11.68
N MET F 88 61.07 -13.42 12.44
CA MET F 88 62.28 -12.95 13.10
C MET F 88 63.57 -13.22 12.34
N ILE F 89 63.52 -13.86 11.17
CA ILE F 89 64.74 -14.24 10.48
C ILE F 89 64.68 -13.73 9.04
N ASP F 90 65.64 -12.88 8.58
CA ASP F 90 65.74 -12.56 7.16
C ASP F 90 66.10 -13.78 6.31
N GLN F 91 65.66 -13.75 5.04
CA GLN F 91 66.09 -14.55 3.91
C GLN F 91 67.56 -14.95 3.91
N ALA F 92 68.53 -14.04 4.13
CA ALA F 92 69.93 -14.40 4.14
C ALA F 92 70.29 -15.43 5.22
N HIS F 93 69.71 -15.28 6.42
CA HIS F 93 69.84 -16.25 7.48
C HIS F 93 68.92 -17.47 7.34
N GLN F 94 67.72 -17.30 6.74
CA GLN F 94 66.82 -18.39 6.36
C GLN F 94 67.37 -19.31 5.27
N GLU F 95 68.09 -18.79 4.26
CA GLU F 95 68.47 -19.56 3.10
C GLU F 95 69.68 -20.48 3.27
N GLU F 96 70.50 -20.34 4.31
CA GLU F 96 71.60 -21.27 4.54
C GLU F 96 71.19 -22.70 4.89
N ARG F 97 72.17 -23.62 4.92
CA ARG F 97 71.99 -25.00 5.30
C ARG F 97 72.06 -25.18 6.81
N PRO F 98 71.20 -25.92 7.50
CA PRO F 98 70.12 -26.76 6.97
C PRO F 98 68.82 -25.98 6.98
N ILE F 99 68.86 -24.67 7.26
CA ILE F 99 67.70 -23.84 7.50
C ILE F 99 66.72 -23.82 6.33
N ARG F 100 67.21 -23.67 5.09
CA ARG F 100 66.39 -23.70 3.89
C ARG F 100 65.68 -25.04 3.64
N GLN F 101 66.34 -26.17 3.96
CA GLN F 101 65.73 -27.49 3.91
C GLN F 101 64.61 -27.62 4.94
N ILE F 102 64.86 -27.19 6.19
CA ILE F 102 63.89 -27.24 7.28
C ILE F 102 62.66 -26.37 7.01
N LEU F 103 62.85 -25.15 6.47
CA LEU F 103 61.76 -24.29 6.05
C LEU F 103 60.90 -24.86 4.92
N TYR F 104 61.52 -25.46 3.88
CA TYR F 104 60.83 -26.17 2.81
C TYR F 104 60.01 -27.34 3.32
N LEU F 105 60.61 -28.18 4.20
CA LEU F 105 59.93 -29.26 4.88
C LEU F 105 58.78 -28.78 5.76
N GLY F 106 58.95 -27.62 6.43
CA GLY F 106 57.91 -26.99 7.23
C GLY F 106 56.74 -26.45 6.47
N ASP F 107 56.95 -25.83 5.30
CA ASP F 107 55.88 -25.44 4.39
C ASP F 107 55.12 -26.65 3.87
N LEU F 108 55.81 -27.75 3.52
CA LEU F 108 55.17 -29.01 3.18
C LEU F 108 54.31 -29.58 4.31
N LEU F 109 54.74 -29.50 5.59
CA LEU F 109 53.85 -29.79 6.70
C LEU F 109 52.68 -28.82 6.88
N GLU F 110 52.93 -27.48 6.83
CA GLU F 110 51.93 -26.44 7.00
C GLU F 110 50.86 -26.43 5.91
N THR F 111 51.25 -26.75 4.65
CA THR F 111 50.34 -26.85 3.52
C THR F 111 49.78 -28.26 3.34
N CYS F 112 50.03 -29.16 4.31
CA CYS F 112 49.47 -30.51 4.41
C CYS F 112 49.88 -31.48 3.32
N HIS F 113 51.10 -31.33 2.78
CA HIS F 113 51.69 -32.17 1.77
C HIS F 113 52.62 -33.18 2.40
N PHE F 114 52.07 -34.04 3.28
CA PHE F 114 52.82 -34.98 4.10
C PHE F 114 53.63 -35.99 3.29
N GLN F 115 53.05 -36.54 2.22
CA GLN F 115 53.68 -37.42 1.27
C GLN F 115 54.90 -36.80 0.59
N ALA F 116 54.81 -35.53 0.19
CA ALA F 116 55.92 -34.76 -0.31
C ALA F 116 57.01 -34.52 0.74
N PHE F 117 56.63 -34.22 2.00
CA PHE F 117 57.54 -34.10 3.13
C PHE F 117 58.35 -35.38 3.39
N TRP F 118 57.69 -36.56 3.43
CA TRP F 118 58.37 -37.84 3.61
C TRP F 118 59.35 -38.14 2.48
N GLN F 119 58.99 -37.79 1.23
CA GLN F 119 59.80 -38.00 0.05
C GLN F 119 60.97 -37.00 -0.10
N ALA F 120 60.97 -35.89 0.66
CA ALA F 120 61.95 -34.82 0.53
C ALA F 120 62.84 -34.69 1.75
N LEU F 121 62.83 -35.66 2.66
CA LEU F 121 63.55 -35.59 3.92
C LEU F 121 64.93 -36.25 3.84
N ASP F 122 66.02 -35.51 4.14
CA ASP F 122 67.37 -36.08 4.23
C ASP F 122 67.48 -37.19 5.30
N GLU F 123 67.47 -38.48 4.91
CA GLU F 123 67.48 -39.62 5.83
C GLU F 123 68.66 -39.66 6.78
N ASN F 124 69.86 -39.31 6.28
CA ASN F 124 71.10 -39.47 7.02
C ASN F 124 71.55 -38.18 7.67
N MET F 125 70.66 -37.18 7.86
CA MET F 125 71.00 -35.98 8.61
C MET F 125 70.94 -36.21 10.13
N ASP F 126 72.08 -36.00 10.81
CA ASP F 126 72.35 -36.17 12.23
C ASP F 126 71.42 -35.35 13.13
N LEU F 127 71.23 -34.08 12.76
CA LEU F 127 70.34 -33.13 13.38
C LEU F 127 68.89 -33.57 13.48
N LEU F 128 68.34 -34.29 12.47
CA LEU F 128 66.99 -34.81 12.52
C LEU F 128 66.80 -35.92 13.55
N GLU F 129 67.79 -36.83 13.68
CA GLU F 129 67.83 -37.90 14.67
C GLU F 129 67.86 -37.37 16.10
N GLY F 130 68.61 -36.28 16.33
CA GLY F 130 68.81 -35.69 17.66
C GLY F 130 67.66 -34.88 18.22
N ILE F 131 66.56 -34.68 17.47
CA ILE F 131 65.36 -34.05 18.01
C ILE F 131 64.47 -35.12 18.63
N THR F 132 64.60 -35.35 19.95
CA THR F 132 63.90 -36.38 20.72
C THR F 132 62.39 -36.37 20.53
N GLY F 133 61.83 -37.42 19.88
CA GLY F 133 60.39 -37.54 19.70
C GLY F 133 59.78 -36.80 18.53
N PHE F 134 60.61 -36.32 17.57
CA PHE F 134 60.16 -35.68 16.34
C PHE F 134 59.24 -36.56 15.48
N GLU F 135 59.64 -37.83 15.26
CA GLU F 135 58.92 -38.82 14.46
C GLU F 135 57.50 -39.14 14.92
N ASP F 136 57.28 -39.36 16.23
CA ASP F 136 55.95 -39.54 16.75
C ASP F 136 55.14 -38.23 16.67
N SER F 137 55.76 -37.07 16.99
CA SER F 137 55.10 -35.77 16.91
C SER F 137 54.60 -35.36 15.53
N VAL F 138 55.39 -35.56 14.46
CA VAL F 138 54.93 -35.32 13.10
C VAL F 138 53.75 -36.21 12.70
N ARG F 139 53.81 -37.52 13.00
CA ARG F 139 52.69 -38.42 12.77
C ARG F 139 51.46 -38.11 13.62
N LYS F 140 51.61 -37.65 14.87
CA LYS F 140 50.52 -37.13 15.70
C LYS F 140 49.81 -35.94 15.07
N PHE F 141 50.56 -34.99 14.44
CA PHE F 141 49.98 -33.90 13.69
C PHE F 141 49.16 -34.40 12.49
N ILE F 142 49.69 -35.35 11.71
CA ILE F 142 48.99 -35.97 10.58
C ILE F 142 47.73 -36.71 11.02
N CYS F 143 47.81 -37.51 12.09
CA CYS F 143 46.67 -38.16 12.72
C CYS F 143 45.65 -37.19 13.29
N HIS F 144 46.07 -36.04 13.85
CA HIS F 144 45.18 -34.98 14.27
C HIS F 144 44.37 -34.37 13.12
N VAL F 145 45.02 -34.09 11.97
CA VAL F 145 44.35 -33.65 10.74
C VAL F 145 43.36 -34.71 10.21
N VAL F 146 43.73 -35.99 10.21
CA VAL F 146 42.83 -37.10 9.91
C VAL F 146 41.66 -37.20 10.89
N GLY F 147 41.90 -37.12 12.21
CA GLY F 147 40.88 -37.24 13.25
C GLY F 147 39.86 -36.14 13.29
N ILE F 148 40.25 -34.89 12.96
CA ILE F 148 39.31 -33.80 12.77
C ILE F 148 38.49 -33.97 11.48
N THR F 149 39.13 -34.38 10.37
CA THR F 149 38.55 -34.15 9.05
C THR F 149 38.19 -35.40 8.24
N TYR F 150 38.29 -36.61 8.81
CA TYR F 150 37.80 -37.82 8.19
C TYR F 150 36.90 -38.59 9.13
N GLN F 151 35.73 -39.02 8.63
CA GLN F 151 34.84 -39.92 9.33
C GLN F 151 35.31 -41.37 9.20
N HIS F 152 35.69 -41.76 7.98
CA HIS F 152 36.29 -43.05 7.71
C HIS F 152 37.44 -42.75 6.79
N ILE F 153 38.52 -43.54 6.84
CA ILE F 153 39.67 -43.38 5.97
C ILE F 153 40.03 -44.75 5.43
N ASP F 154 40.59 -44.83 4.23
CA ASP F 154 41.19 -46.05 3.73
C ASP F 154 42.46 -46.47 4.51
N ARG F 155 42.73 -47.78 4.54
CA ARG F 155 43.88 -48.40 5.13
C ARG F 155 45.20 -48.07 4.43
N TRP F 156 45.23 -48.09 3.08
CA TRP F 156 46.37 -47.66 2.30
C TRP F 156 46.58 -46.15 2.43
N LEU F 157 45.49 -45.37 2.37
CA LEU F 157 45.54 -43.92 2.53
C LEU F 157 46.12 -43.46 3.87
N LEU F 158 45.77 -44.11 4.99
CA LEU F 158 46.40 -43.83 6.28
C LEU F 158 47.89 -44.15 6.31
N ALA F 159 48.33 -45.29 5.73
CA ALA F 159 49.74 -45.63 5.58
C ALA F 159 50.50 -44.66 4.69
N GLU F 160 49.91 -44.23 3.56
CA GLU F 160 50.42 -43.23 2.64
C GLU F 160 50.67 -41.88 3.32
N MET F 161 49.69 -41.39 4.09
CA MET F 161 49.82 -40.16 4.86
C MET F 161 50.87 -40.22 5.97
N LEU F 162 51.00 -41.35 6.68
CA LEU F 162 51.89 -41.43 7.84
C LEU F 162 53.31 -41.89 7.49
N GLY F 163 53.61 -42.20 6.22
CA GLY F 163 55.00 -42.43 5.81
C GLY F 163 55.38 -43.87 5.67
N ASP F 164 54.56 -44.66 4.96
CA ASP F 164 54.85 -46.03 4.56
C ASP F 164 54.91 -47.01 5.73
N LEU F 165 53.87 -46.96 6.58
CA LEU F 165 53.78 -47.83 7.74
C LEU F 165 53.24 -49.20 7.38
N THR F 166 54.07 -50.25 7.54
CA THR F 166 53.63 -51.64 7.48
C THR F 166 52.49 -51.93 8.45
N ASP F 167 51.63 -52.94 8.20
CA ASP F 167 50.43 -53.15 9.01
C ASP F 167 50.69 -53.44 10.50
N SER F 168 51.90 -53.91 10.88
CA SER F 168 52.29 -53.94 12.29
C SER F 168 52.47 -52.55 12.90
N GLN F 169 53.24 -51.67 12.22
CA GLN F 169 53.44 -50.28 12.60
C GLN F 169 52.17 -49.45 12.53
N LEU F 170 51.32 -49.71 11.50
CA LEU F 170 50.04 -49.07 11.31
C LEU F 170 49.10 -49.26 12.50
N LYS F 171 49.06 -50.45 13.13
CA LYS F 171 48.36 -50.69 14.38
C LYS F 171 48.87 -49.85 15.55
N MET F 172 50.19 -49.63 15.65
CA MET F 172 50.82 -48.81 16.68
C MET F 172 50.50 -47.32 16.53
N TRP F 173 49.93 -46.93 15.37
CA TRP F 173 49.36 -45.63 15.12
C TRP F 173 47.84 -45.61 15.22
N MET F 174 47.14 -46.55 14.57
CA MET F 174 45.70 -46.70 14.55
C MET F 174 45.10 -46.94 15.93
N SER F 175 45.70 -47.86 16.72
CA SER F 175 45.24 -48.15 18.07
C SER F 175 45.71 -47.12 19.07
N LYS F 176 46.65 -46.22 18.68
CA LYS F 176 47.10 -45.13 19.53
C LYS F 176 46.05 -44.02 19.62
N TYR F 177 45.12 -43.98 18.67
CA TYR F 177 43.99 -43.07 18.64
C TYR F 177 42.66 -43.80 18.82
N GLY F 178 42.68 -45.14 19.06
CA GLY F 178 41.47 -45.93 19.29
C GLY F 178 40.68 -46.29 18.06
N TRP F 179 41.19 -45.99 16.86
CA TRP F 179 40.49 -46.17 15.60
C TRP F 179 40.18 -47.63 15.23
N SER F 180 38.95 -47.89 14.75
CA SER F 180 38.47 -49.26 14.52
C SER F 180 38.73 -49.70 13.10
N ALA F 181 38.86 -51.03 12.88
CA ALA F 181 38.66 -51.61 11.57
C ALA F 181 37.21 -51.44 11.11
N ASP F 182 37.02 -51.30 9.80
CA ASP F 182 35.76 -51.08 9.15
C ASP F 182 35.73 -52.04 7.97
N GLU F 183 34.56 -52.23 7.34
CA GLU F 183 34.39 -53.18 6.24
C GLU F 183 35.09 -52.72 4.95
N SER F 184 35.45 -53.69 4.09
CA SER F 184 35.95 -53.58 2.72
C SER F 184 36.69 -52.30 2.30
N GLY F 185 37.87 -51.94 2.86
CA GLY F 185 38.59 -52.55 3.98
C GLY F 185 39.14 -51.45 4.86
N GLN F 186 38.26 -50.51 5.18
CA GLN F 186 38.56 -49.20 5.73
C GLN F 186 38.97 -49.15 7.21
N ILE F 187 39.27 -47.94 7.71
CA ILE F 187 39.48 -47.64 9.11
C ILE F 187 38.47 -46.57 9.51
N PHE F 188 37.74 -46.79 10.62
CA PHE F 188 36.74 -45.89 11.17
C PHE F 188 37.41 -44.90 12.11
N ILE F 189 37.14 -43.60 11.91
CA ILE F 189 37.83 -42.52 12.59
C ILE F 189 36.86 -41.71 13.44
N CYS F 190 35.67 -41.37 12.92
CA CYS F 190 34.71 -40.52 13.60
C CYS F 190 33.34 -40.72 12.95
N SER F 191 32.22 -40.52 13.67
CA SER F 191 30.90 -40.68 13.04
C SER F 191 30.47 -39.45 12.28
N GLN F 192 29.61 -39.63 11.25
CA GLN F 192 29.07 -38.57 10.42
C GLN F 192 28.19 -37.59 11.20
N GLU F 193 27.38 -38.08 12.15
CA GLU F 193 26.61 -37.29 13.10
C GLU F 193 27.48 -36.46 14.05
N GLU F 194 28.61 -37.04 14.50
CA GLU F 194 29.57 -36.41 15.38
C GLU F 194 30.30 -35.24 14.72
N SER F 195 30.73 -35.40 13.45
CA SER F 195 31.54 -34.40 12.77
C SER F 195 30.72 -33.32 12.05
N ILE F 196 29.44 -33.13 12.39
CA ILE F 196 28.64 -32.02 11.91
C ILE F 196 28.38 -31.01 13.01
N LYS F 197 27.31 -31.21 13.82
CA LYS F 197 26.91 -30.38 14.95
C LYS F 197 26.95 -28.86 14.74
N PRO F 198 26.28 -28.30 13.73
CA PRO F 198 26.35 -26.87 13.43
C PRO F 198 25.92 -25.99 14.60
N LYS F 199 26.79 -25.06 15.03
CA LYS F 199 26.44 -24.08 16.05
C LYS F 199 25.52 -22.99 15.51
N ASN F 200 25.53 -22.74 14.20
CA ASN F 200 24.74 -21.70 13.57
C ASN F 200 23.33 -22.21 13.26
N ILE F 201 22.32 -21.31 13.27
CA ILE F 201 20.93 -21.54 12.87
C ILE F 201 20.09 -22.12 14.01
N VAL F 202 20.63 -23.07 14.78
CA VAL F 202 20.01 -23.68 15.96
C VAL F 202 20.01 -22.75 17.19
N GLU F 203 19.43 -21.55 17.01
CA GLU F 203 19.63 -20.42 17.89
C GLU F 203 18.29 -19.74 18.19
N LYS F 204 18.28 -18.40 18.18
CA LYS F 204 17.13 -17.58 18.51
C LYS F 204 16.63 -17.70 19.93
N ILE F 205 17.60 -17.65 20.86
CA ILE F 205 17.40 -17.52 22.29
C ILE F 205 17.43 -16.04 22.68
N ASP F 206 17.40 -15.15 21.66
CA ASP F 206 17.52 -13.71 21.74
C ASP F 206 16.53 -13.08 22.72
N PHE F 207 15.29 -13.59 22.76
CA PHE F 207 14.14 -12.96 23.38
C PHE F 207 14.30 -12.62 24.87
N ASP F 208 14.85 -13.51 25.72
CA ASP F 208 15.04 -13.17 27.13
C ASP F 208 16.03 -12.00 27.34
N SER F 209 17.14 -11.97 26.57
CA SER F 209 18.08 -10.85 26.58
C SER F 209 17.51 -9.57 25.96
N VAL F 210 16.89 -9.69 24.77
CA VAL F 210 16.29 -8.58 24.03
C VAL F 210 15.11 -7.96 24.77
N SER F 211 14.20 -8.77 25.33
CA SER F 211 13.09 -8.28 26.16
C SER F 211 13.54 -7.59 27.43
N SER F 212 14.62 -8.07 28.10
CA SER F 212 15.20 -7.41 29.26
C SER F 212 15.72 -6.00 28.96
N ILE F 213 16.48 -5.79 27.87
CA ILE F 213 17.02 -4.48 27.53
C ILE F 213 15.97 -3.55 26.90
N MET F 214 14.85 -4.13 26.42
CA MET F 214 13.70 -3.40 25.96
C MET F 214 12.63 -3.23 27.01
N ALA F 215 12.77 -3.72 28.26
CA ALA F 215 11.67 -3.79 29.20
C ALA F 215 11.04 -2.43 29.50
N SER F 216 11.86 -1.48 29.97
CA SER F 216 11.62 -0.06 29.82
C SER F 216 12.63 0.42 28.79
N SER F 217 13.79 0.74 29.17
N GLN G 181 69.96 18.46 10.61
CA GLN G 181 69.55 19.65 11.42
C GLN G 181 68.03 19.79 11.43
N TRP G 182 67.48 20.36 12.50
CA TRP G 182 66.07 20.51 12.82
C TRP G 182 65.36 19.19 13.15
N LEU G 183 65.00 18.35 12.17
CA LEU G 183 64.17 17.18 12.41
C LEU G 183 64.75 16.15 13.38
N TRP G 184 66.05 15.81 13.25
CA TRP G 184 66.75 14.90 14.15
C TRP G 184 66.96 15.49 15.53
N ASP G 185 67.29 16.78 15.57
CA ASP G 185 67.54 17.62 16.70
C ASP G 185 66.30 17.72 17.62
N ILE G 186 65.10 17.87 17.03
CA ILE G 186 63.79 17.77 17.69
C ILE G 186 63.58 16.39 18.32
N ILE G 187 64.02 15.30 17.66
CA ILE G 187 63.96 13.96 18.24
C ILE G 187 64.79 13.85 19.51
N ASP G 188 66.03 14.39 19.52
CA ASP G 188 66.88 14.46 20.71
C ASP G 188 66.26 15.28 21.84
N GLU G 189 65.67 16.45 21.52
CA GLU G 189 64.92 17.28 22.46
C GLU G 189 63.76 16.53 23.12
N PHE G 190 62.97 15.78 22.33
CA PHE G 190 61.98 14.85 22.86
C PHE G 190 62.56 13.71 23.68
N ILE G 191 63.66 13.04 23.26
CA ILE G 191 64.33 11.99 24.03
C ILE G 191 64.85 12.51 25.36
N TYR G 192 65.47 13.70 25.38
CA TYR G 192 65.94 14.39 26.57
C TYR G 192 64.79 14.68 27.54
N GLN G 193 63.65 15.19 27.04
CA GLN G 193 62.44 15.35 27.82
C GLN G 193 61.86 14.04 28.34
N PHE G 194 61.73 13.00 27.50
CA PHE G 194 61.17 11.71 27.87
C PHE G 194 62.02 10.94 28.87
N GLN G 195 63.36 10.96 28.71
CA GLN G 195 64.28 10.43 29.70
C GLN G 195 64.22 11.17 31.03
N SER G 196 64.15 12.51 31.01
CA SER G 196 63.98 13.33 32.22
C SER G 196 62.65 13.09 32.91
N PHE G 197 61.55 13.00 32.15
CA PHE G 197 60.24 12.64 32.65
C PHE G 197 60.21 11.25 33.26
N SER G 198 60.87 10.26 32.62
CA SER G 198 61.05 8.92 33.16
C SER G 198 61.85 8.89 34.44
N GLN G 199 62.98 9.63 34.53
CA GLN G 199 63.74 9.79 35.77
C GLN G 199 62.92 10.38 36.90
N TYR G 200 62.11 11.42 36.62
CA TYR G 200 61.17 11.94 37.60
C TYR G 200 60.09 10.95 38.01
N ARG G 201 59.49 10.24 37.04
CA ARG G 201 58.45 9.25 37.29
C ARG G 201 58.91 8.03 38.06
N CYS G 202 60.09 7.48 37.71
CA CYS G 202 60.76 6.42 38.41
C CYS G 202 61.14 6.82 39.82
N LYS G 203 61.58 8.08 40.03
CA LYS G 203 61.88 8.62 41.34
C LYS G 203 60.68 8.86 42.26
N THR G 204 59.67 9.67 41.88
CA THR G 204 58.63 10.10 42.83
C THR G 204 57.60 9.05 43.18
N ALA G 205 57.00 8.40 42.16
CA ALA G 205 55.71 7.74 42.25
C ALA G 205 55.68 6.37 42.93
N LYS G 206 56.21 6.28 44.16
CA LYS G 206 56.10 5.13 45.04
C LYS G 206 56.04 5.61 46.49
N LYS G 207 55.89 6.92 46.71
CA LYS G 207 55.84 7.46 48.06
C LYS G 207 55.02 8.74 48.12
N SER G 208 54.94 9.48 47.00
CA SER G 208 54.62 10.90 47.00
C SER G 208 53.15 11.25 47.01
N GLU G 209 52.40 10.74 48.00
CA GLU G 209 50.99 11.06 48.15
C GLU G 209 50.74 12.51 48.55
N GLU G 210 51.76 13.22 49.09
CA GLU G 210 51.72 14.66 49.30
C GLU G 210 51.63 15.47 47.99
N GLU G 211 52.46 15.09 46.98
CA GLU G 211 52.47 15.62 45.62
C GLU G 211 51.16 15.29 44.91
N ILE G 212 50.78 14.02 45.01
CA ILE G 212 49.62 13.43 44.40
C ILE G 212 48.26 13.93 44.90
N ASP G 213 48.00 14.06 46.22
CA ASP G 213 46.69 14.54 46.65
C ASP G 213 46.54 16.06 46.51
N PHE G 214 47.67 16.80 46.44
CA PHE G 214 47.66 18.16 45.96
C PHE G 214 47.21 18.27 44.50
N LEU G 215 47.67 17.34 43.63
CA LEU G 215 47.17 17.14 42.28
C LEU G 215 45.71 16.70 42.19
N ARG G 216 45.23 15.78 43.06
CA ARG G 216 43.83 15.38 43.09
C ARG G 216 42.85 16.48 43.48
N SER G 217 43.14 17.23 44.55
CA SER G 217 42.21 18.21 45.12
C SER G 217 42.07 19.54 44.39
N ASN G 218 43.20 20.17 44.00
CA ASN G 218 43.21 21.51 43.41
C ASN G 218 42.50 21.71 42.06
N PRO G 219 42.61 20.95 40.97
CA PRO G 219 42.11 21.34 39.66
C PRO G 219 40.63 21.05 39.48
N LYS G 220 40.03 21.50 38.36
CA LYS G 220 38.65 21.22 38.02
C LYS G 220 38.57 20.70 36.59
N ILE G 221 39.69 20.13 36.09
CA ILE G 221 39.83 19.55 34.78
C ILE G 221 40.69 18.31 34.97
N TRP G 222 40.59 17.29 34.09
CA TRP G 222 41.28 16.03 34.34
C TRP G 222 41.81 15.34 33.08
N ASN G 223 41.29 15.71 31.90
CA ASN G 223 41.45 14.96 30.66
C ASN G 223 42.85 15.07 30.05
N VAL G 224 43.61 16.10 30.46
CA VAL G 224 44.97 16.39 30.02
C VAL G 224 45.93 15.23 30.31
N HIS G 225 45.80 14.59 31.49
CA HIS G 225 46.61 13.45 31.87
C HIS G 225 46.50 12.26 30.94
N SER G 226 45.28 11.94 30.46
CA SER G 226 45.07 10.92 29.44
C SER G 226 45.72 11.26 28.11
N VAL G 227 45.57 12.53 27.66
CA VAL G 227 46.14 13.02 26.41
C VAL G 227 47.66 12.97 26.40
N LEU G 228 48.35 13.40 27.47
CA LEU G 228 49.80 13.39 27.53
C LEU G 228 50.42 12.00 27.42
N ASN G 229 49.86 10.98 28.10
CA ASN G 229 50.36 9.61 27.97
C ASN G 229 50.20 9.05 26.54
N VAL G 230 49.04 9.28 25.89
CA VAL G 230 48.81 8.90 24.50
C VAL G 230 49.71 9.67 23.52
N LEU G 231 49.84 10.99 23.71
CA LEU G 231 50.68 11.86 22.89
C LEU G 231 52.15 11.50 22.97
N HIS G 232 52.67 11.20 24.18
CA HIS G 232 54.03 10.70 24.38
C HIS G 232 54.30 9.41 23.64
N SER G 233 53.37 8.43 23.70
CA SER G 233 53.49 7.16 22.96
C SER G 233 53.55 7.35 21.45
N LEU G 234 52.66 8.21 20.88
CA LEU G 234 52.67 8.53 19.46
C LEU G 234 53.93 9.25 18.99
N VAL G 235 54.41 10.27 19.75
CA VAL G 235 55.65 10.98 19.48
C VAL G 235 56.88 10.08 19.61
N ASP G 236 56.98 9.24 20.67
CA ASP G 236 58.05 8.29 20.85
C ASP G 236 58.12 7.29 19.71
N LYS G 237 56.98 6.69 19.32
CA LYS G 237 56.89 5.75 18.22
C LYS G 237 57.30 6.34 16.88
N SER G 238 56.89 7.59 16.61
CA SER G 238 57.34 8.40 15.48
C SER G 238 58.84 8.65 15.49
N ASN G 239 59.42 8.96 16.67
CA ASN G 239 60.84 9.14 16.86
C ASN G 239 61.65 7.85 16.71
N ILE G 240 61.20 6.72 17.29
CA ILE G 240 61.84 5.41 17.22
C ILE G 240 61.92 4.89 15.80
N ASN G 241 60.84 4.99 14.99
CA ASN G 241 60.83 4.49 13.62
C ASN G 241 61.90 5.16 12.76
N ARG G 242 62.04 6.51 12.86
CA ARG G 242 63.07 7.22 12.12
C ARG G 242 64.50 6.82 12.47
N GLN G 243 64.80 6.65 13.78
CA GLN G 243 66.10 6.19 14.23
C GLN G 243 66.43 4.77 13.77
N LEU G 244 65.45 3.84 13.87
CA LEU G 244 65.57 2.46 13.45
C LEU G 244 65.77 2.27 11.94
N GLU G 245 65.06 3.04 11.10
CA GLU G 245 65.30 3.05 9.67
C GLU G 245 66.69 3.54 9.28
N VAL G 246 67.18 4.63 9.88
CA VAL G 246 68.51 5.15 9.59
C VAL G 246 69.66 4.27 10.09
N TYR G 247 69.57 3.75 11.33
CA TYR G 247 70.61 2.89 11.89
C TYR G 247 70.09 1.47 12.01
N THR G 248 70.45 0.61 11.06
CA THR G 248 69.71 -0.62 10.80
C THR G 248 70.21 -1.84 11.52
N SER G 249 71.36 -1.75 12.21
CA SER G 249 71.85 -2.85 13.01
C SER G 249 72.66 -2.35 14.18
N GLY G 250 72.52 -3.00 15.36
CA GLY G 250 73.45 -2.83 16.49
C GLY G 250 73.33 -1.59 17.32
N GLY G 251 72.37 -0.69 17.02
CA GLY G 251 72.23 0.57 17.74
C GLY G 251 71.29 0.51 18.92
N ASP G 252 71.36 1.54 19.77
CA ASP G 252 70.69 1.69 21.04
C ASP G 252 69.14 1.64 21.07
N PRO G 253 68.34 2.24 20.15
CA PRO G 253 66.92 2.52 20.38
C PRO G 253 66.02 1.44 20.94
N GLU G 254 66.02 0.19 20.42
CA GLU G 254 65.12 -0.84 20.93
C GLU G 254 65.42 -1.25 22.36
N SER G 255 66.69 -1.51 22.70
CA SER G 255 67.12 -1.83 24.06
C SER G 255 66.88 -0.70 25.03
N VAL G 256 67.30 0.54 24.71
CA VAL G 256 67.13 1.68 25.61
C VAL G 256 65.65 2.00 25.87
N ALA G 257 64.80 1.94 24.83
CA ALA G 257 63.37 2.03 25.00
C ALA G 257 62.78 0.85 25.78
N GLY G 258 63.17 -0.40 25.47
CA GLY G 258 62.67 -1.62 26.10
C GLY G 258 63.04 -1.82 27.54
N GLU G 259 64.36 -1.85 27.83
CA GLU G 259 64.94 -2.12 29.13
C GLU G 259 64.67 -1.04 30.15
N TYR G 260 64.92 0.23 29.79
CA TYR G 260 64.77 1.32 30.74
C TYR G 260 63.35 1.85 30.73
N GLY G 261 62.88 2.42 29.59
CA GLY G 261 61.62 3.16 29.61
C GLY G 261 60.39 2.30 29.71
N ARG G 262 60.21 1.36 28.77
CA ARG G 262 59.03 0.52 28.71
C ARG G 262 58.93 -0.46 29.87
N HIS G 263 60.01 -1.17 30.22
CA HIS G 263 59.99 -2.06 31.39
C HIS G 263 59.83 -1.36 32.74
N SER G 264 60.46 -0.19 33.00
CA SER G 264 60.21 0.56 34.24
C SER G 264 58.77 1.05 34.36
N LEU G 265 58.22 1.63 33.28
CA LEU G 265 56.82 2.04 33.23
C LEU G 265 55.83 0.88 33.31
N TYR G 266 56.14 -0.30 32.75
CA TYR G 266 55.38 -1.52 32.95
C TYR G 266 55.42 -2.06 34.39
N LYS G 267 56.59 -2.02 35.05
CA LYS G 267 56.80 -2.68 36.32
C LYS G 267 56.37 -1.91 37.58
N MET G 268 56.19 -0.57 37.50
CA MET G 268 55.70 0.22 38.62
C MET G 268 54.19 0.24 38.75
N LEU G 269 53.66 0.69 39.91
CA LEU G 269 52.24 0.83 40.17
C LEU G 269 51.50 1.76 39.19
N GLY G 270 50.24 1.42 38.83
CA GLY G 270 49.35 2.30 38.09
C GLY G 270 48.78 3.39 38.96
N TYR G 271 48.83 4.65 38.52
CA TYR G 271 48.15 5.74 39.21
C TYR G 271 46.63 5.53 39.19
N PHE G 272 45.97 5.67 40.37
CA PHE G 272 44.56 5.38 40.55
C PHE G 272 43.64 6.26 39.70
N SER G 273 42.97 5.60 38.74
CA SER G 273 42.36 6.11 37.52
C SER G 273 42.78 5.08 36.49
N LEU G 274 42.65 5.36 35.18
CA LEU G 274 42.90 4.40 34.13
C LEU G 274 44.33 4.49 33.62
N VAL G 275 45.21 5.21 34.33
CA VAL G 275 46.60 5.48 33.97
C VAL G 275 47.44 4.23 33.81
N GLY G 276 47.21 3.18 34.64
CA GLY G 276 47.87 1.89 34.45
C GLY G 276 47.56 1.19 33.15
N LEU G 277 46.31 1.31 32.66
CA LEU G 277 45.91 0.83 31.34
C LEU G 277 46.59 1.62 30.23
N LEU G 278 46.70 2.96 30.36
CA LEU G 278 47.40 3.80 29.40
C LEU G 278 48.88 3.45 29.22
N ARG G 279 49.61 3.19 30.33
CA ARG G 279 50.99 2.70 30.25
C ARG G 279 51.10 1.32 29.61
N LEU G 280 50.18 0.40 29.95
CA LEU G 280 50.06 -0.91 29.31
C LEU G 280 49.75 -0.83 27.82
N HIS G 281 48.87 0.10 27.40
CA HIS G 281 48.58 0.38 26.00
C HIS G 281 49.78 0.83 25.17
N SER G 282 50.70 1.66 25.72
CA SER G 282 51.97 1.91 25.04
C SER G 282 52.84 0.66 24.96
N LEU G 283 53.00 -0.07 26.09
CA LEU G 283 53.84 -1.26 26.19
C LEU G 283 53.43 -2.33 25.17
N LEU G 284 52.11 -2.60 25.08
CA LEU G 284 51.47 -3.44 24.10
C LEU G 284 51.66 -2.94 22.67
N GLY G 285 51.56 -1.63 22.42
CA GLY G 285 51.84 -1.01 21.12
C GLY G 285 53.27 -1.03 20.66
N ASP G 286 54.23 -1.02 21.59
CA ASP G 286 55.65 -1.23 21.32
C ASP G 286 55.98 -2.69 21.06
N TYR G 287 55.41 -3.60 21.86
CA TYR G 287 55.47 -5.05 21.74
C TYR G 287 54.93 -5.56 20.39
N TYR G 288 53.80 -4.98 19.92
CA TYR G 288 53.18 -5.20 18.63
C TYR G 288 54.10 -4.82 17.46
N GLN G 289 54.75 -3.64 17.53
CA GLN G 289 55.63 -3.16 16.47
C GLN G 289 56.95 -3.91 16.41
N ALA G 290 57.38 -4.53 17.52
CA ALA G 290 58.58 -5.33 17.58
C ALA G 290 58.28 -6.81 17.31
N ILE G 291 57.01 -7.14 16.99
CA ILE G 291 56.49 -8.44 16.57
C ILE G 291 56.75 -9.58 17.58
N LYS G 292 57.01 -9.22 18.85
CA LYS G 292 57.40 -10.18 19.87
C LYS G 292 56.19 -10.67 20.66
N VAL G 293 55.11 -11.00 19.95
CA VAL G 293 53.82 -11.36 20.51
C VAL G 293 53.77 -12.72 21.22
N LEU G 294 53.21 -12.72 22.45
CA LEU G 294 52.95 -13.91 23.26
C LEU G 294 52.29 -13.49 24.57
N GLU G 295 52.88 -12.50 25.27
CA GLU G 295 52.56 -12.00 26.60
C GLU G 295 51.16 -11.42 26.82
N ASN G 296 50.23 -11.48 25.84
CA ASN G 296 48.84 -11.05 26.00
C ASN G 296 48.09 -11.82 27.07
N ILE G 297 48.41 -13.11 27.29
CA ILE G 297 47.86 -13.89 28.39
C ILE G 297 48.20 -13.26 29.75
N GLU G 298 49.45 -12.78 29.93
CA GLU G 298 49.84 -12.00 31.08
C GLU G 298 49.18 -10.61 31.15
N LEU G 299 49.20 -9.84 30.04
CA LEU G 299 48.67 -8.50 29.97
C LEU G 299 47.18 -8.40 30.26
N ASN G 300 46.36 -9.28 29.66
CA ASN G 300 44.93 -9.35 29.87
C ASN G 300 44.57 -9.69 31.32
N LYS G 301 45.33 -10.62 31.94
CA LYS G 301 45.09 -11.08 33.30
C LYS G 301 45.45 -10.05 34.37
N LYS G 302 46.25 -9.03 34.02
CA LYS G 302 46.58 -7.93 34.90
C LYS G 302 45.71 -6.72 34.60
N SER G 303 44.82 -6.80 33.60
CA SER G 303 43.99 -5.67 33.16
C SER G 303 42.56 -5.84 33.59
N MET G 304 42.32 -6.00 34.91
CA MET G 304 41.00 -6.28 35.46
C MET G 304 40.25 -5.02 35.91
N TYR G 305 40.68 -3.83 35.45
CA TYR G 305 40.01 -2.57 35.72
C TYR G 305 38.83 -2.37 34.75
N SER G 306 37.86 -1.52 35.12
CA SER G 306 36.71 -1.19 34.27
C SER G 306 37.10 -0.56 32.94
N ARG G 307 36.58 -1.12 31.83
CA ARG G 307 36.90 -0.66 30.49
C ARG G 307 36.06 0.53 30.07
N VAL G 308 36.30 1.71 30.68
CA VAL G 308 35.66 2.96 30.31
C VAL G 308 35.93 3.28 28.82
N PRO G 309 34.97 3.65 27.96
CA PRO G 309 35.00 3.39 26.52
C PRO G 309 36.27 3.56 25.71
N GLU G 310 37.08 4.59 25.96
CA GLU G 310 38.36 4.80 25.30
C GLU G 310 39.35 3.65 25.49
N CYS G 311 39.42 3.11 26.72
CA CYS G 311 40.28 1.98 27.05
C CYS G 311 39.74 0.66 26.52
N GLN G 312 38.44 0.57 26.19
CA GLN G 312 37.92 -0.53 25.41
C GLN G 312 38.39 -0.51 23.95
N VAL G 313 38.34 0.67 23.30
CA VAL G 313 38.74 0.86 21.91
C VAL G 313 40.22 0.57 21.69
N THR G 314 41.12 1.07 22.56
CA THR G 314 42.55 0.78 22.53
C THR G 314 42.86 -0.70 22.71
N THR G 315 42.20 -1.36 23.67
CA THR G 315 42.33 -2.78 23.94
C THR G 315 41.87 -3.62 22.75
N TYR G 316 40.72 -3.28 22.16
CA TYR G 316 40.22 -3.94 20.97
C TYR G 316 41.12 -3.77 19.75
N TYR G 317 41.70 -2.58 19.53
CA TYR G 317 42.64 -2.33 18.45
C TYR G 317 43.85 -3.27 18.47
N TYR G 318 44.51 -3.40 19.64
CA TYR G 318 45.59 -4.34 19.82
C TYR G 318 45.18 -5.81 19.80
N VAL G 319 44.04 -6.18 20.42
CA VAL G 319 43.50 -7.53 20.41
C VAL G 319 43.13 -8.01 19.00
N GLY G 320 42.56 -7.14 18.14
CA GLY G 320 42.29 -7.48 16.74
C GLY G 320 43.52 -7.75 15.93
N PHE G 321 44.58 -6.95 16.11
CA PHE G 321 45.90 -7.21 15.54
C PHE G 321 46.55 -8.49 16.10
N ALA G 322 46.44 -8.78 17.41
CA ALA G 322 46.90 -10.01 18.00
C ALA G 322 46.21 -11.27 17.44
N TYR G 323 44.86 -11.25 17.30
CA TYR G 323 44.12 -12.30 16.62
C TYR G 323 44.50 -12.45 15.15
N LEU G 324 44.73 -11.34 14.43
CA LEU G 324 45.21 -11.36 13.06
C LEU G 324 46.60 -11.99 12.90
N MET G 325 47.57 -11.64 13.78
CA MET G 325 48.88 -12.28 13.86
C MET G 325 48.82 -13.76 14.22
N MET G 326 47.87 -14.16 15.09
CA MET G 326 47.60 -15.53 15.45
C MET G 326 46.91 -16.34 14.33
N ARG G 327 46.42 -15.65 13.29
CA ARG G 327 45.73 -16.21 12.13
C ARG G 327 44.32 -16.71 12.49
N ARG G 328 43.66 -15.96 13.40
CA ARG G 328 42.33 -16.24 13.88
C ARG G 328 41.33 -15.30 13.24
N TYR G 329 41.06 -15.52 11.93
CA TYR G 329 40.28 -14.65 11.07
C TYR G 329 38.87 -14.37 11.59
N GLN G 330 38.20 -15.43 12.11
CA GLN G 330 36.88 -15.38 12.71
C GLN G 330 36.78 -14.47 13.93
N ASP G 331 37.84 -14.43 14.74
CA ASP G 331 37.89 -13.66 15.97
C ASP G 331 38.32 -12.23 15.72
N ALA G 332 39.33 -12.04 14.85
CA ALA G 332 39.84 -10.73 14.48
C ALA G 332 38.79 -9.83 13.85
N ILE G 333 37.94 -10.36 12.95
CA ILE G 333 36.90 -9.59 12.29
C ILE G 333 35.86 -9.02 13.26
N ARG G 334 35.46 -9.77 14.31
CA ARG G 334 34.54 -9.29 15.31
C ARG G 334 35.09 -8.12 16.13
N VAL G 335 36.37 -8.21 16.53
CA VAL G 335 37.05 -7.16 17.26
C VAL G 335 37.28 -5.91 16.41
N PHE G 336 37.76 -6.08 15.15
CA PHE G 336 37.90 -5.00 14.18
C PHE G 336 36.57 -4.33 13.83
N ALA G 337 35.48 -5.10 13.66
CA ALA G 337 34.15 -4.57 13.38
C ALA G 337 33.63 -3.60 14.43
N ASN G 338 33.84 -3.90 15.73
CA ASN G 338 33.44 -3.03 16.83
C ASN G 338 34.09 -1.64 16.79
N ILE G 339 35.41 -1.57 16.56
CA ILE G 339 36.12 -0.30 16.51
C ILE G 339 36.02 0.40 15.17
N LEU G 340 35.77 -0.33 14.06
CA LEU G 340 35.46 0.24 12.76
C LEU G 340 34.09 0.90 12.70
N LEU G 341 33.05 0.25 13.28
CA LEU G 341 31.72 0.79 13.50
C LEU G 341 31.75 2.04 14.36
N TYR G 342 32.56 1.98 15.43
CA TYR G 342 32.92 3.05 16.35
C TYR G 342 31.80 3.37 17.35
N ILE G 343 30.65 2.69 17.27
CA ILE G 343 29.61 2.74 18.29
C ILE G 343 30.02 1.90 19.49
N GLN G 344 31.00 2.41 20.25
CA GLN G 344 31.51 1.82 21.47
C GLN G 344 31.13 2.68 22.65
N ARG G 345 30.30 3.71 22.38
CA ARG G 345 29.74 4.65 23.35
C ARG G 345 30.82 5.56 23.94
N THR G 346 31.84 5.88 23.12
CA THR G 346 32.86 6.89 23.36
C THR G 346 32.31 8.30 23.41
N LYS G 347 32.92 9.18 24.21
CA LYS G 347 32.37 10.51 24.45
C LYS G 347 33.48 11.53 24.46
N SER G 348 34.29 11.54 23.39
CA SER G 348 35.52 12.31 23.29
C SER G 348 35.54 13.09 21.99
N MET G 349 35.53 14.44 21.94
CA MET G 349 35.58 15.47 22.98
C MET G 349 36.96 15.63 23.63
N PHE G 350 37.54 16.85 23.55
CA PHE G 350 38.85 17.21 24.09
C PHE G 350 40.04 16.60 23.32
N GLN G 351 39.91 16.46 21.98
CA GLN G 351 41.00 16.12 21.06
C GLN G 351 41.79 14.83 21.36
N ARG G 352 41.11 13.73 21.77
CA ARG G 352 41.79 12.54 22.25
C ARG G 352 41.88 11.42 21.22
N THR G 353 41.41 11.64 19.98
CA THR G 353 41.33 10.61 18.94
C THR G 353 42.60 10.01 18.34
N THR G 354 43.70 10.72 17.99
CA THR G 354 43.91 12.15 17.79
C THR G 354 44.91 12.28 16.66
N TYR G 355 44.78 13.33 15.82
CA TYR G 355 45.63 13.64 14.66
C TYR G 355 45.81 12.55 13.58
N LYS G 356 45.12 11.41 13.69
CA LYS G 356 45.26 10.25 12.82
C LYS G 356 43.95 9.48 12.82
N TYR G 357 42.83 10.14 13.12
CA TYR G 357 41.53 9.53 13.39
C TYR G 357 40.97 8.74 12.21
N GLU G 358 41.07 9.38 11.04
CA GLU G 358 40.82 8.92 9.69
C GLU G 358 41.71 7.76 9.30
N MET G 359 43.02 7.90 9.58
CA MET G 359 44.02 6.88 9.34
C MET G 359 43.82 5.62 10.18
N ILE G 360 43.49 5.76 11.48
CA ILE G 360 43.16 4.66 12.38
C ILE G 360 41.89 3.95 11.93
N ASN G 361 40.85 4.68 11.51
CA ASN G 361 39.64 4.10 10.94
C ASN G 361 39.93 3.29 9.66
N LYS G 362 40.72 3.84 8.70
CA LYS G 362 41.17 3.08 7.54
C LYS G 362 42.11 1.91 7.87
N GLN G 363 42.97 2.02 8.90
CA GLN G 363 43.79 0.92 9.38
C GLN G 363 42.96 -0.28 9.84
N ASN G 364 41.88 -0.03 10.59
CA ASN G 364 40.87 -1.04 10.91
C ASN G 364 40.13 -1.60 9.69
N GLU G 365 39.72 -0.72 8.75
CA GLU G 365 39.05 -1.08 7.50
C GLU G 365 39.89 -1.99 6.61
N GLN G 366 41.19 -1.67 6.47
CA GLN G 366 42.15 -2.41 5.66
C GLN G 366 42.33 -3.85 6.11
N MET G 367 42.48 -4.08 7.43
CA MET G 367 42.51 -5.40 8.01
C MET G 367 41.17 -6.12 7.90
N HIS G 368 40.06 -5.39 8.13
CA HIS G 368 38.70 -5.92 7.97
C HIS G 368 38.39 -6.39 6.56
N ALA G 369 38.86 -5.67 5.53
CA ALA G 369 38.81 -6.07 4.13
C ALA G 369 39.61 -7.34 3.85
N LEU G 370 40.85 -7.47 4.37
CA LEU G 370 41.66 -8.69 4.27
C LEU G 370 41.01 -9.91 4.92
N LEU G 371 40.43 -9.72 6.13
CA LEU G 371 39.64 -10.71 6.83
C LEU G 371 38.37 -11.12 6.10
N ALA G 372 37.66 -10.18 5.47
CA ALA G 372 36.52 -10.44 4.62
C ALA G 372 36.86 -11.29 3.40
N ILE G 373 38.02 -11.06 2.75
CA ILE G 373 38.51 -11.88 1.65
C ILE G 373 38.76 -13.33 2.08
N ALA G 374 39.36 -13.57 3.25
CA ALA G 374 39.51 -14.91 3.78
C ALA G 374 38.19 -15.62 4.14
N LEU G 375 37.29 -14.92 4.86
CA LEU G 375 36.06 -15.48 5.40
C LEU G 375 34.87 -15.63 4.45
N THR G 376 34.63 -14.67 3.55
CA THR G 376 33.45 -14.67 2.67
C THR G 376 33.52 -15.83 1.70
N MET G 377 32.52 -16.72 1.54
CA MET G 377 31.08 -16.66 1.72
C MET G 377 30.44 -16.36 3.09
N TYR G 378 30.98 -16.80 4.23
CA TYR G 378 30.20 -16.89 5.47
C TYR G 378 29.59 -15.59 6.08
N PRO G 379 30.23 -14.44 6.26
CA PRO G 379 29.55 -13.20 6.66
C PRO G 379 28.93 -12.49 5.44
N MET G 380 27.71 -11.92 5.42
CA MET G 380 26.59 -11.80 6.35
C MET G 380 26.76 -10.86 7.55
N ARG G 381 27.98 -10.38 7.80
CA ARG G 381 28.34 -9.57 8.96
C ARG G 381 29.50 -8.68 8.57
N ILE G 382 29.25 -7.81 7.58
CA ILE G 382 30.20 -6.83 7.09
C ILE G 382 29.46 -5.50 6.97
N ASP G 383 28.13 -5.56 6.81
CA ASP G 383 27.17 -4.48 6.68
C ASP G 383 27.14 -3.53 7.86
N GLU G 384 27.33 -4.06 9.08
CA GLU G 384 27.49 -3.30 10.31
C GLU G 384 28.66 -2.33 10.31
N SER G 385 29.82 -2.75 9.78
CA SER G 385 31.07 -2.04 9.97
C SER G 385 31.57 -1.33 8.72
N ILE G 386 31.26 -1.85 7.53
CA ILE G 386 31.74 -1.30 6.28
C ILE G 386 30.55 -0.90 5.43
N HIS G 387 30.38 0.41 5.15
CA HIS G 387 29.30 0.93 4.31
C HIS G 387 29.32 0.47 2.85
N LEU G 388 28.13 0.38 2.19
CA LEU G 388 27.90 -0.39 0.98
C LEU G 388 28.84 -0.13 -0.18
N GLN G 389 29.23 1.14 -0.42
CA GLN G 389 30.12 1.46 -1.52
C GLN G 389 31.56 0.97 -1.32
N LEU G 390 31.93 0.59 -0.08
CA LEU G 390 33.18 -0.11 0.16
C LEU G 390 32.99 -1.63 0.19
N ARG G 391 31.80 -2.14 0.54
CA ARG G 391 31.45 -3.56 0.36
C ARG G 391 31.47 -3.96 -1.11
N GLU G 392 30.94 -3.08 -2.00
CA GLU G 392 31.05 -3.11 -3.45
C GLU G 392 32.50 -3.18 -3.94
N LYS G 393 33.35 -2.23 -3.49
CA LYS G 393 34.70 -2.11 -3.98
C LYS G 393 35.63 -3.26 -3.59
N TYR G 394 35.55 -3.73 -2.33
CA TYR G 394 36.31 -4.89 -1.92
C TYR G 394 35.70 -6.19 -2.42
N GLY G 395 34.41 -6.21 -2.79
CA GLY G 395 33.73 -7.37 -3.36
C GLY G 395 34.14 -7.68 -4.78
N ASP G 396 34.31 -6.64 -5.64
CA ASP G 396 34.89 -6.74 -6.98
C ASP G 396 36.29 -7.38 -6.90
N LYS G 397 37.11 -6.81 -6.01
CA LYS G 397 38.47 -7.23 -5.77
C LYS G 397 38.57 -8.65 -5.23
N MET G 398 37.75 -9.01 -4.25
CA MET G 398 37.67 -10.36 -3.69
C MET G 398 37.26 -11.43 -4.71
N LEU G 399 36.22 -11.16 -5.52
CA LEU G 399 35.83 -12.05 -6.60
C LEU G 399 36.88 -12.18 -7.70
N ARG G 400 37.52 -11.07 -8.11
CA ARG G 400 38.62 -11.12 -9.07
C ARG G 400 39.89 -11.82 -8.55
N MET G 401 40.29 -11.58 -7.28
CA MET G 401 41.43 -12.23 -6.65
C MET G 401 41.34 -13.75 -6.60
N GLN G 402 40.13 -14.28 -6.35
CA GLN G 402 39.91 -15.71 -6.29
C GLN G 402 39.57 -16.32 -7.66
N LYS G 403 39.62 -15.52 -8.74
CA LYS G 403 39.43 -16.00 -10.09
C LYS G 403 40.62 -15.75 -11.01
N GLY G 404 41.57 -14.86 -10.65
CA GLY G 404 42.65 -14.54 -11.59
C GLY G 404 43.75 -13.62 -11.16
N ASP G 405 43.62 -12.87 -10.04
CA ASP G 405 44.49 -11.72 -9.77
C ASP G 405 45.55 -11.91 -8.67
N PRO G 406 46.85 -12.02 -8.99
CA PRO G 406 47.67 -10.88 -9.36
C PRO G 406 47.35 -9.47 -8.85
N GLN G 407 46.82 -8.54 -9.67
CA GLN G 407 46.79 -7.12 -9.38
C GLN G 407 46.02 -6.72 -8.13
N VAL G 408 44.85 -7.32 -7.85
CA VAL G 408 44.18 -7.14 -6.57
C VAL G 408 45.04 -7.56 -5.38
N TYR G 409 45.76 -8.69 -5.44
CA TYR G 409 46.69 -9.10 -4.41
C TYR G 409 47.84 -8.09 -4.24
N GLU G 410 48.41 -7.59 -5.36
CA GLU G 410 49.42 -6.54 -5.41
C GLU G 410 48.96 -5.21 -4.78
N GLU G 411 47.74 -4.76 -5.11
CA GLU G 411 47.04 -3.63 -4.50
C GLU G 411 46.78 -3.82 -3.00
N LEU G 412 46.23 -5.00 -2.62
CA LEU G 412 45.94 -5.37 -1.26
C LEU G 412 47.17 -5.44 -0.37
N PHE G 413 48.25 -6.07 -0.87
CA PHE G 413 49.54 -6.17 -0.21
C PHE G 413 50.21 -4.82 0.02
N SER G 414 50.26 -3.97 -1.02
CA SER G 414 50.87 -2.64 -0.94
C SER G 414 50.17 -1.67 -0.01
N TYR G 415 48.83 -1.60 -0.02
CA TYR G 415 48.08 -0.85 0.99
C TYR G 415 48.18 -1.43 2.40
N SER G 416 48.05 -2.76 2.55
CA SER G 416 48.02 -3.41 3.86
C SER G 416 49.30 -3.38 4.64
N CYS G 417 50.47 -3.65 4.03
CA CYS G 417 51.73 -3.75 4.76
C CYS G 417 52.19 -2.41 5.39
N PRO G 418 52.11 -1.30 4.64
CA PRO G 418 51.87 0.04 5.15
C PRO G 418 51.06 0.29 6.42
N LYS G 419 50.02 -0.52 6.71
CA LYS G 419 49.18 -0.34 7.88
C LYS G 419 49.36 -1.44 8.92
N PHE G 420 49.89 -2.63 8.54
CA PHE G 420 50.00 -3.78 9.42
C PHE G 420 50.96 -3.57 10.60
N LEU G 421 52.14 -3.01 10.35
CA LEU G 421 53.17 -2.81 11.36
C LEU G 421 52.95 -1.55 12.21
N SER G 422 52.13 -0.61 11.73
CA SER G 422 51.95 0.72 12.32
C SER G 422 53.21 1.57 12.57
N PRO G 423 54.04 1.91 11.57
CA PRO G 423 55.32 2.60 11.81
C PRO G 423 55.15 4.08 12.10
N VAL G 424 53.94 4.64 11.93
CA VAL G 424 53.55 6.01 12.27
C VAL G 424 54.01 7.04 11.25
N VAL G 425 55.29 7.04 10.85
CA VAL G 425 55.85 8.10 10.03
C VAL G 425 57.00 7.59 9.13
N PRO G 426 57.19 8.06 7.90
CA PRO G 426 58.41 7.78 7.14
C PRO G 426 59.47 8.85 7.39
N ASN G 427 60.61 8.78 6.67
CA ASN G 427 61.63 9.80 6.64
C ASN G 427 61.54 10.69 5.39
N TYR G 428 62.46 10.52 4.41
CA TYR G 428 62.55 11.39 3.25
C TYR G 428 63.43 10.72 2.21
N ASP G 429 62.86 10.43 1.03
CA ASP G 429 63.48 9.79 -0.11
C ASP G 429 64.71 10.51 -0.70
N SER G 430 65.77 9.75 -1.00
CA SER G 430 66.96 10.28 -1.64
C SER G 430 67.74 9.12 -2.22
N VAL G 431 68.66 9.39 -3.16
CA VAL G 431 69.50 8.38 -3.81
C VAL G 431 70.52 7.77 -2.86
N HIS G 432 71.17 8.63 -2.06
CA HIS G 432 72.27 8.27 -1.17
C HIS G 432 72.01 7.32 -0.01
N PRO G 433 70.96 7.36 0.80
CA PRO G 433 70.79 6.41 1.88
C PRO G 433 70.35 5.04 1.39
N ASN G 434 70.80 3.97 2.08
CA ASN G 434 70.23 2.66 1.88
C ASN G 434 69.18 2.47 2.97
N TYR G 435 69.50 1.82 4.09
CA TYR G 435 68.99 2.08 5.42
C TYR G 435 67.49 1.85 5.60
N HIS G 436 66.64 2.84 5.30
CA HIS G 436 65.17 2.75 5.24
C HIS G 436 64.70 1.58 4.39
N LYS G 437 65.46 1.38 3.30
CA LYS G 437 65.34 0.32 2.34
C LYS G 437 65.50 -1.08 2.95
N GLU G 438 66.43 -1.27 3.91
CA GLU G 438 66.66 -2.53 4.59
C GLU G 438 65.51 -2.90 5.56
N PRO G 439 65.11 -2.01 6.49
CA PRO G 439 63.72 -1.75 6.89
C PRO G 439 62.59 -2.27 6.04
N PHE G 440 62.34 -1.63 4.88
CA PHE G 440 61.25 -1.96 3.98
C PHE G 440 61.35 -3.38 3.43
N LEU G 441 62.55 -3.84 3.03
CA LEU G 441 62.78 -5.19 2.56
C LEU G 441 62.44 -6.27 3.58
N GLN G 442 62.85 -6.13 4.86
CA GLN G 442 62.46 -7.04 5.92
C GLN G 442 60.95 -7.10 6.16
N GLN G 443 60.27 -5.94 6.15
CA GLN G 443 58.83 -5.85 6.29
C GLN G 443 58.07 -6.56 5.16
N LEU G 444 58.50 -6.34 3.90
CA LEU G 444 57.85 -6.96 2.76
C LEU G 444 57.93 -8.48 2.74
N LYS G 445 59.08 -9.11 3.05
CA LYS G 445 59.20 -10.56 3.05
C LYS G 445 58.30 -11.25 4.08
N VAL G 446 58.32 -10.78 5.33
CA VAL G 446 57.57 -11.38 6.44
C VAL G 446 56.07 -11.40 6.21
N PHE G 447 55.51 -10.28 5.73
CA PHE G 447 54.12 -10.23 5.35
C PHE G 447 53.82 -11.02 4.08
N SER G 448 54.72 -11.02 3.07
CA SER G 448 54.50 -11.71 1.80
C SER G 448 54.29 -13.20 1.93
N ASP G 449 55.21 -13.92 2.60
CA ASP G 449 55.16 -15.37 2.66
C ASP G 449 53.93 -15.93 3.36
N GLU G 450 53.55 -15.33 4.51
CA GLU G 450 52.31 -15.67 5.19
C GLU G 450 51.05 -15.32 4.40
N VAL G 451 50.95 -14.10 3.84
CA VAL G 451 49.78 -13.70 3.06
C VAL G 451 49.63 -14.49 1.76
N GLN G 452 50.74 -14.86 1.08
CA GLN G 452 50.74 -15.72 -0.09
C GLN G 452 50.14 -17.11 0.17
N GLN G 453 50.53 -17.74 1.29
CA GLN G 453 50.00 -19.01 1.75
C GLN G 453 48.50 -18.96 2.07
N GLN G 454 48.08 -17.89 2.79
CA GLN G 454 46.68 -17.57 3.10
C GLN G 454 45.82 -17.24 1.88
N ALA G 455 46.36 -16.49 0.89
CA ALA G 455 45.73 -16.20 -0.38
C ALA G 455 45.43 -17.45 -1.20
N GLN G 456 46.39 -18.39 -1.27
CA GLN G 456 46.19 -19.69 -1.91
C GLN G 456 45.07 -20.51 -1.26
N LEU G 457 45.00 -20.53 0.09
CA LEU G 457 43.90 -21.14 0.82
C LEU G 457 42.55 -20.47 0.55
N SER G 458 42.50 -19.13 0.47
CA SER G 458 41.29 -18.37 0.12
C SER G 458 40.74 -18.72 -1.25
N THR G 459 41.62 -18.88 -2.26
CA THR G 459 41.26 -19.40 -3.58
C THR G 459 40.74 -20.84 -3.56
N ILE G 460 41.34 -21.75 -2.77
CA ILE G 460 40.81 -23.10 -2.55
C ILE G 460 39.42 -23.10 -1.92
N ARG G 461 39.18 -22.18 -0.98
CA ARG G 461 37.90 -21.95 -0.30
C ARG G 461 36.85 -21.30 -1.20
N SER G 462 37.21 -20.83 -2.41
CA SER G 462 36.31 -20.15 -3.35
C SER G 462 35.15 -20.99 -3.89
N PHE G 463 35.40 -22.25 -4.30
CA PHE G 463 34.37 -23.03 -4.97
C PHE G 463 33.25 -23.52 -4.05
N LEU G 464 32.00 -23.19 -4.41
CA LEU G 464 30.80 -23.50 -3.66
C LEU G 464 30.54 -24.98 -3.43
N LYS G 465 30.13 -25.35 -2.21
CA LYS G 465 29.68 -26.70 -1.90
C LYS G 465 28.25 -26.95 -2.36
N LEU G 466 28.07 -27.07 -3.70
CA LEU G 466 26.80 -27.10 -4.43
C LEU G 466 25.86 -28.24 -4.05
N TYR G 467 26.40 -29.37 -3.59
CA TYR G 467 25.64 -30.47 -3.04
C TYR G 467 26.55 -31.18 -2.06
N THR G 468 25.97 -31.81 -1.02
CA THR G 468 26.67 -32.52 0.05
C THR G 468 27.43 -33.75 -0.39
N THR G 469 26.83 -34.49 -1.33
CA THR G 469 27.10 -35.91 -1.55
C THR G 469 27.44 -36.20 -3.00
N MET G 470 28.64 -36.74 -3.26
CA MET G 470 29.21 -36.86 -4.60
C MET G 470 29.54 -38.30 -4.95
N PRO G 471 28.84 -38.99 -5.86
CA PRO G 471 29.35 -40.20 -6.51
C PRO G 471 30.48 -39.85 -7.48
N VAL G 472 31.18 -40.89 -8.01
CA VAL G 472 32.42 -40.76 -8.75
C VAL G 472 32.43 -39.75 -9.90
N ALA G 473 31.37 -39.68 -10.74
CA ALA G 473 31.28 -38.68 -11.80
C ALA G 473 31.29 -37.22 -11.32
N LYS G 474 30.56 -36.92 -10.22
CA LYS G 474 30.61 -35.60 -9.59
C LYS G 474 31.97 -35.29 -8.99
N LEU G 475 32.62 -36.28 -8.36
CA LEU G 475 34.00 -36.17 -7.89
C LEU G 475 34.97 -35.91 -9.03
N ALA G 476 34.84 -36.62 -10.18
CA ALA G 476 35.60 -36.39 -11.38
C ALA G 476 35.44 -34.99 -11.97
N GLY G 477 34.21 -34.45 -12.01
CA GLY G 477 33.98 -33.05 -12.38
C GLY G 477 34.58 -32.04 -11.43
N PHE G 478 34.66 -32.37 -10.13
CA PHE G 478 35.40 -31.59 -9.15
C PHE G 478 36.92 -31.65 -9.36
N LEU G 479 37.47 -32.84 -9.71
CA LEU G 479 38.86 -33.01 -10.09
C LEU G 479 39.25 -32.22 -11.34
N ASP G 480 38.39 -32.25 -12.38
CA ASP G 480 38.48 -31.48 -13.61
C ASP G 480 38.51 -29.97 -13.34
N LEU G 481 37.63 -29.50 -12.43
CA LEU G 481 37.67 -28.15 -11.92
C LEU G 481 38.96 -27.80 -11.16
N THR G 482 39.42 -28.73 -10.30
CA THR G 482 40.60 -28.60 -9.45
C THR G 482 41.93 -28.46 -10.17
N GLU G 483 42.20 -29.31 -11.17
CA GLU G 483 43.41 -29.25 -12.00
C GLU G 483 43.27 -30.21 -13.18
N GLN G 484 44.09 -30.08 -14.24
CA GLN G 484 44.00 -30.96 -15.40
C GLN G 484 45.40 -31.20 -15.93
N GLU G 485 45.56 -32.23 -16.79
CA GLU G 485 46.84 -32.71 -17.32
C GLU G 485 47.84 -33.20 -16.24
N PHE G 486 47.54 -34.27 -15.46
CA PHE G 486 46.52 -35.31 -15.64
C PHE G 486 46.28 -36.19 -14.39
N ARG G 487 47.24 -36.67 -13.55
CA ARG G 487 48.67 -36.49 -13.39
C ARG G 487 49.01 -35.16 -12.71
N ILE G 488 48.53 -34.90 -11.47
CA ILE G 488 48.30 -35.88 -10.42
C ILE G 488 46.99 -35.70 -9.65
N GLN G 489 46.04 -34.89 -10.14
CA GLN G 489 44.69 -34.61 -9.63
C GLN G 489 44.32 -35.07 -8.22
N LEU G 490 43.94 -36.35 -8.05
CA LEU G 490 43.54 -36.95 -6.78
C LEU G 490 44.55 -36.79 -5.65
N LEU G 491 45.87 -36.83 -5.91
CA LEU G 491 46.88 -36.62 -4.88
C LEU G 491 46.86 -35.20 -4.33
N VAL G 492 46.82 -34.18 -5.20
CA VAL G 492 46.78 -32.79 -4.77
C VAL G 492 45.42 -32.42 -4.23
N PHE G 493 44.35 -33.06 -4.71
CA PHE G 493 43.01 -32.98 -4.15
C PHE G 493 42.97 -33.44 -2.69
N LYS G 494 43.72 -34.51 -2.29
CA LYS G 494 43.87 -34.85 -0.88
C LYS G 494 44.46 -33.69 -0.06
N HIS G 495 45.56 -33.07 -0.55
CA HIS G 495 46.20 -31.95 0.13
C HIS G 495 45.32 -30.70 0.19
N LYS G 496 44.66 -30.33 -0.93
CA LYS G 496 43.72 -29.22 -1.02
C LYS G 496 42.51 -29.40 -0.09
N MET G 497 41.93 -30.61 0.01
CA MET G 497 40.91 -30.92 1.00
C MET G 497 41.38 -30.82 2.45
N LYS G 498 42.61 -31.29 2.75
CA LYS G 498 43.10 -31.42 4.11
C LYS G 498 43.82 -30.17 4.60
N ASN G 499 43.85 -29.08 3.81
CA ASN G 499 44.24 -27.77 4.29
C ASN G 499 43.36 -27.22 5.41
N LEU G 500 42.04 -27.57 5.38
CA LEU G 500 41.01 -27.18 6.35
C LEU G 500 39.63 -27.43 5.77
N VAL G 501 39.46 -27.24 4.45
CA VAL G 501 38.16 -27.01 3.84
C VAL G 501 37.19 -28.19 3.68
N TRP G 502 37.63 -29.48 3.74
CA TRP G 502 36.72 -30.60 3.59
C TRP G 502 36.84 -31.67 4.67
N THR G 503 35.76 -31.82 5.46
CA THR G 503 35.58 -32.88 6.47
C THR G 503 34.56 -33.84 5.95
N SER G 504 34.92 -35.13 5.78
CA SER G 504 34.08 -36.01 4.97
C SER G 504 34.23 -37.47 5.30
N GLY G 505 33.27 -38.28 4.79
CA GLY G 505 33.27 -39.72 4.83
C GLY G 505 33.47 -40.27 3.44
N ILE G 506 34.13 -41.44 3.36
CA ILE G 506 34.46 -42.11 2.12
C ILE G 506 33.86 -43.49 2.22
N SER G 507 33.21 -44.00 1.17
CA SER G 507 33.01 -45.44 1.05
C SER G 507 33.70 -45.95 -0.20
N ALA G 508 34.65 -46.88 -0.01
CA ALA G 508 35.28 -47.65 -1.05
C ALA G 508 34.32 -48.57 -1.79
N LEU G 509 33.37 -49.19 -1.06
CA LEU G 509 32.41 -50.12 -1.63
C LEU G 509 31.36 -49.45 -2.52
N ASP G 510 30.71 -48.38 -2.04
CA ASP G 510 29.61 -47.75 -2.74
C ASP G 510 30.06 -46.69 -3.74
N GLY G 511 31.32 -46.21 -3.63
CA GLY G 511 31.88 -45.22 -4.55
C GLY G 511 31.43 -43.80 -4.32
N GLU G 512 30.84 -43.51 -3.14
CA GLU G 512 30.28 -42.21 -2.85
C GLU G 512 31.04 -41.45 -1.77
N PHE G 513 31.33 -40.17 -2.06
CA PHE G 513 31.97 -39.22 -1.18
C PHE G 513 30.88 -38.44 -0.45
N GLN G 514 30.92 -38.41 0.88
CA GLN G 514 29.87 -37.83 1.69
C GLN G 514 30.42 -36.71 2.56
N SER G 515 29.92 -35.48 2.39
CA SER G 515 30.41 -34.32 3.13
C SER G 515 29.24 -33.52 3.65
N ALA G 516 29.50 -32.65 4.63
CA ALA G 516 28.59 -31.58 4.97
C ALA G 516 28.96 -30.32 4.19
N SER G 517 28.02 -29.36 4.16
CA SER G 517 28.24 -28.01 3.64
C SER G 517 27.96 -27.06 4.79
N GLU G 518 28.91 -26.18 5.11
CA GLU G 518 28.78 -25.21 6.20
C GLU G 518 27.70 -24.17 5.97
N VAL G 519 27.04 -23.70 7.04
CA VAL G 519 25.90 -22.80 6.95
C VAL G 519 26.05 -21.68 7.96
N ASP G 520 25.33 -20.56 7.74
CA ASP G 520 25.42 -19.36 8.53
C ASP G 520 24.06 -18.69 8.45
N PHE G 521 23.85 -17.57 9.15
CA PHE G 521 22.53 -17.00 9.34
C PHE G 521 22.53 -15.47 9.44
N TYR G 522 21.33 -14.88 9.52
CA TYR G 522 21.10 -13.47 9.33
C TYR G 522 20.03 -12.98 10.30
N ILE G 523 19.81 -11.64 10.39
CA ILE G 523 18.92 -10.98 11.35
C ILE G 523 19.45 -11.16 12.78
N ASP G 524 20.76 -10.92 12.90
CA ASP G 524 21.60 -10.97 14.06
C ASP G 524 21.83 -9.55 14.60
N LYS G 525 22.34 -8.68 13.72
CA LYS G 525 22.73 -7.30 13.93
C LYS G 525 21.62 -6.37 14.41
N ASP G 526 20.38 -6.57 13.93
CA ASP G 526 19.19 -5.82 14.29
C ASP G 526 18.89 -5.81 15.80
N MET G 527 19.16 -6.93 16.50
CA MET G 527 19.07 -7.04 17.94
C MET G 527 20.05 -6.14 18.69
N ILE G 528 21.26 -5.93 18.14
CA ILE G 528 22.20 -4.93 18.62
C ILE G 528 21.73 -3.52 18.28
N HIS G 529 21.25 -3.32 17.03
CA HIS G 529 20.78 -2.03 16.53
C HIS G 529 19.59 -1.44 17.28
N ILE G 530 18.63 -2.27 17.73
CA ILE G 530 17.55 -1.80 18.61
C ILE G 530 18.04 -1.26 19.96
N ALA G 531 19.09 -1.86 20.57
CA ALA G 531 19.72 -1.30 21.75
C ALA G 531 20.42 0.04 21.49
N ASP G 532 21.24 0.15 20.43
CA ASP G 532 21.96 1.37 20.15
C ASP G 532 21.13 2.50 19.54
N THR G 533 19.99 2.24 18.87
CA THR G 533 19.04 3.31 18.50
C THR G 533 18.42 3.98 19.73
N LYS G 534 18.14 3.17 20.79
CA LYS G 534 17.67 3.64 22.09
C LYS G 534 18.71 4.53 22.79
N VAL G 535 20.00 4.12 22.75
CA VAL G 535 21.13 4.93 23.21
C VAL G 535 21.31 6.23 22.41
N ALA G 536 21.22 6.16 21.07
CA ALA G 536 21.34 7.30 20.18
C ALA G 536 20.29 8.38 20.41
N ARG G 537 19.01 7.99 20.58
CA ARG G 537 17.96 8.94 20.96
C ARG G 537 18.22 9.55 22.34
N ARG G 538 18.61 8.71 23.33
CA ARG G 538 18.89 9.15 24.68
C ARG G 538 20.06 10.11 24.80
N TYR G 539 21.15 9.90 24.05
CA TYR G 539 22.29 10.81 23.94
C TYR G 539 21.86 12.18 23.37
N GLY G 540 20.99 12.18 22.34
CA GLY G 540 20.42 13.40 21.81
C GLY G 540 19.47 14.11 22.75
N ASP G 541 18.65 13.37 23.53
CA ASP G 541 17.83 13.94 24.59
C ASP G 541 18.67 14.59 25.68
N PHE G 542 19.78 13.95 26.07
CA PHE G 542 20.74 14.51 27.00
C PHE G 542 21.40 15.80 26.49
N PHE G 543 21.85 15.82 25.22
CA PHE G 543 22.48 17.00 24.64
C PHE G 543 21.58 18.24 24.61
N ILE G 544 20.32 18.12 24.13
CA ILE G 544 19.39 19.25 24.09
C ILE G 544 19.07 19.77 25.49
N ARG G 545 18.86 18.86 26.46
CA ARG G 545 18.63 19.21 27.86
C ARG G 545 19.84 19.87 28.53
N GLN G 546 21.07 19.43 28.23
CA GLN G 546 22.27 20.12 28.65
C GLN G 546 22.46 21.52 28.07
N ILE G 547 22.16 21.75 26.77
CA ILE G 547 22.14 23.10 26.18
C ILE G 547 21.06 23.98 26.81
N HIS G 548 19.85 23.43 26.99
CA HIS G 548 18.69 24.06 27.63
C HIS G 548 18.95 24.51 29.06
N LYS G 549 19.84 23.80 29.79
CA LYS G 549 20.23 24.18 31.14
C LYS G 549 21.02 25.50 31.25
N PHE G 550 21.42 26.10 30.10
CA PHE G 550 22.06 27.41 30.08
C PHE G 550 21.11 28.55 29.71
N GLU G 551 19.80 28.29 29.54
CA GLU G 551 18.80 29.30 29.18
C GLU G 551 17.57 29.22 30.08
N GLU G 552 17.75 28.67 31.28
CA GLU G 552 16.72 28.35 32.25
C GLU G 552 15.86 29.55 32.78
N LEU G 553 16.41 30.61 33.18
N PHE H 6 -58.73 2.26 43.80
CA PHE H 6 -59.26 1.35 44.87
C PHE H 6 -59.83 2.23 45.97
N ILE H 7 -59.59 1.98 47.27
CA ILE H 7 -59.82 2.92 48.35
C ILE H 7 -58.57 2.79 49.18
N ASP H 8 -58.26 3.76 50.06
CA ASP H 8 -57.00 3.77 50.75
C ASP H 8 -56.95 2.89 51.99
N ILE H 9 -55.72 2.51 52.37
CA ILE H 9 -55.43 1.71 53.54
C ILE H 9 -54.62 2.51 54.54
N SER H 10 -54.63 3.86 54.37
CA SER H 10 -54.10 4.79 55.35
C SER H 10 -55.25 5.43 56.13
N GLU H 11 -56.44 4.80 56.08
CA GLU H 11 -57.45 4.88 57.11
C GLU H 11 -56.93 4.32 58.42
N GLU H 12 -57.31 4.90 59.55
CA GLU H 12 -56.87 4.47 60.87
C GLU H 12 -57.20 3.02 61.23
N ASP H 13 -56.18 2.14 61.18
CA ASP H 13 -56.22 0.73 61.52
C ASP H 13 -56.57 0.45 63.00
N GLN H 14 -57.37 -0.58 63.35
CA GLN H 14 -58.50 -1.24 62.68
C GLN H 14 -58.38 -1.86 61.28
N ALA H 15 -57.24 -2.47 60.91
CA ALA H 15 -57.02 -3.10 59.61
C ALA H 15 -57.93 -4.28 59.31
N ALA H 16 -58.18 -5.14 60.31
CA ALA H 16 -59.12 -6.24 60.21
C ALA H 16 -60.54 -5.77 59.94
N GLU H 17 -61.00 -4.72 60.65
CA GLU H 17 -62.29 -4.09 60.47
C GLU H 17 -62.42 -3.40 59.11
N LEU H 18 -61.37 -2.69 58.66
CA LEU H 18 -61.27 -2.11 57.32
C LEU H 18 -61.34 -3.16 56.21
N ARG H 19 -60.65 -4.30 56.37
CA ARG H 19 -60.77 -5.44 55.47
C ARG H 19 -62.12 -6.16 55.56
N ALA H 20 -62.76 -6.25 56.74
CA ALA H 20 -64.13 -6.73 56.89
C ALA H 20 -65.13 -5.84 56.15
N TYR H 21 -65.00 -4.51 56.28
CA TYR H 21 -65.73 -3.50 55.54
C TYR H 21 -65.54 -3.63 54.02
N LEU H 22 -64.40 -4.14 53.55
CA LEU H 22 -64.20 -4.51 52.15
C LEU H 22 -64.86 -5.82 51.71
N LYS H 23 -65.26 -6.73 52.63
CA LYS H 23 -66.09 -7.88 52.28
C LYS H 23 -67.50 -7.44 51.89
N SER H 24 -68.06 -6.51 52.67
CA SER H 24 -69.35 -5.85 52.47
C SER H 24 -69.29 -4.79 51.37
N LYS H 25 -68.80 -5.23 50.18
CA LYS H 25 -68.70 -4.53 48.91
C LYS H 25 -68.64 -5.54 47.77
N GLY H 26 -69.02 -6.81 48.05
CA GLY H 26 -69.12 -7.86 47.07
C GLY H 26 -70.55 -8.36 47.02
N ALA H 27 -70.73 -9.67 46.80
CA ALA H 27 -72.02 -10.32 46.98
C ALA H 27 -72.55 -10.30 48.42
N GLU H 28 -73.87 -10.43 48.58
CA GLU H 28 -74.68 -10.24 49.76
C GLU H 28 -74.23 -11.14 50.91
N ILE H 29 -73.90 -12.39 50.57
CA ILE H 29 -73.37 -13.41 51.46
C ILE H 29 -72.05 -13.01 52.14
N SER H 30 -71.22 -12.18 51.48
CA SER H 30 -70.02 -11.61 52.09
C SER H 30 -70.33 -10.62 53.21
N GLU H 31 -71.36 -9.77 52.98
CA GLU H 31 -71.82 -8.77 53.93
C GLU H 31 -72.44 -9.34 55.19
N GLU H 32 -73.33 -10.36 55.08
CA GLU H 32 -74.00 -10.95 56.23
C GLU H 32 -73.04 -11.57 57.27
N ASN H 33 -71.97 -12.24 56.80
CA ASN H 33 -71.01 -12.86 57.70
C ASN H 33 -69.86 -11.92 58.02
N SER H 34 -69.78 -10.76 57.35
CA SER H 34 -69.01 -9.63 57.86
C SER H 34 -69.68 -9.04 59.09
N GLU H 35 -70.81 -8.35 58.90
CA GLU H 35 -71.47 -7.59 59.95
C GLU H 35 -71.99 -8.47 61.08
N GLY H 36 -72.58 -9.64 60.74
CA GLY H 36 -73.00 -10.61 61.74
C GLY H 36 -71.87 -11.40 62.35
N GLY H 37 -70.66 -11.34 61.77
CA GLY H 37 -69.43 -11.80 62.40
C GLY H 37 -68.91 -10.80 63.39
N LEU H 38 -68.89 -9.52 63.01
CA LEU H 38 -68.46 -8.37 63.81
C LEU H 38 -69.35 -8.14 65.04
N HIS H 39 -70.62 -8.58 64.99
CA HIS H 39 -71.49 -8.60 66.15
C HIS H 39 -71.12 -9.66 67.19
N VAL H 40 -70.27 -10.65 66.83
CA VAL H 40 -69.74 -11.65 67.75
C VAL H 40 -68.32 -11.30 68.15
N ASP H 41 -67.41 -11.10 67.17
CA ASP H 41 -66.01 -10.87 67.40
C ASP H 41 -65.43 -10.11 66.20
N LEU H 42 -64.37 -9.32 66.41
CA LEU H 42 -63.52 -8.76 65.38
C LEU H 42 -62.68 -9.86 64.72
N ALA H 43 -62.23 -10.81 65.57
CA ALA H 43 -61.48 -11.99 65.24
C ALA H 43 -60.21 -11.84 64.40
N GLN H 44 -59.77 -12.97 63.84
CA GLN H 44 -58.63 -13.05 62.95
C GLN H 44 -58.97 -14.06 61.86
N ILE H 45 -58.73 -15.35 62.13
CA ILE H 45 -58.97 -16.46 61.22
C ILE H 45 -60.42 -16.58 60.81
N ILE H 46 -61.37 -16.44 61.75
CA ILE H 46 -62.80 -16.53 61.48
C ILE H 46 -63.29 -15.45 60.50
N GLU H 47 -62.83 -14.20 60.67
CA GLU H 47 -63.09 -13.10 59.76
C GLU H 47 -62.48 -13.34 58.37
N ALA H 48 -61.22 -13.81 58.33
CA ALA H 48 -60.48 -14.17 57.13
C ALA H 48 -61.07 -15.32 56.32
N CYS H 49 -61.73 -16.30 56.97
CA CYS H 49 -62.34 -17.47 56.33
C CYS H 49 -63.32 -17.13 55.23
N ASP H 50 -64.06 -16.01 55.33
CA ASP H 50 -64.92 -15.54 54.26
C ASP H 50 -64.21 -15.29 52.94
N VAL H 51 -62.99 -14.71 52.94
CA VAL H 51 -62.20 -14.47 51.75
C VAL H 51 -61.78 -15.77 51.07
N CYS H 52 -61.43 -16.79 51.88
CA CYS H 52 -61.20 -18.13 51.37
C CYS H 52 -62.45 -18.84 50.85
N LEU H 53 -63.57 -18.79 51.59
CA LEU H 53 -64.80 -19.49 51.23
C LEU H 53 -65.63 -18.82 50.15
N LYS H 54 -65.89 -17.50 50.24
CA LYS H 54 -66.62 -16.77 49.22
C LYS H 54 -65.78 -16.62 47.97
N GLU H 55 -66.41 -16.59 46.80
CA GLU H 55 -65.71 -16.54 45.53
C GLU H 55 -65.44 -15.13 45.07
N ASP H 56 -64.50 -14.96 44.11
CA ASP H 56 -64.15 -13.70 43.52
C ASP H 56 -65.19 -13.22 42.50
N ASP H 57 -66.49 -13.30 42.89
CA ASP H 57 -67.62 -13.22 42.00
C ASP H 57 -67.47 -14.08 40.73
N LYS H 58 -67.56 -13.47 39.54
CA LYS H 58 -67.52 -14.17 38.27
C LYS H 58 -66.29 -13.78 37.44
N ASP H 59 -65.46 -12.84 37.93
CA ASP H 59 -64.18 -12.52 37.32
C ASP H 59 -63.29 -11.81 38.37
N VAL H 60 -61.96 -11.92 38.23
CA VAL H 60 -61.02 -11.79 39.35
C VAL H 60 -60.52 -10.36 39.62
N GLU H 61 -61.42 -9.35 39.64
CA GLU H 61 -61.05 -7.97 39.97
C GLU H 61 -61.08 -7.66 41.48
N SER H 62 -60.88 -8.70 42.30
CA SER H 62 -60.78 -8.61 43.74
C SER H 62 -59.34 -8.44 44.18
N VAL H 63 -58.39 -8.33 43.24
CA VAL H 63 -56.96 -8.35 43.50
C VAL H 63 -56.48 -7.29 44.47
N MET H 64 -56.93 -6.03 44.34
CA MET H 64 -56.48 -4.98 45.25
C MET H 64 -56.91 -5.14 46.72
N ASN H 65 -58.15 -5.58 47.02
CA ASN H 65 -58.53 -5.91 48.39
C ASN H 65 -57.88 -7.22 48.88
N SER H 66 -57.60 -8.14 47.94
CA SER H 66 -56.86 -9.37 48.21
C SER H 66 -55.46 -9.12 48.72
N VAL H 67 -54.72 -8.15 48.14
CA VAL H 67 -53.38 -7.77 48.60
C VAL H 67 -53.35 -7.35 50.06
N VAL H 68 -54.34 -6.53 50.48
CA VAL H 68 -54.55 -6.15 51.87
C VAL H 68 -54.82 -7.35 52.77
N SER H 69 -55.67 -8.29 52.31
CA SER H 69 -55.93 -9.55 53.00
C SER H 69 -54.75 -10.49 53.10
N LEU H 70 -53.92 -10.60 52.03
CA LEU H 70 -52.78 -11.50 51.95
C LEU H 70 -51.72 -11.22 53.00
N LEU H 71 -51.34 -9.95 53.25
CA LEU H 71 -50.43 -9.66 54.35
C LEU H 71 -51.03 -9.91 55.73
N LEU H 72 -52.33 -9.58 55.90
CA LEU H 72 -53.07 -9.68 57.14
C LEU H 72 -53.10 -11.08 57.78
N ILE H 73 -53.16 -12.14 56.95
CA ILE H 73 -53.18 -13.51 57.44
C ILE H 73 -51.81 -14.07 57.83
N LEU H 74 -50.69 -13.46 57.42
CA LEU H 74 -49.38 -14.07 57.60
C LEU H 74 -48.82 -13.96 59.01
N GLU H 75 -48.91 -12.77 59.62
CA GLU H 75 -48.35 -12.50 60.93
C GLU H 75 -49.06 -13.07 62.17
N PRO H 76 -50.39 -13.09 62.36
CA PRO H 76 -50.96 -13.34 63.70
C PRO H 76 -50.91 -14.76 64.20
N ASP H 77 -50.80 -15.77 63.31
CA ASP H 77 -50.93 -17.16 63.67
C ASP H 77 -50.13 -18.05 62.68
N LYS H 78 -50.67 -19.21 62.29
CA LYS H 78 -49.96 -20.25 61.59
C LYS H 78 -50.03 -20.06 60.07
N GLN H 79 -49.16 -19.17 59.57
CA GLN H 79 -49.06 -18.67 58.21
C GLN H 79 -49.15 -19.70 57.10
N GLU H 80 -48.36 -20.78 57.16
CA GLU H 80 -48.34 -21.84 56.18
C GLU H 80 -49.69 -22.53 55.94
N ALA H 81 -50.45 -22.83 57.02
CA ALA H 81 -51.77 -23.42 56.92
C ALA H 81 -52.77 -22.48 56.26
N LEU H 82 -52.69 -21.18 56.59
CA LEU H 82 -53.49 -20.14 56.00
C LEU H 82 -53.17 -19.90 54.52
N ILE H 83 -51.88 -19.89 54.12
CA ILE H 83 -51.47 -19.65 52.73
C ILE H 83 -51.54 -20.87 51.81
N GLU H 84 -51.60 -22.13 52.33
CA GLU H 84 -51.84 -23.32 51.48
C GLU H 84 -53.35 -23.55 51.33
N SER H 85 -54.16 -22.66 51.93
CA SER H 85 -55.55 -22.44 51.61
C SER H 85 -55.70 -21.33 50.58
N LEU H 86 -56.92 -21.08 50.05
CA LEU H 86 -57.27 -20.03 49.09
C LEU H 86 -56.84 -20.36 47.67
N CYS H 87 -55.60 -20.81 47.48
CA CYS H 87 -54.89 -20.97 46.22
C CYS H 87 -55.57 -21.85 45.19
N GLU H 88 -56.23 -22.94 45.62
CA GLU H 88 -56.93 -23.84 44.72
C GLU H 88 -58.18 -23.23 44.07
N LYS H 89 -58.71 -22.13 44.63
CA LYS H 89 -59.73 -21.32 44.01
C LYS H 89 -59.24 -20.69 42.70
N LEU H 90 -57.96 -20.24 42.66
CA LEU H 90 -57.33 -19.65 41.51
C LEU H 90 -57.25 -20.61 40.32
N VAL H 91 -56.84 -21.86 40.60
CA VAL H 91 -56.75 -22.96 39.65
C VAL H 91 -58.12 -23.33 39.07
N LYS H 92 -59.15 -23.38 39.95
CA LYS H 92 -60.52 -23.57 39.56
C LYS H 92 -61.09 -22.45 38.68
N PHE H 93 -60.75 -21.18 38.96
CA PHE H 93 -61.18 -20.04 38.16
C PHE H 93 -60.72 -20.10 36.71
N ARG H 94 -59.45 -20.49 36.47
CA ARG H 94 -58.86 -20.66 35.15
C ARG H 94 -58.67 -19.36 34.38
N GLU H 95 -58.25 -18.32 35.11
CA GLU H 95 -57.69 -17.09 34.58
C GLU H 95 -56.38 -17.00 35.31
N GLY H 96 -55.32 -16.46 34.70
CA GLY H 96 -53.96 -16.62 35.23
C GLY H 96 -53.29 -15.35 35.64
N GLU H 97 -53.70 -14.19 35.11
CA GLU H 97 -52.96 -12.95 35.23
C GLU H 97 -53.18 -12.26 36.57
N ARG H 98 -54.46 -12.07 36.93
CA ARG H 98 -54.86 -11.52 38.22
C ARG H 98 -54.62 -12.48 39.40
N PRO H 99 -54.89 -13.78 39.30
CA PRO H 99 -54.26 -14.79 40.16
C PRO H 99 -52.74 -14.75 40.29
N SER H 100 -51.96 -14.59 39.19
CA SER H 100 -50.51 -14.42 39.27
C SER H 100 -50.10 -13.18 40.04
N LEU H 101 -50.83 -12.07 39.91
CA LEU H 101 -50.64 -10.86 40.68
C LEU H 101 -50.77 -11.06 42.20
N ARG H 102 -51.78 -11.87 42.65
CA ARG H 102 -51.90 -12.27 44.05
C ARG H 102 -50.67 -13.04 44.56
N LEU H 103 -50.17 -14.01 43.77
CA LEU H 103 -48.98 -14.78 44.09
C LEU H 103 -47.69 -13.96 44.06
N GLN H 104 -47.53 -13.09 43.05
CA GLN H 104 -46.38 -12.22 42.84
C GLN H 104 -46.13 -11.22 43.95
N LEU H 105 -47.19 -10.63 44.54
CA LEU H 105 -47.12 -9.66 45.63
C LEU H 105 -46.36 -10.19 46.84
N LEU H 106 -46.68 -11.42 47.28
CA LEU H 106 -45.93 -12.07 48.33
C LEU H 106 -44.56 -12.55 47.88
N SER H 107 -44.47 -13.22 46.69
CA SER H 107 -43.25 -13.90 46.24
C SER H 107 -42.64 -14.81 47.31
N ASN H 108 -41.43 -14.51 47.80
CA ASN H 108 -40.84 -15.19 48.93
C ASN H 108 -39.79 -14.27 49.54
N LEU H 109 -39.24 -14.63 50.73
CA LEU H 109 -38.18 -13.90 51.42
C LEU H 109 -38.56 -12.54 51.99
N PHE H 110 -39.86 -12.24 52.11
CA PHE H 110 -40.36 -11.01 52.70
C PHE H 110 -41.63 -11.36 53.45
N HIS H 111 -42.19 -10.42 54.24
CA HIS H 111 -43.54 -10.50 54.80
C HIS H 111 -43.91 -11.79 55.55
N GLY H 112 -43.19 -12.13 56.65
CA GLY H 112 -43.39 -13.38 57.38
C GLY H 112 -42.47 -14.49 56.89
N MET H 113 -41.79 -14.20 55.78
CA MET H 113 -40.66 -14.93 55.22
C MET H 113 -41.02 -16.10 54.32
N ASP H 114 -39.99 -16.86 53.92
CA ASP H 114 -39.98 -17.93 52.95
C ASP H 114 -40.49 -19.25 53.55
N LYS H 115 -40.55 -19.29 54.88
CA LYS H 115 -40.12 -20.43 55.64
C LYS H 115 -38.64 -20.13 55.93
N ASN H 116 -37.66 -21.06 55.93
CA ASN H 116 -37.63 -22.51 55.88
C ASN H 116 -38.19 -23.26 54.66
N THR H 117 -38.55 -22.61 53.53
CA THR H 117 -39.14 -23.24 52.33
C THR H 117 -40.67 -23.40 52.26
N PRO H 118 -41.53 -23.78 53.22
CA PRO H 118 -42.98 -23.89 52.99
C PRO H 118 -43.74 -22.76 52.30
N VAL H 119 -43.56 -21.48 52.68
CA VAL H 119 -44.25 -20.37 52.02
C VAL H 119 -43.82 -20.25 50.55
N ARG H 120 -42.50 -20.39 50.29
CA ARG H 120 -41.93 -20.44 48.95
C ARG H 120 -42.45 -21.60 48.12
N TYR H 121 -42.54 -22.81 48.72
CA TYR H 121 -43.14 -23.98 48.10
C TYR H 121 -44.59 -23.69 47.71
N THR H 122 -45.40 -23.11 48.62
CA THR H 122 -46.82 -22.88 48.38
C THR H 122 -47.07 -21.90 47.27
N VAL H 123 -46.33 -20.77 47.24
CA VAL H 123 -46.40 -19.82 46.13
C VAL H 123 -45.93 -20.43 44.82
N TYR H 124 -44.80 -21.18 44.81
CA TYR H 124 -44.29 -21.89 43.65
C TYR H 124 -45.22 -22.99 43.13
N CYS H 125 -45.78 -23.83 44.02
CA CYS H 125 -46.77 -24.86 43.72
C CYS H 125 -48.03 -24.27 43.11
N SER H 126 -48.53 -23.18 43.71
CA SER H 126 -49.65 -22.42 43.18
C SER H 126 -49.36 -21.81 41.83
N LEU H 127 -48.18 -21.21 41.65
CA LEU H 127 -47.77 -20.62 40.40
C LEU H 127 -47.65 -21.62 39.25
N ILE H 128 -47.12 -22.84 39.47
CA ILE H 128 -47.12 -23.90 38.47
C ILE H 128 -48.54 -24.33 38.05
N LYS H 129 -49.48 -24.44 39.01
CA LYS H 129 -50.87 -24.72 38.71
C LYS H 129 -51.64 -23.59 38.00
N VAL H 130 -51.40 -22.33 38.40
CA VAL H 130 -52.05 -21.14 37.87
C VAL H 130 -51.45 -20.63 36.55
N ALA H 131 -50.13 -20.70 36.37
CA ALA H 131 -49.45 -19.93 35.34
C ALA H 131 -48.28 -20.66 34.71
N ALA H 132 -48.11 -20.48 33.38
CA ALA H 132 -47.07 -21.17 32.63
C ALA H 132 -45.67 -20.54 32.75
N SER H 133 -44.87 -20.66 31.67
CA SER H 133 -43.41 -20.56 31.65
C SER H 133 -42.79 -19.34 32.29
N CYS H 134 -43.39 -18.14 32.11
CA CYS H 134 -42.86 -16.89 32.64
C CYS H 134 -42.70 -16.86 34.15
N GLY H 135 -43.64 -17.45 34.92
CA GLY H 135 -43.55 -17.49 36.37
C GLY H 135 -42.55 -18.50 36.86
N ALA H 136 -42.53 -19.69 36.23
CA ALA H 136 -41.60 -20.76 36.53
C ALA H 136 -40.13 -20.42 36.27
N ILE H 137 -39.83 -19.79 35.11
CA ILE H 137 -38.49 -19.36 34.73
C ILE H 137 -37.92 -18.30 35.67
N GLN H 138 -38.76 -17.39 36.21
CA GLN H 138 -38.36 -16.50 37.28
C GLN H 138 -38.00 -17.20 38.58
N TYR H 139 -38.80 -18.21 38.98
CA TYR H 139 -38.58 -18.98 40.19
C TYR H 139 -37.32 -19.83 40.22
N ILE H 140 -37.00 -20.55 39.12
CA ILE H 140 -35.91 -21.53 39.10
C ILE H 140 -34.52 -20.98 39.46
N PRO H 141 -33.95 -19.86 38.98
CA PRO H 141 -32.65 -19.37 39.43
C PRO H 141 -32.63 -18.95 40.89
N THR H 142 -33.76 -18.39 41.39
CA THR H 142 -33.93 -18.03 42.80
C THR H 142 -33.91 -19.28 43.66
N GLU H 143 -34.64 -20.33 43.25
CA GLU H 143 -34.66 -21.63 43.89
C GLU H 143 -33.28 -22.30 43.93
N LEU H 144 -32.54 -22.27 42.81
CA LEU H 144 -31.18 -22.79 42.70
C LEU H 144 -30.16 -22.12 43.60
N ASP H 145 -30.13 -20.78 43.69
CA ASP H 145 -29.21 -20.09 44.58
C ASP H 145 -29.66 -20.13 46.04
N GLN H 146 -30.98 -20.26 46.32
CA GLN H 146 -31.48 -20.61 47.65
C GLN H 146 -31.10 -22.01 48.12
N VAL H 147 -31.15 -23.03 47.23
CA VAL H 147 -30.74 -24.41 47.50
C VAL H 147 -29.30 -24.52 47.97
N ARG H 148 -28.41 -23.64 47.46
CA ARG H 148 -27.02 -23.62 47.87
C ARG H 148 -26.79 -22.70 49.06
N LYS H 149 -27.87 -22.26 49.74
CA LYS H 149 -27.81 -21.69 51.06
C LYS H 149 -28.45 -22.59 52.12
N TRP H 150 -29.51 -23.35 51.78
CA TRP H 150 -30.06 -24.38 52.65
C TRP H 150 -30.96 -25.33 51.86
N ILE H 151 -31.07 -26.60 52.29
CA ILE H 151 -31.97 -27.59 51.72
C ILE H 151 -32.41 -28.47 52.87
N SER H 152 -33.67 -28.91 52.87
CA SER H 152 -34.35 -29.44 54.05
C SER H 152 -33.76 -30.66 54.75
N ASP H 153 -33.71 -30.57 56.08
CA ASP H 153 -33.50 -31.64 57.02
C ASP H 153 -34.64 -32.67 57.01
N TRP H 154 -35.89 -32.18 57.09
CA TRP H 154 -37.07 -33.01 56.97
C TRP H 154 -37.42 -33.29 55.52
N ASN H 155 -37.35 -34.58 55.12
CA ASN H 155 -37.42 -35.03 53.74
C ASN H 155 -38.69 -34.65 53.00
N LEU H 156 -39.87 -34.68 53.65
CA LEU H 156 -41.15 -34.40 53.01
C LEU H 156 -41.24 -33.02 52.36
N THR H 157 -40.61 -31.99 52.96
CA THR H 157 -40.45 -30.66 52.36
C THR H 157 -39.66 -30.71 51.05
N THR H 158 -38.57 -31.49 51.03
CA THR H 158 -37.77 -31.77 49.84
C THR H 158 -38.51 -32.60 48.79
N GLU H 159 -39.24 -33.65 49.21
CA GLU H 159 -40.08 -34.50 48.36
C GLU H 159 -41.25 -33.74 47.71
N LYS H 160 -41.87 -32.77 48.43
CA LYS H 160 -42.79 -31.80 47.85
C LYS H 160 -42.13 -31.00 46.71
N LYS H 161 -40.89 -30.48 46.90
CA LYS H 161 -40.15 -29.80 45.84
C LYS H 161 -39.75 -30.70 44.66
N HIS H 162 -39.26 -31.93 44.91
CA HIS H 162 -38.89 -32.88 43.84
C HIS H 162 -40.07 -33.21 42.96
N THR H 163 -41.24 -33.40 43.57
CA THR H 163 -42.50 -33.61 42.85
C THR H 163 -42.92 -32.42 42.01
N LEU H 164 -42.79 -31.17 42.50
CA LEU H 164 -42.99 -29.98 41.66
C LEU H 164 -42.03 -29.89 40.48
N LEU H 165 -40.72 -30.16 40.67
CA LEU H 165 -39.75 -30.19 39.59
C LEU H 165 -40.04 -31.25 38.54
N ARG H 166 -40.48 -32.45 38.96
CA ARG H 166 -40.95 -33.50 38.04
C ARG H 166 -42.16 -33.13 37.21
N LEU H 167 -43.18 -32.45 37.79
CA LEU H 167 -44.28 -31.90 37.03
C LEU H 167 -43.83 -30.78 36.09
N LEU H 168 -42.98 -29.87 36.57
CA LEU H 168 -42.52 -28.72 35.82
C LEU H 168 -41.64 -29.00 34.61
N TYR H 169 -40.65 -29.93 34.67
CA TYR H 169 -39.71 -30.10 33.58
C TYR H 169 -40.32 -30.55 32.24
N GLU H 170 -41.35 -31.42 32.27
CA GLU H 170 -42.09 -31.83 31.09
C GLU H 170 -43.19 -30.84 30.70
N ALA H 171 -43.54 -29.88 31.58
CA ALA H 171 -44.50 -28.84 31.28
C ALA H 171 -43.84 -27.57 30.78
N LEU H 172 -42.48 -27.52 30.78
CA LEU H 172 -41.74 -26.48 30.11
C LEU H 172 -41.60 -26.83 28.64
N VAL H 173 -42.43 -26.20 27.79
CA VAL H 173 -42.59 -26.45 26.36
C VAL H 173 -41.43 -25.96 25.48
N ASP H 174 -40.21 -25.98 26.03
CA ASP H 174 -38.97 -25.64 25.39
C ASP H 174 -38.04 -26.79 25.72
N CYS H 175 -37.48 -27.45 24.70
CA CYS H 175 -36.68 -28.66 24.87
C CYS H 175 -35.45 -28.47 25.75
N LYS H 176 -34.79 -27.31 25.68
CA LYS H 176 -33.53 -27.13 26.37
C LYS H 176 -33.71 -26.49 27.74
N LYS H 177 -34.84 -25.80 27.98
CA LYS H 177 -35.30 -25.49 29.32
C LYS H 177 -35.83 -26.73 30.05
N SER H 178 -36.48 -27.65 29.33
CA SER H 178 -36.82 -28.99 29.83
C SER H 178 -35.59 -29.80 30.21
N ASP H 179 -34.52 -29.81 29.36
CA ASP H 179 -33.23 -30.41 29.67
C ASP H 179 -32.56 -29.77 30.90
N ALA H 180 -32.54 -28.44 31.02
CA ALA H 180 -32.02 -27.75 32.19
C ALA H 180 -32.77 -28.07 33.48
N ALA H 181 -34.11 -28.04 33.46
CA ALA H 181 -34.95 -28.43 34.59
C ALA H 181 -34.82 -29.92 34.95
N SER H 182 -34.70 -30.81 33.93
CA SER H 182 -34.40 -32.24 34.07
C SER H 182 -33.09 -32.47 34.79
N LYS H 183 -32.02 -31.74 34.41
CA LYS H 183 -30.72 -31.79 35.07
C LYS H 183 -30.75 -31.35 36.53
N VAL H 184 -31.46 -30.26 36.87
CA VAL H 184 -31.68 -29.86 38.27
C VAL H 184 -32.41 -30.93 39.08
N MET H 185 -33.48 -31.54 38.51
CA MET H 185 -34.18 -32.65 39.14
C MET H 185 -33.32 -33.89 39.35
N VAL H 186 -32.52 -34.26 38.33
CA VAL H 186 -31.51 -35.32 38.40
C VAL H 186 -30.39 -35.04 39.39
N GLU H 187 -29.85 -33.80 39.47
CA GLU H 187 -28.87 -33.43 40.47
C GLU H 187 -29.38 -33.56 41.90
N LEU H 188 -30.58 -33.04 42.21
CA LEU H 188 -31.15 -33.15 43.54
C LEU H 188 -31.48 -34.57 43.97
N LEU H 189 -32.14 -35.37 43.11
CA LEU H 189 -32.37 -36.79 43.32
C LEU H 189 -31.08 -37.57 43.43
N GLY H 190 -30.09 -37.24 42.59
CA GLY H 190 -28.79 -37.88 42.61
C GLY H 190 -27.94 -37.45 43.76
N SER H 191 -28.34 -36.40 44.51
CA SER H 191 -27.64 -35.90 45.66
C SER H 191 -28.15 -36.50 46.96
N TYR H 192 -29.45 -36.35 47.27
CA TYR H 192 -29.97 -36.52 48.62
C TYR H 192 -31.48 -36.32 48.62
N THR H 193 -32.22 -37.35 49.08
CA THR H 193 -33.67 -37.40 49.27
C THR H 193 -34.32 -38.08 48.10
N GLU H 194 -35.18 -39.09 48.42
CA GLU H 194 -35.84 -40.03 47.53
C GLU H 194 -35.00 -41.28 47.34
N ASP H 195 -34.26 -41.61 48.41
CA ASP H 195 -33.27 -42.64 48.55
C ASP H 195 -33.46 -43.49 49.83
N ASN H 196 -34.64 -44.00 50.24
CA ASN H 196 -35.92 -44.27 49.56
C ASN H 196 -35.80 -44.84 48.16
N ALA H 197 -35.07 -45.97 48.01
CA ALA H 197 -34.69 -46.55 46.74
C ALA H 197 -35.80 -46.85 45.73
N SER H 198 -37.04 -47.09 46.17
CA SER H 198 -38.21 -47.23 45.29
C SER H 198 -38.51 -45.99 44.47
N GLN H 199 -38.44 -44.78 45.08
CA GLN H 199 -38.55 -43.50 44.41
C GLN H 199 -37.38 -43.26 43.45
N ALA H 200 -36.14 -43.57 43.88
CA ALA H 200 -34.97 -43.55 43.02
C ALA H 200 -35.05 -44.47 41.80
N ARG H 201 -35.55 -45.72 41.94
CA ARG H 201 -35.72 -46.66 40.83
C ARG H 201 -36.61 -46.13 39.73
N VAL H 202 -37.79 -45.58 40.06
CA VAL H 202 -38.71 -45.06 39.07
C VAL H 202 -38.17 -43.87 38.29
N ASP H 203 -37.47 -42.92 38.95
CA ASP H 203 -36.78 -41.87 38.22
C ASP H 203 -35.47 -42.30 37.57
N ALA H 204 -34.76 -43.34 38.06
CA ALA H 204 -33.61 -43.93 37.38
C ALA H 204 -33.97 -44.55 36.03
N HIS H 205 -35.09 -45.30 35.96
CA HIS H 205 -35.66 -45.77 34.70
C HIS H 205 -36.08 -44.63 33.79
N ARG H 206 -36.70 -43.56 34.35
CA ARG H 206 -36.94 -42.32 33.61
C ARG H 206 -35.66 -41.63 33.12
N CYS H 207 -34.56 -41.62 33.89
CA CYS H 207 -33.26 -41.10 33.47
C CYS H 207 -32.66 -41.77 32.25
N ILE H 208 -32.77 -43.11 32.13
CA ILE H 208 -32.42 -43.83 30.91
C ILE H 208 -33.27 -43.37 29.72
N VAL H 209 -34.60 -43.23 29.90
CA VAL H 209 -35.47 -42.65 28.89
C VAL H 209 -35.13 -41.20 28.55
N ARG H 210 -34.81 -40.33 29.56
CA ARG H 210 -34.39 -38.95 29.38
C ARG H 210 -33.10 -38.82 28.55
N ALA H 211 -32.11 -39.72 28.75
CA ALA H 211 -30.91 -39.80 27.95
C ALA H 211 -31.16 -40.15 26.48
N LEU H 212 -32.09 -41.08 26.21
CA LEU H 212 -32.48 -41.44 24.86
C LEU H 212 -33.43 -40.43 24.20
N LYS H 213 -34.24 -39.70 24.99
CA LYS H 213 -35.21 -38.69 24.57
C LYS H 213 -34.62 -37.47 23.88
N ASP H 214 -33.51 -36.92 24.38
CA ASP H 214 -32.88 -35.75 23.79
C ASP H 214 -31.56 -36.22 23.16
N PRO H 215 -31.31 -36.16 21.86
CA PRO H 215 -30.06 -36.59 21.26
C PRO H 215 -28.90 -35.66 21.62
N ASN H 216 -29.14 -34.55 22.35
CA ASN H 216 -28.12 -33.70 22.95
C ASN H 216 -27.56 -34.31 24.24
N ALA H 217 -28.17 -35.38 24.81
CA ALA H 217 -27.82 -35.87 26.12
C ALA H 217 -26.64 -36.85 26.11
N PHE H 218 -25.92 -36.91 24.98
CA PHE H 218 -24.79 -37.79 24.71
C PHE H 218 -25.15 -39.27 24.87
N LEU H 219 -24.50 -40.07 25.73
CA LEU H 219 -24.97 -41.43 25.98
C LEU H 219 -24.96 -41.76 27.45
N PHE H 220 -23.80 -41.77 28.11
CA PHE H 220 -23.71 -42.12 29.53
C PHE H 220 -23.05 -41.00 30.32
N ASP H 221 -22.62 -39.96 29.60
CA ASP H 221 -21.76 -38.87 30.00
C ASP H 221 -22.29 -38.07 31.17
N HIS H 222 -23.58 -37.70 31.11
CA HIS H 222 -24.26 -36.99 32.17
C HIS H 222 -24.34 -37.77 33.49
N LEU H 223 -24.60 -39.08 33.42
CA LEU H 223 -24.61 -39.97 34.57
C LEU H 223 -23.23 -40.14 35.20
N LEU H 224 -22.19 -40.31 34.35
CA LEU H 224 -20.79 -40.41 34.75
C LEU H 224 -20.24 -39.20 35.48
N THR H 225 -20.64 -37.99 35.02
CA THR H 225 -20.05 -36.69 35.33
C THR H 225 -19.98 -36.33 36.80
N LEU H 226 -21.00 -36.68 37.60
CA LEU H 226 -21.03 -36.37 39.03
C LEU H 226 -21.51 -37.56 39.85
N LYS H 227 -22.41 -37.37 40.83
CA LYS H 227 -22.95 -38.44 41.67
C LYS H 227 -23.82 -39.52 40.99
N PRO H 228 -24.75 -39.37 40.02
CA PRO H 228 -25.65 -40.43 39.56
C PRO H 228 -25.12 -41.85 39.27
N VAL H 229 -24.00 -42.04 38.55
CA VAL H 229 -23.44 -43.38 38.32
C VAL H 229 -22.77 -43.96 39.57
N LYS H 230 -22.51 -43.09 40.55
CA LYS H 230 -21.88 -43.37 41.82
C LYS H 230 -22.96 -43.42 42.90
N PHE H 231 -24.20 -43.73 42.49
CA PHE H 231 -25.39 -43.73 43.33
C PHE H 231 -26.43 -44.76 42.91
N LEU H 232 -26.47 -45.17 41.63
CA LEU H 232 -27.48 -46.09 41.12
C LEU H 232 -26.83 -47.38 40.64
N GLU H 233 -27.37 -48.54 41.04
CA GLU H 233 -26.86 -49.86 40.68
C GLU H 233 -26.85 -50.14 39.18
N GLY H 234 -25.87 -50.93 38.71
CA GLY H 234 -25.57 -51.01 37.28
C GLY H 234 -26.39 -51.99 36.50
N GLU H 235 -26.68 -53.13 37.12
CA GLU H 235 -27.27 -54.32 36.57
C GLU H 235 -28.58 -54.60 37.29
N LEU H 236 -28.59 -54.42 38.63
CA LEU H 236 -29.77 -54.66 39.46
C LEU H 236 -30.96 -53.78 39.12
N ILE H 237 -31.90 -54.30 38.30
CA ILE H 237 -33.21 -53.75 37.99
C ILE H 237 -33.14 -52.60 36.99
N HIS H 238 -32.21 -51.65 37.17
CA HIS H 238 -32.04 -50.47 36.33
C HIS H 238 -31.72 -50.73 34.87
N ASP H 239 -30.85 -51.73 34.57
CA ASP H 239 -30.39 -52.04 33.22
C ASP H 239 -29.40 -50.95 32.73
N LEU H 240 -28.78 -50.24 33.68
CA LEU H 240 -27.99 -49.03 33.50
C LEU H 240 -26.66 -49.24 32.76
N LEU H 241 -25.90 -50.29 33.13
CA LEU H 241 -24.62 -50.59 32.51
C LEU H 241 -24.76 -51.17 31.12
N THR H 242 -25.94 -51.69 30.76
CA THR H 242 -26.26 -52.19 29.43
C THR H 242 -26.15 -51.11 28.37
N ILE H 243 -26.64 -49.89 28.67
CA ILE H 243 -26.48 -48.70 27.84
C ILE H 243 -25.00 -48.33 27.69
N PHE H 244 -24.23 -48.39 28.79
CA PHE H 244 -22.80 -48.16 28.80
C PHE H 244 -22.00 -49.18 27.97
N VAL H 245 -22.39 -50.47 27.99
CA VAL H 245 -21.88 -51.51 27.10
C VAL H 245 -22.24 -51.27 25.63
N SER H 246 -23.50 -50.92 25.32
CA SER H 246 -23.95 -50.58 23.95
C SER H 246 -23.21 -49.41 23.36
N ALA H 247 -22.92 -48.37 24.17
CA ALA H 247 -22.13 -47.23 23.77
C ALA H 247 -20.69 -47.56 23.38
N LYS H 248 -20.00 -48.40 24.16
CA LYS H 248 -18.65 -48.86 23.87
C LYS H 248 -18.54 -49.77 22.67
N LEU H 249 -19.50 -50.70 22.51
CA LEU H 249 -19.43 -51.71 21.48
C LEU H 249 -20.25 -51.32 20.25
N ALA H 250 -20.65 -50.04 20.20
CA ALA H 250 -20.57 -49.18 19.04
C ALA H 250 -21.31 -49.62 17.78
N SER H 251 -22.51 -50.20 17.90
CA SER H 251 -23.10 -50.81 16.73
C SER H 251 -24.60 -50.98 16.85
N TYR H 252 -25.28 -51.01 15.68
CA TYR H 252 -26.71 -51.28 15.56
C TYR H 252 -27.05 -52.64 16.16
N VAL H 253 -26.18 -53.64 15.93
CA VAL H 253 -26.28 -54.97 16.51
C VAL H 253 -26.28 -54.98 18.04
N LYS H 254 -25.46 -54.14 18.71
CA LYS H 254 -25.55 -54.01 20.16
C LYS H 254 -26.84 -53.41 20.67
N PHE H 255 -27.37 -52.36 20.02
CA PHE H 255 -28.71 -51.87 20.35
C PHE H 255 -29.79 -52.90 20.05
N TYR H 256 -29.76 -53.58 18.90
CA TYR H 256 -30.70 -54.62 18.53
C TYR H 256 -30.73 -55.82 19.50
N GLN H 257 -29.56 -56.22 20.05
CA GLN H 257 -29.51 -57.16 21.17
C GLN H 257 -30.08 -56.63 22.48
N ASN H 258 -29.84 -55.36 22.83
CA ASN H 258 -30.01 -54.87 24.19
C ASN H 258 -31.23 -53.95 24.39
N ASN H 259 -31.90 -53.54 23.32
CA ASN H 259 -33.08 -52.67 23.34
C ASN H 259 -34.33 -53.35 23.89
N LYS H 260 -35.36 -52.55 24.17
CA LYS H 260 -36.51 -52.98 24.95
C LYS H 260 -37.74 -52.24 24.43
N ASP H 261 -38.92 -52.85 24.61
CA ASP H 261 -40.15 -52.64 23.88
C ASP H 261 -40.66 -51.22 23.85
N PHE H 262 -40.61 -50.55 25.02
CA PHE H 262 -41.05 -49.18 25.23
C PHE H 262 -40.33 -48.16 24.34
N ILE H 263 -39.00 -48.28 24.19
CA ILE H 263 -38.23 -47.28 23.46
C ILE H 263 -38.13 -47.61 21.97
N ASP H 264 -38.20 -48.89 21.58
CA ASP H 264 -38.11 -49.28 20.18
C ASP H 264 -39.47 -49.24 19.46
N SER H 265 -40.59 -49.20 20.19
CA SER H 265 -41.92 -48.98 19.61
C SER H 265 -42.13 -47.59 19.02
N LEU H 266 -41.59 -46.54 19.66
CA LEU H 266 -41.79 -45.15 19.28
C LEU H 266 -41.16 -44.64 17.96
N GLY H 267 -39.90 -44.93 17.59
CA GLY H 267 -38.89 -45.67 18.32
C GLY H 267 -37.49 -45.29 17.93
N LEU H 268 -36.51 -45.77 18.73
CA LEU H 268 -35.09 -45.44 18.79
C LEU H 268 -34.22 -45.63 17.52
N LEU H 269 -34.82 -45.78 16.34
CA LEU H 269 -34.18 -46.09 15.08
C LEU H 269 -33.26 -44.99 14.54
N HIS H 270 -33.70 -43.72 14.59
CA HIS H 270 -33.00 -42.56 14.07
C HIS H 270 -31.83 -42.18 14.96
N GLU H 271 -32.11 -42.21 16.27
CA GLU H 271 -31.32 -41.84 17.41
C GLU H 271 -30.08 -42.70 17.54
N GLN H 272 -30.16 -44.00 17.21
CA GLN H 272 -29.02 -44.88 17.08
C GLN H 272 -27.97 -44.41 16.08
N ASN H 273 -28.39 -43.88 14.92
CA ASN H 273 -27.48 -43.30 13.95
C ASN H 273 -26.82 -42.02 14.45
N MET H 274 -27.58 -41.15 15.16
CA MET H 274 -27.05 -39.98 15.85
C MET H 274 -26.05 -40.34 16.95
N ALA H 275 -26.33 -41.39 17.73
CA ALA H 275 -25.43 -41.97 18.69
C ALA H 275 -24.15 -42.54 18.06
N LYS H 276 -24.27 -43.30 16.96
CA LYS H 276 -23.16 -43.85 16.20
C LYS H 276 -22.21 -42.78 15.67
N MET H 277 -22.78 -41.67 15.13
CA MET H 277 -22.02 -40.53 14.67
C MET H 277 -21.17 -39.88 15.75
N ARG H 278 -21.74 -39.63 16.95
CA ARG H 278 -20.96 -39.07 18.03
C ARG H 278 -19.93 -40.03 18.65
N LEU H 279 -20.30 -41.29 18.93
CA LEU H 279 -19.39 -42.20 19.62
C LEU H 279 -18.16 -42.60 18.81
N LEU H 280 -18.30 -43.01 17.53
CA LEU H 280 -17.18 -43.46 16.72
C LEU H 280 -16.19 -42.37 16.38
N THR H 281 -16.71 -41.18 16.00
CA THR H 281 -15.92 -40.00 15.67
C THR H 281 -15.07 -39.54 16.84
N PHE H 282 -15.62 -39.57 18.07
CA PHE H 282 -14.83 -39.37 19.27
C PHE H 282 -13.83 -40.50 19.54
N MET H 283 -14.25 -41.79 19.49
CA MET H 283 -13.41 -42.91 19.87
C MET H 283 -12.18 -43.12 19.01
N GLY H 284 -12.30 -43.06 17.67
CA GLY H 284 -11.17 -43.13 16.74
C GLY H 284 -10.10 -42.09 17.00
N MET H 285 -10.51 -40.81 17.01
CA MET H 285 -9.67 -39.65 17.27
C MET H 285 -9.02 -39.69 18.65
N ALA H 286 -9.76 -40.12 19.68
CA ALA H 286 -9.27 -40.33 21.01
C ALA H 286 -8.17 -41.39 21.15
N VAL H 287 -8.24 -42.50 20.40
CA VAL H 287 -7.29 -43.61 20.45
C VAL H 287 -6.09 -43.48 19.50
N GLU H 288 -6.29 -43.01 18.26
CA GLU H 288 -5.36 -43.15 17.15
C GLU H 288 -3.92 -42.57 17.17
N ASN H 289 -3.58 -41.33 17.55
CA ASN H 289 -4.24 -40.47 18.50
C ASN H 289 -4.17 -38.99 18.12
N LYS H 290 -4.91 -38.53 17.11
CA LYS H 290 -5.80 -37.37 17.17
C LYS H 290 -5.96 -36.69 15.82
N GLU H 291 -5.63 -37.35 14.69
CA GLU H 291 -5.55 -36.65 13.41
C GLU H 291 -6.03 -37.57 12.26
N ILE H 292 -6.84 -38.59 12.61
CA ILE H 292 -7.42 -39.66 11.80
C ILE H 292 -7.59 -39.46 10.29
N SER H 293 -7.20 -40.49 9.51
CA SER H 293 -7.40 -40.51 8.05
C SER H 293 -8.85 -40.67 7.62
N PHE H 294 -9.19 -40.08 6.46
CA PHE H 294 -10.51 -40.07 5.85
C PHE H 294 -11.04 -41.45 5.52
N ASP H 295 -10.13 -42.27 5.00
CA ASP H 295 -10.24 -43.64 4.55
C ASP H 295 -10.60 -44.58 5.68
N THR H 296 -9.96 -44.39 6.86
CA THR H 296 -10.31 -45.04 8.11
C THR H 296 -11.71 -44.66 8.56
N MET H 297 -11.99 -43.34 8.56
CA MET H 297 -13.25 -42.77 9.01
C MET H 297 -14.47 -43.21 8.21
N GLN H 298 -14.33 -43.38 6.88
CA GLN H 298 -15.31 -44.00 6.02
C GLN H 298 -15.61 -45.45 6.39
N GLN H 299 -14.58 -46.25 6.70
CA GLN H 299 -14.74 -47.62 7.19
C GLN H 299 -15.37 -47.69 8.58
N GLU H 300 -14.95 -46.83 9.53
CA GLU H 300 -15.53 -46.72 10.86
C GLU H 300 -17.01 -46.31 10.85
N LEU H 301 -17.36 -45.23 10.13
CA LEU H 301 -18.75 -44.77 10.08
C LEU H 301 -19.61 -45.57 9.12
N GLN H 302 -18.98 -46.30 8.17
CA GLN H 302 -19.60 -47.20 7.21
C GLN H 302 -20.48 -46.48 6.18
N ILE H 303 -19.95 -45.38 5.61
CA ILE H 303 -20.68 -44.44 4.76
C ILE H 303 -19.67 -43.88 3.76
N GLY H 304 -20.10 -43.11 2.74
CA GLY H 304 -19.20 -42.52 1.75
C GLY H 304 -18.27 -41.45 2.25
N ALA H 305 -17.36 -40.97 1.38
CA ALA H 305 -16.43 -39.91 1.72
C ALA H 305 -17.11 -38.57 2.04
N ASP H 306 -18.00 -38.14 1.14
CA ASP H 306 -18.80 -36.95 1.23
C ASP H 306 -19.83 -37.02 2.36
N ASP H 307 -20.38 -38.23 2.64
CA ASP H 307 -21.15 -38.52 3.84
C ASP H 307 -20.36 -38.34 5.14
N VAL H 308 -19.09 -38.80 5.20
CA VAL H 308 -18.18 -38.53 6.30
C VAL H 308 -17.96 -37.03 6.50
N GLU H 309 -17.74 -36.26 5.43
CA GLU H 309 -17.63 -34.81 5.50
C GLU H 309 -18.90 -34.15 6.03
N ALA H 310 -20.09 -34.61 5.60
CA ALA H 310 -21.37 -34.18 6.15
C ALA H 310 -21.55 -34.47 7.64
N PHE H 311 -21.15 -35.66 8.11
CA PHE H 311 -21.09 -36.02 9.52
C PHE H 311 -20.12 -35.13 10.29
N VAL H 312 -18.95 -34.82 9.70
CA VAL H 312 -17.98 -33.87 10.23
C VAL H 312 -18.53 -32.46 10.41
N ILE H 313 -19.36 -31.93 9.49
CA ILE H 313 -19.97 -30.60 9.65
C ILE H 313 -20.79 -30.47 10.93
N ASP H 314 -21.67 -31.44 11.23
CA ASP H 314 -22.50 -31.36 12.41
C ASP H 314 -21.81 -31.87 13.68
N ALA H 315 -20.71 -32.65 13.55
CA ALA H 315 -19.76 -32.85 14.63
C ALA H 315 -19.05 -31.54 15.04
N VAL H 316 -18.65 -30.72 14.04
CA VAL H 316 -18.16 -29.36 14.22
C VAL H 316 -19.23 -28.40 14.75
N ARG H 317 -20.49 -28.42 14.27
CA ARG H 317 -21.57 -27.62 14.86
C ARG H 317 -21.90 -27.98 16.31
N THR H 318 -21.88 -29.28 16.66
CA THR H 318 -21.96 -29.79 18.04
C THR H 318 -20.80 -29.30 18.91
N LYS H 319 -19.61 -29.16 18.28
CA LYS H 319 -18.34 -28.80 18.90
C LYS H 319 -17.77 -29.91 19.76
N MET H 320 -17.94 -31.16 19.28
CA MET H 320 -17.29 -32.34 19.81
C MET H 320 -15.87 -32.47 19.27
N VAL H 321 -15.64 -31.82 18.11
CA VAL H 321 -14.36 -31.62 17.46
C VAL H 321 -14.41 -30.18 17.01
N TYR H 322 -13.27 -29.48 16.84
CA TYR H 322 -13.34 -28.02 16.64
C TYR H 322 -12.05 -27.39 16.11
N CYS H 323 -11.72 -27.62 14.84
CA CYS H 323 -10.72 -26.84 14.14
C CYS H 323 -11.01 -27.04 12.67
N LYS H 324 -10.31 -26.31 11.76
CA LYS H 324 -10.44 -26.49 10.34
C LYS H 324 -10.06 -27.89 9.85
N ILE H 325 -10.88 -28.45 8.94
CA ILE H 325 -10.85 -29.81 8.44
C ILE H 325 -9.96 -29.89 7.20
N ASP H 326 -8.90 -30.73 7.18
CA ASP H 326 -8.13 -30.93 5.96
C ASP H 326 -8.72 -32.05 5.10
N GLN H 327 -8.21 -32.25 3.88
CA GLN H 327 -8.85 -33.04 2.85
C GLN H 327 -8.90 -34.54 3.12
N THR H 328 -7.76 -35.17 3.48
CA THR H 328 -7.67 -36.64 3.52
C THR H 328 -7.02 -37.13 4.81
N GLN H 329 -6.13 -36.35 5.42
CA GLN H 329 -5.52 -36.69 6.70
C GLN H 329 -5.63 -35.44 7.53
N ARG H 330 -5.48 -35.53 8.87
CA ARG H 330 -5.73 -34.43 9.80
C ARG H 330 -7.21 -34.05 9.80
N LYS H 331 -8.11 -35.06 9.76
CA LYS H 331 -9.53 -34.82 9.48
C LYS H 331 -10.33 -34.13 10.57
N VAL H 332 -10.26 -34.58 11.83
CA VAL H 332 -11.02 -33.95 12.90
C VAL H 332 -10.14 -33.92 14.13
N VAL H 333 -10.04 -32.76 14.77
CA VAL H 333 -9.11 -32.56 15.87
C VAL H 333 -9.76 -31.76 16.98
N VAL H 334 -9.11 -31.78 18.17
CA VAL H 334 -9.40 -31.03 19.39
C VAL H 334 -10.83 -31.09 19.98
N SER H 335 -11.10 -30.26 21.01
CA SER H 335 -12.30 -30.22 21.84
C SER H 335 -12.30 -31.33 22.88
N HIS H 336 -12.57 -32.58 22.45
CA HIS H 336 -12.57 -33.78 23.29
C HIS H 336 -13.62 -33.74 24.41
N SER H 337 -14.78 -33.12 24.14
CA SER H 337 -15.76 -32.74 25.15
C SER H 337 -16.46 -33.88 25.89
N THR H 338 -16.85 -34.94 25.17
CA THR H 338 -17.36 -36.27 25.56
C THR H 338 -16.70 -36.91 26.80
N HIS H 339 -17.36 -37.85 27.48
CA HIS H 339 -16.76 -38.64 28.55
C HIS H 339 -15.54 -39.48 28.13
N ARG H 340 -14.61 -39.76 29.07
CA ARG H 340 -13.55 -40.71 28.78
C ARG H 340 -13.06 -41.37 30.08
N THR H 341 -13.88 -41.28 31.16
CA THR H 341 -13.54 -41.70 32.54
C THR H 341 -12.08 -41.55 32.95
N PHE H 342 -11.38 -42.65 33.28
CA PHE H 342 -10.00 -42.67 33.71
C PHE H 342 -9.05 -42.07 32.67
N GLY H 343 -9.39 -42.18 31.38
CA GLY H 343 -8.61 -41.57 30.29
C GLY H 343 -8.81 -40.07 30.16
N LYS H 344 -9.68 -39.46 31.00
CA LYS H 344 -9.67 -38.02 31.21
C LYS H 344 -9.13 -37.67 32.60
N GLN H 345 -9.33 -38.53 33.63
CA GLN H 345 -8.73 -38.36 34.96
C GLN H 345 -7.21 -38.44 34.95
N GLN H 346 -6.63 -39.45 34.26
CA GLN H 346 -5.20 -39.59 34.06
C GLN H 346 -4.59 -38.45 33.24
N TRP H 347 -5.35 -37.94 32.23
CA TRP H 347 -5.00 -36.75 31.49
C TRP H 347 -4.93 -35.51 32.38
N GLN H 348 -5.88 -35.33 33.32
CA GLN H 348 -5.84 -34.27 34.31
C GLN H 348 -4.62 -34.36 35.20
N GLN H 349 -4.26 -35.54 35.73
CA GLN H 349 -3.05 -35.74 36.52
C GLN H 349 -1.75 -35.41 35.77
N LEU H 350 -1.69 -35.77 34.48
CA LEU H 350 -0.65 -35.30 33.57
C LEU H 350 -0.65 -33.79 33.34
N TYR H 351 -1.83 -33.17 33.13
CA TYR H 351 -2.00 -31.74 33.01
C TYR H 351 -1.62 -30.95 34.27
N ASP H 352 -1.93 -31.42 35.49
CA ASP H 352 -1.51 -30.83 36.74
C ASP H 352 -0.01 -30.68 36.85
N THR H 353 0.73 -31.75 36.48
CA THR H 353 2.19 -31.78 36.44
C THR H 353 2.73 -30.74 35.47
N LEU H 354 2.12 -30.63 34.27
CA LEU H 354 2.39 -29.62 33.27
C LEU H 354 2.09 -28.20 33.73
N ASN H 355 0.92 -27.96 34.36
CA ASN H 355 0.49 -26.67 34.86
C ASN H 355 1.43 -26.15 35.95
N ALA H 356 1.77 -27.02 36.91
CA ALA H 356 2.67 -26.71 38.01
C ALA H 356 4.07 -26.33 37.56
N TRP H 357 4.66 -27.05 36.58
CA TRP H 357 5.91 -26.62 35.98
C TRP H 357 5.80 -25.29 35.23
N LYS H 358 4.80 -25.16 34.35
CA LYS H 358 4.64 -23.98 33.53
C LYS H 358 4.28 -22.71 34.26
N GLN H 359 3.29 -22.73 35.19
CA GLN H 359 2.85 -21.54 35.89
C GLN H 359 3.91 -20.98 36.84
N ASN H 360 4.61 -21.84 37.61
CA ASN H 360 5.72 -21.43 38.45
C ASN H 360 6.91 -20.89 37.66
N LEU H 361 7.34 -21.57 36.58
CA LEU H 361 8.45 -21.12 35.74
C LEU H 361 8.19 -19.79 35.04
N ASN H 362 6.99 -19.63 34.45
CA ASN H 362 6.58 -18.37 33.85
C ASN H 362 6.32 -17.27 34.87
N LYS H 363 5.82 -17.58 36.09
CA LYS H 363 5.80 -16.61 37.16
C LYS H 363 7.20 -16.13 37.55
N VAL H 364 8.21 -17.02 37.64
CA VAL H 364 9.59 -16.63 37.89
C VAL H 364 10.13 -15.69 36.81
N LYS H 365 9.92 -15.99 35.50
CA LYS H 365 10.29 -15.06 34.44
C LYS H 365 9.58 -13.72 34.48
N ASN H 366 8.25 -13.68 34.73
CA ASN H 366 7.53 -12.41 34.80
C ASN H 366 7.77 -11.65 36.11
N SER H 367 8.42 -12.29 37.11
CA SER H 367 8.78 -11.63 38.37
C SER H 367 10.18 -11.06 38.30
N LEU H 368 10.81 -11.09 37.12
CA LEU H 368 12.07 -10.44 36.83
C LEU H 368 11.84 -9.39 35.75
N LEU H 369 10.56 -9.10 35.43
CA LEU H 369 10.17 -8.32 34.29
C LEU H 369 8.86 -7.57 34.56
N SER H 370 8.60 -7.27 35.84
CA SER H 370 7.48 -6.44 36.27
C SER H 370 8.03 -5.37 37.25
N LEU H 371 7.52 -5.29 38.40
#